data_8VHQ
#
_entry.id   8VHQ
#
_cell.length_a   112.695
_cell.length_b   139.929
_cell.length_c   300.766
_cell.angle_alpha   90.000
_cell.angle_beta   90.000
_cell.angle_gamma   90.000
#
_symmetry.space_group_name_H-M   'P 21 21 21'
#
loop_
_entity.id
_entity.type
_entity.pdbx_description
1 polymer 'Ribonucleoside-diphosphate reductase 1 subunit alpha'
2 non-polymer "2'-DEOXYADENOSINE 5'-TRIPHOSPHATE"
3 non-polymer 'MAGNESIUM ION'
4 non-polymer "ADENOSINE-5'-TRIPHOSPHATE"
#
_entity_poly.entity_id   1
_entity_poly.type   'polypeptide(L)'
_entity_poly.pdbx_seq_one_letter_code
;MGSSHHHHHHSSGLVPRGSMNQNLLVTKRDGSTERINLDKIHRVLDAAAEGLHNVSISQVELRSHIQFYDGIKTSDIHET
IIKAAADLISRDAPDYQYLAARLAIFHLRKKAYGQFEPPALYDHVVKMVEMGKYDNHLLEDYTEEEFKQMDTFIDHDRDM
TFSYAAVKQLEGKYLVQNRVTGEIYESAQFLYILVAACLFSNYPRETRLQYVKRFYDAVSTFKISLPTPIMSGVRTPTRQ
FSSCVLIECGDSLDSINATSSAIVKYVSQRAGIGINAGRIRALGSPIRGGEAFHTGCIPFYKHFQTAVKSCSQGGVRGGA
ATLFYPMWHLEVESLLVLKNNRGVEGNRVRHMDYGVQINKLMYTRLLKGEDITLFSPSDVPGLYDAFFADQEEFERLYTK
YEKDDSIRKQRVKAVELFSLMMQERASTGRIYIQNVDHCNTHSPFDPAIAPVRQSNLCLEIALPTKPLNDVNDENGEIAL
CTLSAFNLGAINNLDELEELAILAVRALDALLDYQDYPIPAAKRGAMGRRTLGIGVINFAYYLAKHGKRYSDGSANNLTH
KTFEAIQYYLLKASNELAKEQGACPWFNETTYAKGILPIDTYKKDLDTIANEPLHYDWEALRESIKTHGLRNSTLSALMP
SETSSQISNATNGIEPPRGYVSIKASKDGILRQVVPDYEHLHDAYELLWEMPGNDGYLQLVGIMQKFIDQSISANTNYDP
SRFPSGKVPMQQLLKDLLTAYKFGVKTLYYQNTRDGAEDAQDDLVPSIQDDGCESGACK
;
_entity_poly.pdbx_strand_id   A,B,C,D
#
loop_
_chem_comp.id
_chem_comp.type
_chem_comp.name
_chem_comp.formula
ATP non-polymer ADENOSINE-5'-TRIPHOSPHATE 'C10 H16 N5 O13 P3'
DTP non-polymer '2'-DEOXYADENOSINE 5'-TRIPHOSPHATE' 'C10 H16 N5 O12 P3'
MG non-polymer 'MAGNESIUM ION' 'Mg 2'
#
# COMPACT_ATOMS: atom_id res chain seq x y z
N ASN A 23 17.47 8.76 23.83
CA ASN A 23 18.22 9.20 22.67
C ASN A 23 17.43 9.06 21.37
N LEU A 24 17.56 7.91 20.72
CA LEU A 24 16.91 7.66 19.44
C LEU A 24 15.40 7.82 19.52
N LEU A 25 14.77 8.06 18.37
CA LEU A 25 13.34 8.30 18.30
C LEU A 25 12.58 7.16 17.63
N VAL A 26 11.32 7.00 17.99
CA VAL A 26 10.45 6.01 17.36
C VAL A 26 9.28 6.71 16.69
N THR A 27 8.61 5.99 15.78
CA THR A 27 7.47 6.56 15.07
C THR A 27 6.16 5.91 15.52
N LYS A 28 5.29 6.70 16.12
CA LYS A 28 4.01 6.21 16.61
C LYS A 28 3.07 5.86 15.46
N ARG A 29 1.89 5.33 15.80
CA ARG A 29 0.93 4.90 14.79
C ARG A 29 0.25 6.08 14.11
N ASP A 30 -0.04 7.12 14.86
CA ASP A 30 -0.75 8.29 14.34
C ASP A 30 0.12 9.13 13.41
N GLY A 31 1.42 8.89 13.43
CA GLY A 31 2.35 9.63 12.61
C GLY A 31 3.28 10.49 13.46
N SER A 32 2.99 10.53 14.76
CA SER A 32 3.80 11.29 15.71
C SER A 32 5.16 10.63 15.92
N THR A 33 6.00 11.26 16.72
CA THR A 33 7.33 10.74 17.01
C THR A 33 7.72 11.00 18.46
N GLU A 34 8.23 9.98 19.13
CA GLU A 34 8.63 10.09 20.52
C GLU A 34 9.98 9.41 20.73
N ARG A 35 10.74 9.88 21.72
CA ARG A 35 12.01 9.25 22.06
C ARG A 35 11.76 7.84 22.57
N ILE A 36 12.67 6.93 22.24
CA ILE A 36 12.50 5.51 22.56
C ILE A 36 12.40 5.27 24.06
N ASN A 37 11.49 4.38 24.44
CA ASN A 37 11.28 4.01 25.84
C ASN A 37 11.33 2.50 26.00
N LEU A 38 12.46 2.00 26.50
CA LEU A 38 12.66 0.56 26.65
C LEU A 38 11.79 -0.02 27.77
N ASP A 39 11.32 0.85 28.66
CA ASP A 39 10.45 0.42 29.75
C ASP A 39 9.07 0.02 29.22
N LYS A 40 8.64 0.68 28.14
CA LYS A 40 7.36 0.35 27.52
C LYS A 40 7.40 -1.04 26.91
N ILE A 41 8.51 -1.37 26.27
CA ILE A 41 8.69 -2.69 25.67
C ILE A 41 8.81 -3.77 26.74
N HIS A 42 9.57 -3.45 27.80
CA HIS A 42 9.74 -4.38 28.91
C HIS A 42 8.43 -4.61 29.64
N ARG A 43 7.54 -3.61 29.55
CA ARG A 43 6.21 -3.72 30.16
C ARG A 43 5.33 -4.70 29.41
N VAL A 44 5.47 -4.72 28.09
CA VAL A 44 4.70 -5.62 27.24
C VAL A 44 5.17 -7.06 27.37
N LEU A 45 6.49 -7.24 27.35
CA LEU A 45 7.10 -8.57 27.42
C LEU A 45 6.77 -9.28 28.73
N ASP A 46 6.73 -8.53 29.83
CA ASP A 46 6.42 -9.10 31.13
C ASP A 46 4.98 -9.59 31.18
N ALA A 47 4.10 -8.89 30.48
CA ALA A 47 2.67 -9.25 30.46
C ALA A 47 2.43 -10.47 29.57
N ALA A 48 3.40 -10.80 28.74
CA ALA A 48 3.27 -11.93 27.83
C ALA A 48 4.04 -13.14 28.32
N ALA A 49 4.74 -13.00 29.45
CA ALA A 49 5.53 -14.08 30.00
C ALA A 49 4.98 -14.58 31.33
N GLU A 50 3.79 -14.13 31.68
CA GLU A 50 3.17 -14.50 32.95
C GLU A 50 2.82 -15.99 32.98
N GLY A 51 3.39 -16.69 33.96
CA GLY A 51 3.13 -18.11 34.14
C GLY A 51 4.02 -19.01 33.30
N LEU A 52 4.86 -18.40 32.47
CA LEU A 52 5.76 -19.15 31.62
C LEU A 52 7.03 -19.54 32.37
N HIS A 53 7.63 -20.66 31.99
CA HIS A 53 8.84 -21.15 32.63
C HIS A 53 10.02 -21.16 31.67
N ASN A 54 11.22 -20.94 32.21
CA ASN A 54 12.46 -20.96 31.44
C ASN A 54 12.46 -19.98 30.27
N VAL A 55 11.87 -18.80 30.49
CA VAL A 55 11.87 -17.74 29.49
C VAL A 55 12.68 -16.54 29.99
N SER A 56 13.46 -15.95 29.09
CA SER A 56 14.32 -14.82 29.46
C SER A 56 13.92 -13.55 28.71
N ILE A 57 13.35 -12.61 29.45
CA ILE A 57 12.94 -11.34 28.88
C ILE A 57 14.15 -10.55 28.37
N SER A 58 15.23 -10.59 29.12
CA SER A 58 16.45 -9.87 28.77
C SER A 58 17.07 -10.42 27.49
N GLN A 59 16.96 -11.72 27.28
CA GLN A 59 17.49 -12.35 26.08
C GLN A 59 16.74 -11.87 24.85
N VAL A 60 15.44 -11.66 25.01
CA VAL A 60 14.61 -11.14 23.93
C VAL A 60 14.97 -9.68 23.65
N GLU A 61 15.14 -8.90 24.72
CA GLU A 61 15.50 -7.50 24.60
C GLU A 61 16.89 -7.33 23.99
N LEU A 62 17.77 -8.29 24.26
CA LEU A 62 19.13 -8.24 23.75
C LEU A 62 19.16 -8.39 22.23
N ARG A 63 18.31 -9.27 21.71
CA ARG A 63 18.25 -9.51 20.28
C ARG A 63 17.32 -8.52 19.57
N SER A 64 16.54 -7.78 20.36
CA SER A 64 15.56 -6.85 19.81
C SER A 64 16.12 -5.43 19.70
N HIS A 65 16.78 -4.98 20.76
CA HIS A 65 17.30 -3.61 20.82
C HIS A 65 18.38 -3.34 19.78
N ILE A 66 19.17 -4.36 19.47
CA ILE A 66 20.28 -4.22 18.54
C ILE A 66 19.80 -3.98 17.11
N GLN A 67 18.54 -4.32 16.85
CA GLN A 67 17.97 -4.17 15.52
C GLN A 67 17.26 -2.83 15.36
N PHE A 68 17.10 -2.11 16.46
CA PHE A 68 16.40 -0.83 16.46
C PHE A 68 17.18 0.27 15.74
N TYR A 69 16.45 1.16 15.09
CA TYR A 69 17.06 2.28 14.36
C TYR A 69 16.23 3.53 14.58
N ASP A 70 16.82 4.69 14.30
CA ASP A 70 16.13 5.96 14.51
C ASP A 70 15.00 6.16 13.51
N GLY A 71 13.83 6.54 14.01
CA GLY A 71 12.66 6.77 13.17
C GLY A 71 11.90 5.49 12.85
N ILE A 72 12.12 4.46 13.66
CA ILE A 72 11.47 3.18 13.46
C ILE A 72 9.99 3.25 13.86
N LYS A 73 9.14 2.58 13.10
CA LYS A 73 7.72 2.53 13.40
C LYS A 73 7.46 1.58 14.57
N THR A 74 6.50 1.93 15.41
CA THR A 74 6.17 1.12 16.57
C THR A 74 5.63 -0.26 16.17
N SER A 75 5.04 -0.33 14.98
CA SER A 75 4.54 -1.60 14.47
C SER A 75 5.70 -2.54 14.13
N ASP A 76 6.76 -1.98 13.57
CA ASP A 76 7.96 -2.75 13.25
C ASP A 76 8.68 -3.16 14.53
N ILE A 77 8.59 -2.31 15.55
CA ILE A 77 9.16 -2.63 16.86
C ILE A 77 8.44 -3.84 17.44
N HIS A 78 7.12 -3.85 17.30
CA HIS A 78 6.30 -4.93 17.84
C HIS A 78 6.55 -6.23 17.09
N GLU A 79 6.69 -6.15 15.77
CA GLU A 79 6.94 -7.34 14.97
C GLU A 79 8.36 -7.86 15.17
N THR A 80 9.26 -6.98 15.60
CA THR A 80 10.64 -7.35 15.85
C THR A 80 10.76 -8.21 17.11
N ILE A 81 10.10 -7.78 18.18
CA ILE A 81 10.16 -8.52 19.44
C ILE A 81 9.36 -9.81 19.37
N ILE A 82 8.44 -9.90 18.41
CA ILE A 82 7.70 -11.13 18.18
C ILE A 82 8.60 -12.16 17.55
N LYS A 83 9.25 -11.78 16.45
CA LYS A 83 10.14 -12.69 15.73
C LYS A 83 11.35 -13.05 16.58
N ALA A 84 11.81 -12.10 17.39
CA ALA A 84 12.95 -12.34 18.27
C ALA A 84 12.62 -13.40 19.30
N ALA A 85 11.37 -13.43 19.76
CA ALA A 85 10.93 -14.44 20.71
C ALA A 85 10.56 -15.73 19.98
N ALA A 86 10.23 -15.62 18.70
CA ALA A 86 9.85 -16.77 17.90
C ALA A 86 11.08 -17.59 17.49
N ASP A 87 12.23 -16.94 17.46
CA ASP A 87 13.48 -17.61 17.11
C ASP A 87 14.06 -18.34 18.31
N LEU A 88 13.60 -17.98 19.50
CA LEU A 88 14.08 -18.60 20.73
C LEU A 88 13.25 -19.83 21.09
N ILE A 89 12.34 -20.22 20.21
CA ILE A 89 11.55 -21.42 20.40
C ILE A 89 12.41 -22.66 20.19
N SER A 90 12.71 -23.37 21.27
CA SER A 90 13.57 -24.54 21.19
C SER A 90 13.12 -25.65 22.14
N ARG A 91 13.80 -26.78 22.08
CA ARG A 91 13.49 -27.93 22.92
C ARG A 91 13.79 -27.64 24.39
N ASP A 92 14.87 -26.91 24.64
CA ASP A 92 15.28 -26.57 26.00
C ASP A 92 14.26 -25.67 26.69
N ALA A 93 13.74 -24.70 25.96
CA ALA A 93 12.73 -23.78 26.49
C ALA A 93 11.53 -23.71 25.57
N PRO A 94 10.58 -24.65 25.73
CA PRO A 94 9.42 -24.78 24.86
C PRO A 94 8.37 -23.69 25.07
N ASP A 95 8.43 -22.99 26.20
CA ASP A 95 7.42 -21.99 26.53
C ASP A 95 7.61 -20.69 25.75
N TYR A 96 8.60 -20.64 24.87
CA TYR A 96 8.79 -19.48 24.02
C TYR A 96 7.72 -19.43 22.94
N GLN A 97 7.08 -20.57 22.71
CA GLN A 97 6.01 -20.66 21.71
C GLN A 97 4.75 -19.97 22.20
N TYR A 98 4.65 -19.78 23.51
CA TYR A 98 3.51 -19.07 24.09
C TYR A 98 3.87 -17.61 24.32
N LEU A 99 5.15 -17.32 24.44
CA LEU A 99 5.62 -15.95 24.60
C LEU A 99 5.41 -15.16 23.31
N ALA A 100 5.89 -15.70 22.20
CA ALA A 100 5.75 -15.05 20.90
C ALA A 100 4.29 -15.05 20.46
N ALA A 101 3.52 -16.02 20.94
CA ALA A 101 2.11 -16.11 20.61
C ALA A 101 1.33 -14.96 21.22
N ARG A 102 1.48 -14.77 22.53
CA ARG A 102 0.79 -13.71 23.25
C ARG A 102 1.21 -12.33 22.73
N LEU A 103 2.47 -12.22 22.30
CA LEU A 103 2.95 -10.99 21.69
C LEU A 103 2.26 -10.75 20.35
N ALA A 104 1.98 -11.83 19.64
CA ALA A 104 1.28 -11.75 18.36
C ALA A 104 -0.19 -11.42 18.58
N ILE A 105 -0.76 -11.96 19.66
CA ILE A 105 -2.14 -11.68 20.02
C ILE A 105 -2.33 -10.20 20.34
N PHE A 106 -1.37 -9.63 21.06
CA PHE A 106 -1.40 -8.22 21.43
C PHE A 106 -1.52 -7.32 20.21
N HIS A 107 -0.73 -7.61 19.19
CA HIS A 107 -0.71 -6.81 17.98
C HIS A 107 -2.01 -6.96 17.20
N LEU A 108 -2.58 -8.16 17.23
CA LEU A 108 -3.83 -8.43 16.54
C LEU A 108 -4.99 -7.71 17.21
N ARG A 109 -4.87 -7.48 18.51
CA ARG A 109 -5.87 -6.70 19.24
C ARG A 109 -5.85 -5.26 18.75
N LYS A 110 -4.65 -4.73 18.55
CA LYS A 110 -4.47 -3.35 18.09
C LYS A 110 -4.93 -3.16 16.66
N LYS A 111 -4.65 -4.15 15.81
CA LYS A 111 -5.02 -4.07 14.39
C LYS A 111 -6.52 -4.14 14.18
N ALA A 112 -7.23 -4.79 15.10
CA ALA A 112 -8.65 -5.04 14.90
C ALA A 112 -9.52 -4.11 15.75
N TYR A 113 -9.01 -3.69 16.89
CA TYR A 113 -9.81 -2.90 17.83
C TYR A 113 -9.21 -1.53 18.12
N GLY A 114 -7.90 -1.40 17.93
CA GLY A 114 -7.19 -0.16 18.22
C GLY A 114 -6.76 -0.11 19.66
N GLN A 115 -7.12 -1.14 20.42
CA GLN A 115 -6.74 -1.26 21.83
C GLN A 115 -6.65 -2.73 22.20
N PHE A 116 -6.26 -3.01 23.44
CA PHE A 116 -6.13 -4.38 23.89
C PHE A 116 -7.48 -5.02 24.13
N GLU A 117 -8.26 -4.43 25.04
CA GLU A 117 -9.56 -4.98 25.40
C GLU A 117 -10.55 -4.84 24.25
N PRO A 118 -11.10 -5.97 23.78
CA PRO A 118 -12.09 -6.00 22.71
C PRO A 118 -13.38 -5.28 23.10
N PRO A 119 -14.10 -4.72 22.12
CA PRO A 119 -15.35 -4.04 22.39
C PRO A 119 -16.46 -5.01 22.77
N ALA A 120 -17.64 -4.49 23.10
CA ALA A 120 -18.79 -5.33 23.45
C ALA A 120 -19.17 -6.22 22.26
N LEU A 121 -19.71 -7.40 22.56
CA LEU A 121 -20.07 -8.35 21.52
C LEU A 121 -21.13 -7.77 20.59
N TYR A 122 -22.15 -7.14 21.17
CA TYR A 122 -23.22 -6.56 20.37
C TYR A 122 -22.71 -5.41 19.50
N ASP A 123 -21.91 -4.54 20.10
CA ASP A 123 -21.34 -3.40 19.37
C ASP A 123 -20.42 -3.87 18.25
N HIS A 124 -19.78 -5.02 18.45
CA HIS A 124 -18.88 -5.58 17.45
C HIS A 124 -19.67 -6.15 16.27
N VAL A 125 -20.67 -6.96 16.56
CA VAL A 125 -21.48 -7.60 15.53
C VAL A 125 -22.16 -6.56 14.64
N VAL A 126 -22.81 -5.59 15.26
CA VAL A 126 -23.51 -4.53 14.54
C VAL A 126 -22.56 -3.81 13.58
N LYS A 127 -21.36 -3.51 14.07
CA LYS A 127 -20.35 -2.83 13.27
C LYS A 127 -19.91 -3.69 12.08
N MET A 128 -19.74 -4.98 12.33
CA MET A 128 -19.29 -5.90 11.30
C MET A 128 -20.38 -6.17 10.26
N VAL A 129 -21.62 -6.26 10.71
CA VAL A 129 -22.75 -6.46 9.82
C VAL A 129 -22.90 -5.27 8.89
N GLU A 130 -22.71 -4.07 9.44
CA GLU A 130 -22.76 -2.84 8.66
C GLU A 130 -21.68 -2.83 7.58
N MET A 131 -20.52 -3.38 7.91
CA MET A 131 -19.42 -3.47 6.96
C MET A 131 -19.67 -4.57 5.93
N GLY A 132 -20.52 -5.53 6.29
CA GLY A 132 -20.84 -6.64 5.41
C GLY A 132 -19.85 -7.77 5.56
N LYS A 133 -19.34 -7.96 6.77
CA LYS A 133 -18.39 -9.02 7.05
C LYS A 133 -19.06 -10.17 7.80
N TYR A 134 -20.08 -9.84 8.58
CA TYR A 134 -20.89 -10.86 9.25
C TYR A 134 -22.24 -10.98 8.57
N ASP A 135 -22.89 -12.13 8.73
CA ASP A 135 -24.22 -12.33 8.16
C ASP A 135 -25.24 -11.56 8.98
N ASN A 136 -26.25 -11.01 8.31
CA ASN A 136 -27.25 -10.19 8.98
C ASN A 136 -28.19 -11.02 9.84
N HIS A 137 -28.19 -12.34 9.63
CA HIS A 137 -29.10 -13.22 10.35
C HIS A 137 -28.70 -13.35 11.82
N LEU A 138 -27.52 -12.84 12.17
CA LEU A 138 -27.08 -12.83 13.56
C LEU A 138 -27.89 -11.82 14.37
N LEU A 139 -28.21 -10.69 13.75
CA LEU A 139 -28.99 -9.66 14.42
C LEU A 139 -30.49 -9.96 14.34
N GLU A 140 -30.85 -10.94 13.52
CA GLU A 140 -32.24 -11.34 13.37
C GLU A 140 -32.60 -12.45 14.35
N ASP A 141 -31.64 -13.32 14.62
CA ASP A 141 -31.87 -14.48 15.47
C ASP A 141 -31.53 -14.22 16.93
N TYR A 142 -30.79 -13.14 17.19
CA TYR A 142 -30.41 -12.80 18.56
C TYR A 142 -30.70 -11.35 18.89
N THR A 143 -31.32 -11.13 20.04
CA THR A 143 -31.63 -9.79 20.51
C THR A 143 -30.42 -9.18 21.20
N GLU A 144 -30.47 -7.88 21.46
CA GLU A 144 -29.36 -7.18 22.10
C GLU A 144 -29.08 -7.74 23.50
N GLU A 145 -30.14 -8.11 24.21
CA GLU A 145 -30.00 -8.68 25.54
C GLU A 145 -29.30 -10.04 25.48
N GLU A 146 -29.61 -10.81 24.45
CA GLU A 146 -29.02 -12.12 24.27
C GLU A 146 -27.55 -12.03 23.92
N PHE A 147 -27.17 -10.99 23.18
CA PHE A 147 -25.77 -10.75 22.87
C PHE A 147 -25.00 -10.39 24.13
N LYS A 148 -25.64 -9.66 25.03
CA LYS A 148 -25.04 -9.29 26.30
C LYS A 148 -24.77 -10.50 27.17
N GLN A 149 -25.66 -11.49 27.10
CA GLN A 149 -25.51 -12.71 27.87
C GLN A 149 -24.38 -13.57 27.31
N MET A 150 -24.25 -13.60 25.99
CA MET A 150 -23.20 -14.36 25.35
C MET A 150 -21.83 -13.73 25.56
N ASP A 151 -21.81 -12.41 25.73
CA ASP A 151 -20.57 -11.70 25.96
C ASP A 151 -20.00 -12.08 27.33
N THR A 152 -20.89 -12.45 28.24
CA THR A 152 -20.48 -12.89 29.57
C THR A 152 -19.82 -14.26 29.51
N PHE A 153 -20.13 -15.01 28.46
CA PHE A 153 -19.54 -16.34 28.27
C PHE A 153 -18.11 -16.20 27.77
N ILE A 154 -17.84 -15.11 27.06
CA ILE A 154 -16.54 -14.91 26.43
C ILE A 154 -15.45 -14.62 27.44
N ASP A 155 -14.37 -15.40 27.37
CA ASP A 155 -13.18 -15.16 28.17
C ASP A 155 -12.01 -14.84 27.26
N HIS A 156 -11.77 -13.56 27.03
CA HIS A 156 -10.75 -13.12 26.07
C HIS A 156 -9.33 -13.48 26.52
N ASP A 157 -9.18 -13.93 27.76
CA ASP A 157 -7.87 -14.33 28.27
C ASP A 157 -7.44 -15.66 27.68
N ARG A 158 -8.37 -16.33 27.00
CA ARG A 158 -8.08 -17.62 26.39
C ARG A 158 -7.24 -17.48 25.12
N ASP A 159 -7.09 -16.26 24.62
CA ASP A 159 -6.25 -16.01 23.46
C ASP A 159 -4.78 -16.18 23.82
N MET A 160 -4.50 -16.23 25.12
CA MET A 160 -3.14 -16.40 25.61
C MET A 160 -2.77 -17.88 25.72
N THR A 161 -3.71 -18.74 25.36
CA THR A 161 -3.50 -20.19 25.43
C THR A 161 -3.07 -20.77 24.09
N PHE A 162 -3.08 -19.95 23.05
CA PHE A 162 -2.63 -20.37 21.73
C PHE A 162 -1.11 -20.44 21.68
N SER A 163 -0.58 -21.35 20.86
CA SER A 163 0.85 -21.41 20.60
C SER A 163 1.18 -20.48 19.45
N TYR A 164 2.46 -20.22 19.22
CA TYR A 164 2.87 -19.29 18.17
C TYR A 164 2.46 -19.78 16.79
N ALA A 165 2.59 -21.08 16.57
CA ALA A 165 2.19 -21.68 15.30
C ALA A 165 0.69 -21.57 15.12
N ALA A 166 -0.04 -21.59 16.23
CA ALA A 166 -1.49 -21.51 16.21
C ALA A 166 -1.98 -20.11 15.86
N VAL A 167 -1.36 -19.10 16.46
CA VAL A 167 -1.74 -17.71 16.22
C VAL A 167 -1.51 -17.33 14.77
N LYS A 168 -0.40 -17.81 14.21
CA LYS A 168 -0.05 -17.53 12.83
C LYS A 168 -1.07 -18.14 11.87
N GLN A 169 -1.65 -19.27 12.27
CA GLN A 169 -2.70 -19.91 11.48
C GLN A 169 -4.01 -19.13 11.57
N LEU A 170 -4.28 -18.57 12.74
CA LEU A 170 -5.45 -17.74 12.95
C LEU A 170 -5.40 -16.48 12.07
N GLU A 171 -4.23 -15.84 12.07
CA GLU A 171 -4.04 -14.59 11.34
C GLU A 171 -4.17 -14.78 9.83
N GLY A 172 -3.85 -15.96 9.35
CA GLY A 172 -3.78 -16.20 7.92
C GLY A 172 -4.95 -16.96 7.31
N LYS A 173 -5.66 -17.75 8.11
CA LYS A 173 -6.70 -18.61 7.57
C LYS A 173 -8.08 -18.39 8.20
N TYR A 174 -8.12 -18.24 9.52
CA TYR A 174 -9.40 -18.26 10.23
C TYR A 174 -10.03 -16.89 10.45
N LEU A 175 -9.27 -15.96 11.04
CA LEU A 175 -9.81 -14.65 11.41
C LEU A 175 -10.34 -13.87 10.22
N VAL A 176 -11.55 -13.32 10.37
CA VAL A 176 -12.17 -12.50 9.34
C VAL A 176 -11.31 -11.28 9.04
N GLN A 177 -10.93 -11.13 7.77
CA GLN A 177 -10.01 -10.07 7.39
C GLN A 177 -10.27 -9.55 5.98
N ASN A 178 -9.58 -8.48 5.62
CA ASN A 178 -9.63 -7.93 4.28
C ASN A 178 -8.45 -8.46 3.47
N ARG A 179 -8.75 -9.25 2.44
CA ARG A 179 -7.70 -9.89 1.65
C ARG A 179 -6.91 -8.92 0.79
N VAL A 180 -7.37 -7.68 0.71
CA VAL A 180 -6.69 -6.66 -0.08
C VAL A 180 -5.76 -5.81 0.78
N THR A 181 -6.32 -5.18 1.81
CA THR A 181 -5.56 -4.29 2.67
C THR A 181 -4.79 -5.05 3.75
N GLY A 182 -5.32 -6.21 4.15
CA GLY A 182 -4.67 -7.02 5.15
C GLY A 182 -5.10 -6.70 6.57
N GLU A 183 -6.19 -5.93 6.68
CA GLU A 183 -6.70 -5.53 7.99
C GLU A 183 -7.38 -6.69 8.71
N ILE A 184 -7.07 -6.84 9.99
CA ILE A 184 -7.75 -7.83 10.82
C ILE A 184 -9.00 -7.20 11.42
N TYR A 185 -10.10 -7.95 11.45
CA TYR A 185 -11.38 -7.40 11.85
C TYR A 185 -11.95 -8.02 13.13
N GLU A 186 -11.28 -9.03 13.66
CA GLU A 186 -11.78 -9.72 14.85
C GLU A 186 -10.68 -10.42 15.63
N SER A 187 -11.04 -10.91 16.82
CA SER A 187 -10.13 -11.73 17.61
C SER A 187 -10.59 -13.18 17.57
N ALA A 188 -9.88 -14.05 18.26
CA ALA A 188 -10.15 -15.48 18.22
C ALA A 188 -11.42 -15.86 18.99
N GLN A 189 -11.72 -15.10 20.04
CA GLN A 189 -12.85 -15.44 20.90
C GLN A 189 -14.18 -15.08 20.27
N PHE A 190 -14.20 -14.03 19.46
CA PHE A 190 -15.40 -13.66 18.73
C PHE A 190 -15.68 -14.69 17.63
N LEU A 191 -14.63 -15.35 17.17
CA LEU A 191 -14.75 -16.40 16.18
C LEU A 191 -15.53 -17.57 16.77
N TYR A 192 -15.06 -18.06 17.92
CA TYR A 192 -15.66 -19.22 18.57
C TYR A 192 -17.11 -18.97 19.00
N ILE A 193 -17.37 -17.82 19.60
CA ILE A 193 -18.68 -17.53 20.17
C ILE A 193 -19.74 -17.33 19.10
N LEU A 194 -19.33 -16.92 17.90
CA LEU A 194 -20.27 -16.65 16.83
C LEU A 194 -20.47 -17.87 15.94
N VAL A 195 -19.46 -18.73 15.87
CA VAL A 195 -19.62 -20.02 15.21
C VAL A 195 -20.65 -20.83 15.98
N ALA A 196 -20.55 -20.77 17.30
CA ALA A 196 -21.50 -21.44 18.18
C ALA A 196 -22.87 -20.79 18.09
N ALA A 197 -22.89 -19.48 17.91
CA ALA A 197 -24.14 -18.73 17.85
C ALA A 197 -24.93 -19.03 16.58
N CYS A 198 -24.22 -19.24 15.48
CA CYS A 198 -24.86 -19.49 14.19
C CYS A 198 -25.39 -20.92 14.07
N LEU A 199 -24.59 -21.88 14.49
CA LEU A 199 -24.97 -23.29 14.38
C LEU A 199 -26.17 -23.64 15.25
N PHE A 200 -26.29 -22.97 16.39
CA PHE A 200 -27.39 -23.22 17.32
C PHE A 200 -28.41 -22.08 17.31
N SER A 201 -28.41 -21.29 16.24
CA SER A 201 -29.29 -20.12 16.14
C SER A 201 -30.76 -20.52 16.02
N ASN A 202 -31.02 -21.71 15.53
CA ASN A 202 -32.39 -22.16 15.28
C ASN A 202 -32.95 -22.97 16.45
N TYR A 203 -32.11 -23.19 17.46
CA TYR A 203 -32.52 -23.90 18.67
C TYR A 203 -33.52 -23.09 19.48
N PRO A 204 -34.42 -23.78 20.21
CA PRO A 204 -35.44 -23.13 21.05
C PRO A 204 -34.83 -22.29 22.17
N ARG A 205 -35.54 -21.24 22.56
CA ARG A 205 -35.08 -20.29 23.58
C ARG A 205 -34.76 -20.98 24.91
N GLU A 206 -35.44 -22.08 25.19
CA GLU A 206 -35.24 -22.83 26.42
C GLU A 206 -33.80 -23.32 26.58
N THR A 207 -33.15 -23.65 25.47
CA THR A 207 -31.82 -24.23 25.53
C THR A 207 -30.80 -23.62 24.57
N ARG A 208 -31.20 -22.62 23.79
CA ARG A 208 -30.31 -22.07 22.76
C ARG A 208 -29.02 -21.49 23.34
N LEU A 209 -29.15 -20.50 24.22
CA LEU A 209 -27.98 -19.88 24.84
C LEU A 209 -27.23 -20.87 25.72
N GLN A 210 -27.93 -21.91 26.16
CA GLN A 210 -27.33 -22.97 26.96
C GLN A 210 -26.35 -23.79 26.11
N TYR A 211 -26.74 -24.08 24.88
CA TYR A 211 -25.87 -24.81 23.95
C TYR A 211 -24.75 -23.94 23.43
N VAL A 212 -25.02 -22.64 23.26
CA VAL A 212 -24.02 -21.70 22.76
C VAL A 212 -22.82 -21.64 23.71
N LYS A 213 -23.09 -21.55 25.00
CA LYS A 213 -22.02 -21.48 25.99
C LYS A 213 -21.19 -22.77 26.02
N ARG A 214 -21.88 -23.91 26.05
CA ARG A 214 -21.20 -25.20 26.16
C ARG A 214 -20.34 -25.50 24.94
N PHE A 215 -20.83 -25.14 23.76
CA PHE A 215 -20.06 -25.37 22.54
C PHE A 215 -18.90 -24.39 22.45
N TYR A 216 -19.09 -23.18 22.99
CA TYR A 216 -18.03 -22.19 23.02
C TYR A 216 -16.87 -22.67 23.90
N ASP A 217 -17.22 -23.16 25.09
CA ASP A 217 -16.21 -23.65 26.03
C ASP A 217 -15.50 -24.88 25.49
N ALA A 218 -16.15 -25.59 24.57
CA ALA A 218 -15.57 -26.79 23.99
C ALA A 218 -14.51 -26.47 22.96
N VAL A 219 -14.79 -25.49 22.08
CA VAL A 219 -13.87 -25.15 21.01
C VAL A 219 -12.80 -24.14 21.45
N SER A 220 -13.11 -23.37 22.48
CA SER A 220 -12.16 -22.37 22.98
C SER A 220 -11.12 -23.01 23.90
N THR A 221 -11.51 -24.07 24.59
CA THR A 221 -10.58 -24.81 25.44
C THR A 221 -9.94 -25.96 24.66
N PHE A 222 -10.09 -25.91 23.34
CA PHE A 222 -9.46 -26.85 22.42
C PHE A 222 -9.87 -28.30 22.68
N LYS A 223 -11.13 -28.52 23.04
CA LYS A 223 -11.64 -29.87 23.26
C LYS A 223 -12.21 -30.42 21.97
N ILE A 224 -12.87 -29.56 21.19
CA ILE A 224 -13.42 -29.91 19.90
C ILE A 224 -12.77 -29.10 18.78
N SER A 225 -12.15 -29.79 17.82
CA SER A 225 -11.50 -29.12 16.71
C SER A 225 -12.40 -29.06 15.49
N LEU A 226 -12.49 -27.89 14.87
CA LEU A 226 -13.36 -27.68 13.73
C LEU A 226 -12.57 -27.45 12.43
N PRO A 227 -13.12 -27.89 11.30
CA PRO A 227 -12.48 -27.73 9.99
C PRO A 227 -12.28 -26.28 9.59
N THR A 228 -11.37 -26.04 8.65
CA THR A 228 -11.07 -24.70 8.16
C THR A 228 -12.29 -23.95 7.59
N PRO A 229 -13.10 -24.59 6.72
CA PRO A 229 -14.20 -23.79 6.15
C PRO A 229 -15.26 -23.39 7.17
N ILE A 230 -15.30 -24.08 8.31
CA ILE A 230 -16.22 -23.73 9.38
C ILE A 230 -15.67 -22.57 10.21
N MET A 231 -14.39 -22.66 10.53
CA MET A 231 -13.72 -21.65 11.35
C MET A 231 -13.66 -20.29 10.67
N SER A 232 -13.55 -20.29 9.34
CA SER A 232 -13.40 -19.06 8.58
C SER A 232 -14.67 -18.68 7.85
N GLY A 233 -15.74 -19.44 8.07
CA GLY A 233 -16.97 -19.24 7.33
C GLY A 233 -18.22 -18.99 8.16
N VAL A 234 -18.46 -19.85 9.14
CA VAL A 234 -19.72 -19.82 9.87
C VAL A 234 -19.85 -18.58 10.77
N ARG A 235 -20.20 -17.47 10.12
CA ARG A 235 -20.55 -16.19 10.73
C ARG A 235 -20.57 -15.15 9.62
N THR A 236 -19.90 -15.51 8.52
CA THR A 236 -19.83 -14.68 7.33
C THR A 236 -21.02 -14.99 6.41
N PRO A 237 -21.35 -14.06 5.49
CA PRO A 237 -22.47 -14.25 4.57
C PRO A 237 -22.41 -15.52 3.71
N THR A 238 -21.25 -16.17 3.64
CA THR A 238 -21.09 -17.36 2.83
C THR A 238 -21.81 -18.57 3.43
N ARG A 239 -22.12 -19.54 2.59
CA ARG A 239 -22.76 -20.78 3.02
C ARG A 239 -22.02 -21.99 2.44
N GLN A 240 -20.82 -21.75 1.93
CA GLN A 240 -20.00 -22.82 1.36
C GLN A 240 -19.14 -23.46 2.44
N PHE A 241 -19.61 -24.60 2.98
CA PHE A 241 -18.90 -25.28 4.05
C PHE A 241 -18.56 -26.72 3.67
N SER A 242 -19.04 -27.15 2.51
CA SER A 242 -18.74 -28.50 2.03
C SER A 242 -17.30 -28.58 1.57
N SER A 243 -16.54 -29.51 2.15
CA SER A 243 -15.14 -29.68 1.83
C SER A 243 -14.82 -31.12 1.49
N CYS A 244 -15.84 -31.97 1.50
CA CYS A 244 -15.67 -33.39 1.22
C CYS A 244 -16.75 -33.87 0.23
N VAL A 245 -16.32 -34.22 -0.97
CA VAL A 245 -17.25 -34.61 -2.04
C VAL A 245 -16.89 -35.96 -2.66
N LEU A 246 -17.88 -36.83 -2.76
CA LEU A 246 -17.70 -38.14 -3.38
C LEU A 246 -18.62 -38.30 -4.58
N ILE A 247 -18.05 -38.42 -5.77
CA ILE A 247 -18.84 -38.54 -6.99
C ILE A 247 -18.57 -39.86 -7.72
N GLU A 248 -19.64 -40.58 -8.04
CA GLU A 248 -19.53 -41.82 -8.80
C GLU A 248 -19.89 -41.57 -10.26
N CYS A 249 -19.04 -42.04 -11.17
CA CYS A 249 -19.25 -41.81 -12.59
C CYS A 249 -19.81 -43.04 -13.29
N GLY A 250 -20.87 -42.85 -14.07
CA GLY A 250 -21.47 -43.93 -14.82
C GLY A 250 -20.80 -44.11 -16.15
N ASP A 251 -21.11 -45.21 -16.84
CA ASP A 251 -20.49 -45.51 -18.12
C ASP A 251 -21.29 -44.93 -19.28
N SER A 252 -21.37 -43.60 -19.32
CA SER A 252 -22.09 -42.92 -20.39
C SER A 252 -21.59 -41.49 -20.56
N LEU A 253 -21.73 -40.95 -21.77
CA LEU A 253 -21.34 -39.58 -22.04
C LEU A 253 -22.12 -38.61 -21.18
N ASP A 254 -23.39 -38.96 -20.92
CA ASP A 254 -24.26 -38.13 -20.09
C ASP A 254 -23.75 -38.09 -18.65
N SER A 255 -23.14 -39.18 -18.21
CA SER A 255 -22.64 -39.27 -16.84
C SER A 255 -21.26 -38.63 -16.71
N ILE A 256 -20.43 -38.81 -17.74
CA ILE A 256 -19.09 -38.24 -17.75
C ILE A 256 -19.19 -36.71 -17.79
N ASN A 257 -20.10 -36.19 -18.60
CA ASN A 257 -20.37 -34.76 -18.65
C ASN A 257 -20.94 -34.26 -17.34
N ALA A 258 -21.80 -35.06 -16.71
CA ALA A 258 -22.41 -34.70 -15.44
C ALA A 258 -21.38 -34.70 -14.33
N THR A 259 -20.52 -35.71 -14.30
CA THR A 259 -19.47 -35.81 -13.31
C THR A 259 -18.50 -34.63 -13.46
N SER A 260 -18.13 -34.33 -14.70
CA SER A 260 -17.23 -33.23 -14.99
C SER A 260 -17.81 -31.90 -14.52
N SER A 261 -19.09 -31.68 -14.78
CA SER A 261 -19.77 -30.46 -14.36
C SER A 261 -19.87 -30.40 -12.84
N ALA A 262 -20.07 -31.56 -12.23
CA ALA A 262 -20.20 -31.66 -10.77
C ALA A 262 -18.89 -31.35 -10.08
N ILE A 263 -17.78 -31.78 -10.67
CA ILE A 263 -16.46 -31.54 -10.11
C ILE A 263 -16.10 -30.06 -10.12
N VAL A 264 -16.30 -29.42 -11.27
CA VAL A 264 -15.95 -28.02 -11.45
C VAL A 264 -16.64 -27.10 -10.43
N LYS A 265 -17.92 -27.34 -10.20
CA LYS A 265 -18.69 -26.52 -9.27
C LYS A 265 -18.21 -26.68 -7.83
N TYR A 266 -17.66 -27.84 -7.51
CA TYR A 266 -17.25 -28.11 -6.13
C TYR A 266 -15.80 -27.76 -5.86
N VAL A 267 -14.95 -27.89 -6.88
CA VAL A 267 -13.55 -27.48 -6.73
C VAL A 267 -13.49 -25.95 -6.73
N SER A 268 -14.55 -25.32 -7.20
CA SER A 268 -14.67 -23.87 -7.16
C SER A 268 -15.00 -23.41 -5.75
N GLN A 269 -15.51 -24.33 -4.95
CA GLN A 269 -15.82 -24.05 -3.55
C GLN A 269 -14.75 -24.64 -2.64
N ARG A 270 -13.61 -24.99 -3.24
CA ARG A 270 -12.47 -25.52 -2.50
C ARG A 270 -12.84 -26.78 -1.73
N ALA A 271 -13.15 -27.85 -2.45
CA ALA A 271 -13.53 -29.11 -1.83
C ALA A 271 -12.76 -30.27 -2.44
N GLY A 272 -12.46 -31.27 -1.61
CA GLY A 272 -11.78 -32.47 -2.08
C GLY A 272 -12.75 -33.40 -2.79
N ILE A 273 -12.34 -33.91 -3.94
CA ILE A 273 -13.22 -34.73 -4.77
C ILE A 273 -12.79 -36.20 -4.78
N GLY A 274 -13.76 -37.10 -4.65
CA GLY A 274 -13.49 -38.52 -4.75
C GLY A 274 -14.22 -39.08 -5.97
N ILE A 275 -13.45 -39.37 -7.02
CA ILE A 275 -14.04 -39.80 -8.27
C ILE A 275 -13.99 -41.31 -8.43
N ASN A 276 -15.12 -41.91 -8.79
CA ASN A 276 -15.20 -43.34 -9.04
C ASN A 276 -15.44 -43.62 -10.52
N ALA A 277 -14.37 -43.76 -11.28
CA ALA A 277 -14.47 -43.97 -12.73
C ALA A 277 -14.14 -45.42 -13.10
N GLY A 278 -14.53 -46.35 -12.24
CA GLY A 278 -14.27 -47.76 -12.48
C GLY A 278 -15.31 -48.38 -13.41
N ARG A 279 -16.46 -47.72 -13.53
CA ARG A 279 -17.54 -48.25 -14.35
C ARG A 279 -17.32 -48.00 -15.84
N ILE A 280 -16.43 -47.07 -16.18
CA ILE A 280 -16.15 -46.76 -17.57
C ILE A 280 -15.54 -47.97 -18.26
N ARG A 281 -16.18 -48.41 -19.33
CA ARG A 281 -15.75 -49.61 -20.06
C ARG A 281 -14.35 -49.43 -20.62
N ALA A 282 -13.63 -50.53 -20.79
CA ALA A 282 -12.23 -50.48 -21.18
C ALA A 282 -12.06 -50.14 -22.66
N LEU A 283 -10.81 -49.86 -23.04
CA LEU A 283 -10.47 -49.52 -24.42
C LEU A 283 -10.82 -50.66 -25.38
N GLY A 284 -11.52 -50.32 -26.46
CA GLY A 284 -11.87 -51.29 -27.47
C GLY A 284 -13.28 -51.84 -27.30
N SER A 285 -13.89 -51.56 -26.16
CA SER A 285 -15.25 -52.02 -25.88
C SER A 285 -16.24 -51.46 -26.89
N PRO A 286 -17.12 -52.33 -27.42
CA PRO A 286 -18.09 -51.95 -28.45
C PRO A 286 -19.18 -51.02 -27.92
N ILE A 287 -19.64 -50.10 -28.77
CA ILE A 287 -20.70 -49.17 -28.40
C ILE A 287 -21.90 -49.34 -29.32
N ARG A 288 -23.07 -49.50 -28.72
CA ARG A 288 -24.32 -49.70 -29.46
C ARG A 288 -24.21 -50.86 -30.45
N GLY A 289 -23.65 -51.97 -29.99
CA GLY A 289 -23.50 -53.15 -30.81
C GLY A 289 -22.24 -53.13 -31.65
N GLY A 290 -21.61 -51.98 -31.75
CA GLY A 290 -20.38 -51.84 -32.52
C GLY A 290 -20.40 -50.69 -33.51
N GLU A 291 -21.33 -49.76 -33.32
CA GLU A 291 -21.42 -48.59 -34.19
C GLU A 291 -20.20 -47.70 -34.01
N ALA A 292 -19.59 -47.77 -32.84
CA ALA A 292 -18.35 -47.07 -32.54
C ALA A 292 -17.59 -47.83 -31.48
N PHE A 293 -16.29 -47.61 -31.37
CA PHE A 293 -15.50 -48.32 -30.38
C PHE A 293 -14.85 -47.36 -29.39
N HIS A 294 -14.68 -47.81 -28.15
CA HIS A 294 -14.16 -46.96 -27.09
C HIS A 294 -12.73 -46.53 -27.37
N THR A 295 -12.34 -45.38 -26.80
CA THR A 295 -11.01 -44.83 -27.02
C THR A 295 -10.14 -44.94 -25.78
N GLY A 296 -10.71 -45.52 -24.72
CA GLY A 296 -9.98 -45.73 -23.48
C GLY A 296 -10.49 -44.87 -22.34
N CYS A 297 -10.12 -45.22 -21.12
CA CYS A 297 -10.52 -44.48 -19.94
C CYS A 297 -9.62 -43.26 -19.73
N ILE A 298 -8.36 -43.39 -20.13
CA ILE A 298 -7.36 -42.35 -19.93
C ILE A 298 -7.72 -40.99 -20.55
N PRO A 299 -8.26 -40.97 -21.78
CA PRO A 299 -8.67 -39.65 -22.30
C PRO A 299 -9.75 -39.00 -21.45
N PHE A 300 -10.56 -39.80 -20.76
CA PHE A 300 -11.61 -39.27 -19.90
C PHE A 300 -11.07 -38.89 -18.53
N TYR A 301 -9.99 -39.55 -18.10
CA TYR A 301 -9.36 -39.21 -16.84
C TYR A 301 -8.74 -37.82 -16.93
N LYS A 302 -8.17 -37.49 -18.08
CA LYS A 302 -7.60 -36.16 -18.31
C LYS A 302 -8.68 -35.09 -18.25
N HIS A 303 -9.87 -35.43 -18.75
CA HIS A 303 -10.99 -34.49 -18.74
C HIS A 303 -11.45 -34.21 -17.32
N PHE A 304 -11.36 -35.23 -16.47
CA PHE A 304 -11.72 -35.08 -15.06
C PHE A 304 -10.66 -34.24 -14.33
N GLN A 305 -9.41 -34.42 -14.73
CA GLN A 305 -8.30 -33.71 -14.10
C GLN A 305 -8.40 -32.20 -14.33
N THR A 306 -8.65 -31.80 -15.56
CA THR A 306 -8.77 -30.39 -15.90
C THR A 306 -10.01 -29.78 -15.25
N ALA A 307 -11.00 -30.63 -14.96
CA ALA A 307 -12.19 -30.19 -14.23
C ALA A 307 -11.79 -29.84 -12.80
N VAL A 308 -10.89 -30.64 -12.24
CA VAL A 308 -10.38 -30.38 -10.89
C VAL A 308 -9.49 -29.14 -10.88
N LYS A 309 -8.62 -29.03 -11.88
CA LYS A 309 -7.67 -27.93 -11.95
C LYS A 309 -8.23 -26.70 -12.68
N SER A 310 -9.55 -26.67 -12.88
CA SER A 310 -10.18 -25.57 -13.60
C SER A 310 -10.17 -24.28 -12.78
N CYS A 311 -10.20 -24.42 -11.46
CA CYS A 311 -10.20 -23.26 -10.57
C CYS A 311 -8.95 -23.20 -9.71
N SER A 312 -7.82 -23.56 -10.31
CA SER A 312 -6.55 -23.60 -9.59
C SER A 312 -5.53 -22.61 -10.14
N GLN A 313 -4.95 -21.80 -9.25
CA GLN A 313 -3.94 -20.83 -9.62
C GLN A 313 -2.80 -21.45 -10.43
N GLY A 314 -2.88 -21.29 -11.75
CA GLY A 314 -1.86 -21.82 -12.63
C GLY A 314 -2.17 -23.22 -13.11
N GLY A 315 -3.09 -23.89 -12.42
CA GLY A 315 -3.46 -25.25 -12.76
C GLY A 315 -2.72 -26.28 -11.94
N VAL A 316 -2.00 -25.81 -10.91
CA VAL A 316 -1.22 -26.70 -10.06
C VAL A 316 -1.76 -26.77 -8.64
N ARG A 317 -2.10 -25.62 -8.07
CA ARG A 317 -2.60 -25.59 -6.69
C ARG A 317 -4.11 -25.83 -6.69
N GLY A 318 -4.84 -24.97 -5.99
CA GLY A 318 -6.29 -25.07 -5.93
C GLY A 318 -6.79 -26.36 -5.30
N GLY A 319 -7.48 -27.18 -6.08
CA GLY A 319 -8.05 -28.41 -5.59
C GLY A 319 -7.41 -29.66 -6.14
N ALA A 320 -7.60 -30.78 -5.44
CA ALA A 320 -7.07 -32.06 -5.86
C ALA A 320 -8.14 -33.14 -5.69
N ALA A 321 -7.90 -34.30 -6.29
CA ALA A 321 -8.89 -35.38 -6.26
C ALA A 321 -8.24 -36.76 -6.28
N THR A 322 -9.00 -37.77 -5.90
CA THR A 322 -8.53 -39.15 -5.95
C THR A 322 -9.48 -39.99 -6.79
N LEU A 323 -8.96 -40.60 -7.85
CA LEU A 323 -9.77 -41.41 -8.75
C LEU A 323 -9.63 -42.88 -8.41
N PHE A 324 -10.76 -43.58 -8.34
CA PHE A 324 -10.76 -44.99 -7.95
C PHE A 324 -11.14 -45.94 -9.08
N TYR A 325 -10.53 -47.11 -9.07
CA TYR A 325 -10.81 -48.15 -10.06
C TYR A 325 -10.47 -49.53 -9.49
N PRO A 326 -11.25 -50.55 -9.89
CA PRO A 326 -11.01 -51.92 -9.40
C PRO A 326 -9.73 -52.51 -9.96
N MET A 327 -9.08 -53.38 -9.20
CA MET A 327 -7.84 -54.01 -9.62
C MET A 327 -8.06 -54.92 -10.82
N TRP A 328 -9.23 -55.54 -10.89
CA TRP A 328 -9.53 -56.47 -11.97
C TRP A 328 -9.97 -55.78 -13.26
N HIS A 329 -9.88 -54.44 -13.29
CA HIS A 329 -10.20 -53.70 -14.50
C HIS A 329 -9.21 -54.05 -15.61
N LEU A 330 -9.67 -53.98 -16.85
CA LEU A 330 -8.86 -54.42 -17.99
C LEU A 330 -7.66 -53.52 -18.23
N GLU A 331 -7.81 -52.22 -17.97
CA GLU A 331 -6.73 -51.27 -18.22
C GLU A 331 -5.93 -50.98 -16.96
N VAL A 332 -5.98 -51.89 -15.99
CA VAL A 332 -5.35 -51.68 -14.70
C VAL A 332 -3.82 -51.56 -14.82
N GLU A 333 -3.26 -52.15 -15.85
CA GLU A 333 -1.82 -52.08 -16.08
C GLU A 333 -1.44 -50.72 -16.66
N SER A 334 -2.44 -49.99 -17.14
CA SER A 334 -2.22 -48.68 -17.73
C SER A 334 -2.59 -47.58 -16.75
N LEU A 335 -3.46 -47.89 -15.80
CA LEU A 335 -3.93 -46.92 -14.83
C LEU A 335 -3.00 -46.85 -13.62
N LEU A 336 -2.28 -47.93 -13.37
CA LEU A 336 -1.38 -48.01 -12.23
C LEU A 336 -0.15 -47.14 -12.44
N VAL A 337 0.20 -46.92 -13.70
CA VAL A 337 1.39 -46.16 -14.05
C VAL A 337 1.06 -44.78 -14.61
N LEU A 338 0.06 -44.13 -14.03
CA LEU A 338 -0.39 -42.83 -14.52
C LEU A 338 0.30 -41.65 -13.83
N LYS A 339 1.05 -41.91 -12.77
CA LYS A 339 1.65 -40.83 -11.99
C LYS A 339 3.17 -40.75 -12.12
N ASN A 340 3.79 -41.79 -12.66
CA ASN A 340 5.24 -41.81 -12.79
C ASN A 340 5.74 -40.75 -13.77
N ASN A 341 6.92 -40.22 -13.51
CA ASN A 341 7.50 -39.17 -14.33
C ASN A 341 7.84 -39.64 -15.74
N ARG A 342 8.04 -40.95 -15.87
CA ARG A 342 8.36 -41.56 -17.16
C ARG A 342 7.15 -41.57 -18.09
N GLY A 343 7.37 -42.00 -19.32
CA GLY A 343 6.30 -42.10 -20.30
C GLY A 343 5.92 -40.78 -20.94
N VAL A 344 5.20 -40.86 -22.06
CA VAL A 344 4.76 -39.68 -22.78
C VAL A 344 3.48 -39.12 -22.18
N GLU A 345 3.08 -37.94 -22.63
CA GLU A 345 1.89 -37.27 -22.08
C GLU A 345 0.59 -38.00 -22.45
N GLY A 346 0.65 -38.80 -23.50
CA GLY A 346 -0.54 -39.49 -23.99
C GLY A 346 -1.09 -40.51 -23.03
N ASN A 347 -0.23 -41.10 -22.21
CA ASN A 347 -0.64 -42.12 -21.26
C ASN A 347 -0.22 -41.81 -19.82
N ARG A 348 -0.30 -40.52 -19.46
CA ARG A 348 0.03 -40.09 -18.11
C ARG A 348 -0.94 -39.04 -17.60
N VAL A 349 -1.49 -39.27 -16.41
CA VAL A 349 -2.34 -38.29 -15.74
C VAL A 349 -1.82 -38.11 -14.31
N ARG A 350 -0.84 -37.21 -14.16
CA ARG A 350 -0.05 -37.15 -12.94
C ARG A 350 -0.66 -36.30 -11.82
N HIS A 351 -1.45 -35.29 -12.17
CA HIS A 351 -1.92 -34.33 -11.18
C HIS A 351 -3.18 -34.80 -10.45
N MET A 352 -3.36 -36.11 -10.36
CA MET A 352 -4.41 -36.68 -9.52
C MET A 352 -3.88 -37.90 -8.78
N ASP A 353 -4.47 -38.20 -7.63
CA ASP A 353 -4.10 -39.39 -6.87
C ASP A 353 -5.05 -40.52 -7.23
N TYR A 354 -4.66 -41.75 -6.92
CA TYR A 354 -5.46 -42.91 -7.30
C TYR A 354 -5.60 -43.92 -6.17
N GLY A 355 -6.72 -44.63 -6.17
CA GLY A 355 -6.98 -45.65 -5.17
C GLY A 355 -7.44 -46.95 -5.77
N VAL A 356 -6.55 -47.95 -5.74
CA VAL A 356 -6.87 -49.27 -6.29
C VAL A 356 -7.81 -50.03 -5.36
N GLN A 357 -8.90 -50.54 -5.93
CA GLN A 357 -9.88 -51.29 -5.14
C GLN A 357 -9.59 -52.78 -5.18
N ILE A 358 -9.41 -53.36 -3.99
CA ILE A 358 -9.04 -54.76 -3.85
C ILE A 358 -10.03 -55.50 -2.96
N ASN A 359 -10.28 -56.78 -3.25
CA ASN A 359 -11.11 -57.61 -2.38
C ASN A 359 -10.39 -58.91 -2.00
N LYS A 360 -11.13 -59.79 -1.33
CA LYS A 360 -10.56 -61.01 -0.79
C LYS A 360 -9.97 -61.92 -1.86
N LEU A 361 -10.68 -62.09 -2.97
CA LEU A 361 -10.27 -62.98 -4.04
C LEU A 361 -8.95 -62.55 -4.65
N MET A 362 -8.71 -61.24 -4.71
CA MET A 362 -7.48 -60.72 -5.29
C MET A 362 -6.28 -61.08 -4.41
N TYR A 363 -6.45 -60.99 -3.10
CA TYR A 363 -5.39 -61.35 -2.16
C TYR A 363 -5.16 -62.86 -2.15
N THR A 364 -6.22 -63.62 -2.36
CA THR A 364 -6.13 -65.08 -2.39
C THR A 364 -5.26 -65.53 -3.56
N ARG A 365 -5.46 -64.92 -4.71
CA ARG A 365 -4.67 -65.24 -5.90
C ARG A 365 -3.20 -64.87 -5.69
N LEU A 366 -2.95 -63.90 -4.82
CA LEU A 366 -1.60 -63.47 -4.52
C LEU A 366 -0.87 -64.50 -3.67
N LEU A 367 -1.54 -64.99 -2.62
CA LEU A 367 -0.95 -65.96 -1.71
C LEU A 367 -0.68 -67.29 -2.41
N LYS A 368 -1.62 -67.71 -3.26
CA LYS A 368 -1.48 -68.95 -4.00
C LYS A 368 -0.56 -68.81 -5.20
N GLY A 369 -0.16 -67.56 -5.48
CA GLY A 369 0.74 -67.28 -6.59
C GLY A 369 0.11 -67.54 -7.94
N GLU A 370 -1.23 -67.48 -7.98
CA GLU A 370 -1.96 -67.74 -9.20
C GLU A 370 -2.07 -66.50 -10.08
N ASP A 371 -3.03 -66.52 -11.01
CA ASP A 371 -3.23 -65.40 -11.92
C ASP A 371 -4.48 -64.60 -11.58
N ILE A 372 -4.53 -63.38 -12.09
CA ILE A 372 -5.71 -62.53 -11.95
C ILE A 372 -6.25 -62.19 -13.33
N THR A 373 -7.49 -62.56 -13.59
CA THR A 373 -8.10 -62.31 -14.90
C THR A 373 -8.67 -60.89 -14.97
N LEU A 374 -8.26 -60.16 -15.99
CA LEU A 374 -8.69 -58.78 -16.16
C LEU A 374 -9.93 -58.70 -17.05
N PHE A 375 -10.99 -58.08 -16.53
CA PHE A 375 -12.23 -57.91 -17.29
C PHE A 375 -12.58 -56.44 -17.47
N SER A 376 -13.42 -56.17 -18.46
CA SER A 376 -14.03 -54.86 -18.60
C SER A 376 -15.43 -54.91 -18.01
N PRO A 377 -15.77 -53.95 -17.15
CA PRO A 377 -17.03 -53.95 -16.40
C PRO A 377 -18.29 -53.89 -17.29
N SER A 378 -18.10 -53.92 -18.60
CA SER A 378 -19.21 -53.93 -19.54
C SER A 378 -19.45 -55.33 -20.11
N ASP A 379 -18.46 -56.20 -19.97
CA ASP A 379 -18.54 -57.54 -20.51
C ASP A 379 -18.83 -58.59 -19.43
N VAL A 380 -18.85 -58.14 -18.18
CA VAL A 380 -19.06 -59.06 -17.06
C VAL A 380 -20.25 -58.62 -16.20
N PRO A 381 -21.46 -59.07 -16.58
CA PRO A 381 -22.71 -58.67 -15.92
C PRO A 381 -22.75 -59.01 -14.43
N GLY A 382 -22.97 -58.00 -13.60
CA GLY A 382 -23.12 -58.19 -12.17
C GLY A 382 -21.83 -58.44 -11.42
N LEU A 383 -20.70 -58.41 -12.13
CA LEU A 383 -19.41 -58.62 -11.50
C LEU A 383 -19.01 -57.38 -10.69
N TYR A 384 -19.39 -56.21 -11.17
CA TYR A 384 -19.04 -54.96 -10.52
C TYR A 384 -19.82 -54.78 -9.22
N ASP A 385 -21.13 -54.99 -9.28
CA ASP A 385 -21.99 -54.82 -8.11
C ASP A 385 -21.61 -55.78 -6.99
N ALA A 386 -21.39 -57.04 -7.36
CA ALA A 386 -21.06 -58.08 -6.39
C ALA A 386 -19.67 -57.87 -5.80
N PHE A 387 -18.82 -57.15 -6.54
CA PHE A 387 -17.47 -56.87 -6.10
C PHE A 387 -17.45 -56.04 -4.82
N PHE A 388 -18.53 -55.30 -4.60
CA PHE A 388 -18.66 -54.47 -3.40
C PHE A 388 -19.67 -55.05 -2.42
N ALA A 389 -20.74 -55.63 -2.95
CA ALA A 389 -21.85 -56.08 -2.12
C ALA A 389 -21.72 -57.54 -1.66
N ASP A 390 -21.74 -58.46 -2.62
CA ASP A 390 -21.75 -59.88 -2.31
C ASP A 390 -20.46 -60.56 -2.74
N GLN A 391 -19.57 -60.80 -1.76
CA GLN A 391 -18.29 -61.43 -2.03
C GLN A 391 -18.45 -62.88 -2.49
N GLU A 392 -19.48 -63.55 -1.97
CA GLU A 392 -19.77 -64.92 -2.35
C GLU A 392 -20.20 -64.98 -3.81
N GLU A 393 -21.03 -64.03 -4.20
CA GLU A 393 -21.50 -63.94 -5.58
C GLU A 393 -20.38 -63.54 -6.53
N PHE A 394 -19.45 -62.74 -6.05
CA PHE A 394 -18.33 -62.28 -6.87
C PHE A 394 -17.47 -63.46 -7.31
N GLU A 395 -17.09 -64.31 -6.37
CA GLU A 395 -16.25 -65.47 -6.67
C GLU A 395 -16.94 -66.41 -7.64
N ARG A 396 -18.27 -66.48 -7.56
CA ARG A 396 -19.04 -67.32 -8.48
C ARG A 396 -18.97 -66.75 -9.89
N LEU A 397 -19.24 -65.45 -10.02
CA LEU A 397 -19.25 -64.79 -11.32
C LEU A 397 -17.85 -64.67 -11.90
N TYR A 398 -16.87 -64.41 -11.05
CA TYR A 398 -15.49 -64.24 -11.49
C TYR A 398 -14.96 -65.52 -12.12
N THR A 399 -15.15 -66.64 -11.43
CA THR A 399 -14.70 -67.93 -11.93
C THR A 399 -15.51 -68.39 -13.13
N LYS A 400 -16.79 -68.03 -13.15
CA LYS A 400 -17.66 -68.36 -14.27
C LYS A 400 -17.22 -67.65 -15.53
N TYR A 401 -16.92 -66.36 -15.41
CA TYR A 401 -16.52 -65.55 -16.55
C TYR A 401 -15.07 -65.86 -16.93
N GLU A 402 -14.33 -66.45 -16.00
CA GLU A 402 -12.98 -66.92 -16.28
C GLU A 402 -13.02 -68.15 -17.19
N LYS A 403 -14.03 -68.99 -16.97
CA LYS A 403 -14.17 -70.23 -17.72
C LYS A 403 -14.84 -70.00 -19.06
N ASP A 404 -15.37 -68.80 -19.26
CA ASP A 404 -15.99 -68.42 -20.53
C ASP A 404 -14.93 -67.89 -21.49
N ASP A 405 -14.91 -68.43 -22.71
CA ASP A 405 -13.94 -68.03 -23.71
C ASP A 405 -14.49 -66.98 -24.66
N SER A 406 -15.79 -66.70 -24.55
CA SER A 406 -16.44 -65.71 -25.40
C SER A 406 -16.28 -64.30 -24.84
N ILE A 407 -15.97 -64.22 -23.55
CA ILE A 407 -15.78 -62.94 -22.89
C ILE A 407 -14.34 -62.46 -23.00
N ARG A 408 -14.14 -61.24 -23.50
CA ARG A 408 -12.81 -60.68 -23.66
C ARG A 408 -12.12 -60.51 -22.31
N LYS A 409 -10.90 -61.02 -22.22
CA LYS A 409 -10.17 -61.01 -20.95
C LYS A 409 -8.66 -60.97 -21.17
N GLN A 410 -7.92 -60.84 -20.07
CA GLN A 410 -6.47 -60.90 -20.12
C GLN A 410 -5.93 -61.47 -18.81
N ARG A 411 -5.00 -62.42 -18.92
CA ARG A 411 -4.41 -63.06 -17.74
C ARG A 411 -3.11 -62.40 -17.34
N VAL A 412 -3.00 -62.04 -16.06
CA VAL A 412 -1.77 -61.49 -15.51
C VAL A 412 -1.50 -62.09 -14.14
N LYS A 413 -0.24 -62.41 -13.87
CA LYS A 413 0.13 -63.03 -12.60
C LYS A 413 -0.12 -62.08 -11.43
N ALA A 414 -0.74 -62.62 -10.38
CA ALA A 414 -1.12 -61.83 -9.22
C ALA A 414 0.09 -61.18 -8.56
N VAL A 415 1.20 -61.89 -8.55
CA VAL A 415 2.43 -61.38 -7.93
C VAL A 415 2.94 -60.16 -8.68
N GLU A 416 2.85 -60.19 -10.00
CA GLU A 416 3.35 -59.09 -10.82
C GLU A 416 2.45 -57.87 -10.76
N LEU A 417 1.13 -58.10 -10.73
CA LEU A 417 0.17 -57.02 -10.69
C LEU A 417 0.26 -56.25 -9.37
N PHE A 418 0.34 -56.99 -8.27
CA PHE A 418 0.50 -56.39 -6.96
C PHE A 418 1.84 -55.67 -6.85
N SER A 419 2.87 -56.22 -7.47
CA SER A 419 4.19 -55.63 -7.43
C SER A 419 4.22 -54.30 -8.18
N LEU A 420 3.53 -54.25 -9.32
CA LEU A 420 3.45 -53.02 -10.10
C LEU A 420 2.72 -51.93 -9.33
N MET A 421 1.66 -52.33 -8.64
CA MET A 421 0.87 -51.40 -7.84
C MET A 421 1.71 -50.79 -6.72
N MET A 422 2.37 -51.66 -5.95
CA MET A 422 3.18 -51.22 -4.82
C MET A 422 4.43 -50.47 -5.28
N GLN A 423 4.91 -50.78 -6.47
CA GLN A 423 6.08 -50.12 -7.03
C GLN A 423 5.80 -48.65 -7.30
N GLU A 424 4.67 -48.39 -7.95
CA GLU A 424 4.25 -47.02 -8.23
C GLU A 424 3.81 -46.32 -6.95
N ARG A 425 3.31 -47.10 -6.00
CA ARG A 425 2.94 -46.55 -4.70
C ARG A 425 4.19 -46.15 -3.92
N ALA A 426 5.27 -46.90 -4.11
CA ALA A 426 6.53 -46.61 -3.43
C ALA A 426 7.18 -45.35 -3.98
N SER A 427 7.13 -45.19 -5.30
CA SER A 427 7.78 -44.07 -5.97
C SER A 427 6.99 -42.77 -5.81
N THR A 428 5.70 -42.83 -6.10
CA THR A 428 4.85 -41.64 -6.04
C THR A 428 4.35 -41.35 -4.63
N GLY A 429 3.90 -42.39 -3.94
CA GLY A 429 3.37 -42.25 -2.60
C GLY A 429 1.92 -41.81 -2.61
N ARG A 430 1.32 -41.81 -3.79
CA ARG A 430 -0.05 -41.34 -3.96
C ARG A 430 -0.98 -42.40 -4.53
N ILE A 431 -0.46 -43.60 -4.78
CA ILE A 431 -1.29 -44.71 -5.22
C ILE A 431 -1.86 -45.43 -4.01
N TYR A 432 -3.16 -45.32 -3.82
CA TYR A 432 -3.80 -45.77 -2.59
C TYR A 432 -4.48 -47.12 -2.74
N ILE A 433 -4.83 -47.73 -1.61
CA ILE A 433 -5.47 -49.04 -1.59
C ILE A 433 -6.77 -49.00 -0.80
N GLN A 434 -7.84 -49.53 -1.37
CA GLN A 434 -9.11 -49.63 -0.67
C GLN A 434 -9.64 -51.05 -0.68
N ASN A 435 -9.63 -51.69 0.48
CA ASN A 435 -10.21 -53.03 0.61
C ASN A 435 -11.73 -52.94 0.65
N VAL A 436 -12.36 -53.11 -0.50
CA VAL A 436 -13.79 -52.87 -0.64
C VAL A 436 -14.65 -53.90 0.09
N ASP A 437 -14.11 -55.10 0.30
CA ASP A 437 -14.85 -56.13 1.00
C ASP A 437 -15.01 -55.77 2.48
N HIS A 438 -13.99 -55.15 3.04
CA HIS A 438 -14.05 -54.70 4.42
C HIS A 438 -14.92 -53.46 4.56
N CYS A 439 -15.10 -52.73 3.46
CA CYS A 439 -15.90 -51.50 3.48
C CYS A 439 -17.39 -51.78 3.39
N ASN A 440 -17.78 -53.05 3.34
CA ASN A 440 -19.18 -53.40 3.26
C ASN A 440 -19.57 -54.54 4.21
N THR A 441 -18.59 -55.39 4.56
CA THR A 441 -18.83 -56.42 5.55
C THR A 441 -18.78 -55.82 6.95
N HIS A 442 -17.96 -54.78 7.10
CA HIS A 442 -17.89 -54.03 8.35
C HIS A 442 -18.31 -52.58 8.07
N SER A 443 -19.58 -52.41 7.75
CA SER A 443 -20.09 -51.12 7.31
C SER A 443 -21.40 -50.75 8.00
N PRO A 444 -21.66 -49.46 8.18
CA PRO A 444 -22.94 -48.99 8.72
C PRO A 444 -24.04 -48.98 7.66
N PHE A 445 -23.74 -49.47 6.46
CA PHE A 445 -24.71 -49.49 5.37
C PHE A 445 -24.97 -50.89 4.85
N ASP A 446 -26.20 -51.14 4.41
CA ASP A 446 -26.57 -52.40 3.78
C ASP A 446 -26.09 -52.39 2.33
N PRO A 447 -25.15 -53.29 2.01
CA PRO A 447 -24.56 -53.37 0.66
C PRO A 447 -25.58 -53.68 -0.43
N ALA A 448 -26.71 -54.27 -0.06
CA ALA A 448 -27.74 -54.65 -1.01
C ALA A 448 -28.61 -53.46 -1.38
N ILE A 449 -28.58 -52.42 -0.56
CA ILE A 449 -29.40 -51.24 -0.78
C ILE A 449 -28.55 -50.01 -1.07
N ALA A 450 -27.53 -49.79 -0.24
CA ALA A 450 -26.65 -48.64 -0.40
C ALA A 450 -25.20 -49.01 -0.06
N PRO A 451 -24.50 -49.63 -1.01
CA PRO A 451 -23.12 -50.08 -0.81
C PRO A 451 -22.10 -48.95 -0.92
N VAL A 452 -20.92 -49.16 -0.35
CA VAL A 452 -19.82 -48.21 -0.48
C VAL A 452 -18.94 -48.63 -1.65
N ARG A 453 -18.93 -47.83 -2.70
CA ARG A 453 -18.21 -48.18 -3.92
C ARG A 453 -16.91 -47.40 -4.09
N GLN A 454 -16.66 -46.45 -3.19
CA GLN A 454 -15.50 -45.59 -3.33
C GLN A 454 -15.09 -44.92 -2.02
N SER A 455 -14.24 -43.91 -2.15
CA SER A 455 -13.80 -43.12 -1.00
C SER A 455 -13.54 -41.68 -1.42
N ASN A 456 -12.85 -40.92 -0.58
CA ASN A 456 -12.57 -39.52 -0.89
C ASN A 456 -11.10 -39.27 -1.17
N LEU A 457 -10.68 -38.02 -1.05
CA LEU A 457 -9.31 -37.62 -1.35
C LEU A 457 -8.31 -38.24 -0.39
N CYS A 458 -8.63 -38.25 0.89
CA CYS A 458 -7.70 -38.70 1.92
C CYS A 458 -8.02 -40.11 2.40
N LEU A 459 -9.04 -40.73 1.79
CA LEU A 459 -9.43 -42.10 2.09
C LEU A 459 -9.77 -42.33 3.56
N GLU A 460 -10.65 -41.50 4.11
CA GLU A 460 -11.16 -41.71 5.45
C GLU A 460 -12.68 -41.78 5.40
N ILE A 461 -13.23 -41.44 4.24
CA ILE A 461 -14.66 -41.40 4.04
C ILE A 461 -15.16 -42.59 3.22
N ALA A 462 -16.18 -43.26 3.75
CA ALA A 462 -16.79 -44.38 3.04
C ALA A 462 -18.31 -44.24 3.05
N LEU A 463 -18.84 -43.62 2.01
CA LEU A 463 -20.26 -43.33 1.92
C LEU A 463 -20.85 -43.81 0.59
N PRO A 464 -22.15 -44.17 0.60
CA PRO A 464 -22.85 -44.63 -0.61
C PRO A 464 -22.94 -43.55 -1.68
N THR A 465 -22.81 -43.95 -2.94
CA THR A 465 -22.92 -43.02 -4.06
C THR A 465 -23.75 -43.60 -5.20
N LYS A 466 -24.33 -42.71 -5.99
CA LYS A 466 -25.08 -43.11 -7.19
C LYS A 466 -24.81 -42.14 -8.34
N PRO A 467 -24.44 -42.68 -9.51
CA PRO A 467 -24.05 -41.89 -10.68
C PRO A 467 -25.16 -40.97 -11.18
N LEU A 468 -24.77 -39.87 -11.81
CA LEU A 468 -25.71 -38.88 -12.31
C LEU A 468 -25.81 -38.94 -13.84
N ASN A 469 -27.03 -38.88 -14.35
CA ASN A 469 -27.24 -38.83 -15.80
C ASN A 469 -27.27 -37.39 -16.27
N ASP A 470 -27.21 -36.47 -15.30
CA ASP A 470 -27.17 -35.04 -15.56
C ASP A 470 -26.66 -34.34 -14.30
N VAL A 471 -26.13 -33.14 -14.46
CA VAL A 471 -25.61 -32.38 -13.32
C VAL A 471 -26.72 -32.08 -12.32
N ASN A 472 -27.94 -31.93 -12.80
CA ASN A 472 -29.08 -31.65 -11.94
C ASN A 472 -30.02 -32.85 -11.82
N ASP A 473 -29.47 -34.05 -11.86
CA ASP A 473 -30.27 -35.26 -11.73
C ASP A 473 -30.73 -35.45 -10.29
N GLU A 474 -32.04 -35.64 -10.11
CA GLU A 474 -32.60 -35.80 -8.77
C GLU A 474 -32.58 -37.26 -8.33
N ASN A 475 -32.08 -38.13 -9.20
CA ASN A 475 -32.02 -39.56 -8.90
C ASN A 475 -30.62 -40.01 -8.54
N GLY A 476 -29.64 -39.17 -8.82
CA GLY A 476 -28.25 -39.47 -8.48
C GLY A 476 -27.99 -39.17 -7.02
N GLU A 477 -26.79 -39.48 -6.56
CA GLU A 477 -26.43 -39.20 -5.17
C GLU A 477 -24.95 -38.92 -5.01
N ILE A 478 -24.62 -37.67 -4.67
CA ILE A 478 -23.25 -37.29 -4.39
C ILE A 478 -23.04 -37.27 -2.88
N ALA A 479 -22.14 -38.11 -2.39
CA ALA A 479 -21.93 -38.26 -0.96
C ALA A 479 -21.16 -37.09 -0.37
N LEU A 480 -21.75 -36.45 0.63
CA LEU A 480 -21.11 -35.37 1.36
C LEU A 480 -20.92 -35.77 2.82
N CYS A 481 -19.95 -35.16 3.49
CA CYS A 481 -19.69 -35.47 4.88
C CYS A 481 -19.07 -34.28 5.62
N THR A 482 -19.65 -33.93 6.76
CA THR A 482 -19.14 -32.84 7.58
C THR A 482 -18.15 -33.38 8.62
N LEU A 483 -16.99 -32.75 8.72
CA LEU A 483 -15.91 -33.27 9.55
C LEU A 483 -15.73 -32.53 10.87
N SER A 484 -15.03 -33.17 11.80
CA SER A 484 -14.63 -32.60 13.08
C SER A 484 -13.69 -33.56 13.78
N ALA A 485 -13.19 -33.19 14.96
CA ALA A 485 -12.26 -34.05 15.68
C ALA A 485 -12.23 -33.76 17.18
N PHE A 486 -12.12 -34.81 17.98
CA PHE A 486 -11.93 -34.69 19.41
C PHE A 486 -10.44 -34.55 19.71
N ASN A 487 -10.10 -33.68 20.64
CA ASN A 487 -8.72 -33.50 21.04
C ASN A 487 -8.39 -34.35 22.27
N LEU A 488 -7.75 -35.50 22.03
CA LEU A 488 -7.50 -36.47 23.08
C LEU A 488 -6.49 -35.98 24.12
N GLY A 489 -5.74 -34.94 23.76
CA GLY A 489 -4.77 -34.38 24.68
C GLY A 489 -5.36 -33.24 25.50
N ALA A 490 -6.64 -32.98 25.31
CA ALA A 490 -7.32 -31.89 26.00
C ALA A 490 -8.43 -32.38 26.91
N ILE A 491 -8.56 -33.70 27.01
CA ILE A 491 -9.57 -34.29 27.88
C ILE A 491 -8.89 -35.00 29.05
N ASN A 492 -9.54 -35.01 30.20
CA ASN A 492 -8.99 -35.63 31.40
C ASN A 492 -9.38 -37.09 31.52
N ASN A 493 -10.49 -37.45 30.87
CA ASN A 493 -10.96 -38.83 30.85
C ASN A 493 -11.80 -39.10 29.61
N LEU A 494 -12.13 -40.36 29.39
CA LEU A 494 -12.87 -40.75 28.19
C LEU A 494 -14.36 -40.45 28.34
N ASP A 495 -14.81 -40.28 29.59
CA ASP A 495 -16.22 -40.02 29.86
C ASP A 495 -16.58 -38.56 29.59
N GLU A 496 -15.57 -37.74 29.32
CA GLU A 496 -15.80 -36.35 28.94
C GLU A 496 -16.34 -36.29 27.52
N LEU A 497 -16.14 -37.38 26.78
CA LEU A 497 -16.56 -37.46 25.38
C LEU A 497 -18.08 -37.45 25.25
N GLU A 498 -18.78 -37.86 26.31
CA GLU A 498 -20.24 -37.88 26.31
C GLU A 498 -20.80 -36.49 26.08
N GLU A 499 -20.26 -35.51 26.80
CA GLU A 499 -20.68 -34.13 26.64
C GLU A 499 -20.17 -33.56 25.31
N LEU A 500 -18.95 -33.91 24.95
CA LEU A 500 -18.33 -33.39 23.74
C LEU A 500 -19.01 -33.93 22.48
N ALA A 501 -19.46 -35.18 22.54
CA ALA A 501 -20.14 -35.78 21.39
C ALA A 501 -21.50 -35.13 21.16
N ILE A 502 -22.20 -34.84 22.25
CA ILE A 502 -23.49 -34.16 22.17
C ILE A 502 -23.32 -32.79 21.52
N LEU A 503 -22.28 -32.08 21.92
CA LEU A 503 -22.00 -30.76 21.36
C LEU A 503 -21.50 -30.85 19.92
N ALA A 504 -20.70 -31.87 19.63
CA ALA A 504 -20.11 -32.04 18.30
C ALA A 504 -21.16 -32.44 17.27
N VAL A 505 -21.92 -33.48 17.57
CA VAL A 505 -22.91 -34.01 16.64
C VAL A 505 -24.01 -32.99 16.35
N ARG A 506 -24.55 -32.38 17.40
CA ARG A 506 -25.63 -31.41 17.25
C ARG A 506 -25.21 -30.18 16.44
N ALA A 507 -23.95 -29.80 16.58
CA ALA A 507 -23.42 -28.64 15.85
C ALA A 507 -23.28 -28.95 14.37
N LEU A 508 -22.68 -30.10 14.06
CA LEU A 508 -22.46 -30.51 12.68
C LEU A 508 -23.77 -30.83 11.98
N ASP A 509 -24.69 -31.46 12.70
CA ASP A 509 -25.99 -31.81 12.15
C ASP A 509 -26.78 -30.56 11.81
N ALA A 510 -26.57 -29.51 12.59
CA ALA A 510 -27.24 -28.24 12.36
C ALA A 510 -26.63 -27.52 11.16
N LEU A 511 -25.37 -27.81 10.87
CA LEU A 511 -24.68 -27.20 9.74
C LEU A 511 -25.23 -27.75 8.43
N LEU A 512 -25.68 -29.00 8.46
CA LEU A 512 -26.25 -29.64 7.27
C LEU A 512 -27.46 -28.87 6.77
N ASP A 513 -28.23 -28.31 7.69
CA ASP A 513 -29.39 -27.51 7.34
C ASP A 513 -29.02 -26.03 7.18
N TYR A 514 -27.74 -25.74 7.40
CA TYR A 514 -27.26 -24.36 7.35
C TYR A 514 -26.56 -24.07 6.03
N GLN A 515 -25.70 -24.99 5.61
CA GLN A 515 -24.92 -24.83 4.38
C GLN A 515 -25.78 -24.96 3.13
N ASP A 516 -25.25 -24.53 2.00
CA ASP A 516 -25.95 -24.63 0.72
C ASP A 516 -25.47 -25.83 -0.07
N TYR A 517 -26.26 -26.23 -1.07
CA TYR A 517 -25.92 -27.36 -1.91
C TYR A 517 -26.08 -26.99 -3.38
N PRO A 518 -24.96 -26.81 -4.08
CA PRO A 518 -24.95 -26.37 -5.48
C PRO A 518 -25.45 -27.45 -6.43
N ILE A 519 -25.51 -28.69 -5.96
CA ILE A 519 -25.94 -29.82 -6.78
C ILE A 519 -27.04 -30.61 -6.09
N PRO A 520 -28.19 -30.77 -6.77
CA PRO A 520 -29.37 -31.48 -6.25
C PRO A 520 -29.05 -32.87 -5.73
N ALA A 521 -28.20 -33.60 -6.45
CA ALA A 521 -27.85 -34.97 -6.09
C ALA A 521 -27.00 -35.01 -4.81
N ALA A 522 -26.30 -33.92 -4.53
CA ALA A 522 -25.48 -33.83 -3.33
C ALA A 522 -26.35 -33.54 -2.12
N LYS A 523 -27.37 -32.73 -2.31
CA LYS A 523 -28.31 -32.40 -1.23
C LYS A 523 -29.11 -33.63 -0.83
N ARG A 524 -29.39 -34.49 -1.80
CA ARG A 524 -30.15 -35.71 -1.56
C ARG A 524 -29.46 -36.63 -0.57
N GLY A 525 -28.15 -36.77 -0.71
CA GLY A 525 -27.38 -37.62 0.17
C GLY A 525 -27.20 -36.99 1.54
N ALA A 526 -27.03 -35.67 1.55
CA ALA A 526 -26.81 -34.94 2.79
C ALA A 526 -28.06 -34.90 3.66
N MET A 527 -29.21 -34.69 3.03
CA MET A 527 -30.47 -34.62 3.78
C MET A 527 -31.03 -36.00 4.10
N GLY A 528 -30.67 -36.98 3.27
CA GLY A 528 -31.19 -38.32 3.42
C GLY A 528 -30.53 -39.10 4.55
N ARG A 529 -29.20 -39.06 4.60
CA ARG A 529 -28.46 -39.84 5.58
C ARG A 529 -27.85 -38.97 6.68
N ARG A 530 -27.64 -37.69 6.38
CA ARG A 530 -27.05 -36.75 7.34
C ARG A 530 -25.74 -37.28 7.88
N THR A 531 -24.89 -37.75 6.98
CA THR A 531 -23.62 -38.37 7.35
C THR A 531 -22.65 -37.39 8.00
N LEU A 532 -22.06 -37.82 9.11
CA LEU A 532 -21.03 -37.04 9.79
C LEU A 532 -19.73 -37.82 9.81
N GLY A 533 -18.63 -37.13 10.11
CA GLY A 533 -17.33 -37.76 10.18
C GLY A 533 -16.45 -37.09 11.22
N ILE A 534 -16.55 -37.55 12.46
CA ILE A 534 -15.75 -36.99 13.54
C ILE A 534 -14.57 -37.89 13.88
N GLY A 535 -13.38 -37.33 13.87
CA GLY A 535 -12.17 -38.09 14.14
C GLY A 535 -11.48 -37.64 15.41
N VAL A 536 -10.16 -37.80 15.46
CA VAL A 536 -9.37 -37.40 16.62
C VAL A 536 -8.04 -36.77 16.23
N ILE A 537 -7.51 -35.95 17.12
CA ILE A 537 -6.17 -35.41 16.99
C ILE A 537 -5.42 -35.60 18.30
N ASN A 538 -4.12 -35.31 18.29
CA ASN A 538 -3.26 -35.47 19.47
C ASN A 538 -3.28 -36.88 20.03
N PHE A 539 -3.29 -37.88 19.15
CA PHE A 539 -3.29 -39.28 19.58
C PHE A 539 -1.90 -39.71 20.01
N ALA A 540 -0.88 -39.17 19.36
CA ALA A 540 0.51 -39.48 19.70
C ALA A 540 0.84 -38.98 21.09
N TYR A 541 0.38 -37.77 21.39
CA TYR A 541 0.55 -37.18 22.71
C TYR A 541 -0.33 -37.89 23.73
N TYR A 542 -1.42 -38.46 23.26
CA TYR A 542 -2.34 -39.21 24.12
C TYR A 542 -1.69 -40.49 24.62
N LEU A 543 -0.87 -41.12 23.78
CA LEU A 543 -0.17 -42.33 24.16
C LEU A 543 1.02 -42.00 25.06
N ALA A 544 1.58 -40.81 24.87
CA ALA A 544 2.72 -40.36 25.66
C ALA A 544 2.32 -40.12 27.12
N LYS A 545 1.12 -39.56 27.32
CA LYS A 545 0.64 -39.29 28.66
C LYS A 545 0.40 -40.59 29.43
N HIS A 546 -0.01 -41.63 28.71
CA HIS A 546 -0.28 -42.92 29.32
C HIS A 546 0.94 -43.82 29.25
N GLY A 547 2.03 -43.29 28.72
CA GLY A 547 3.28 -44.02 28.64
C GLY A 547 3.24 -45.23 27.73
N LYS A 548 2.48 -45.12 26.64
CA LYS A 548 2.39 -46.20 25.68
C LYS A 548 3.14 -45.84 24.39
N ARG A 549 3.27 -46.82 23.50
CA ARG A 549 3.97 -46.61 22.24
C ARG A 549 3.21 -47.22 21.07
N TYR A 550 3.73 -47.04 19.86
CA TYR A 550 3.06 -47.53 18.66
C TYR A 550 3.46 -48.95 18.32
N SER A 551 4.77 -49.18 18.18
CA SER A 551 5.30 -50.42 17.61
C SER A 551 5.24 -51.62 18.54
N ASP A 552 5.45 -51.39 19.83
CA ASP A 552 5.50 -52.48 20.80
C ASP A 552 4.14 -53.14 21.02
N GLY A 553 3.08 -52.44 20.63
CA GLY A 553 1.74 -52.95 20.79
C GLY A 553 1.26 -52.82 22.23
N SER A 554 1.81 -51.84 22.94
CA SER A 554 1.44 -51.60 24.33
C SER A 554 0.21 -50.70 24.40
N ALA A 555 -0.17 -50.12 23.28
CA ALA A 555 -1.30 -49.21 23.23
C ALA A 555 -2.54 -49.87 22.64
N ASN A 556 -2.44 -51.17 22.39
CA ASN A 556 -3.55 -51.91 21.78
C ASN A 556 -4.81 -51.90 22.63
N ASN A 557 -4.67 -52.26 23.90
CA ASN A 557 -5.82 -52.29 24.82
C ASN A 557 -6.30 -50.88 25.14
N LEU A 558 -5.37 -49.94 25.22
CA LEU A 558 -5.72 -48.55 25.49
C LEU A 558 -6.51 -47.95 24.34
N THR A 559 -6.06 -48.25 23.12
CA THR A 559 -6.74 -47.78 21.91
C THR A 559 -8.15 -48.36 21.84
N HIS A 560 -8.28 -49.63 22.18
CA HIS A 560 -9.57 -50.31 22.16
C HIS A 560 -10.51 -49.66 23.16
N LYS A 561 -10.00 -49.27 24.32
CA LYS A 561 -10.79 -48.61 25.34
C LYS A 561 -11.19 -47.20 24.89
N THR A 562 -10.25 -46.51 24.27
CA THR A 562 -10.46 -45.12 23.86
C THR A 562 -11.51 -44.99 22.76
N PHE A 563 -11.28 -45.66 21.64
CA PHE A 563 -12.16 -45.53 20.48
C PHE A 563 -13.53 -46.20 20.68
N GLU A 564 -13.65 -47.02 21.71
CA GLU A 564 -14.95 -47.55 22.09
C GLU A 564 -15.79 -46.42 22.68
N ALA A 565 -15.17 -45.66 23.58
CA ALA A 565 -15.83 -44.54 24.22
C ALA A 565 -16.21 -43.46 23.21
N ILE A 566 -15.36 -43.30 22.20
CA ILE A 566 -15.64 -42.35 21.13
C ILE A 566 -16.91 -42.72 20.39
N GLN A 567 -16.92 -43.93 19.83
CA GLN A 567 -18.05 -44.39 19.02
C GLN A 567 -19.34 -44.49 19.83
N TYR A 568 -19.23 -45.00 21.06
CA TYR A 568 -20.40 -45.17 21.91
C TYR A 568 -21.05 -43.82 22.22
N TYR A 569 -20.26 -42.87 22.67
CA TYR A 569 -20.77 -41.55 23.02
C TYR A 569 -21.22 -40.79 21.78
N LEU A 570 -20.60 -41.09 20.63
CA LEU A 570 -21.03 -40.50 19.37
C LEU A 570 -22.40 -41.02 18.96
N LEU A 571 -22.55 -42.34 18.98
CA LEU A 571 -23.83 -42.96 18.65
C LEU A 571 -24.92 -42.55 19.61
N LYS A 572 -24.60 -42.56 20.90
CA LYS A 572 -25.56 -42.20 21.94
C LYS A 572 -26.01 -40.75 21.80
N ALA A 573 -25.09 -39.88 21.39
CA ALA A 573 -25.42 -38.48 21.17
C ALA A 573 -26.39 -38.33 20.00
N SER A 574 -26.11 -39.05 18.92
CA SER A 574 -26.95 -39.02 17.73
C SER A 574 -28.27 -39.75 17.96
N ASN A 575 -28.22 -40.80 18.78
CA ASN A 575 -29.41 -41.59 19.09
C ASN A 575 -30.47 -40.79 19.85
N GLU A 576 -30.03 -40.05 20.87
CA GLU A 576 -30.94 -39.19 21.62
C GLU A 576 -31.35 -37.99 20.78
N LEU A 577 -30.52 -37.62 19.81
CA LEU A 577 -30.84 -36.53 18.90
C LEU A 577 -31.98 -36.98 17.98
N ALA A 578 -32.02 -38.27 17.70
CA ALA A 578 -33.08 -38.85 16.89
C ALA A 578 -34.38 -38.92 17.67
N LYS A 579 -34.29 -38.98 19.00
CA LYS A 579 -35.48 -38.96 19.84
C LYS A 579 -36.09 -37.57 19.86
N GLU A 580 -35.24 -36.56 19.73
CA GLU A 580 -35.66 -35.18 19.85
C GLU A 580 -36.13 -34.60 18.52
N GLN A 581 -35.35 -34.83 17.46
CA GLN A 581 -35.64 -34.20 16.17
C GLN A 581 -35.94 -35.21 15.06
N GLY A 582 -35.97 -36.49 15.41
CA GLY A 582 -36.28 -37.53 14.45
C GLY A 582 -35.05 -38.06 13.73
N ALA A 583 -35.06 -39.34 13.41
CA ALA A 583 -33.93 -39.96 12.71
C ALA A 583 -33.86 -39.48 11.28
N CYS A 584 -32.72 -39.74 10.63
CA CYS A 584 -32.54 -39.36 9.24
C CYS A 584 -33.50 -40.15 8.35
N PRO A 585 -34.01 -39.52 7.28
CA PRO A 585 -34.98 -40.14 6.38
C PRO A 585 -34.55 -41.50 5.83
N TRP A 586 -33.29 -41.63 5.48
CA TRP A 586 -32.78 -42.87 4.87
C TRP A 586 -32.07 -43.75 5.89
N PHE A 587 -32.59 -43.77 7.11
CA PHE A 587 -32.00 -44.58 8.18
C PHE A 587 -32.24 -46.06 7.96
N ASN A 588 -33.30 -46.38 7.21
CA ASN A 588 -33.66 -47.78 6.96
C ASN A 588 -32.66 -48.51 6.09
N GLU A 589 -31.74 -47.76 5.48
CA GLU A 589 -30.72 -48.36 4.63
C GLU A 589 -29.43 -48.63 5.41
N THR A 590 -29.48 -48.36 6.72
CA THR A 590 -28.31 -48.57 7.56
C THR A 590 -28.39 -49.89 8.31
N THR A 591 -27.23 -50.41 8.71
CA THR A 591 -27.18 -51.65 9.48
C THR A 591 -27.65 -51.41 10.91
N TYR A 592 -27.56 -50.16 11.35
CA TYR A 592 -28.02 -49.79 12.68
C TYR A 592 -29.52 -50.04 12.83
N ALA A 593 -30.24 -49.85 11.73
CA ALA A 593 -31.69 -50.02 11.71
C ALA A 593 -32.09 -51.46 12.01
N LYS A 594 -31.23 -52.40 11.60
CA LYS A 594 -31.48 -53.81 11.85
C LYS A 594 -30.82 -54.25 13.15
N GLY A 595 -30.29 -53.28 13.90
CA GLY A 595 -29.69 -53.55 15.19
C GLY A 595 -28.31 -54.16 15.09
N ILE A 596 -27.57 -53.80 14.05
CA ILE A 596 -26.22 -54.29 13.86
C ILE A 596 -25.20 -53.22 14.24
N LEU A 597 -24.41 -53.49 15.26
CA LEU A 597 -23.41 -52.55 15.76
C LEU A 597 -22.03 -52.90 15.21
N PRO A 598 -21.11 -51.93 15.18
CA PRO A 598 -19.73 -52.17 14.73
C PRO A 598 -19.05 -53.29 15.53
N ILE A 599 -19.53 -53.55 16.74
CA ILE A 599 -18.96 -54.59 17.58
C ILE A 599 -19.46 -55.98 17.19
N ASP A 600 -20.22 -56.05 16.10
CA ASP A 600 -20.76 -57.32 15.63
C ASP A 600 -20.14 -57.76 14.30
N THR A 601 -19.65 -56.81 13.53
CA THR A 601 -19.16 -57.11 12.18
C THR A 601 -17.69 -56.75 11.97
N TYR A 602 -16.95 -56.60 13.06
CA TYR A 602 -15.52 -56.27 12.97
C TYR A 602 -14.71 -57.49 12.55
N LYS A 603 -13.48 -57.23 12.09
CA LYS A 603 -12.58 -58.31 11.70
C LYS A 603 -12.19 -59.13 12.93
N LYS A 604 -12.52 -60.42 12.91
CA LYS A 604 -12.34 -61.28 14.07
C LYS A 604 -10.86 -61.53 14.43
N ASP A 605 -9.96 -61.13 13.54
CA ASP A 605 -8.53 -61.29 13.80
C ASP A 605 -8.02 -60.28 14.83
N LEU A 606 -8.87 -59.32 15.17
CA LEU A 606 -8.52 -58.30 16.16
C LEU A 606 -8.52 -58.86 17.57
N ASP A 607 -9.17 -60.01 17.75
CA ASP A 607 -9.28 -60.62 19.07
C ASP A 607 -7.95 -61.22 19.53
N THR A 608 -7.00 -61.33 18.61
CA THR A 608 -5.70 -61.90 18.90
C THR A 608 -4.66 -60.84 19.28
N ILE A 609 -5.06 -59.57 19.19
CA ILE A 609 -4.14 -58.48 19.50
C ILE A 609 -4.70 -57.50 20.53
N ALA A 610 -5.87 -57.83 21.08
CA ALA A 610 -6.51 -56.99 22.10
C ALA A 610 -7.49 -57.80 22.92
N ASN A 611 -7.42 -57.63 24.24
CA ASN A 611 -8.33 -58.34 25.15
C ASN A 611 -9.09 -57.39 26.05
N GLU A 612 -9.06 -56.11 25.71
CA GLU A 612 -9.79 -55.10 26.47
C GLU A 612 -11.29 -55.29 26.30
N PRO A 613 -12.02 -55.42 27.41
CA PRO A 613 -13.47 -55.62 27.38
C PRO A 613 -14.25 -54.34 27.11
N LEU A 614 -15.51 -54.48 26.74
CA LEU A 614 -16.37 -53.33 26.52
C LEU A 614 -16.81 -52.73 27.85
N HIS A 615 -16.69 -51.41 27.98
CA HIS A 615 -16.96 -50.73 29.24
C HIS A 615 -18.32 -50.04 29.27
N TYR A 616 -19.06 -50.11 28.16
CA TYR A 616 -20.32 -49.39 28.06
C TYR A 616 -21.47 -50.31 27.67
N ASP A 617 -22.69 -49.89 27.99
CA ASP A 617 -23.87 -50.69 27.73
C ASP A 617 -24.31 -50.57 26.26
N TRP A 618 -23.73 -51.40 25.41
CA TRP A 618 -24.06 -51.38 23.98
C TRP A 618 -25.43 -52.00 23.70
N GLU A 619 -25.80 -53.00 24.50
CA GLU A 619 -27.06 -53.70 24.29
C GLU A 619 -28.25 -52.79 24.58
N ALA A 620 -28.09 -51.85 25.50
CA ALA A 620 -29.12 -50.86 25.76
C ALA A 620 -29.15 -49.86 24.61
N LEU A 621 -27.97 -49.59 24.05
CA LEU A 621 -27.86 -48.70 22.90
C LEU A 621 -28.43 -49.36 21.65
N ARG A 622 -28.23 -50.67 21.53
CA ARG A 622 -28.69 -51.43 20.39
C ARG A 622 -30.21 -51.36 20.24
N GLU A 623 -30.91 -51.55 21.35
CA GLU A 623 -32.37 -51.52 21.34
C GLU A 623 -32.89 -50.10 21.13
N SER A 624 -32.14 -49.12 21.61
CA SER A 624 -32.53 -47.72 21.46
C SER A 624 -32.37 -47.26 20.02
N ILE A 625 -31.46 -47.89 19.29
CA ILE A 625 -31.26 -47.55 17.89
C ILE A 625 -32.32 -48.20 17.01
N LYS A 626 -32.68 -49.45 17.30
CA LYS A 626 -33.74 -50.12 16.55
C LYS A 626 -35.06 -49.37 16.65
N THR A 627 -35.28 -48.72 17.78
CA THR A 627 -36.56 -48.07 18.05
C THR A 627 -36.59 -46.61 17.62
N HIS A 628 -35.62 -45.82 18.08
CA HIS A 628 -35.62 -44.38 17.84
C HIS A 628 -34.76 -44.00 16.65
N GLY A 629 -33.77 -44.83 16.33
CA GLY A 629 -32.92 -44.59 15.18
C GLY A 629 -31.75 -43.66 15.46
N LEU A 630 -31.02 -43.32 14.40
CA LEU A 630 -29.92 -42.38 14.51
C LEU A 630 -30.17 -41.16 13.64
N ARG A 631 -29.78 -40.00 14.15
CA ARG A 631 -29.91 -38.76 13.39
C ARG A 631 -28.94 -38.79 12.22
N ASN A 632 -27.84 -39.52 12.40
CA ASN A 632 -26.81 -39.61 11.39
C ASN A 632 -26.44 -41.05 11.07
N SER A 633 -26.30 -41.37 9.79
CA SER A 633 -25.95 -42.71 9.36
C SER A 633 -24.50 -43.05 9.74
N THR A 634 -23.63 -42.06 9.66
CA THR A 634 -22.24 -42.21 10.08
C THR A 634 -21.85 -41.08 11.01
N LEU A 635 -20.84 -41.32 11.85
CA LEU A 635 -20.43 -40.32 12.82
C LEU A 635 -18.91 -40.24 12.98
N SER A 636 -18.25 -41.39 12.89
CA SER A 636 -16.82 -41.46 13.13
C SER A 636 -16.02 -41.72 11.86
N ALA A 637 -14.94 -40.95 11.69
CA ALA A 637 -14.03 -41.12 10.57
C ALA A 637 -12.72 -40.41 10.90
N LEU A 638 -11.62 -41.15 10.85
CA LEU A 638 -10.32 -40.59 11.24
C LEU A 638 -9.61 -39.95 10.06
N MET A 639 -9.72 -38.63 9.97
CA MET A 639 -9.14 -37.87 8.85
C MET A 639 -7.81 -37.26 9.26
N PRO A 640 -6.98 -36.91 8.25
CA PRO A 640 -5.74 -36.18 8.54
C PRO A 640 -6.05 -34.76 8.99
N SER A 641 -5.23 -34.23 9.90
CA SER A 641 -5.42 -32.86 10.37
C SER A 641 -4.07 -32.17 10.50
N GLU A 642 -3.78 -31.28 9.55
CA GLU A 642 -2.52 -30.56 9.54
C GLU A 642 -2.73 -29.08 9.89
N THR A 643 -3.92 -28.57 9.57
CA THR A 643 -4.24 -27.17 9.84
C THR A 643 -4.94 -27.02 11.18
N SER A 644 -5.94 -27.86 11.42
CA SER A 644 -6.74 -27.79 12.64
C SER A 644 -5.95 -28.26 13.87
N SER A 645 -4.91 -29.05 13.64
CA SER A 645 -4.10 -29.57 14.73
C SER A 645 -3.15 -28.52 15.28
N GLN A 646 -2.63 -27.66 14.42
CA GLN A 646 -1.70 -26.62 14.83
C GLN A 646 -2.35 -25.59 15.74
N ILE A 647 -3.66 -25.42 15.57
CA ILE A 647 -4.42 -24.48 16.40
C ILE A 647 -4.43 -24.93 17.85
N SER A 648 -4.66 -26.21 18.07
CA SER A 648 -4.72 -26.77 19.42
C SER A 648 -3.34 -27.25 19.88
N ASN A 649 -2.33 -26.93 19.09
CA ASN A 649 -0.96 -27.40 19.33
C ASN A 649 -0.94 -28.91 19.50
N ALA A 650 -1.65 -29.60 18.63
CA ALA A 650 -1.79 -31.05 18.72
C ALA A 650 -0.92 -31.74 17.67
N THR A 651 -0.74 -33.05 17.85
CA THR A 651 -0.02 -33.84 16.86
C THR A 651 -0.97 -34.12 15.68
N ASN A 652 -0.42 -34.20 14.48
CA ASN A 652 -1.23 -34.35 13.28
C ASN A 652 -2.03 -35.64 13.26
N GLY A 653 -3.28 -35.55 13.72
CA GLY A 653 -4.19 -36.69 13.74
C GLY A 653 -3.72 -37.81 14.64
N ILE A 654 -3.75 -39.04 14.12
CA ILE A 654 -3.31 -40.20 14.87
C ILE A 654 -1.86 -40.54 14.54
N GLU A 655 -1.30 -39.81 13.57
CA GLU A 655 0.07 -40.04 13.15
C GLU A 655 1.06 -39.54 14.19
N PRO A 656 2.18 -40.27 14.37
CA PRO A 656 3.23 -39.84 15.28
C PRO A 656 4.07 -38.72 14.68
N PRO A 657 4.61 -37.82 15.51
CA PRO A 657 5.42 -36.70 15.03
C PRO A 657 6.74 -37.15 14.43
N ARG A 658 7.20 -36.47 13.39
CA ARG A 658 8.47 -36.79 12.76
C ARG A 658 9.65 -36.25 13.56
N GLY A 659 9.35 -35.33 14.47
CA GLY A 659 10.37 -34.74 15.33
C GLY A 659 9.73 -34.03 16.51
N TYR A 660 10.54 -33.71 17.51
CA TYR A 660 10.05 -33.02 18.69
C TYR A 660 9.69 -31.57 18.35
N VAL A 661 10.38 -31.00 17.37
CA VAL A 661 10.10 -29.65 16.91
C VAL A 661 9.97 -29.59 15.39
N SER A 662 8.83 -29.11 14.92
CA SER A 662 8.58 -29.02 13.48
C SER A 662 8.97 -27.66 12.93
N ILE A 663 9.76 -27.67 11.86
CA ILE A 663 10.21 -26.43 11.23
C ILE A 663 9.48 -26.22 9.90
N LYS A 664 8.76 -25.11 9.80
CA LYS A 664 8.02 -24.79 8.58
C LYS A 664 8.17 -23.32 8.22
N ALA A 665 8.75 -23.05 7.05
CA ALA A 665 8.99 -21.70 6.58
C ALA A 665 7.67 -20.97 6.28
N SER A 666 7.71 -19.64 6.35
CA SER A 666 6.53 -18.84 6.11
C SER A 666 6.90 -17.45 5.58
N LYS A 667 5.89 -16.60 5.44
CA LYS A 667 6.09 -15.25 4.92
C LYS A 667 6.71 -14.33 5.97
N ASP A 668 6.47 -14.64 7.25
CA ASP A 668 6.98 -13.84 8.34
C ASP A 668 8.18 -14.50 9.02
N GLY A 669 8.84 -15.40 8.30
CA GLY A 669 10.00 -16.08 8.82
C GLY A 669 9.75 -17.56 9.07
N ILE A 670 10.62 -18.18 9.85
CA ILE A 670 10.49 -19.60 10.16
C ILE A 670 9.63 -19.83 11.39
N LEU A 671 8.54 -20.58 11.21
CA LEU A 671 7.63 -20.88 12.31
C LEU A 671 8.02 -22.20 12.97
N ARG A 672 8.21 -22.17 14.29
CA ARG A 672 8.60 -23.37 15.03
C ARG A 672 7.50 -23.82 15.98
N GLN A 673 7.23 -25.13 15.98
CA GLN A 673 6.21 -25.69 16.84
C GLN A 673 6.75 -26.89 17.62
N VAL A 674 6.62 -26.83 18.94
CA VAL A 674 7.10 -27.90 19.80
C VAL A 674 5.96 -28.84 20.17
N VAL A 675 6.24 -30.14 20.21
CA VAL A 675 5.25 -31.13 20.61
C VAL A 675 4.74 -30.83 22.01
N PRO A 676 3.44 -31.09 22.26
CA PRO A 676 2.82 -30.75 23.55
C PRO A 676 3.45 -31.46 24.74
N ASP A 677 3.78 -30.68 25.77
CA ASP A 677 4.36 -31.20 27.01
C ASP A 677 5.65 -31.97 26.75
N TYR A 678 6.59 -31.33 26.05
CA TYR A 678 7.87 -31.95 25.73
C TYR A 678 8.77 -32.04 26.95
N GLU A 679 8.57 -31.12 27.89
CA GLU A 679 9.41 -31.04 29.08
C GLU A 679 9.28 -32.28 29.96
N HIS A 680 8.12 -32.91 29.95
CA HIS A 680 7.86 -34.05 30.82
C HIS A 680 7.74 -35.36 30.06
N LEU A 681 7.65 -35.29 28.74
CA LEU A 681 7.44 -36.49 27.93
C LEU A 681 8.43 -36.61 26.78
N HIS A 682 9.64 -36.09 26.97
CA HIS A 682 10.65 -36.10 25.92
C HIS A 682 11.10 -37.52 25.57
N ASP A 683 10.99 -38.43 26.54
CA ASP A 683 11.34 -39.82 26.31
C ASP A 683 10.10 -40.69 26.11
N ALA A 684 8.95 -40.15 26.49
CA ALA A 684 7.69 -40.87 26.36
C ALA A 684 7.24 -40.95 24.91
N TYR A 685 7.59 -39.93 24.14
CA TYR A 685 7.22 -39.87 22.73
C TYR A 685 7.94 -40.95 21.91
N GLU A 686 7.30 -41.35 20.82
CA GLU A 686 7.93 -42.24 19.85
C GLU A 686 7.84 -41.61 18.47
N LEU A 687 8.95 -41.07 17.99
CA LEU A 687 8.98 -40.38 16.70
C LEU A 687 8.70 -41.35 15.55
N LEU A 688 8.47 -40.79 14.37
CA LEU A 688 8.10 -41.59 13.21
C LEU A 688 9.21 -42.56 12.78
N TRP A 689 10.44 -42.05 12.71
CA TRP A 689 11.55 -42.86 12.21
C TRP A 689 12.24 -43.62 13.32
N GLU A 690 11.68 -43.57 14.53
CA GLU A 690 12.18 -44.36 15.64
C GLU A 690 11.42 -45.67 15.76
N MET A 691 10.58 -45.95 14.77
CA MET A 691 9.77 -47.16 14.78
C MET A 691 10.37 -48.24 13.89
N PRO A 692 10.38 -49.49 14.37
CA PRO A 692 10.89 -50.65 13.64
C PRO A 692 10.18 -50.88 12.31
N GLY A 693 8.86 -51.00 12.36
CA GLY A 693 8.08 -51.23 11.16
C GLY A 693 6.67 -50.68 11.26
N ASN A 694 5.81 -51.11 10.34
CA ASN A 694 4.43 -50.64 10.31
C ASN A 694 3.50 -51.59 11.04
N ASP A 695 4.04 -52.72 11.48
CA ASP A 695 3.25 -53.76 12.14
C ASP A 695 2.56 -53.24 13.39
N GLY A 696 3.29 -52.46 14.18
CA GLY A 696 2.74 -51.91 15.41
C GLY A 696 1.68 -50.87 15.12
N TYR A 697 1.90 -50.06 14.09
CA TYR A 697 0.98 -49.00 13.73
C TYR A 697 -0.32 -49.54 13.13
N LEU A 698 -0.19 -50.47 12.17
CA LEU A 698 -1.34 -51.02 11.49
C LEU A 698 -2.25 -51.80 12.45
N GLN A 699 -1.65 -52.38 13.48
CA GLN A 699 -2.43 -53.09 14.49
C GLN A 699 -3.32 -52.12 15.25
N LEU A 700 -2.79 -50.94 15.58
CA LEU A 700 -3.57 -49.92 16.25
C LEU A 700 -4.69 -49.42 15.36
N VAL A 701 -4.37 -49.18 14.09
CA VAL A 701 -5.36 -48.73 13.11
C VAL A 701 -6.49 -49.74 12.97
N GLY A 702 -6.11 -51.02 12.92
CA GLY A 702 -7.09 -52.09 12.81
C GLY A 702 -8.05 -52.10 13.98
N ILE A 703 -7.53 -51.81 15.17
CA ILE A 703 -8.36 -51.77 16.38
C ILE A 703 -9.31 -50.59 16.35
N MET A 704 -8.85 -49.45 15.84
CA MET A 704 -9.70 -48.28 15.70
C MET A 704 -10.86 -48.55 14.75
N GLN A 705 -10.57 -49.25 13.66
CA GLN A 705 -11.56 -49.54 12.63
C GLN A 705 -12.72 -50.37 13.15
N LYS A 706 -12.50 -51.06 14.27
CA LYS A 706 -13.54 -51.87 14.90
C LYS A 706 -14.75 -51.04 15.30
N PHE A 707 -14.52 -49.77 15.62
CA PHE A 707 -15.59 -48.89 16.08
C PHE A 707 -15.88 -47.77 15.09
N ILE A 708 -14.88 -47.38 14.30
CA ILE A 708 -15.04 -46.31 13.33
C ILE A 708 -16.03 -46.69 12.24
N ASP A 709 -17.03 -45.85 12.03
CA ASP A 709 -18.05 -46.09 11.01
C ASP A 709 -17.46 -46.14 9.60
N GLN A 710 -16.67 -45.14 9.25
CA GLN A 710 -16.12 -45.05 7.91
C GLN A 710 -14.71 -45.65 7.85
N SER A 711 -13.76 -44.88 7.32
CA SER A 711 -12.40 -45.39 7.17
C SER A 711 -11.38 -44.53 7.90
N ILE A 712 -10.11 -44.93 7.82
CA ILE A 712 -9.03 -44.24 8.49
C ILE A 712 -7.92 -43.92 7.50
N SER A 713 -7.41 -42.69 7.54
CA SER A 713 -6.32 -42.30 6.67
C SER A 713 -4.99 -42.81 7.22
N ALA A 714 -4.81 -44.13 7.18
CA ALA A 714 -3.62 -44.76 7.72
C ALA A 714 -2.45 -44.63 6.76
N ASN A 715 -1.28 -44.30 7.29
CA ASN A 715 -0.07 -44.16 6.48
C ASN A 715 0.91 -45.30 6.73
N THR A 716 1.62 -45.71 5.68
CA THR A 716 2.69 -46.67 5.81
C THR A 716 4.03 -45.93 5.73
N ASN A 717 4.96 -46.29 6.60
CA ASN A 717 6.24 -45.58 6.67
C ASN A 717 7.42 -46.52 6.51
N TYR A 718 8.45 -46.06 5.79
CA TYR A 718 9.64 -46.87 5.55
C TYR A 718 10.91 -46.04 5.54
N ASP A 719 11.96 -46.56 6.17
CA ASP A 719 13.27 -45.92 6.16
C ASP A 719 14.26 -46.82 5.42
N PRO A 720 14.73 -46.36 4.25
CA PRO A 720 15.67 -47.12 3.41
C PRO A 720 16.97 -47.47 4.14
N SER A 721 17.31 -46.69 5.17
CA SER A 721 18.53 -46.92 5.93
C SER A 721 18.42 -48.16 6.82
N ARG A 722 17.19 -48.53 7.17
CA ARG A 722 16.96 -49.70 8.00
C ARG A 722 16.93 -50.98 7.16
N PHE A 723 17.06 -50.82 5.86
CA PHE A 723 17.07 -51.97 4.94
C PHE A 723 18.41 -52.06 4.23
N PRO A 724 18.88 -53.30 3.98
CA PRO A 724 20.16 -53.53 3.30
C PRO A 724 20.16 -52.97 1.87
N SER A 725 21.32 -52.58 1.39
CA SER A 725 21.51 -52.01 0.05
C SER A 725 20.72 -50.71 -0.16
N GLY A 726 20.22 -50.14 0.93
CA GLY A 726 19.52 -48.87 0.88
C GLY A 726 18.26 -48.87 0.04
N LYS A 727 17.63 -50.02 -0.12
CA LYS A 727 16.41 -50.12 -0.91
C LYS A 727 15.38 -51.01 -0.22
N VAL A 728 14.13 -50.55 -0.20
CA VAL A 728 13.03 -51.28 0.43
C VAL A 728 12.58 -52.44 -0.43
N PRO A 729 12.66 -53.67 0.12
CA PRO A 729 12.29 -54.89 -0.61
C PRO A 729 10.78 -54.98 -0.86
N MET A 730 10.41 -55.59 -1.98
CA MET A 730 9.00 -55.76 -2.34
C MET A 730 8.31 -56.69 -1.34
N GLN A 731 9.08 -57.60 -0.77
CA GLN A 731 8.56 -58.58 0.18
C GLN A 731 7.99 -57.90 1.43
N GLN A 732 8.61 -56.80 1.82
CA GLN A 732 8.17 -56.06 3.01
C GLN A 732 6.91 -55.26 2.72
N LEU A 733 6.83 -54.69 1.52
CA LEU A 733 5.67 -53.90 1.12
C LEU A 733 4.41 -54.76 1.10
N LEU A 734 4.54 -55.96 0.52
CA LEU A 734 3.43 -56.90 0.45
C LEU A 734 3.12 -57.47 1.83
N LYS A 735 4.14 -57.55 2.67
CA LYS A 735 3.98 -58.05 4.03
C LYS A 735 3.06 -57.15 4.85
N ASP A 736 3.36 -55.85 4.84
CA ASP A 736 2.58 -54.87 5.58
C ASP A 736 1.18 -54.70 4.98
N LEU A 737 1.09 -54.84 3.65
CA LEU A 737 -0.19 -54.73 2.96
C LEU A 737 -1.13 -55.85 3.37
N LEU A 738 -0.62 -57.09 3.39
CA LEU A 738 -1.41 -58.23 3.82
C LEU A 738 -1.66 -58.18 5.33
N THR A 739 -0.73 -57.57 6.06
CA THR A 739 -0.87 -57.39 7.49
C THR A 739 -2.04 -56.46 7.78
N ALA A 740 -2.15 -55.39 6.98
CA ALA A 740 -3.22 -54.42 7.14
C ALA A 740 -4.57 -55.06 6.85
N TYR A 741 -4.66 -55.79 5.74
CA TYR A 741 -5.89 -56.45 5.34
C TYR A 741 -6.31 -57.51 6.36
N LYS A 742 -5.31 -58.09 7.02
CA LYS A 742 -5.55 -59.15 7.99
C LYS A 742 -6.36 -58.65 9.18
N PHE A 743 -6.08 -57.42 9.60
CA PHE A 743 -6.73 -56.85 10.77
C PHE A 743 -7.92 -55.96 10.40
N GLY A 744 -8.37 -56.05 9.16
CA GLY A 744 -9.57 -55.37 8.72
C GLY A 744 -9.40 -53.89 8.39
N VAL A 745 -8.17 -53.49 8.07
CA VAL A 745 -7.91 -52.11 7.66
C VAL A 745 -8.58 -51.84 6.32
N LYS A 746 -9.42 -50.81 6.28
CA LYS A 746 -10.22 -50.53 5.08
C LYS A 746 -9.40 -49.87 3.98
N THR A 747 -8.64 -48.83 4.32
CA THR A 747 -7.88 -48.09 3.31
C THR A 747 -6.44 -47.80 3.73
N LEU A 748 -5.61 -47.48 2.76
CA LEU A 748 -4.23 -47.05 3.01
C LEU A 748 -3.94 -45.74 2.30
N TYR A 749 -3.49 -44.75 3.05
CA TYR A 749 -3.24 -43.41 2.52
C TYR A 749 -1.80 -43.30 2.00
N TYR A 750 -1.08 -42.30 2.50
CA TYR A 750 0.30 -42.05 2.06
C TYR A 750 1.23 -43.21 2.35
N GLN A 751 2.33 -43.27 1.61
CA GLN A 751 3.45 -44.13 1.97
C GLN A 751 4.70 -43.27 2.09
N ASN A 752 5.00 -42.83 3.30
CA ASN A 752 6.11 -41.92 3.54
C ASN A 752 7.46 -42.63 3.47
N THR A 753 8.29 -42.23 2.51
CA THR A 753 9.63 -42.78 2.36
C THR A 753 10.67 -41.74 2.74
N ARG A 754 11.43 -42.03 3.79
CA ARG A 754 12.44 -41.09 4.29
C ARG A 754 13.58 -40.92 3.28
N ASP A 755 14.05 -39.69 3.12
CA ASP A 755 15.15 -39.40 2.21
C ASP A 755 16.43 -39.06 2.97
N GLN B 22 7.96 -71.15 -68.24
CA GLN B 22 6.66 -70.56 -67.93
C GLN B 22 5.56 -71.62 -67.92
N ASN B 23 4.42 -71.27 -68.50
CA ASN B 23 3.26 -72.16 -68.58
C ASN B 23 2.78 -72.59 -67.19
N LEU B 24 3.08 -71.76 -66.19
CA LEU B 24 2.72 -72.02 -64.79
C LEU B 24 1.21 -72.12 -64.59
N LEU B 25 0.82 -72.58 -63.41
CA LEU B 25 -0.60 -72.76 -63.09
C LEU B 25 -1.09 -71.60 -62.22
N VAL B 26 -2.37 -71.28 -62.34
CA VAL B 26 -2.97 -70.23 -61.52
C VAL B 26 -4.09 -70.79 -60.65
N THR B 27 -4.45 -70.05 -59.61
CA THR B 27 -5.51 -70.48 -58.71
C THR B 27 -6.75 -69.61 -58.85
N LYS B 28 -7.84 -70.21 -59.31
CA LYS B 28 -9.10 -69.50 -59.49
C LYS B 28 -9.72 -69.18 -58.14
N ARG B 29 -10.85 -68.47 -58.16
CA ARG B 29 -11.50 -68.06 -56.92
C ARG B 29 -12.17 -69.22 -56.20
N ASP B 30 -12.78 -70.12 -56.96
CA ASP B 30 -13.50 -71.26 -56.39
C ASP B 30 -12.54 -72.28 -55.79
N GLY B 31 -11.26 -72.15 -56.13
CA GLY B 31 -10.25 -73.08 -55.64
C GLY B 31 -9.70 -73.94 -56.77
N SER B 32 -10.28 -73.80 -57.95
CA SER B 32 -9.85 -74.57 -59.11
C SER B 32 -8.48 -74.14 -59.59
N THR B 33 -7.93 -74.85 -60.57
CA THR B 33 -6.62 -74.52 -61.11
C THR B 33 -6.54 -74.82 -62.60
N GLU B 34 -6.07 -73.85 -63.37
CA GLU B 34 -5.92 -73.99 -64.81
C GLU B 34 -4.61 -73.35 -65.25
N ARG B 35 -4.09 -73.81 -66.39
CA ARG B 35 -2.86 -73.24 -66.94
C ARG B 35 -3.06 -71.76 -67.29
N ILE B 36 -2.01 -70.98 -67.07
CA ILE B 36 -2.09 -69.53 -67.21
C ILE B 36 -2.42 -69.12 -68.64
N ASN B 37 -3.28 -68.11 -68.77
CA ASN B 37 -3.69 -67.61 -70.08
C ASN B 37 -3.49 -66.09 -70.15
N LEU B 38 -2.41 -65.68 -70.79
CA LEU B 38 -2.08 -64.26 -70.89
C LEU B 38 -3.05 -63.50 -71.79
N ASP B 39 -3.79 -64.24 -72.61
CA ASP B 39 -4.79 -63.62 -73.48
C ASP B 39 -5.97 -63.11 -72.65
N LYS B 40 -6.26 -63.79 -71.55
CA LYS B 40 -7.32 -63.36 -70.65
C LYS B 40 -6.95 -62.05 -69.96
N ILE B 41 -5.69 -61.94 -69.56
CA ILE B 41 -5.20 -60.71 -68.93
C ILE B 41 -5.14 -59.57 -69.94
N HIS B 42 -4.65 -59.88 -71.13
CA HIS B 42 -4.53 -58.88 -72.19
C HIS B 42 -5.90 -58.40 -72.66
N ARG B 43 -6.91 -59.25 -72.50
CA ARG B 43 -8.28 -58.89 -72.89
C ARG B 43 -8.87 -57.88 -71.92
N VAL B 44 -8.54 -58.03 -70.64
CA VAL B 44 -9.06 -57.15 -69.60
C VAL B 44 -8.43 -55.75 -69.70
N LEU B 45 -7.13 -55.71 -69.93
CA LEU B 45 -6.40 -54.45 -70.03
C LEU B 45 -6.92 -53.58 -71.18
N ASP B 46 -7.33 -54.23 -72.27
CA ASP B 46 -7.87 -53.51 -73.42
C ASP B 46 -9.20 -52.85 -73.09
N ALA B 47 -9.98 -53.48 -72.21
CA ALA B 47 -11.29 -52.97 -71.83
C ALA B 47 -11.16 -51.80 -70.86
N ALA B 48 -9.98 -51.65 -70.26
CA ALA B 48 -9.74 -50.60 -69.29
C ALA B 48 -8.91 -49.46 -69.89
N ALA B 49 -8.51 -49.62 -71.15
CA ALA B 49 -7.68 -48.63 -71.81
C ALA B 49 -8.44 -47.92 -72.93
N GLU B 50 -9.75 -48.12 -72.98
CA GLU B 50 -10.58 -47.52 -74.01
C GLU B 50 -10.63 -46.00 -73.88
N GLY B 51 -10.20 -45.31 -74.93
CA GLY B 51 -10.23 -43.86 -74.95
C GLY B 51 -9.02 -43.21 -74.33
N LEU B 52 -8.11 -44.02 -73.81
CA LEU B 52 -6.90 -43.51 -73.17
C LEU B 52 -5.80 -43.23 -74.19
N HIS B 53 -4.96 -42.25 -73.90
CA HIS B 53 -3.88 -41.87 -74.80
C HIS B 53 -2.52 -42.13 -74.16
N ASN B 54 -1.54 -42.46 -74.99
CA ASN B 54 -0.17 -42.71 -74.54
C ASN B 54 -0.07 -43.79 -73.46
N VAL B 55 -0.88 -44.83 -73.61
CA VAL B 55 -0.84 -45.96 -72.68
C VAL B 55 -0.33 -47.21 -73.40
N SER B 56 0.54 -47.95 -72.70
CA SER B 56 1.14 -49.15 -73.28
C SER B 56 0.73 -50.40 -72.52
N ILE B 57 -0.12 -51.22 -73.14
CA ILE B 57 -0.56 -52.47 -72.54
C ILE B 57 0.61 -53.42 -72.35
N SER B 58 1.50 -53.46 -73.33
CA SER B 58 2.67 -54.33 -73.29
C SER B 58 3.62 -53.96 -72.16
N GLN B 59 3.73 -52.66 -71.87
CA GLN B 59 4.57 -52.19 -70.78
C GLN B 59 4.01 -52.65 -69.44
N VAL B 60 2.69 -52.69 -69.33
CA VAL B 60 2.02 -53.16 -68.13
C VAL B 60 2.26 -54.67 -67.98
N GLU B 61 2.12 -55.39 -69.08
CA GLU B 61 2.32 -56.83 -69.08
C GLU B 61 3.77 -57.20 -68.75
N LEU B 62 4.70 -56.34 -69.13
CA LEU B 62 6.12 -56.56 -68.86
C LEU B 62 6.39 -56.48 -67.36
N ARG B 63 5.72 -55.54 -66.69
CA ARG B 63 5.89 -55.34 -65.26
C ARG B 63 5.04 -56.31 -64.46
N SER B 64 4.10 -56.97 -65.13
CA SER B 64 3.17 -57.87 -64.46
C SER B 64 3.63 -59.33 -64.54
N HIS B 65 4.06 -59.76 -65.72
CA HIS B 65 4.43 -61.15 -65.94
C HIS B 65 5.63 -61.58 -65.11
N ILE B 66 6.56 -60.65 -64.89
CA ILE B 66 7.79 -60.96 -64.16
C ILE B 66 7.50 -61.23 -62.69
N GLN B 67 6.34 -60.77 -62.22
CA GLN B 67 5.96 -60.96 -60.83
C GLN B 67 5.13 -62.23 -60.64
N PHE B 68 4.73 -62.84 -61.75
CA PHE B 68 3.91 -64.05 -61.70
C PHE B 68 4.70 -65.24 -61.18
N TYR B 69 4.00 -66.10 -60.45
CA TYR B 69 4.60 -67.29 -59.88
C TYR B 69 3.63 -68.46 -59.98
N ASP B 70 4.14 -69.67 -59.84
CA ASP B 70 3.29 -70.85 -59.97
C ASP B 70 2.33 -70.98 -58.79
N GLY B 71 1.06 -71.20 -59.09
CA GLY B 71 0.05 -71.32 -58.05
C GLY B 71 -0.46 -69.99 -57.56
N ILE B 72 -0.30 -68.96 -58.40
CA ILE B 72 -0.74 -67.61 -58.04
C ILE B 72 -2.26 -67.50 -58.09
N LYS B 73 -2.83 -66.77 -57.15
CA LYS B 73 -4.27 -66.54 -57.11
C LYS B 73 -4.66 -65.54 -58.19
N THR B 74 -5.83 -65.74 -58.78
CA THR B 74 -6.32 -64.85 -59.82
C THR B 74 -6.58 -63.45 -59.26
N SER B 75 -6.88 -63.39 -57.97
CA SER B 75 -7.10 -62.11 -57.31
C SER B 75 -5.80 -61.33 -57.19
N ASP B 76 -4.71 -62.04 -56.91
CA ASP B 76 -3.40 -61.42 -56.82
C ASP B 76 -2.92 -60.97 -58.19
N ILE B 77 -3.31 -61.71 -59.23
CA ILE B 77 -2.99 -61.34 -60.60
C ILE B 77 -3.67 -60.01 -60.95
N HIS B 78 -4.91 -59.88 -60.52
CA HIS B 78 -5.70 -58.69 -60.81
C HIS B 78 -5.12 -57.46 -60.12
N GLU B 79 -4.69 -57.62 -58.88
CA GLU B 79 -4.09 -56.51 -58.13
C GLU B 79 -2.70 -56.20 -58.63
N THR B 80 -2.06 -57.17 -59.29
CA THR B 80 -0.72 -56.99 -59.83
C THR B 80 -0.74 -56.03 -61.02
N ILE B 81 -1.68 -56.23 -61.92
CA ILE B 81 -1.79 -55.37 -63.10
C ILE B 81 -2.34 -54.00 -62.72
N ILE B 82 -2.98 -53.91 -61.56
CA ILE B 82 -3.46 -52.64 -61.05
C ILE B 82 -2.29 -51.79 -60.56
N LYS B 83 -1.47 -52.36 -59.69
CA LYS B 83 -0.32 -51.66 -59.15
C LYS B 83 0.72 -51.36 -60.23
N ALA B 84 0.84 -52.27 -61.19
CA ALA B 84 1.78 -52.09 -62.29
C ALA B 84 1.40 -50.89 -63.15
N ALA B 85 0.10 -50.68 -63.31
CA ALA B 85 -0.40 -49.52 -64.07
C ALA B 85 -0.42 -48.28 -63.19
N ALA B 86 -0.46 -48.49 -61.88
CA ALA B 86 -0.49 -47.38 -60.93
C ALA B 86 0.88 -46.75 -60.77
N ASP B 87 1.92 -47.52 -61.06
CA ASP B 87 3.29 -47.04 -60.98
C ASP B 87 3.68 -46.28 -62.24
N LEU B 88 2.92 -46.50 -63.30
CA LEU B 88 3.19 -45.86 -64.58
C LEU B 88 2.45 -44.52 -64.70
N ILE B 89 1.81 -44.12 -63.61
CA ILE B 89 1.13 -42.82 -63.56
C ILE B 89 2.17 -41.70 -63.48
N SER B 90 2.31 -40.96 -64.58
CA SER B 90 3.30 -39.89 -64.63
C SER B 90 2.80 -38.69 -65.42
N ARG B 91 3.62 -37.64 -65.46
CA ARG B 91 3.30 -36.43 -66.19
C ARG B 91 3.24 -36.67 -67.69
N ASP B 92 4.15 -37.51 -68.18
CA ASP B 92 4.23 -37.83 -69.60
C ASP B 92 2.97 -38.54 -70.07
N ALA B 93 2.49 -39.48 -69.26
CA ALA B 93 1.28 -40.23 -69.58
C ALA B 93 0.31 -40.20 -68.40
N PRO B 94 -0.51 -39.14 -68.33
CA PRO B 94 -1.45 -38.93 -67.22
C PRO B 94 -2.64 -39.87 -67.22
N ASP B 95 -2.93 -40.50 -68.37
CA ASP B 95 -4.11 -41.35 -68.48
C ASP B 95 -3.92 -42.73 -67.84
N TYR B 96 -2.76 -42.96 -67.22
CA TYR B 96 -2.54 -44.20 -66.49
C TYR B 96 -3.32 -44.19 -65.18
N GLN B 97 -3.71 -43.00 -64.74
CA GLN B 97 -4.50 -42.85 -63.51
C GLN B 97 -5.93 -43.32 -63.75
N TYR B 98 -6.33 -43.39 -65.01
CA TYR B 98 -7.65 -43.90 -65.38
C TYR B 98 -7.57 -45.37 -65.77
N LEU B 99 -6.38 -45.80 -66.19
CA LEU B 99 -6.17 -47.20 -66.53
C LEU B 99 -6.22 -48.06 -65.27
N ALA B 100 -5.42 -47.68 -64.28
CA ALA B 100 -5.37 -48.40 -63.02
C ALA B 100 -6.68 -48.27 -62.25
N ALA B 101 -7.40 -47.18 -62.52
CA ALA B 101 -8.69 -46.93 -61.88
C ALA B 101 -9.73 -47.94 -62.34
N ARG B 102 -9.90 -48.05 -63.65
CA ARG B 102 -10.88 -48.97 -64.23
C ARG B 102 -10.55 -50.41 -63.89
N LEU B 103 -9.27 -50.71 -63.76
CA LEU B 103 -8.82 -52.03 -63.32
C LEU B 103 -9.22 -52.26 -61.87
N ALA B 104 -9.16 -51.19 -61.08
CA ALA B 104 -9.55 -51.27 -59.67
C ALA B 104 -11.06 -51.41 -59.53
N ILE B 105 -11.79 -50.74 -60.42
CA ILE B 105 -13.25 -50.83 -60.44
C ILE B 105 -13.68 -52.26 -60.74
N PHE B 106 -12.99 -52.88 -61.70
CA PHE B 106 -13.29 -54.26 -62.09
C PHE B 106 -13.22 -55.22 -60.92
N HIS B 107 -12.16 -55.12 -60.13
CA HIS B 107 -11.95 -56.03 -59.00
C HIS B 107 -12.99 -55.81 -57.91
N LEU B 108 -13.39 -54.55 -57.73
CA LEU B 108 -14.40 -54.22 -56.74
C LEU B 108 -15.77 -54.75 -57.13
N ARG B 109 -16.00 -54.90 -58.44
CA ARG B 109 -17.23 -55.48 -58.93
C ARG B 109 -17.32 -56.95 -58.51
N LYS B 110 -16.21 -57.65 -58.63
CA LYS B 110 -16.14 -59.06 -58.25
C LYS B 110 -16.28 -59.25 -56.75
N LYS B 111 -15.70 -58.33 -55.98
CA LYS B 111 -15.72 -58.42 -54.54
C LYS B 111 -17.12 -58.21 -53.97
N ALA B 112 -17.94 -57.45 -54.68
CA ALA B 112 -19.25 -57.06 -54.18
C ALA B 112 -20.38 -57.85 -54.82
N TYR B 113 -20.20 -58.24 -56.08
CA TYR B 113 -21.28 -58.86 -56.85
C TYR B 113 -20.93 -60.27 -57.31
N GLY B 114 -19.63 -60.55 -57.44
CA GLY B 114 -19.18 -61.84 -57.95
C GLY B 114 -19.10 -61.82 -59.46
N GLN B 115 -19.49 -60.69 -60.04
CA GLN B 115 -19.46 -60.50 -61.49
C GLN B 115 -19.24 -59.03 -61.81
N PHE B 116 -19.18 -58.71 -63.10
CA PHE B 116 -18.96 -57.33 -63.52
C PHE B 116 -20.22 -56.48 -63.37
N GLU B 117 -21.27 -56.84 -64.08
CA GLU B 117 -22.51 -56.08 -64.05
C GLU B 117 -23.24 -56.21 -62.71
N PRO B 118 -23.55 -55.05 -62.09
CA PRO B 118 -24.29 -54.99 -60.83
C PRO B 118 -25.70 -55.56 -60.95
N PRO B 119 -26.25 -56.08 -59.85
CA PRO B 119 -27.62 -56.62 -59.86
C PRO B 119 -28.66 -55.51 -59.99
N ALA B 120 -29.93 -55.89 -60.03
CA ALA B 120 -31.01 -54.92 -60.09
C ALA B 120 -31.00 -54.05 -58.83
N LEU B 121 -31.43 -52.80 -58.96
CA LEU B 121 -31.39 -51.86 -57.84
C LEU B 121 -32.25 -52.35 -56.69
N TYR B 122 -33.45 -52.85 -57.00
CA TYR B 122 -34.35 -53.35 -55.97
C TYR B 122 -33.79 -54.58 -55.30
N ASP B 123 -33.24 -55.49 -56.10
CA ASP B 123 -32.66 -56.73 -55.57
C ASP B 123 -31.45 -56.42 -54.70
N HIS B 124 -30.76 -55.32 -55.00
CA HIS B 124 -29.60 -54.91 -54.22
C HIS B 124 -30.02 -54.36 -52.86
N VAL B 125 -30.96 -53.42 -52.88
CA VAL B 125 -31.42 -52.77 -51.65
C VAL B 125 -31.99 -53.77 -50.65
N VAL B 126 -32.88 -54.63 -51.13
CA VAL B 126 -33.52 -55.65 -50.29
C VAL B 126 -32.49 -56.52 -49.58
N LYS B 127 -31.49 -56.97 -50.33
CA LYS B 127 -30.44 -57.82 -49.78
C LYS B 127 -29.63 -57.08 -48.72
N MET B 128 -29.35 -55.82 -48.97
CA MET B 128 -28.55 -55.01 -48.06
C MET B 128 -29.32 -54.65 -46.78
N VAL B 129 -30.61 -54.37 -46.92
CA VAL B 129 -31.45 -54.06 -45.77
C VAL B 129 -31.53 -55.24 -44.81
N GLU B 130 -31.64 -56.44 -45.38
CA GLU B 130 -31.67 -57.67 -44.58
C GLU B 130 -30.37 -57.83 -43.78
N MET B 131 -29.26 -57.42 -44.39
CA MET B 131 -27.96 -57.48 -43.75
C MET B 131 -27.82 -56.38 -42.70
N GLY B 132 -28.61 -55.33 -42.85
CA GLY B 132 -28.57 -54.21 -41.92
C GLY B 132 -27.53 -53.18 -42.29
N LYS B 133 -27.32 -52.99 -43.59
CA LYS B 133 -26.35 -52.01 -44.07
C LYS B 133 -27.06 -50.78 -44.63
N TYR B 134 -28.27 -50.97 -45.15
CA TYR B 134 -29.09 -49.86 -45.63
C TYR B 134 -30.25 -49.61 -44.69
N ASP B 135 -30.78 -48.39 -44.72
CA ASP B 135 -31.93 -48.04 -43.90
C ASP B 135 -33.18 -48.68 -44.49
N ASN B 136 -34.06 -49.15 -43.62
CA ASN B 136 -35.27 -49.85 -44.08
C ASN B 136 -36.29 -48.89 -44.69
N HIS B 137 -36.12 -47.60 -44.46
CA HIS B 137 -37.08 -46.61 -44.93
C HIS B 137 -37.02 -46.44 -46.45
N LEU B 138 -36.01 -47.03 -47.07
CA LEU B 138 -35.90 -47.01 -48.52
C LEU B 138 -36.96 -47.91 -49.15
N LEU B 139 -37.23 -49.03 -48.51
CA LEU B 139 -38.24 -49.98 -48.97
C LEU B 139 -39.63 -49.53 -48.54
N GLU B 140 -39.68 -48.56 -47.63
CA GLU B 140 -40.94 -48.04 -47.13
C GLU B 140 -41.41 -46.84 -47.96
N ASP B 141 -40.44 -46.05 -48.43
CA ASP B 141 -40.75 -44.82 -49.16
C ASP B 141 -40.77 -45.04 -50.67
N TYR B 142 -40.22 -46.18 -51.11
CA TYR B 142 -40.19 -46.50 -52.53
C TYR B 142 -40.70 -47.92 -52.78
N THR B 143 -41.58 -48.06 -53.77
CA THR B 143 -42.10 -49.36 -54.14
C THR B 143 -41.14 -50.06 -55.10
N GLU B 144 -41.38 -51.35 -55.34
CA GLU B 144 -40.53 -52.14 -56.21
C GLU B 144 -40.52 -51.57 -57.63
N GLU B 145 -41.68 -51.09 -58.07
CA GLU B 145 -41.81 -50.49 -59.39
C GLU B 145 -40.99 -49.21 -59.49
N GLU B 146 -40.98 -48.44 -58.40
CA GLU B 146 -40.23 -47.19 -58.37
C GLU B 146 -38.73 -47.43 -58.38
N PHE B 147 -38.31 -48.53 -57.75
CA PHE B 147 -36.90 -48.93 -57.77
C PHE B 147 -36.46 -49.32 -59.17
N LYS B 148 -37.38 -49.94 -59.92
CA LYS B 148 -37.10 -50.35 -61.29
C LYS B 148 -36.89 -49.12 -62.19
N GLN B 149 -37.64 -48.06 -61.92
CA GLN B 149 -37.53 -46.83 -62.69
C GLN B 149 -36.23 -46.10 -62.40
N MET B 150 -35.81 -46.15 -61.13
CA MET B 150 -34.57 -45.49 -60.72
C MET B 150 -33.34 -46.24 -61.24
N ASP B 151 -33.48 -47.54 -61.44
CA ASP B 151 -32.39 -48.36 -61.95
C ASP B 151 -32.07 -47.97 -63.39
N THR B 152 -33.09 -47.49 -64.11
CA THR B 152 -32.91 -47.05 -65.49
C THR B 152 -32.11 -45.76 -65.57
N PHE B 153 -32.11 -45.00 -64.47
CA PHE B 153 -31.38 -43.75 -64.40
C PHE B 153 -29.88 -44.03 -64.22
N ILE B 154 -29.58 -45.17 -63.63
CA ILE B 154 -28.21 -45.53 -63.30
C ILE B 154 -27.39 -45.89 -64.54
N ASP B 155 -26.23 -45.23 -64.68
CA ASP B 155 -25.29 -45.56 -65.73
C ASP B 155 -24.00 -46.08 -65.09
N HIS B 156 -23.89 -47.39 -64.95
CA HIS B 156 -22.77 -48.01 -64.26
C HIS B 156 -21.44 -47.82 -65.00
N ASP B 157 -21.51 -47.38 -66.25
CA ASP B 157 -20.31 -47.13 -67.04
C ASP B 157 -19.62 -45.85 -66.60
N ARG B 158 -20.27 -45.09 -65.73
CA ARG B 158 -19.72 -43.84 -65.21
C ARG B 158 -18.63 -44.12 -64.17
N ASP B 159 -18.53 -45.38 -63.76
CA ASP B 159 -17.50 -45.79 -62.81
C ASP B 159 -16.11 -45.75 -63.44
N MET B 160 -16.08 -45.62 -64.77
CA MET B 160 -14.81 -45.56 -65.50
C MET B 160 -14.29 -44.13 -65.56
N THR B 161 -15.03 -43.20 -64.97
CA THR B 161 -14.65 -41.79 -64.99
C THR B 161 -13.88 -41.41 -63.74
N PHE B 162 -13.81 -42.33 -62.77
CA PHE B 162 -13.05 -42.09 -61.56
C PHE B 162 -11.55 -42.24 -61.84
N SER B 163 -10.75 -41.48 -61.11
CA SER B 163 -9.30 -41.61 -61.19
C SER B 163 -8.85 -42.69 -60.21
N TYR B 164 -7.58 -43.10 -60.31
CA TYR B 164 -7.05 -44.14 -59.44
C TYR B 164 -7.04 -43.71 -57.99
N ALA B 165 -6.71 -42.44 -57.76
CA ALA B 165 -6.71 -41.88 -56.41
C ALA B 165 -8.14 -41.79 -55.87
N ALA B 166 -9.09 -41.64 -56.79
CA ALA B 166 -10.49 -41.54 -56.41
C ALA B 166 -11.04 -42.88 -55.94
N VAL B 167 -10.67 -43.94 -56.64
CA VAL B 167 -11.14 -45.29 -56.32
C VAL B 167 -10.66 -45.71 -54.93
N LYS B 168 -9.41 -45.39 -54.62
CA LYS B 168 -8.86 -45.70 -53.30
C LYS B 168 -9.61 -44.95 -52.21
N GLN B 169 -10.09 -43.75 -52.53
CA GLN B 169 -10.90 -42.97 -51.60
C GLN B 169 -12.28 -43.57 -51.45
N LEU B 170 -12.85 -44.04 -52.56
CA LEU B 170 -14.16 -44.68 -52.53
C LEU B 170 -14.12 -45.99 -51.75
N GLU B 171 -13.10 -46.80 -52.05
CA GLU B 171 -12.96 -48.11 -51.44
C GLU B 171 -12.69 -48.02 -49.94
N GLY B 172 -12.10 -46.91 -49.51
CA GLY B 172 -11.69 -46.75 -48.13
C GLY B 172 -12.57 -45.89 -47.26
N LYS B 173 -13.34 -44.99 -47.86
CA LYS B 173 -14.13 -44.03 -47.09
C LYS B 173 -15.62 -44.03 -47.41
N TYR B 174 -15.98 -44.10 -48.69
CA TYR B 174 -17.37 -43.89 -49.08
C TYR B 174 -18.19 -45.17 -49.19
N LEU B 175 -17.69 -46.14 -49.94
CA LEU B 175 -18.44 -47.37 -50.23
C LEU B 175 -18.79 -48.16 -48.96
N VAL B 176 -20.07 -48.54 -48.85
CA VAL B 176 -20.54 -49.34 -47.73
C VAL B 176 -19.82 -50.70 -47.71
N GLN B 177 -19.17 -50.99 -46.59
CA GLN B 177 -18.34 -52.19 -46.49
C GLN B 177 -18.34 -52.77 -45.08
N ASN B 178 -17.68 -53.92 -44.95
CA ASN B 178 -17.50 -54.53 -43.63
C ASN B 178 -16.15 -54.13 -43.06
N ARG B 179 -16.18 -53.40 -41.96
CA ARG B 179 -14.97 -52.86 -41.36
C ARG B 179 -14.09 -53.94 -40.72
N VAL B 180 -14.62 -55.15 -40.62
CA VAL B 180 -13.87 -56.26 -40.03
C VAL B 180 -13.20 -57.12 -41.10
N THR B 181 -13.99 -57.65 -42.03
CA THR B 181 -13.47 -58.55 -43.05
C THR B 181 -12.88 -57.78 -44.23
N GLY B 182 -13.38 -56.58 -44.47
CA GLY B 182 -12.90 -55.75 -45.56
C GLY B 182 -13.65 -55.98 -46.86
N GLU B 183 -14.77 -56.68 -46.77
CA GLU B 183 -15.60 -56.98 -47.93
C GLU B 183 -16.33 -55.73 -48.42
N ILE B 184 -16.31 -55.51 -49.73
CA ILE B 184 -17.07 -54.41 -50.32
C ILE B 184 -18.48 -54.88 -50.63
N TYR B 185 -19.47 -54.03 -50.34
CA TYR B 185 -20.86 -54.44 -50.47
C TYR B 185 -21.63 -53.64 -51.52
N GLU B 186 -20.97 -52.65 -52.12
CA GLU B 186 -21.63 -51.83 -53.14
C GLU B 186 -20.64 -51.17 -54.08
N SER B 187 -21.16 -50.61 -55.18
CA SER B 187 -20.35 -49.88 -56.13
C SER B 187 -20.61 -48.38 -56.01
N ALA B 188 -19.95 -47.59 -56.85
CA ALA B 188 -20.03 -46.14 -56.76
C ALA B 188 -21.37 -45.57 -57.21
N GLN B 189 -22.01 -46.23 -58.17
CA GLN B 189 -23.25 -45.73 -58.73
C GLN B 189 -24.45 -45.97 -57.81
N PHE B 190 -24.41 -47.05 -57.06
CA PHE B 190 -25.46 -47.34 -56.08
C PHE B 190 -25.41 -46.33 -54.95
N LEU B 191 -24.22 -45.79 -54.71
CA LEU B 191 -24.03 -44.76 -53.70
C LEU B 191 -24.78 -43.48 -54.09
N TYR B 192 -24.52 -43.00 -55.31
CA TYR B 192 -25.12 -41.76 -55.79
C TYR B 192 -26.64 -41.85 -55.91
N ILE B 193 -27.14 -42.96 -56.44
CA ILE B 193 -28.57 -43.09 -56.73
C ILE B 193 -29.39 -43.21 -55.45
N LEU B 194 -28.78 -43.69 -54.37
CA LEU B 194 -29.49 -43.88 -53.12
C LEU B 194 -29.37 -42.66 -52.20
N VAL B 195 -28.28 -41.90 -52.35
CA VAL B 195 -28.15 -40.63 -51.66
C VAL B 195 -29.24 -39.70 -52.17
N ALA B 196 -29.44 -39.70 -53.48
CA ALA B 196 -30.50 -38.92 -54.10
C ALA B 196 -31.87 -39.44 -53.71
N ALA B 197 -31.97 -40.76 -53.53
CA ALA B 197 -33.23 -41.39 -53.18
C ALA B 197 -33.66 -41.04 -51.76
N CYS B 198 -32.69 -40.93 -50.86
CA CYS B 198 -32.99 -40.64 -49.46
C CYS B 198 -33.33 -39.17 -49.23
N LEU B 199 -32.54 -38.28 -49.82
CA LEU B 199 -32.72 -36.84 -49.61
C LEU B 199 -34.05 -36.34 -50.19
N PHE B 200 -34.50 -36.96 -51.27
CA PHE B 200 -35.77 -36.56 -51.90
C PHE B 200 -36.87 -37.59 -51.64
N SER B 201 -36.69 -38.40 -50.60
CA SER B 201 -37.64 -39.46 -50.29
C SER B 201 -38.97 -38.91 -49.80
N ASN B 202 -38.94 -37.69 -49.26
CA ASN B 202 -40.15 -37.09 -48.69
C ASN B 202 -40.88 -36.21 -49.69
N TYR B 203 -40.29 -36.03 -50.87
CA TYR B 203 -40.93 -35.28 -51.94
C TYR B 203 -42.14 -36.04 -52.48
N PRO B 204 -43.16 -35.30 -52.94
CA PRO B 204 -44.34 -35.94 -53.51
C PRO B 204 -43.99 -36.71 -54.79
N ARG B 205 -44.69 -37.82 -55.03
CA ARG B 205 -44.42 -38.68 -56.18
C ARG B 205 -44.55 -37.93 -57.51
N GLU B 206 -45.32 -36.84 -57.50
CA GLU B 206 -45.51 -36.01 -58.68
C GLU B 206 -44.17 -35.49 -59.22
N THR B 207 -43.23 -35.22 -58.31
CA THR B 207 -41.94 -34.67 -58.70
C THR B 207 -40.76 -35.41 -58.07
N ARG B 208 -41.05 -36.42 -57.24
CA ARG B 208 -39.99 -37.10 -56.50
C ARG B 208 -38.94 -37.74 -57.39
N LEU B 209 -39.37 -38.66 -58.25
CA LEU B 209 -38.45 -39.38 -59.13
C LEU B 209 -37.74 -38.45 -60.12
N GLN B 210 -38.36 -37.30 -60.41
CA GLN B 210 -37.76 -36.33 -61.31
C GLN B 210 -36.54 -35.68 -60.66
N TYR B 211 -36.66 -35.37 -59.37
CA TYR B 211 -35.55 -34.77 -58.63
C TYR B 211 -34.44 -35.78 -58.39
N VAL B 212 -34.83 -37.04 -58.19
CA VAL B 212 -33.86 -38.11 -57.94
C VAL B 212 -32.93 -38.29 -59.14
N LYS B 213 -33.52 -38.30 -60.34
CA LYS B 213 -32.74 -38.45 -61.56
C LYS B 213 -31.80 -37.26 -61.78
N ARG B 214 -32.32 -36.06 -61.63
CA ARG B 214 -31.54 -34.86 -61.89
C ARG B 214 -30.38 -34.71 -60.89
N PHE B 215 -30.62 -35.06 -59.64
CA PHE B 215 -29.58 -34.98 -58.62
C PHE B 215 -28.55 -36.08 -58.80
N TYR B 216 -28.98 -37.24 -59.27
CA TYR B 216 -28.07 -38.34 -59.52
C TYR B 216 -27.08 -38.01 -60.62
N ASP B 217 -27.59 -37.50 -61.74
CA ASP B 217 -26.75 -37.13 -62.87
C ASP B 217 -25.79 -36.00 -62.51
N ALA B 218 -26.16 -35.21 -61.50
CA ALA B 218 -25.36 -34.08 -61.07
C ALA B 218 -24.14 -34.53 -60.27
N VAL B 219 -24.35 -35.49 -59.36
CA VAL B 219 -23.28 -35.94 -58.49
C VAL B 219 -22.44 -37.03 -59.15
N SER B 220 -23.01 -37.74 -60.12
CA SER B 220 -22.31 -38.81 -60.81
C SER B 220 -21.39 -38.25 -61.87
N THR B 221 -21.77 -37.12 -62.45
CA THR B 221 -20.94 -36.45 -63.44
C THR B 221 -20.01 -35.44 -62.76
N PHE B 222 -19.91 -35.55 -61.44
CA PHE B 222 -19.00 -34.75 -60.63
C PHE B 222 -19.26 -33.25 -60.75
N LYS B 223 -20.52 -32.84 -60.83
CA LYS B 223 -20.86 -31.43 -60.88
C LYS B 223 -21.07 -30.88 -59.48
N ILE B 224 -21.65 -31.70 -58.61
CA ILE B 224 -21.86 -31.32 -57.21
C ILE B 224 -21.08 -32.27 -56.29
N SER B 225 -20.19 -31.69 -55.49
CA SER B 225 -19.38 -32.49 -54.57
C SER B 225 -20.00 -32.50 -53.18
N LEU B 226 -20.10 -33.68 -52.60
CA LEU B 226 -20.72 -33.84 -51.29
C LEU B 226 -19.70 -34.24 -50.23
N PRO B 227 -19.89 -33.79 -48.98
CA PRO B 227 -18.99 -34.07 -47.86
C PRO B 227 -18.89 -35.57 -47.55
N THR B 228 -17.81 -35.96 -46.88
CA THR B 228 -17.57 -37.34 -46.51
C THR B 228 -18.70 -37.98 -45.67
N PRO B 229 -19.19 -37.30 -44.62
CA PRO B 229 -20.21 -37.98 -43.83
C PRO B 229 -21.53 -38.19 -44.57
N ILE B 230 -21.74 -37.43 -45.64
CA ILE B 230 -22.94 -37.57 -46.45
C ILE B 230 -22.80 -38.73 -47.43
N MET B 231 -21.63 -38.81 -48.07
CA MET B 231 -21.36 -39.83 -49.06
C MET B 231 -21.38 -41.24 -48.46
N SER B 232 -20.96 -41.36 -47.22
CA SER B 232 -20.84 -42.66 -46.57
C SER B 232 -21.96 -42.93 -45.57
N GLY B 233 -22.93 -42.02 -45.52
CA GLY B 233 -23.98 -42.11 -44.51
C GLY B 233 -25.39 -42.15 -45.04
N VAL B 234 -25.74 -41.22 -45.91
CA VAL B 234 -27.13 -41.05 -46.34
C VAL B 234 -27.62 -42.24 -47.18
N ARG B 235 -27.89 -43.34 -46.49
CA ARG B 235 -28.48 -44.57 -47.02
C ARG B 235 -28.33 -45.64 -45.94
N THR B 236 -27.38 -45.39 -45.05
CA THR B 236 -27.12 -46.28 -43.91
C THR B 236 -27.99 -45.86 -42.73
N PRO B 237 -28.23 -46.78 -41.77
CA PRO B 237 -29.08 -46.48 -40.61
C PRO B 237 -28.63 -45.28 -39.78
N THR B 238 -27.39 -44.84 -39.94
CA THR B 238 -26.88 -43.72 -39.15
C THR B 238 -27.54 -42.41 -39.57
N ARG B 239 -27.58 -41.45 -38.65
CA ARG B 239 -28.16 -40.14 -38.92
C ARG B 239 -27.22 -39.03 -38.47
N GLN B 240 -25.97 -39.38 -38.23
CA GLN B 240 -24.95 -38.42 -37.82
C GLN B 240 -24.29 -37.80 -39.05
N PHE B 241 -24.74 -36.61 -39.44
CA PHE B 241 -24.19 -35.96 -40.62
C PHE B 241 -23.61 -34.58 -40.31
N SER B 242 -23.78 -34.14 -39.06
CA SER B 242 -23.22 -32.87 -38.64
C SER B 242 -21.72 -32.99 -38.45
N SER B 243 -20.96 -32.13 -39.13
CA SER B 243 -19.51 -32.17 -39.06
C SER B 243 -18.93 -30.79 -38.76
N CYS B 244 -19.82 -29.82 -38.57
CA CYS B 244 -19.41 -28.44 -38.31
C CYS B 244 -20.21 -27.85 -37.15
N VAL B 245 -19.52 -27.59 -36.04
CA VAL B 245 -20.17 -27.12 -34.83
C VAL B 245 -19.55 -25.84 -34.30
N LEU B 246 -20.38 -24.84 -34.03
CA LEU B 246 -19.92 -23.58 -33.45
C LEU B 246 -20.58 -23.31 -32.10
N ILE B 247 -19.76 -23.27 -31.06
CA ILE B 247 -20.27 -23.07 -29.70
C ILE B 247 -19.69 -21.80 -29.06
N GLU B 248 -20.56 -20.95 -28.54
CA GLU B 248 -20.13 -19.75 -27.83
C GLU B 248 -20.22 -19.98 -26.33
N CYS B 249 -19.16 -19.65 -25.62
CA CYS B 249 -19.09 -19.88 -24.18
C CYS B 249 -19.34 -18.59 -23.40
N GLY B 250 -20.23 -18.67 -22.41
CA GLY B 250 -20.50 -17.53 -21.56
C GLY B 250 -19.51 -17.45 -20.42
N ASP B 251 -19.53 -16.34 -19.69
CA ASP B 251 -18.60 -16.14 -18.59
C ASP B 251 -19.18 -16.65 -17.27
N SER B 252 -19.43 -17.95 -17.20
CA SER B 252 -19.95 -18.57 -15.99
C SER B 252 -19.63 -20.06 -15.95
N LEU B 253 -19.55 -20.62 -14.75
CA LEU B 253 -19.27 -22.04 -14.60
C LEU B 253 -20.36 -22.90 -15.22
N ASP B 254 -21.60 -22.42 -15.12
CA ASP B 254 -22.74 -23.13 -15.72
C ASP B 254 -22.63 -23.16 -17.24
N SER B 255 -22.04 -22.12 -17.81
CA SER B 255 -21.88 -22.03 -19.26
C SER B 255 -20.66 -22.81 -19.73
N ILE B 256 -19.59 -22.77 -18.94
CA ILE B 256 -18.38 -23.50 -19.26
C ILE B 256 -18.64 -25.00 -19.21
N ASN B 257 -19.37 -25.44 -18.19
CA ASN B 257 -19.76 -26.85 -18.07
C ASN B 257 -20.67 -27.27 -19.23
N ALA B 258 -21.55 -26.37 -19.64
CA ALA B 258 -22.45 -26.63 -20.75
C ALA B 258 -21.68 -26.72 -22.05
N THR B 259 -20.75 -25.78 -22.24
CA THR B 259 -19.91 -25.77 -23.43
C THR B 259 -19.05 -27.02 -23.51
N SER B 260 -18.44 -27.39 -22.39
CA SER B 260 -17.61 -28.58 -22.31
C SER B 260 -18.40 -29.85 -22.62
N SER B 261 -19.59 -29.95 -22.05
CA SER B 261 -20.46 -31.10 -22.29
C SER B 261 -20.92 -31.14 -23.74
N ALA B 262 -21.13 -29.97 -24.32
CA ALA B 262 -21.58 -29.85 -25.70
C ALA B 262 -20.49 -30.33 -26.65
N ILE B 263 -19.24 -30.04 -26.30
CA ILE B 263 -18.11 -30.45 -27.10
C ILE B 263 -17.99 -31.96 -27.15
N VAL B 264 -18.06 -32.60 -25.98
CA VAL B 264 -17.94 -34.05 -25.85
C VAL B 264 -18.99 -34.77 -26.68
N LYS B 265 -20.22 -34.25 -26.67
CA LYS B 265 -21.31 -34.86 -27.41
C LYS B 265 -21.09 -34.84 -28.91
N TYR B 266 -20.42 -33.81 -29.41
CA TYR B 266 -20.24 -33.64 -30.84
C TYR B 266 -18.94 -34.23 -31.39
N VAL B 267 -17.88 -34.21 -30.58
CA VAL B 267 -16.62 -34.81 -31.00
C VAL B 267 -16.74 -36.33 -31.00
N SER B 268 -17.75 -36.83 -30.29
CA SER B 268 -18.05 -38.25 -30.29
C SER B 268 -18.73 -38.63 -31.60
N GLN B 269 -19.26 -37.64 -32.29
CA GLN B 269 -19.87 -37.83 -33.59
C GLN B 269 -18.94 -37.35 -34.70
N ARG B 270 -17.67 -37.17 -34.35
CA ARG B 270 -16.65 -36.74 -35.29
C ARG B 270 -17.01 -35.42 -35.97
N ALA B 271 -17.03 -34.34 -35.19
CA ALA B 271 -17.40 -33.04 -35.72
C ALA B 271 -16.37 -31.97 -35.34
N GLY B 272 -16.17 -31.01 -36.22
CA GLY B 272 -15.27 -29.91 -35.94
C GLY B 272 -15.93 -28.89 -35.03
N ILE B 273 -15.19 -28.46 -34.01
CA ILE B 273 -15.75 -27.56 -33.01
C ILE B 273 -15.16 -26.15 -33.12
N GLY B 274 -16.03 -25.15 -33.04
CA GLY B 274 -15.60 -23.76 -33.01
C GLY B 274 -15.97 -23.14 -31.68
N ILE B 275 -14.97 -22.94 -30.82
CA ILE B 275 -15.21 -22.45 -29.47
C ILE B 275 -14.94 -20.96 -29.35
N ASN B 276 -15.89 -20.24 -28.76
CA ASN B 276 -15.71 -18.81 -28.50
C ASN B 276 -15.62 -18.54 -27.00
N ALA B 277 -14.41 -18.57 -26.47
CA ALA B 277 -14.19 -18.37 -25.05
C ALA B 277 -13.60 -17.00 -24.76
N GLY B 278 -14.02 -16.01 -25.55
CA GLY B 278 -13.54 -14.66 -25.40
C GLY B 278 -14.24 -13.91 -24.28
N ARG B 279 -15.40 -14.42 -23.88
CA ARG B 279 -16.20 -13.78 -22.85
C ARG B 279 -15.67 -14.07 -21.46
N ILE B 280 -14.86 -15.12 -21.33
CA ILE B 280 -14.31 -15.49 -20.04
C ILE B 280 -13.40 -14.39 -19.50
N ARG B 281 -13.71 -13.91 -18.30
CA ARG B 281 -12.97 -12.82 -17.68
C ARG B 281 -11.53 -13.19 -17.41
N ALA B 282 -10.65 -12.20 -17.39
CA ALA B 282 -9.22 -12.43 -17.27
C ALA B 282 -8.79 -12.80 -15.87
N LEU B 283 -7.53 -13.23 -15.75
CA LEU B 283 -6.95 -13.60 -14.46
C LEU B 283 -6.94 -12.44 -13.47
N GLY B 284 -7.40 -12.70 -12.26
CA GLY B 284 -7.39 -11.68 -11.22
C GLY B 284 -8.72 -10.97 -11.08
N SER B 285 -9.59 -11.16 -12.08
CA SER B 285 -10.90 -10.53 -12.06
C SER B 285 -11.71 -11.01 -10.86
N PRO B 286 -12.34 -10.07 -10.14
CA PRO B 286 -13.11 -10.40 -8.94
C PRO B 286 -14.38 -11.19 -9.27
N ILE B 287 -14.76 -12.09 -8.36
CA ILE B 287 -15.96 -12.89 -8.53
C ILE B 287 -16.92 -12.65 -7.37
N ARG B 288 -18.18 -12.38 -7.70
CA ARG B 288 -19.22 -12.09 -6.71
C ARG B 288 -18.80 -10.95 -5.78
N GLY B 289 -18.27 -9.89 -6.36
CA GLY B 289 -17.88 -8.71 -5.60
C GLY B 289 -16.49 -8.80 -5.01
N GLY B 290 -15.92 -10.00 -5.02
CA GLY B 290 -14.58 -10.22 -4.50
C GLY B 290 -14.53 -11.36 -3.51
N GLU B 291 -15.58 -12.19 -3.50
CA GLU B 291 -15.63 -13.35 -2.62
C GLU B 291 -14.58 -14.36 -3.05
N ALA B 292 -14.24 -14.33 -4.33
CA ALA B 292 -13.17 -15.16 -4.89
C ALA B 292 -12.60 -14.47 -6.11
N PHE B 293 -11.40 -14.87 -6.52
CA PHE B 293 -10.76 -14.24 -7.67
C PHE B 293 -10.45 -15.27 -8.76
N HIS B 294 -10.50 -14.80 -10.00
CA HIS B 294 -10.34 -15.68 -11.17
C HIS B 294 -8.94 -16.28 -11.23
N THR B 295 -8.83 -17.45 -11.87
CA THR B 295 -7.56 -18.16 -11.95
C THR B 295 -6.99 -18.16 -13.37
N GLY B 296 -7.70 -17.52 -14.29
CA GLY B 296 -7.23 -17.42 -15.66
C GLY B 296 -8.05 -18.22 -16.64
N CYS B 297 -7.89 -17.92 -17.93
CA CYS B 297 -8.62 -18.62 -18.98
C CYS B 297 -7.93 -19.93 -19.34
N ILE B 298 -6.61 -19.97 -19.18
CA ILE B 298 -5.81 -21.15 -19.55
C ILE B 298 -6.24 -22.43 -18.83
N PRO B 299 -6.55 -22.38 -17.52
CA PRO B 299 -7.07 -23.61 -16.92
C PRO B 299 -8.39 -24.07 -17.53
N PHE B 300 -9.19 -23.14 -18.04
CA PHE B 300 -10.45 -23.48 -18.67
C PHE B 300 -10.25 -23.87 -20.13
N TYR B 301 -9.21 -23.34 -20.75
CA TYR B 301 -8.87 -23.72 -22.11
C TYR B 301 -8.42 -25.18 -22.15
N LYS B 302 -7.68 -25.58 -21.12
CA LYS B 302 -7.25 -26.96 -20.99
C LYS B 302 -8.43 -27.90 -20.85
N HIS B 303 -9.46 -27.44 -20.14
CA HIS B 303 -10.65 -28.24 -19.91
C HIS B 303 -11.42 -28.45 -21.21
N PHE B 304 -11.35 -27.45 -22.09
CA PHE B 304 -11.99 -27.56 -23.39
C PHE B 304 -11.20 -28.51 -24.30
N GLN B 305 -9.88 -28.48 -24.18
CA GLN B 305 -9.02 -29.31 -25.01
C GLN B 305 -9.24 -30.79 -24.73
N THR B 306 -9.28 -31.14 -23.45
CA THR B 306 -9.51 -32.53 -23.05
C THR B 306 -10.92 -32.98 -23.42
N ALA B 307 -11.83 -32.01 -23.53
CA ALA B 307 -13.19 -32.30 -23.96
C ALA B 307 -13.21 -32.68 -25.44
N VAL B 308 -12.38 -31.99 -26.23
CA VAL B 308 -12.25 -32.30 -27.64
C VAL B 308 -11.53 -33.64 -27.82
N LYS B 309 -10.47 -33.83 -27.05
CA LYS B 309 -9.65 -35.03 -27.14
C LYS B 309 -10.19 -36.15 -26.24
N SER B 310 -11.42 -35.99 -25.79
CA SER B 310 -12.04 -36.97 -24.91
C SER B 310 -12.34 -38.28 -25.63
N CYS B 311 -12.54 -38.20 -26.95
CA CYS B 311 -12.81 -39.39 -27.73
C CYS B 311 -11.71 -39.66 -28.75
N SER B 312 -10.47 -39.40 -28.35
CA SER B 312 -9.31 -39.64 -29.21
C SER B 312 -8.38 -40.66 -28.58
N GLN B 313 -8.09 -41.74 -29.31
CA GLN B 313 -7.22 -42.82 -28.84
C GLN B 313 -5.80 -42.36 -28.43
N GLY B 314 -5.71 -41.28 -27.65
CA GLY B 314 -4.42 -40.83 -27.17
C GLY B 314 -4.39 -39.36 -26.79
N GLY B 315 -5.33 -38.58 -27.34
CA GLY B 315 -5.37 -37.16 -27.09
C GLY B 315 -4.67 -36.34 -28.17
N VAL B 316 -4.26 -37.01 -29.25
CA VAL B 316 -3.55 -36.34 -30.32
C VAL B 316 -4.37 -36.29 -31.61
N ARG B 317 -4.94 -37.42 -32.00
CA ARG B 317 -5.75 -37.49 -33.21
C ARG B 317 -7.21 -37.20 -32.89
N GLY B 318 -8.10 -38.03 -33.43
CA GLY B 318 -9.53 -37.88 -33.21
C GLY B 318 -10.07 -36.58 -33.78
N GLY B 319 -10.55 -35.70 -32.89
CA GLY B 319 -11.13 -34.45 -33.30
C GLY B 319 -10.29 -33.25 -32.92
N ALA B 320 -10.53 -32.12 -33.57
CA ALA B 320 -9.81 -30.88 -33.30
C ALA B 320 -10.77 -29.70 -33.22
N ALA B 321 -10.29 -28.59 -32.69
CA ALA B 321 -11.14 -27.42 -32.52
C ALA B 321 -10.34 -26.12 -32.61
N THR B 322 -11.05 -25.02 -32.85
CA THR B 322 -10.42 -23.70 -32.92
C THR B 322 -11.06 -22.77 -31.91
N LEU B 323 -10.25 -22.24 -31.00
CA LEU B 323 -10.76 -21.37 -29.95
C LEU B 323 -10.54 -19.91 -30.32
N PHE B 324 -11.57 -19.09 -30.12
CA PHE B 324 -11.51 -17.69 -30.52
C PHE B 324 -11.52 -16.75 -29.32
N TYR B 325 -10.78 -15.65 -29.46
CA TYR B 325 -10.72 -14.62 -28.42
C TYR B 325 -10.32 -13.28 -29.03
N PRO B 326 -10.87 -12.18 -28.48
CA PRO B 326 -10.56 -10.84 -28.99
C PRO B 326 -9.12 -10.43 -28.70
N MET B 327 -8.54 -9.63 -29.59
CA MET B 327 -7.16 -9.17 -29.42
C MET B 327 -7.02 -8.26 -28.21
N TRP B 328 -8.07 -7.50 -27.91
CA TRP B 328 -8.03 -6.56 -26.79
C TRP B 328 -8.24 -7.25 -25.44
N HIS B 329 -8.27 -8.57 -25.44
CA HIS B 329 -8.41 -9.32 -24.20
C HIS B 329 -7.16 -9.09 -23.33
N LEU B 330 -7.33 -9.15 -22.02
CA LEU B 330 -6.25 -8.82 -21.10
C LEU B 330 -5.13 -9.86 -21.12
N GLU B 331 -5.48 -11.12 -21.35
CA GLU B 331 -4.50 -12.19 -21.35
C GLU B 331 -4.02 -12.52 -22.75
N VAL B 332 -4.18 -11.59 -23.68
CA VAL B 332 -3.89 -11.84 -25.09
C VAL B 332 -2.41 -12.15 -25.33
N GLU B 333 -1.54 -11.66 -24.44
CA GLU B 333 -0.11 -11.89 -24.58
C GLU B 333 0.25 -13.31 -24.14
N SER B 334 -0.67 -13.97 -23.45
CA SER B 334 -0.44 -15.32 -22.96
C SER B 334 -1.16 -16.35 -23.82
N LEU B 335 -2.18 -15.91 -24.57
CA LEU B 335 -2.98 -16.82 -25.38
C LEU B 335 -2.36 -17.04 -26.76
N LEU B 336 -1.60 -16.07 -27.24
CA LEU B 336 -0.98 -16.18 -28.56
C LEU B 336 0.16 -17.18 -28.57
N VAL B 337 0.77 -17.40 -27.41
CA VAL B 337 1.92 -18.29 -27.31
C VAL B 337 1.54 -19.62 -26.66
N LEU B 338 0.36 -20.13 -27.00
CA LEU B 338 -0.13 -21.37 -26.42
C LEU B 338 0.22 -22.61 -27.24
N LYS B 339 0.75 -22.40 -28.45
CA LYS B 339 1.01 -23.52 -29.35
C LYS B 339 2.49 -23.80 -29.57
N ASN B 340 3.36 -22.87 -29.20
CA ASN B 340 4.79 -23.06 -29.40
C ASN B 340 5.33 -24.21 -28.56
N ASN B 341 6.30 -24.92 -29.11
CA ASN B 341 6.85 -26.11 -28.45
C ASN B 341 7.58 -25.80 -27.15
N ARG B 342 8.14 -24.60 -27.04
CA ARG B 342 8.85 -24.19 -25.83
C ARG B 342 7.87 -23.89 -24.70
N GLY B 343 8.41 -23.57 -23.53
CA GLY B 343 7.58 -23.26 -22.37
C GLY B 343 7.07 -24.50 -21.67
N VAL B 344 6.62 -24.34 -20.43
CA VAL B 344 6.12 -25.45 -19.64
C VAL B 344 4.67 -25.77 -19.98
N GLU B 345 4.18 -26.91 -19.49
CA GLU B 345 2.82 -27.35 -19.79
C GLU B 345 1.79 -26.49 -19.08
N GLY B 346 2.22 -25.81 -18.03
CA GLY B 346 1.32 -24.97 -17.23
C GLY B 346 0.79 -23.79 -18.02
N ASN B 347 1.57 -23.35 -19.00
CA ASN B 347 1.18 -22.20 -19.82
C ASN B 347 1.16 -22.54 -21.31
N ARG B 348 0.77 -23.78 -21.61
CA ARG B 348 0.66 -24.22 -23.00
C ARG B 348 -0.56 -25.10 -23.22
N VAL B 349 -1.33 -24.77 -24.26
CA VAL B 349 -2.44 -25.60 -24.70
C VAL B 349 -2.28 -25.81 -26.21
N ARG B 350 -1.50 -26.83 -26.57
CA ARG B 350 -1.00 -26.97 -27.93
C ARG B 350 -1.95 -27.67 -28.90
N HIS B 351 -2.78 -28.58 -28.39
CA HIS B 351 -3.58 -29.43 -29.26
C HIS B 351 -4.90 -28.79 -29.69
N MET B 352 -4.92 -27.46 -29.73
CA MET B 352 -6.06 -26.73 -30.29
C MET B 352 -5.56 -25.57 -31.14
N ASP B 353 -6.38 -25.15 -32.10
CA ASP B 353 -6.05 -23.99 -32.92
C ASP B 353 -6.70 -22.74 -32.34
N TYR B 354 -6.23 -21.58 -32.76
CA TYR B 354 -6.72 -20.32 -32.23
C TYR B 354 -6.98 -19.29 -33.31
N GLY B 355 -7.97 -18.44 -33.07
CA GLY B 355 -8.32 -17.39 -34.02
C GLY B 355 -8.48 -16.05 -33.34
N VAL B 356 -7.49 -15.17 -33.54
CA VAL B 356 -7.54 -13.84 -32.95
C VAL B 356 -8.54 -12.95 -33.68
N GLN B 357 -9.44 -12.35 -32.93
CA GLN B 357 -10.47 -11.48 -33.51
C GLN B 357 -10.02 -10.03 -33.54
N ILE B 358 -10.01 -9.45 -34.74
CA ILE B 358 -9.52 -8.09 -34.94
C ILE B 358 -10.58 -7.22 -35.61
N ASN B 359 -10.62 -5.93 -35.27
CA ASN B 359 -11.49 -4.99 -35.96
C ASN B 359 -10.72 -3.77 -36.45
N LYS B 360 -11.44 -2.78 -36.98
CA LYS B 360 -10.83 -1.62 -37.61
C LYS B 360 -9.94 -0.81 -36.67
N LEU B 361 -10.44 -0.59 -35.45
CA LEU B 361 -9.72 0.23 -34.48
C LEU B 361 -8.38 -0.38 -34.10
N MET B 362 -8.31 -1.70 -34.09
CA MET B 362 -7.05 -2.39 -33.77
C MET B 362 -6.01 -2.16 -34.86
N TYR B 363 -6.44 -2.21 -36.13
CA TYR B 363 -5.53 -1.97 -37.24
C TYR B 363 -5.11 -0.51 -37.31
N THR B 364 -6.01 0.39 -36.91
CA THR B 364 -5.73 1.82 -36.93
C THR B 364 -4.59 2.16 -35.97
N ARG B 365 -4.61 1.55 -34.79
CA ARG B 365 -3.55 1.75 -33.81
C ARG B 365 -2.21 1.23 -34.34
N LEU B 366 -2.29 0.26 -35.23
CA LEU B 366 -1.08 -0.32 -35.84
C LEU B 366 -0.48 0.63 -36.86
N LEU B 367 -1.32 1.17 -37.74
CA LEU B 367 -0.87 2.08 -38.79
C LEU B 367 -0.36 3.39 -38.20
N LYS B 368 -1.04 3.89 -37.17
CA LYS B 368 -0.63 5.11 -36.51
C LYS B 368 0.51 4.84 -35.53
N GLY B 369 0.81 3.57 -35.33
CA GLY B 369 1.89 3.16 -34.46
C GLY B 369 1.61 3.48 -33.00
N GLU B 370 0.33 3.59 -32.66
CA GLU B 370 -0.08 3.91 -31.31
C GLU B 370 -0.11 2.66 -30.44
N ASP B 371 -0.81 2.75 -29.31
CA ASP B 371 -0.91 1.62 -28.39
C ASP B 371 -2.27 0.95 -28.45
N ILE B 372 -2.33 -0.28 -27.95
CA ILE B 372 -3.59 -1.00 -27.81
C ILE B 372 -3.82 -1.30 -26.35
N THR B 373 -4.91 -0.79 -25.79
CA THR B 373 -5.21 -0.98 -24.38
C THR B 373 -5.91 -2.31 -24.17
N LEU B 374 -5.37 -3.11 -23.26
CA LEU B 374 -5.93 -4.43 -22.98
C LEU B 374 -6.94 -4.38 -21.84
N PHE B 375 -8.15 -4.86 -22.12
CA PHE B 375 -9.20 -4.90 -21.11
C PHE B 375 -9.67 -6.32 -20.86
N SER B 376 -10.28 -6.54 -19.71
CA SER B 376 -11.00 -7.78 -19.44
C SER B 376 -12.48 -7.52 -19.68
N PRO B 377 -13.14 -8.38 -20.47
CA PRO B 377 -14.53 -8.17 -20.89
C PRO B 377 -15.53 -8.12 -19.74
N SER B 378 -15.04 -8.21 -18.50
CA SER B 378 -15.89 -8.11 -17.33
C SER B 378 -15.78 -6.74 -16.68
N ASP B 379 -14.74 -6.00 -17.05
CA ASP B 379 -14.49 -4.68 -16.48
C ASP B 379 -14.91 -3.56 -17.42
N VAL B 380 -15.30 -3.93 -18.63
CA VAL B 380 -15.68 -2.95 -19.64
C VAL B 380 -17.08 -3.23 -20.20
N PRO B 381 -18.11 -2.64 -19.56
CA PRO B 381 -19.52 -2.87 -19.87
C PRO B 381 -19.90 -2.54 -21.31
N GLY B 382 -20.44 -3.53 -22.03
CA GLY B 382 -20.94 -3.33 -23.38
C GLY B 382 -19.86 -3.22 -24.43
N LEU B 383 -18.60 -3.36 -24.01
CA LEU B 383 -17.47 -3.25 -24.92
C LEU B 383 -17.36 -4.48 -25.81
N TYR B 384 -17.72 -5.64 -25.27
CA TYR B 384 -17.63 -6.90 -26.00
C TYR B 384 -18.68 -7.02 -27.09
N ASP B 385 -19.93 -6.74 -26.73
CA ASP B 385 -21.04 -6.86 -27.68
C ASP B 385 -20.89 -5.91 -28.86
N ALA B 386 -20.49 -4.66 -28.57
CA ALA B 386 -20.33 -3.64 -29.60
C ALA B 386 -19.14 -3.96 -30.50
N PHE B 387 -18.22 -4.76 -29.99
CA PHE B 387 -17.01 -5.15 -30.73
C PHE B 387 -17.35 -5.91 -32.01
N PHE B 388 -18.53 -6.54 -32.02
CA PHE B 388 -18.95 -7.30 -33.18
C PHE B 388 -20.06 -6.59 -33.96
N ALA B 389 -20.95 -5.91 -33.25
CA ALA B 389 -22.13 -5.32 -33.87
C ALA B 389 -21.90 -3.88 -34.34
N ASP B 390 -21.64 -2.99 -33.39
CA ASP B 390 -21.53 -1.56 -33.70
C ASP B 390 -20.10 -1.06 -33.49
N GLN B 391 -19.38 -0.90 -34.59
CA GLN B 391 -17.99 -0.44 -34.53
C GLN B 391 -17.90 1.01 -34.03
N GLU B 392 -18.90 1.81 -34.35
CA GLU B 392 -18.95 3.19 -33.89
C GLU B 392 -19.11 3.22 -32.39
N GLU B 393 -19.98 2.35 -31.87
CA GLU B 393 -20.22 2.25 -30.43
C GLU B 393 -18.99 1.70 -29.72
N PHE B 394 -18.27 0.81 -30.41
CA PHE B 394 -17.06 0.20 -29.85
C PHE B 394 -15.98 1.24 -29.63
N GLU B 395 -15.70 2.03 -30.66
CA GLU B 395 -14.67 3.06 -30.59
C GLU B 395 -15.00 4.09 -29.51
N ARG B 396 -16.28 4.34 -29.32
CA ARG B 396 -16.74 5.25 -28.27
C ARG B 396 -16.42 4.69 -26.89
N LEU B 397 -16.80 3.43 -26.68
CA LEU B 397 -16.58 2.77 -25.40
C LEU B 397 -15.10 2.48 -25.14
N TYR B 398 -14.38 2.12 -26.20
CA TYR B 398 -12.97 1.79 -26.07
C TYR B 398 -12.16 2.99 -25.62
N THR B 399 -12.38 4.13 -26.27
CA THR B 399 -11.69 5.36 -25.93
C THR B 399 -12.15 5.90 -24.58
N LYS B 400 -13.41 5.69 -24.25
CA LYS B 400 -13.94 6.13 -22.96
C LYS B 400 -13.27 5.41 -21.80
N TYR B 401 -13.14 4.09 -21.92
CA TYR B 401 -12.57 3.27 -20.87
C TYR B 401 -11.05 3.38 -20.82
N GLU B 402 -10.45 3.88 -21.90
CA GLU B 402 -9.01 4.13 -21.90
C GLU B 402 -8.66 5.30 -20.99
N LYS B 403 -9.53 6.32 -20.99
CA LYS B 403 -9.31 7.50 -20.17
C LYS B 403 -9.81 7.31 -18.75
N ASP B 404 -10.49 6.19 -18.50
CA ASP B 404 -10.96 5.87 -17.17
C ASP B 404 -9.84 5.20 -16.38
N ASP B 405 -9.60 5.69 -15.17
CA ASP B 405 -8.51 5.17 -14.36
C ASP B 405 -9.00 4.14 -13.35
N SER B 406 -10.31 3.98 -13.26
CA SER B 406 -10.90 3.01 -12.33
C SER B 406 -10.96 1.62 -12.96
N ILE B 407 -10.89 1.58 -14.29
CA ILE B 407 -10.94 0.32 -15.02
C ILE B 407 -9.55 -0.29 -15.15
N ARG B 408 -9.41 -1.53 -14.72
CA ARG B 408 -8.12 -2.22 -14.83
C ARG B 408 -7.76 -2.43 -16.29
N LYS B 409 -6.53 -2.06 -16.64
CA LYS B 409 -6.07 -2.13 -18.03
C LYS B 409 -4.58 -2.39 -18.12
N GLN B 410 -4.11 -2.61 -19.35
CA GLN B 410 -2.69 -2.77 -19.63
C GLN B 410 -2.34 -2.19 -20.99
N ARG B 411 -1.24 -1.44 -21.04
CA ARG B 411 -0.79 -0.79 -22.28
C ARG B 411 0.23 -1.64 -23.01
N VAL B 412 -0.02 -1.91 -24.29
CA VAL B 412 0.95 -2.61 -25.13
C VAL B 412 0.96 -1.97 -26.52
N LYS B 413 2.16 -1.77 -27.06
CA LYS B 413 2.31 -1.15 -28.37
C LYS B 413 1.74 -2.04 -29.47
N ALA B 414 0.98 -1.43 -30.37
CA ALA B 414 0.29 -2.16 -31.43
C ALA B 414 1.25 -2.92 -32.33
N VAL B 415 2.40 -2.33 -32.59
CA VAL B 415 3.40 -2.94 -33.47
C VAL B 415 3.93 -4.24 -32.87
N GLU B 416 4.14 -4.24 -31.56
CA GLU B 416 4.66 -5.42 -30.87
C GLU B 416 3.60 -6.50 -30.73
N LEU B 417 2.37 -6.09 -30.46
CA LEU B 417 1.28 -7.04 -30.26
C LEU B 417 0.95 -7.78 -31.56
N PHE B 418 0.86 -7.04 -32.66
CA PHE B 418 0.61 -7.64 -33.96
C PHE B 418 1.79 -8.51 -34.39
N SER B 419 3.00 -8.09 -34.02
CA SER B 419 4.19 -8.85 -34.35
C SER B 419 4.22 -10.19 -33.62
N LEU B 420 3.79 -10.17 -32.36
CA LEU B 420 3.73 -11.38 -31.55
C LEU B 420 2.73 -12.37 -32.13
N MET B 421 1.59 -11.85 -32.59
CA MET B 421 0.56 -12.67 -33.18
C MET B 421 1.05 -13.34 -34.47
N MET B 422 1.62 -12.54 -35.36
CA MET B 422 2.11 -13.05 -36.65
C MET B 422 3.34 -13.93 -36.48
N GLN B 423 4.11 -13.70 -35.42
CA GLN B 423 5.29 -14.50 -35.13
C GLN B 423 4.92 -15.93 -34.79
N GLU B 424 3.95 -16.08 -33.89
CA GLU B 424 3.47 -17.39 -33.50
C GLU B 424 2.68 -18.03 -34.64
N ARG B 425 2.08 -17.18 -35.47
CA ARG B 425 1.37 -17.65 -36.65
C ARG B 425 2.35 -18.20 -37.68
N ALA B 426 3.54 -17.60 -37.73
CA ALA B 426 4.56 -18.03 -38.67
C ALA B 426 5.16 -19.38 -38.29
N SER B 427 5.40 -19.57 -37.00
CA SER B 427 6.04 -20.79 -36.51
C SER B 427 5.08 -21.97 -36.47
N THR B 428 3.91 -21.76 -35.88
CA THR B 428 2.93 -22.83 -35.73
C THR B 428 2.10 -23.02 -37.00
N GLY B 429 1.66 -21.91 -37.58
CA GLY B 429 0.86 -21.96 -38.80
C GLY B 429 -0.60 -22.25 -38.52
N ARG B 430 -0.96 -22.23 -37.24
CA ARG B 430 -2.32 -22.58 -36.84
C ARG B 430 -3.00 -21.44 -36.08
N ILE B 431 -2.31 -20.31 -35.96
CA ILE B 431 -2.89 -19.12 -35.34
C ILE B 431 -3.62 -18.31 -36.41
N TYR B 432 -4.94 -18.24 -36.30
CA TYR B 432 -5.77 -17.67 -37.34
C TYR B 432 -6.25 -16.26 -37.04
N ILE B 433 -6.77 -15.58 -38.06
CA ILE B 433 -7.24 -14.21 -37.93
C ILE B 433 -8.68 -14.06 -38.42
N GLN B 434 -9.53 -13.43 -37.61
CA GLN B 434 -10.91 -13.16 -38.02
C GLN B 434 -11.26 -11.68 -37.88
N ASN B 435 -11.45 -11.01 -39.01
CA ASN B 435 -11.90 -9.62 -39.02
C ASN B 435 -13.39 -9.55 -38.72
N VAL B 436 -13.73 -9.34 -37.44
CA VAL B 436 -15.11 -9.44 -36.98
C VAL B 436 -15.99 -8.29 -37.46
N ASP B 437 -15.39 -7.15 -37.77
CA ASP B 437 -16.15 -6.00 -38.25
C ASP B 437 -16.69 -6.25 -39.64
N HIS B 438 -15.92 -6.96 -40.45
CA HIS B 438 -16.36 -7.33 -41.80
C HIS B 438 -17.38 -8.44 -41.74
N CYS B 439 -17.39 -9.19 -40.64
CA CYS B 439 -18.30 -10.32 -40.49
C CYS B 439 -19.70 -9.88 -40.07
N ASN B 440 -19.90 -8.57 -39.96
CA ASN B 440 -21.19 -8.03 -39.58
C ASN B 440 -21.62 -6.85 -40.44
N THR B 441 -20.64 -6.12 -40.99
CA THR B 441 -20.94 -5.04 -41.92
C THR B 441 -21.24 -5.61 -43.30
N HIS B 442 -20.58 -6.72 -43.63
CA HIS B 442 -20.82 -7.43 -44.88
C HIS B 442 -21.35 -8.83 -44.56
N SER B 443 -22.54 -8.88 -43.97
CA SER B 443 -23.10 -10.13 -43.46
C SER B 443 -24.56 -10.31 -43.86
N PRO B 444 -25.00 -11.57 -43.98
CA PRO B 444 -26.42 -11.85 -44.22
C PRO B 444 -27.25 -11.76 -42.95
N PHE B 445 -26.64 -11.36 -41.84
CA PHE B 445 -27.34 -11.26 -40.56
C PHE B 445 -27.31 -9.86 -39.97
N ASP B 446 -28.38 -9.49 -39.29
CA ASP B 446 -28.46 -8.22 -38.59
C ASP B 446 -27.72 -8.31 -37.26
N PRO B 447 -26.64 -7.53 -37.11
CA PRO B 447 -25.81 -7.54 -35.90
C PRO B 447 -26.59 -7.13 -34.65
N ALA B 448 -27.69 -6.40 -34.85
CA ALA B 448 -28.49 -5.92 -33.72
C ALA B 448 -29.41 -7.03 -33.19
N ILE B 449 -29.61 -8.05 -34.00
CA ILE B 449 -30.50 -9.15 -33.62
C ILE B 449 -29.72 -10.46 -33.45
N ALA B 450 -28.90 -10.79 -34.43
CA ALA B 450 -28.11 -12.02 -34.40
C ALA B 450 -26.74 -11.81 -35.02
N PRO B 451 -25.81 -11.25 -34.23
CA PRO B 451 -24.47 -10.94 -34.74
C PRO B 451 -23.57 -12.16 -34.84
N VAL B 452 -22.54 -12.07 -35.67
CA VAL B 452 -21.55 -13.13 -35.79
C VAL B 452 -20.35 -12.82 -34.90
N ARG B 453 -20.16 -13.62 -33.86
CA ARG B 453 -19.09 -13.38 -32.90
C ARG B 453 -17.91 -14.34 -33.02
N GLN B 454 -18.02 -15.31 -33.92
CA GLN B 454 -16.97 -16.32 -34.04
C GLN B 454 -16.98 -17.03 -35.39
N SER B 455 -16.22 -18.12 -35.47
CA SER B 455 -16.16 -18.94 -36.67
C SER B 455 -15.95 -20.40 -36.30
N ASN B 456 -15.56 -21.23 -37.27
CA ASN B 456 -15.39 -22.65 -37.03
C ASN B 456 -13.93 -23.11 -37.08
N LEU B 457 -13.74 -24.40 -37.31
CA LEU B 457 -12.40 -25.00 -37.33
C LEU B 457 -11.55 -24.50 -38.49
N CYS B 458 -12.14 -24.42 -39.68
CA CYS B 458 -11.40 -24.04 -40.88
C CYS B 458 -11.65 -22.59 -41.29
N LEU B 459 -12.41 -21.88 -40.46
CA LEU B 459 -12.71 -20.45 -40.67
C LEU B 459 -13.36 -20.14 -42.01
N GLU B 460 -14.43 -20.87 -42.33
CA GLU B 460 -15.21 -20.57 -43.52
C GLU B 460 -16.67 -20.35 -43.13
N ILE B 461 -16.97 -20.64 -41.86
CA ILE B 461 -18.32 -20.52 -41.35
C ILE B 461 -18.49 -19.30 -40.45
N ALA B 462 -19.51 -18.51 -40.73
CA ALA B 462 -19.82 -17.33 -39.92
C ALA B 462 -21.31 -17.29 -39.62
N LEU B 463 -21.70 -17.87 -38.47
CA LEU B 463 -23.10 -17.97 -38.10
C LEU B 463 -23.35 -17.44 -36.70
N PRO B 464 -24.56 -16.93 -36.44
CA PRO B 464 -24.93 -16.41 -35.12
C PRO B 464 -24.93 -17.50 -34.05
N THR B 465 -24.45 -17.15 -32.86
CA THR B 465 -24.42 -18.08 -31.74
C THR B 465 -24.86 -17.41 -30.44
N LYS B 466 -25.35 -18.20 -29.50
CA LYS B 466 -25.75 -17.72 -28.19
C LYS B 466 -25.35 -18.73 -27.12
N PRO B 467 -24.69 -18.25 -26.05
CA PRO B 467 -24.17 -19.13 -25.00
C PRO B 467 -25.24 -19.96 -24.30
N LEU B 468 -24.85 -21.11 -23.79
CA LEU B 468 -25.77 -22.02 -23.12
C LEU B 468 -25.54 -22.00 -21.61
N ASN B 469 -26.62 -21.95 -20.85
CA ASN B 469 -26.54 -22.03 -19.40
C ASN B 469 -26.65 -23.47 -18.92
N ASP B 470 -26.90 -24.37 -19.87
CA ASP B 470 -26.98 -25.80 -19.61
C ASP B 470 -26.82 -26.55 -20.92
N VAL B 471 -26.39 -27.81 -20.85
CA VAL B 471 -26.17 -28.62 -22.04
C VAL B 471 -27.47 -28.80 -22.82
N ASN B 472 -28.59 -28.85 -22.09
CA ASN B 472 -29.89 -29.01 -22.71
C ASN B 472 -30.71 -27.73 -22.65
N ASP B 473 -30.03 -26.59 -22.69
CA ASP B 473 -30.70 -25.29 -22.66
C ASP B 473 -31.34 -24.98 -24.01
N GLU B 474 -32.62 -24.64 -23.98
CA GLU B 474 -33.36 -24.33 -25.19
C GLU B 474 -33.29 -22.86 -25.54
N ASN B 475 -32.54 -22.10 -24.75
CA ASN B 475 -32.39 -20.67 -24.97
C ASN B 475 -31.07 -20.33 -25.64
N GLY B 476 -30.15 -21.29 -25.62
CA GLY B 476 -28.86 -21.11 -26.27
C GLY B 476 -28.97 -21.39 -27.75
N GLU B 477 -27.88 -21.23 -28.47
CA GLU B 477 -27.86 -21.49 -29.90
C GLU B 477 -26.49 -21.96 -30.37
N ILE B 478 -26.42 -23.23 -30.78
CA ILE B 478 -25.19 -23.78 -31.34
C ILE B 478 -25.31 -23.82 -32.87
N ALA B 479 -24.40 -23.12 -33.54
CA ALA B 479 -24.48 -22.99 -34.99
C ALA B 479 -24.02 -24.26 -35.72
N LEU B 480 -24.90 -24.78 -36.57
CA LEU B 480 -24.58 -25.90 -37.43
C LEU B 480 -24.68 -25.48 -38.88
N CYS B 481 -23.96 -26.17 -39.77
CA CYS B 481 -23.99 -25.83 -41.18
C CYS B 481 -23.68 -27.05 -42.05
N THR B 482 -24.55 -27.27 -43.05
CA THR B 482 -24.37 -28.37 -43.99
C THR B 482 -23.58 -27.91 -45.20
N LEU B 483 -22.56 -28.68 -45.57
CA LEU B 483 -21.65 -28.26 -46.63
C LEU B 483 -21.88 -28.97 -47.96
N SER B 484 -21.34 -28.38 -49.01
CA SER B 484 -21.35 -28.95 -50.37
C SER B 484 -20.46 -28.08 -51.26
N ALA B 485 -20.32 -28.45 -52.51
CA ALA B 485 -19.45 -27.71 -53.42
C ALA B 485 -19.81 -27.89 -54.88
N PHE B 486 -19.72 -26.81 -55.64
CA PHE B 486 -19.87 -26.87 -57.08
C PHE B 486 -18.51 -27.16 -57.71
N ASN B 487 -18.51 -28.00 -58.74
CA ASN B 487 -17.27 -28.31 -59.44
C ASN B 487 -17.13 -27.46 -60.70
N LEU B 488 -16.31 -26.42 -60.62
CA LEU B 488 -16.14 -25.48 -61.72
C LEU B 488 -15.43 -26.11 -62.92
N GLY B 489 -14.80 -27.25 -62.69
CA GLY B 489 -14.10 -27.96 -63.75
C GLY B 489 -14.99 -28.97 -64.44
N ALA B 490 -16.25 -29.02 -64.04
CA ALA B 490 -17.21 -29.96 -64.61
C ALA B 490 -18.36 -29.24 -65.30
N ILE B 491 -18.28 -27.92 -65.36
CA ILE B 491 -19.30 -27.13 -66.03
C ILE B 491 -18.71 -26.42 -67.25
N ASN B 492 -19.52 -26.26 -68.29
CA ASN B 492 -19.07 -25.60 -69.52
C ASN B 492 -19.40 -24.12 -69.51
N ASN B 493 -20.41 -23.74 -68.72
CA ASN B 493 -20.77 -22.34 -68.56
C ASN B 493 -21.41 -22.08 -67.20
N LEU B 494 -21.60 -20.80 -66.87
CA LEU B 494 -22.10 -20.41 -65.55
C LEU B 494 -23.61 -20.57 -65.43
N ASP B 495 -24.30 -20.70 -66.55
CA ASP B 495 -25.75 -20.81 -66.54
C ASP B 495 -26.21 -22.21 -66.14
N GLU B 496 -25.27 -23.15 -66.02
CA GLU B 496 -25.59 -24.47 -65.52
C GLU B 496 -25.80 -24.45 -64.01
N LEU B 497 -25.27 -23.40 -63.37
CA LEU B 497 -25.36 -23.27 -61.93
C LEU B 497 -26.79 -23.09 -61.45
N GLU B 498 -27.65 -22.57 -62.32
CA GLU B 498 -29.05 -22.39 -61.98
C GLU B 498 -29.71 -23.72 -61.69
N GLU B 499 -29.43 -24.71 -62.53
CA GLU B 499 -29.95 -26.06 -62.34
C GLU B 499 -29.26 -26.73 -61.15
N LEU B 500 -27.96 -26.52 -61.03
CA LEU B 500 -27.16 -27.12 -59.97
C LEU B 500 -27.51 -26.55 -58.59
N ALA B 501 -27.85 -25.27 -58.55
CA ALA B 501 -28.22 -24.63 -57.29
C ALA B 501 -29.55 -25.17 -56.77
N ILE B 502 -30.48 -25.39 -57.68
CA ILE B 502 -31.78 -25.96 -57.33
C ILE B 502 -31.61 -27.34 -56.73
N LEU B 503 -30.74 -28.14 -57.34
CA LEU B 503 -30.49 -29.51 -56.87
C LEU B 503 -29.71 -29.53 -55.56
N ALA B 504 -28.76 -28.62 -55.41
CA ALA B 504 -27.90 -28.59 -54.24
C ALA B 504 -28.66 -28.12 -53.00
N VAL B 505 -29.32 -26.97 -53.12
CA VAL B 505 -30.02 -26.36 -51.98
C VAL B 505 -31.15 -27.25 -51.47
N ARG B 506 -31.98 -27.76 -52.39
CA ARG B 506 -33.12 -28.59 -52.03
C ARG B 506 -32.69 -29.88 -51.35
N ALA B 507 -31.53 -30.41 -51.76
CA ALA B 507 -31.01 -31.64 -51.18
C ALA B 507 -30.50 -31.43 -49.76
N LEU B 508 -29.70 -30.38 -49.59
CA LEU B 508 -29.14 -30.06 -48.28
C LEU B 508 -30.22 -29.62 -47.31
N ASP B 509 -31.19 -28.87 -47.80
CA ASP B 509 -32.29 -28.40 -46.98
C ASP B 509 -33.14 -29.57 -46.49
N ALA B 510 -33.22 -30.60 -47.30
CA ALA B 510 -33.97 -31.80 -46.95
C ALA B 510 -33.19 -32.63 -45.93
N LEU B 511 -31.87 -32.50 -45.94
CA LEU B 511 -31.01 -33.22 -45.01
C LEU B 511 -31.15 -32.68 -43.60
N LEU B 512 -31.45 -31.38 -43.50
CA LEU B 512 -31.61 -30.72 -42.21
C LEU B 512 -32.73 -31.37 -41.39
N ASP B 513 -33.78 -31.81 -42.09
CA ASP B 513 -34.91 -32.47 -41.44
C ASP B 513 -34.69 -33.98 -41.39
N TYR B 514 -33.55 -34.42 -41.90
CA TYR B 514 -33.23 -35.84 -41.97
C TYR B 514 -32.28 -36.25 -40.85
N GLN B 515 -31.25 -35.43 -40.63
CA GLN B 515 -30.23 -35.72 -39.63
C GLN B 515 -30.74 -35.57 -38.20
N ASP B 516 -29.98 -36.09 -37.25
CA ASP B 516 -30.34 -35.98 -35.85
C ASP B 516 -29.58 -34.85 -35.16
N TYR B 517 -30.08 -34.42 -34.01
CA TYR B 517 -29.44 -33.35 -33.25
C TYR B 517 -29.30 -33.75 -31.79
N PRO B 518 -28.08 -34.05 -31.36
CA PRO B 518 -27.79 -34.52 -29.99
C PRO B 518 -27.93 -33.42 -28.94
N ILE B 519 -27.98 -32.17 -29.38
CA ILE B 519 -28.09 -31.03 -28.47
C ILE B 519 -29.23 -30.12 -28.88
N PRO B 520 -30.17 -29.87 -27.95
CA PRO B 520 -31.36 -29.05 -28.19
C PRO B 520 -31.05 -27.67 -28.77
N ALA B 521 -30.00 -27.03 -28.25
CA ALA B 521 -29.64 -25.68 -28.70
C ALA B 521 -29.10 -25.68 -30.12
N ALA B 522 -28.59 -26.82 -30.56
CA ALA B 522 -28.07 -26.94 -31.93
C ALA B 522 -29.20 -27.07 -32.93
N LYS B 523 -30.25 -27.80 -32.54
CA LYS B 523 -31.41 -28.00 -33.38
C LYS B 523 -32.15 -26.68 -33.58
N ARG B 524 -32.09 -25.83 -32.56
CA ARG B 524 -32.74 -24.52 -32.60
C ARG B 524 -32.17 -23.65 -33.73
N GLY B 525 -30.86 -23.68 -33.88
CA GLY B 525 -30.20 -22.91 -34.92
C GLY B 525 -30.39 -23.51 -36.30
N ALA B 526 -30.38 -24.85 -36.36
CA ALA B 526 -30.51 -25.56 -37.63
C ALA B 526 -31.92 -25.43 -38.20
N MET B 527 -32.93 -25.56 -37.33
CA MET B 527 -34.31 -25.46 -37.76
C MET B 527 -34.73 -24.01 -37.91
N GLY B 528 -34.07 -23.13 -37.15
CA GLY B 528 -34.42 -21.73 -37.14
C GLY B 528 -33.89 -20.96 -38.32
N ARG B 529 -32.62 -21.19 -38.65
CA ARG B 529 -31.96 -20.42 -39.70
C ARG B 529 -31.76 -21.24 -40.97
N ARG B 530 -31.67 -22.56 -40.79
CA ARG B 530 -31.46 -23.50 -41.90
C ARG B 530 -30.26 -23.10 -42.73
N THR B 531 -29.17 -22.76 -42.05
CA THR B 531 -27.96 -22.28 -42.70
C THR B 531 -27.29 -23.33 -43.57
N LEU B 532 -26.92 -22.93 -44.79
CA LEU B 532 -26.19 -23.80 -45.69
C LEU B 532 -24.83 -23.18 -46.02
N GLY B 533 -23.93 -23.99 -46.55
CA GLY B 533 -22.60 -23.52 -46.90
C GLY B 533 -22.05 -24.25 -48.10
N ILE B 534 -22.34 -23.75 -49.29
CA ILE B 534 -21.87 -24.37 -50.51
C ILE B 534 -20.68 -23.63 -51.09
N GLY B 535 -19.59 -24.35 -51.36
CA GLY B 535 -18.39 -23.75 -51.89
C GLY B 535 -18.08 -24.21 -53.30
N VAL B 536 -16.79 -24.20 -53.65
CA VAL B 536 -16.35 -24.63 -54.97
C VAL B 536 -15.06 -25.44 -54.90
N ILE B 537 -14.86 -26.30 -55.89
CA ILE B 537 -13.61 -27.01 -56.04
C ILE B 537 -13.12 -26.85 -57.48
N ASN B 538 -11.90 -27.30 -57.74
CA ASN B 538 -11.27 -27.21 -59.05
C ASN B 538 -11.23 -25.77 -59.57
N PHE B 539 -10.90 -24.83 -58.70
CA PHE B 539 -10.82 -23.43 -59.09
C PHE B 539 -9.52 -23.15 -59.84
N ALA B 540 -8.46 -23.86 -59.46
CA ALA B 540 -7.17 -23.72 -60.12
C ALA B 540 -7.26 -24.19 -61.57
N TYR B 541 -7.94 -25.32 -61.78
CA TYR B 541 -8.15 -25.84 -63.11
C TYR B 541 -9.14 -24.99 -63.89
N TYR B 542 -10.03 -24.31 -63.17
CA TYR B 542 -11.01 -23.44 -63.79
C TYR B 542 -10.34 -22.21 -64.41
N LEU B 543 -9.29 -21.73 -63.75
CA LEU B 543 -8.53 -20.59 -64.25
C LEU B 543 -7.64 -21.00 -65.42
N ALA B 544 -7.21 -22.26 -65.41
CA ALA B 544 -6.34 -22.78 -66.45
C ALA B 544 -7.06 -22.89 -67.79
N LYS B 545 -8.34 -23.28 -67.75
CA LYS B 545 -9.13 -23.42 -68.96
C LYS B 545 -9.38 -22.07 -69.61
N HIS B 546 -9.51 -21.04 -68.79
CA HIS B 546 -9.77 -19.68 -69.28
C HIS B 546 -8.47 -18.89 -69.45
N GLY B 547 -7.35 -19.55 -69.23
CA GLY B 547 -6.05 -18.94 -69.42
C GLY B 547 -5.76 -17.80 -68.47
N LYS B 548 -6.22 -17.94 -67.23
CA LYS B 548 -5.99 -16.94 -66.20
C LYS B 548 -4.98 -17.42 -65.18
N ARG B 549 -4.55 -16.53 -64.29
CA ARG B 549 -3.59 -16.88 -63.24
C ARG B 549 -4.00 -16.28 -61.90
N TYR B 550 -3.21 -16.57 -60.87
CA TYR B 550 -3.50 -16.08 -59.52
C TYR B 550 -2.84 -14.73 -59.23
N SER B 551 -1.52 -14.67 -59.39
CA SER B 551 -0.73 -13.54 -58.93
C SER B 551 -0.85 -12.28 -59.80
N ASP B 552 -0.97 -12.47 -61.11
CA ASP B 552 -0.98 -11.32 -62.02
C ASP B 552 -2.26 -10.50 -61.91
N GLY B 553 -3.30 -11.10 -61.33
CA GLY B 553 -4.58 -10.42 -61.19
C GLY B 553 -5.36 -10.40 -62.48
N SER B 554 -5.11 -11.38 -63.33
CA SER B 554 -5.80 -11.49 -64.61
C SER B 554 -7.12 -12.22 -64.47
N ALA B 555 -7.34 -12.82 -63.30
CA ALA B 555 -8.56 -13.59 -63.05
C ALA B 555 -9.56 -12.81 -62.20
N ASN B 556 -9.25 -11.55 -61.94
CA ASN B 556 -10.11 -10.70 -61.11
C ASN B 556 -11.51 -10.53 -61.68
N ASN B 557 -11.59 -10.16 -62.96
CA ASN B 557 -12.89 -9.98 -63.60
C ASN B 557 -13.62 -11.30 -63.81
N LEU B 558 -12.86 -12.36 -64.07
CA LEU B 558 -13.45 -13.69 -64.24
C LEU B 558 -14.04 -14.20 -62.93
N THR B 559 -13.30 -13.98 -61.84
CA THR B 559 -13.76 -14.39 -60.52
C THR B 559 -15.05 -13.68 -60.13
N HIS B 560 -15.10 -12.37 -60.40
CA HIS B 560 -16.28 -11.58 -60.09
C HIS B 560 -17.49 -12.06 -60.88
N LYS B 561 -17.27 -12.43 -62.13
CA LYS B 561 -18.34 -12.93 -62.99
C LYS B 561 -18.81 -14.30 -62.50
N THR B 562 -17.86 -15.13 -62.10
CA THR B 562 -18.14 -16.50 -61.69
C THR B 562 -18.96 -16.55 -60.39
N PHE B 563 -18.42 -15.95 -59.33
CA PHE B 563 -19.06 -16.02 -58.02
C PHE B 563 -20.34 -15.20 -57.94
N GLU B 564 -20.57 -14.33 -58.91
CA GLU B 564 -21.84 -13.64 -59.02
C GLU B 564 -22.90 -14.64 -59.45
N ALA B 565 -22.57 -15.45 -60.45
CA ALA B 565 -23.48 -16.47 -60.95
C ALA B 565 -23.76 -17.52 -59.88
N ILE B 566 -22.75 -17.79 -59.06
CA ILE B 566 -22.90 -18.74 -57.96
C ILE B 566 -23.92 -18.21 -56.95
N GLN B 567 -23.65 -17.04 -56.41
CA GLN B 567 -24.51 -16.47 -55.37
C GLN B 567 -25.91 -16.15 -55.86
N TYR B 568 -26.03 -15.64 -57.09
CA TYR B 568 -27.33 -15.29 -57.65
C TYR B 568 -28.21 -16.53 -57.78
N TYR B 569 -27.67 -17.56 -58.42
CA TYR B 569 -28.43 -18.79 -58.66
C TYR B 569 -28.72 -19.53 -57.36
N LEU B 570 -27.84 -19.39 -56.38
CA LEU B 570 -28.07 -19.98 -55.06
C LEU B 570 -29.24 -19.29 -54.37
N LEU B 571 -29.21 -17.96 -54.33
CA LEU B 571 -30.28 -17.18 -53.74
C LEU B 571 -31.59 -17.43 -54.47
N LYS B 572 -31.52 -17.48 -55.80
CA LYS B 572 -32.70 -17.72 -56.62
C LYS B 572 -33.29 -19.10 -56.36
N ALA B 573 -32.42 -20.09 -56.13
CA ALA B 573 -32.86 -21.44 -55.83
C ALA B 573 -33.57 -21.51 -54.49
N SER B 574 -32.98 -20.85 -53.48
CA SER B 574 -33.55 -20.84 -52.15
C SER B 574 -34.80 -19.97 -52.09
N ASN B 575 -34.82 -18.90 -52.88
CA ASN B 575 -35.96 -18.00 -52.92
C ASN B 575 -37.19 -18.70 -53.48
N GLU B 576 -37.00 -19.47 -54.54
CA GLU B 576 -38.08 -20.23 -55.14
C GLU B 576 -38.50 -21.37 -54.21
N LEU B 577 -37.57 -21.84 -53.40
CA LEU B 577 -37.84 -22.89 -52.44
C LEU B 577 -38.68 -22.35 -51.29
N ALA B 578 -38.51 -21.07 -50.97
CA ALA B 578 -39.28 -20.42 -49.92
C ALA B 578 -40.71 -20.19 -50.37
N LYS B 579 -40.93 -20.11 -51.68
CA LYS B 579 -42.27 -19.97 -52.23
C LYS B 579 -43.01 -21.30 -52.10
N GLU B 580 -42.26 -22.39 -52.16
CA GLU B 580 -42.84 -23.73 -52.17
C GLU B 580 -43.08 -24.28 -50.76
N GLN B 581 -42.09 -24.17 -49.90
CA GLN B 581 -42.17 -24.79 -48.58
C GLN B 581 -42.08 -23.80 -47.43
N GLY B 582 -42.03 -22.51 -47.76
CA GLY B 582 -41.98 -21.47 -46.74
C GLY B 582 -40.57 -21.12 -46.32
N ALA B 583 -40.35 -19.84 -46.01
CA ALA B 583 -39.03 -19.39 -45.59
C ALA B 583 -38.69 -19.88 -44.20
N CYS B 584 -37.41 -19.76 -43.83
CA CYS B 584 -36.95 -20.19 -42.51
C CYS B 584 -37.59 -19.31 -41.44
N PRO B 585 -37.91 -19.89 -40.28
CA PRO B 585 -38.58 -19.19 -39.18
C PRO B 585 -37.89 -17.91 -38.76
N TRP B 586 -36.57 -17.90 -38.72
CA TRP B 586 -35.81 -16.74 -38.26
C TRP B 586 -35.28 -15.92 -39.43
N PHE B 587 -36.07 -15.81 -40.49
CA PHE B 587 -35.65 -15.06 -41.67
C PHE B 587 -35.67 -13.55 -41.42
N ASN B 588 -36.50 -13.11 -40.50
CA ASN B 588 -36.61 -11.68 -40.20
C ASN B 588 -35.37 -11.14 -39.50
N GLU B 589 -34.48 -12.05 -39.09
CA GLU B 589 -33.24 -11.66 -38.44
C GLU B 589 -32.10 -11.54 -39.45
N THR B 590 -32.43 -11.72 -40.73
CA THR B 590 -31.45 -11.63 -41.80
C THR B 590 -31.50 -10.28 -42.48
N THR B 591 -30.41 -9.90 -43.14
CA THR B 591 -30.36 -8.65 -43.87
C THR B 591 -31.17 -8.75 -45.15
N TYR B 592 -31.36 -9.97 -45.63
CA TYR B 592 -32.15 -10.21 -46.84
C TYR B 592 -33.60 -9.78 -46.65
N ALA B 593 -34.11 -9.95 -45.43
CA ALA B 593 -35.48 -9.59 -45.11
C ALA B 593 -35.71 -8.08 -45.24
N LYS B 594 -34.66 -7.31 -44.99
CA LYS B 594 -34.74 -5.86 -45.09
C LYS B 594 -34.34 -5.41 -46.49
N GLY B 595 -34.17 -6.38 -47.39
CA GLY B 595 -33.85 -6.09 -48.77
C GLY B 595 -32.41 -5.69 -48.99
N ILE B 596 -31.52 -6.24 -48.15
CA ILE B 596 -30.10 -5.94 -48.28
C ILE B 596 -29.36 -7.12 -48.92
N LEU B 597 -28.79 -6.88 -50.10
CA LEU B 597 -28.06 -7.90 -50.82
C LEU B 597 -26.56 -7.75 -50.59
N PRO B 598 -25.80 -8.84 -50.76
CA PRO B 598 -24.34 -8.80 -50.59
C PRO B 598 -23.66 -7.75 -51.48
N ILE B 599 -24.32 -7.39 -52.58
CA ILE B 599 -23.77 -6.41 -53.51
C ILE B 599 -24.02 -4.98 -53.04
N ASP B 600 -24.54 -4.84 -51.82
CA ASP B 600 -24.84 -3.52 -51.27
C ASP B 600 -23.90 -3.17 -50.12
N THR B 601 -23.37 -4.20 -49.45
CA THR B 601 -22.57 -3.99 -48.26
C THR B 601 -21.15 -4.53 -48.38
N TYR B 602 -20.70 -4.77 -49.61
CA TYR B 602 -19.37 -5.29 -49.84
C TYR B 602 -18.31 -4.22 -49.63
N LYS B 603 -17.06 -4.64 -49.47
CA LYS B 603 -15.95 -3.71 -49.29
C LYS B 603 -15.74 -2.92 -50.58
N LYS B 604 -15.90 -1.60 -50.49
CA LYS B 604 -15.86 -0.74 -51.67
C LYS B 604 -14.47 -0.63 -52.29
N ASP B 605 -13.46 -1.14 -51.59
CA ASP B 605 -12.10 -1.13 -52.11
C ASP B 605 -11.92 -2.16 -53.22
N LEU B 606 -12.93 -2.99 -53.41
CA LEU B 606 -12.90 -4.01 -54.46
C LEU B 606 -13.13 -3.40 -55.84
N ASP B 607 -13.64 -2.17 -55.86
CA ASP B 607 -13.93 -1.49 -57.11
C ASP B 607 -12.66 -1.04 -57.82
N THR B 608 -11.54 -1.09 -57.10
CA THR B 608 -10.26 -0.67 -57.67
C THR B 608 -9.48 -1.85 -58.25
N ILE B 609 -10.01 -3.06 -58.08
CA ILE B 609 -9.34 -4.25 -58.59
C ILE B 609 -10.27 -5.11 -59.45
N ALA B 610 -11.48 -4.61 -59.70
CA ALA B 610 -12.44 -5.34 -60.53
C ALA B 610 -13.49 -4.38 -61.09
N ASN B 611 -13.73 -4.49 -62.39
CA ASN B 611 -14.70 -3.62 -63.06
C ASN B 611 -15.76 -4.43 -63.82
N GLU B 612 -15.82 -5.72 -63.53
CA GLU B 612 -16.80 -6.60 -64.16
C GLU B 612 -18.21 -6.22 -63.71
N PRO B 613 -19.10 -5.97 -64.67
CA PRO B 613 -20.48 -5.57 -64.36
C PRO B 613 -21.35 -6.73 -63.90
N LEU B 614 -22.49 -6.43 -63.29
CA LEU B 614 -23.43 -7.46 -62.88
C LEU B 614 -24.19 -7.97 -64.10
N HIS B 615 -24.25 -9.29 -64.25
CA HIS B 615 -24.86 -9.89 -65.44
C HIS B 615 -26.26 -10.42 -65.16
N TYR B 616 -26.71 -10.29 -63.92
CA TYR B 616 -28.00 -10.84 -63.52
C TYR B 616 -28.89 -9.79 -62.86
N ASP B 617 -30.19 -10.01 -62.92
CA ASP B 617 -31.16 -9.06 -62.38
C ASP B 617 -31.30 -9.23 -60.86
N TRP B 618 -30.46 -8.54 -60.12
CA TRP B 618 -30.49 -8.59 -58.65
C TRP B 618 -31.69 -7.84 -58.09
N GLU B 619 -32.09 -6.76 -58.77
CA GLU B 619 -33.18 -5.92 -58.31
C GLU B 619 -34.50 -6.67 -58.36
N ALA B 620 -34.66 -7.55 -59.34
CA ALA B 620 -35.84 -8.40 -59.42
C ALA B 620 -35.78 -9.47 -58.34
N LEU B 621 -34.56 -9.92 -58.04
CA LEU B 621 -34.34 -10.91 -57.00
C LEU B 621 -34.58 -10.29 -55.62
N ARG B 622 -34.17 -9.03 -55.47
CA ARG B 622 -34.31 -8.31 -54.21
C ARG B 622 -35.76 -8.21 -53.78
N GLU B 623 -36.64 -7.87 -54.71
CA GLU B 623 -38.07 -7.75 -54.42
C GLU B 623 -38.69 -9.13 -54.21
N SER B 624 -38.11 -10.14 -54.84
CA SER B 624 -38.60 -11.51 -54.69
C SER B 624 -38.24 -12.06 -53.31
N ILE B 625 -37.13 -11.59 -52.77
CA ILE B 625 -36.69 -12.00 -51.43
C ILE B 625 -37.44 -11.23 -50.36
N LYS B 626 -37.65 -9.94 -50.58
CA LYS B 626 -38.40 -9.11 -49.64
C LYS B 626 -39.82 -9.62 -49.46
N THR B 627 -40.36 -10.25 -50.50
CA THR B 627 -41.74 -10.70 -50.49
C THR B 627 -41.88 -12.14 -50.00
N HIS B 628 -41.13 -13.05 -50.62
CA HIS B 628 -41.28 -14.48 -50.34
C HIS B 628 -40.25 -15.02 -49.35
N GLY B 629 -39.09 -14.35 -49.29
CA GLY B 629 -38.06 -14.73 -48.35
C GLY B 629 -37.12 -15.81 -48.86
N LEU B 630 -36.23 -16.25 -47.98
CA LEU B 630 -35.27 -17.30 -48.32
C LEU B 630 -35.48 -18.53 -47.43
N ARG B 631 -35.31 -19.70 -48.03
CA ARG B 631 -35.39 -20.95 -47.27
C ARG B 631 -34.22 -21.08 -46.33
N ASN B 632 -33.10 -20.48 -46.71
CA ASN B 632 -31.87 -20.56 -45.93
C ASN B 632 -31.25 -19.19 -45.68
N SER B 633 -30.80 -18.95 -44.45
CA SER B 633 -30.19 -17.68 -44.09
C SER B 633 -28.85 -17.49 -44.78
N THR B 634 -28.11 -18.59 -44.94
CA THR B 634 -26.85 -18.56 -45.68
C THR B 634 -26.84 -19.68 -46.71
N LEU B 635 -26.03 -19.52 -47.75
CA LEU B 635 -25.98 -20.51 -48.84
C LEU B 635 -24.56 -20.77 -49.30
N SER B 636 -23.73 -19.74 -49.34
CA SER B 636 -22.38 -19.85 -49.87
C SER B 636 -21.30 -19.75 -48.81
N ALA B 637 -20.32 -20.65 -48.89
CA ALA B 637 -19.18 -20.67 -47.98
C ALA B 637 -18.05 -21.50 -48.59
N LEU B 638 -16.88 -20.89 -48.73
CA LEU B 638 -15.75 -21.56 -49.40
C LEU B 638 -14.88 -22.33 -48.42
N MET B 639 -15.09 -23.64 -48.35
CA MET B 639 -14.36 -24.50 -47.43
C MET B 639 -13.23 -25.25 -48.13
N PRO B 640 -12.24 -25.73 -47.36
CA PRO B 640 -11.20 -26.60 -47.91
C PRO B 640 -11.75 -27.98 -48.26
N SER B 641 -11.23 -28.58 -49.34
CA SER B 641 -11.65 -29.91 -49.74
C SER B 641 -10.47 -30.74 -50.22
N GLU B 642 -10.03 -31.69 -49.40
CA GLU B 642 -8.89 -32.52 -49.74
C GLU B 642 -9.31 -33.95 -50.08
N THR B 643 -10.39 -34.41 -49.45
CA THR B 643 -10.88 -35.76 -49.67
C THR B 643 -11.94 -35.80 -50.77
N SER B 644 -12.88 -34.86 -50.72
CA SER B 644 -13.98 -34.82 -51.68
C SER B 644 -13.51 -34.37 -53.05
N SER B 645 -12.36 -33.69 -53.10
CA SER B 645 -11.82 -33.18 -54.35
C SER B 645 -11.16 -34.30 -55.16
N GLN B 646 -10.52 -35.23 -54.47
CA GLN B 646 -9.83 -36.34 -55.13
C GLN B 646 -10.82 -37.26 -55.84
N ILE B 647 -12.07 -37.26 -55.37
CA ILE B 647 -13.12 -38.06 -55.99
C ILE B 647 -13.38 -37.58 -57.41
N SER B 648 -13.49 -36.26 -57.57
CA SER B 648 -13.75 -35.66 -58.88
C SER B 648 -12.44 -35.30 -59.58
N ASN B 649 -11.32 -35.75 -58.99
CA ASN B 649 -9.98 -35.42 -59.48
C ASN B 649 -9.81 -33.91 -59.64
N ALA B 650 -10.23 -33.18 -58.61
CA ALA B 650 -10.21 -31.73 -58.63
C ALA B 650 -9.06 -31.17 -57.80
N THR B 651 -8.78 -29.89 -57.97
CA THR B 651 -7.79 -29.21 -57.14
C THR B 651 -8.41 -28.89 -55.79
N ASN B 652 -7.60 -28.90 -54.73
CA ASN B 652 -8.10 -28.71 -53.37
C ASN B 652 -8.75 -27.35 -53.17
N GLY B 653 -10.06 -27.30 -53.34
CA GLY B 653 -10.81 -26.08 -53.14
C GLY B 653 -10.41 -24.96 -54.10
N ILE B 654 -10.17 -23.78 -53.56
CA ILE B 654 -9.74 -22.64 -54.35
C ILE B 654 -8.22 -22.53 -54.37
N GLU B 655 -7.57 -23.39 -53.58
CA GLU B 655 -6.12 -23.37 -53.47
C GLU B 655 -5.45 -23.93 -54.71
N PRO B 656 -4.33 -23.34 -55.12
CA PRO B 656 -3.53 -23.85 -56.25
C PRO B 656 -2.72 -25.08 -55.84
N PRO B 657 -2.49 -26.00 -56.79
CA PRO B 657 -1.72 -27.22 -56.51
C PRO B 657 -0.25 -26.93 -56.26
N ARG B 658 0.36 -27.67 -55.33
CA ARG B 658 1.78 -27.51 -55.04
C ARG B 658 2.64 -28.17 -56.10
N GLY B 659 2.02 -29.02 -56.91
CA GLY B 659 2.72 -29.71 -57.98
C GLY B 659 1.73 -30.28 -59.00
N TYR B 660 2.25 -30.66 -60.16
CA TYR B 660 1.41 -31.21 -61.21
C TYR B 660 0.94 -32.62 -60.83
N VAL B 661 1.77 -33.32 -60.06
CA VAL B 661 1.43 -34.65 -59.59
C VAL B 661 1.64 -34.76 -58.08
N SER B 662 0.59 -35.14 -57.35
CA SER B 662 0.66 -35.28 -55.91
C SER B 662 0.98 -36.73 -55.53
N ILE B 663 2.01 -36.90 -54.70
CA ILE B 663 2.42 -38.24 -54.26
C ILE B 663 2.03 -38.48 -52.81
N LYS B 664 1.22 -39.51 -52.60
CA LYS B 664 0.77 -39.87 -51.26
C LYS B 664 0.84 -41.38 -51.03
N ALA B 665 1.66 -41.80 -50.06
CA ALA B 665 1.81 -43.21 -49.75
C ALA B 665 0.52 -43.77 -49.17
N SER B 666 0.34 -45.09 -49.31
CA SER B 666 -0.88 -45.73 -48.82
C SER B 666 -0.65 -47.18 -48.44
N LYS B 667 -1.75 -47.87 -48.14
CA LYS B 667 -1.70 -49.27 -47.73
C LYS B 667 -1.43 -50.19 -48.91
N ASP B 668 -1.84 -49.76 -50.10
CA ASP B 668 -1.66 -50.53 -51.31
C ASP B 668 -0.52 -49.97 -52.17
N GLY B 669 0.37 -49.22 -51.54
CA GLY B 669 1.50 -48.64 -52.25
C GLY B 669 1.40 -47.13 -52.38
N ILE B 670 2.16 -46.56 -53.31
CA ILE B 670 2.18 -45.12 -53.53
C ILE B 670 1.11 -44.67 -54.52
N LEU B 671 0.20 -43.82 -54.06
CA LEU B 671 -0.87 -43.31 -54.91
C LEU B 671 -0.49 -42.00 -55.58
N ARG B 672 -0.60 -41.95 -56.90
CA ARG B 672 -0.27 -40.74 -57.66
C ARG B 672 -1.50 -40.15 -58.33
N GLN B 673 -1.64 -38.84 -58.22
CA GLN B 673 -2.78 -38.14 -58.82
C GLN B 673 -2.31 -36.97 -59.67
N VAL B 674 -2.70 -36.96 -60.93
CA VAL B 674 -2.30 -35.91 -61.86
C VAL B 674 -3.41 -34.85 -61.98
N VAL B 675 -3.01 -33.58 -62.05
CA VAL B 675 -3.95 -32.49 -62.24
C VAL B 675 -4.77 -32.68 -63.51
N PRO B 676 -6.05 -32.25 -63.47
CA PRO B 676 -6.95 -32.46 -64.62
C PRO B 676 -6.47 -31.76 -65.89
N ASP B 677 -6.46 -32.51 -66.99
CA ASP B 677 -6.06 -32.01 -68.30
C ASP B 677 -4.65 -31.41 -68.28
N TYR B 678 -3.69 -32.19 -67.79
CA TYR B 678 -2.30 -31.76 -67.72
C TYR B 678 -1.67 -31.73 -69.10
N GLU B 679 -2.18 -32.57 -70.00
CA GLU B 679 -1.63 -32.72 -71.35
C GLU B 679 -1.75 -31.42 -72.15
N HIS B 680 -2.81 -30.65 -71.89
CA HIS B 680 -3.09 -29.45 -72.66
C HIS B 680 -2.90 -28.17 -71.86
N LEU B 681 -2.76 -28.30 -70.55
CA LEU B 681 -2.65 -27.13 -69.68
C LEU B 681 -1.45 -27.21 -68.73
N HIS B 682 -0.38 -27.86 -69.17
CA HIS B 682 0.80 -28.02 -68.32
C HIS B 682 1.48 -26.70 -68.02
N ASP B 683 1.33 -25.73 -68.92
CA ASP B 683 1.91 -24.41 -68.73
C ASP B 683 0.87 -23.40 -68.27
N ALA B 684 -0.40 -23.76 -68.42
CA ALA B 684 -1.49 -22.88 -68.04
C ALA B 684 -1.62 -22.79 -66.52
N TYR B 685 -1.26 -23.88 -65.84
CA TYR B 685 -1.33 -23.94 -64.39
C TYR B 685 -0.32 -23.00 -63.73
N GLU B 686 -0.65 -22.56 -62.52
CA GLU B 686 0.27 -21.77 -61.72
C GLU B 686 0.46 -22.44 -60.36
N LEU B 687 1.61 -23.07 -60.16
CA LEU B 687 1.88 -23.79 -58.93
C LEU B 687 1.95 -22.85 -57.73
N LEU B 688 1.91 -23.42 -56.54
CA LEU B 688 1.88 -22.63 -55.32
C LEU B 688 3.17 -21.82 -55.12
N TRP B 689 4.30 -22.47 -55.32
CA TRP B 689 5.59 -21.83 -55.07
C TRP B 689 6.13 -21.14 -56.33
N GLU B 690 5.29 -21.09 -57.37
CA GLU B 690 5.64 -20.36 -58.59
C GLU B 690 5.06 -18.95 -58.53
N MET B 691 4.52 -18.58 -57.38
CA MET B 691 3.91 -17.27 -57.20
C MET B 691 4.83 -16.31 -56.46
N PRO B 692 4.89 -15.06 -56.93
CA PRO B 692 5.70 -14.00 -56.31
C PRO B 692 5.31 -13.74 -54.86
N GLY B 693 4.05 -13.45 -54.62
CA GLY B 693 3.55 -13.18 -53.29
C GLY B 693 2.10 -13.56 -53.10
N ASN B 694 1.50 -13.07 -52.02
CA ASN B 694 0.11 -13.37 -51.70
C ASN B 694 -0.85 -12.30 -52.17
N ASP B 695 -0.30 -11.21 -52.71
CA ASP B 695 -1.10 -10.06 -53.14
C ASP B 695 -2.12 -10.44 -54.20
N GLY B 696 -1.70 -11.25 -55.17
CA GLY B 696 -2.60 -11.68 -56.23
C GLY B 696 -3.68 -12.61 -55.72
N TYR B 697 -3.30 -13.48 -54.79
CA TYR B 697 -4.23 -14.45 -54.22
C TYR B 697 -5.29 -13.79 -53.34
N LEU B 698 -4.84 -12.91 -52.44
CA LEU B 698 -5.73 -12.25 -51.50
C LEU B 698 -6.74 -11.35 -52.21
N GLN B 699 -6.37 -10.80 -53.36
CA GLN B 699 -7.27 -9.97 -54.14
C GLN B 699 -8.43 -10.80 -54.67
N LEU B 700 -8.14 -12.02 -55.11
CA LEU B 700 -9.17 -12.91 -55.61
C LEU B 700 -10.13 -13.30 -54.49
N VAL B 701 -9.58 -13.61 -53.32
CA VAL B 701 -10.39 -13.96 -52.16
C VAL B 701 -11.34 -12.85 -51.80
N GLY B 702 -10.85 -11.61 -51.82
CA GLY B 702 -11.67 -10.45 -51.53
C GLY B 702 -12.83 -10.31 -52.49
N ILE B 703 -12.58 -10.61 -53.76
CA ILE B 703 -13.62 -10.52 -54.79
C ILE B 703 -14.68 -11.60 -54.57
N MET B 704 -14.23 -12.79 -54.17
CA MET B 704 -15.15 -13.88 -53.84
C MET B 704 -16.03 -13.49 -52.65
N GLN B 705 -15.41 -12.84 -51.68
CA GLN B 705 -16.08 -12.45 -50.44
C GLN B 705 -17.26 -11.52 -50.68
N LYS B 706 -17.25 -10.83 -51.81
CA LYS B 706 -18.30 -9.90 -52.18
C LYS B 706 -19.66 -10.60 -52.28
N PHE B 707 -19.64 -11.87 -52.66
CA PHE B 707 -20.87 -12.63 -52.87
C PHE B 707 -21.06 -13.73 -51.83
N ILE B 708 -19.96 -14.22 -51.29
CA ILE B 708 -20.03 -15.29 -50.29
C ILE B 708 -20.73 -14.83 -49.01
N ASP B 709 -21.76 -15.55 -48.62
CA ASP B 709 -22.53 -15.23 -47.42
C ASP B 709 -21.68 -15.30 -46.16
N GLN B 710 -20.93 -16.40 -46.02
CA GLN B 710 -20.12 -16.61 -44.83
C GLN B 710 -18.69 -16.15 -45.07
N SER B 711 -17.72 -17.03 -44.79
CA SER B 711 -16.31 -16.67 -44.95
C SER B 711 -15.59 -17.61 -45.90
N ILE B 712 -14.29 -17.34 -46.08
CA ILE B 712 -13.46 -18.12 -47.00
C ILE B 712 -12.20 -18.62 -46.28
N SER B 713 -11.88 -19.89 -46.45
CA SER B 713 -10.68 -20.45 -45.84
C SER B 713 -9.44 -20.10 -46.67
N ALA B 714 -9.08 -18.82 -46.67
CA ALA B 714 -7.93 -18.35 -47.43
C ALA B 714 -6.63 -18.66 -46.71
N ASN B 715 -5.64 -19.14 -47.45
CA ASN B 715 -4.34 -19.47 -46.89
C ASN B 715 -3.28 -18.46 -47.31
N THR B 716 -2.33 -18.19 -46.42
CA THR B 716 -1.18 -17.36 -46.75
C THR B 716 0.04 -18.23 -46.98
N ASN B 717 0.80 -17.93 -48.03
CA ASN B 717 1.95 -18.75 -48.38
C ASN B 717 3.23 -17.92 -48.45
N TYR B 718 4.34 -18.50 -47.98
CA TYR B 718 5.62 -17.81 -48.00
C TYR B 718 6.76 -18.78 -48.27
N ASP B 719 7.70 -18.34 -49.12
CA ASP B 719 8.88 -19.14 -49.43
C ASP B 719 10.13 -18.42 -48.92
N PRO B 720 10.79 -18.99 -47.89
CA PRO B 720 11.98 -18.43 -47.27
C PRO B 720 13.13 -18.20 -48.26
N SER B 721 13.13 -18.95 -49.36
CA SER B 721 14.18 -18.84 -50.36
C SER B 721 14.03 -17.55 -51.18
N ARG B 722 12.81 -17.03 -51.25
CA ARG B 722 12.55 -15.81 -52.02
C ARG B 722 12.86 -14.55 -51.23
N PHE B 723 13.24 -14.72 -49.97
CA PHE B 723 13.58 -13.59 -49.11
C PHE B 723 15.03 -13.67 -48.66
N PRO B 724 15.69 -12.51 -48.51
CA PRO B 724 17.09 -12.45 -48.09
C PRO B 724 17.30 -13.07 -46.71
N SER B 725 18.49 -13.62 -46.48
CA SER B 725 18.85 -14.27 -45.22
C SER B 725 17.96 -15.48 -44.92
N GLY B 726 17.23 -15.95 -45.92
CA GLY B 726 16.39 -17.13 -45.79
C GLY B 726 15.30 -17.02 -44.75
N LYS B 727 14.86 -15.79 -44.46
CA LYS B 727 13.83 -15.57 -43.46
C LYS B 727 12.79 -14.56 -43.94
N VAL B 728 11.52 -14.87 -43.71
CA VAL B 728 10.43 -13.98 -44.08
C VAL B 728 10.37 -12.81 -43.10
N PRO B 729 10.54 -11.58 -43.61
CA PRO B 729 10.53 -10.38 -42.77
C PRO B 729 9.16 -10.10 -42.17
N MET B 730 9.15 -9.51 -40.97
CA MET B 730 7.90 -9.19 -40.29
C MET B 730 7.10 -8.14 -41.04
N GLN B 731 7.80 -7.27 -41.76
CA GLN B 731 7.16 -6.20 -42.52
C GLN B 731 6.27 -6.77 -43.62
N GLN B 732 6.65 -7.92 -44.16
CA GLN B 732 5.87 -8.56 -45.22
C GLN B 732 4.61 -9.22 -44.68
N LEU B 733 4.73 -9.82 -43.50
CA LEU B 733 3.60 -10.48 -42.85
C LEU B 733 2.49 -9.49 -42.51
N LEU B 734 2.88 -8.35 -41.94
CA LEU B 734 1.92 -7.32 -41.59
C LEU B 734 1.34 -6.64 -42.83
N LYS B 735 2.14 -6.61 -43.89
CA LYS B 735 1.70 -6.02 -45.16
C LYS B 735 0.56 -6.80 -45.78
N ASP B 736 0.74 -8.11 -45.90
CA ASP B 736 -0.29 -8.98 -46.48
C ASP B 736 -1.51 -9.05 -45.57
N LEU B 737 -1.30 -8.96 -44.26
CA LEU B 737 -2.39 -8.96 -43.30
C LEU B 737 -3.27 -7.73 -43.50
N LEU B 738 -2.63 -6.57 -43.63
CA LEU B 738 -3.34 -5.32 -43.88
C LEU B 738 -3.93 -5.30 -45.29
N THR B 739 -3.26 -6.00 -46.21
CA THR B 739 -3.74 -6.10 -47.58
C THR B 739 -5.04 -6.89 -47.63
N ALA B 740 -5.10 -7.97 -46.86
CA ALA B 740 -6.30 -8.80 -46.80
C ALA B 740 -7.48 -8.03 -46.25
N TYR B 741 -7.26 -7.35 -45.12
CA TYR B 741 -8.32 -6.57 -44.47
C TYR B 741 -8.81 -5.45 -45.36
N LYS B 742 -7.93 -4.93 -46.22
CA LYS B 742 -8.27 -3.82 -47.10
C LYS B 742 -9.35 -4.21 -48.10
N PHE B 743 -9.31 -5.45 -48.58
CA PHE B 743 -10.25 -5.91 -49.60
C PHE B 743 -11.42 -6.69 -48.99
N GLY B 744 -11.59 -6.57 -47.68
CA GLY B 744 -12.74 -7.14 -47.01
C GLY B 744 -12.65 -8.62 -46.72
N VAL B 745 -11.43 -9.15 -46.65
CA VAL B 745 -11.24 -10.55 -46.29
C VAL B 745 -11.66 -10.78 -44.83
N LYS B 746 -12.58 -11.71 -44.62
CA LYS B 746 -13.13 -11.95 -43.30
C LYS B 746 -12.19 -12.77 -42.42
N THR B 747 -11.66 -13.86 -42.96
CA THR B 747 -10.82 -14.76 -42.18
C THR B 747 -9.54 -15.19 -42.92
N LEU B 748 -8.55 -15.63 -42.15
CA LEU B 748 -7.32 -16.19 -42.69
C LEU B 748 -7.02 -17.53 -42.05
N TYR B 749 -6.82 -18.56 -42.87
CA TYR B 749 -6.62 -19.91 -42.38
C TYR B 749 -5.13 -20.20 -42.16
N TYR B 750 -4.65 -21.28 -42.76
CA TYR B 750 -3.26 -21.73 -42.59
C TYR B 750 -2.24 -20.70 -43.08
N GLN B 751 -1.02 -20.82 -42.59
CA GLN B 751 0.12 -20.11 -43.16
C GLN B 751 1.17 -21.12 -43.60
N ASN B 752 1.13 -21.48 -44.87
CA ASN B 752 2.02 -22.50 -45.42
C ASN B 752 3.44 -21.99 -45.63
N THR B 753 4.39 -22.59 -44.92
CA THR B 753 5.79 -22.25 -45.06
C THR B 753 6.57 -23.37 -45.74
N ARG B 754 7.13 -23.09 -46.91
CA ARG B 754 7.88 -24.09 -47.67
C ARG B 754 9.15 -24.52 -46.95
N ASP B 755 9.47 -25.80 -47.05
CA ASP B 755 10.66 -26.35 -46.43
C ASP B 755 11.73 -26.66 -47.47
N ASN C 23 8.51 -28.54 -7.79
CA ASN C 23 7.37 -28.75 -6.92
C ASN C 23 6.66 -27.45 -6.57
N LEU C 24 7.08 -26.82 -5.48
CA LEU C 24 6.45 -25.59 -4.99
C LEU C 24 6.44 -24.49 -6.03
N LEU C 25 5.55 -23.51 -5.85
CA LEU C 25 5.34 -22.47 -6.84
C LEU C 25 5.88 -21.11 -6.39
N VAL C 26 6.25 -20.28 -7.36
CA VAL C 26 6.67 -18.91 -7.07
C VAL C 26 5.73 -17.93 -7.78
N THR C 27 5.73 -16.68 -7.34
CA THR C 27 4.87 -15.67 -7.95
C THR C 27 5.68 -14.64 -8.71
N LYS C 28 5.47 -14.59 -10.03
CA LYS C 28 6.19 -13.65 -10.89
C LYS C 28 5.70 -12.22 -10.65
N ARG C 29 6.33 -11.27 -11.31
CA ARG C 29 6.00 -9.85 -11.13
C ARG C 29 4.67 -9.48 -11.77
N ASP C 30 4.39 -10.04 -12.93
CA ASP C 30 3.17 -9.71 -13.68
C ASP C 30 1.92 -10.29 -13.01
N GLY C 31 2.12 -11.21 -12.08
CA GLY C 31 1.01 -11.84 -11.38
C GLY C 31 0.89 -13.31 -11.74
N SER C 32 1.71 -13.73 -12.70
CA SER C 32 1.74 -15.12 -13.14
C SER C 32 2.36 -16.02 -12.07
N THR C 33 2.40 -17.32 -12.36
CA THR C 33 2.97 -18.29 -11.43
C THR C 33 3.74 -19.37 -12.19
N GLU C 34 4.94 -19.67 -11.71
CA GLU C 34 5.81 -20.63 -12.37
C GLU C 34 6.41 -21.61 -11.36
N ARG C 35 6.77 -22.80 -11.82
CA ARG C 35 7.42 -23.80 -10.98
C ARG C 35 8.75 -23.24 -10.48
N ILE C 36 9.11 -23.57 -9.24
CA ILE C 36 10.34 -23.05 -8.65
C ILE C 36 11.54 -23.56 -9.44
N ASN C 37 12.50 -22.68 -9.68
CA ASN C 37 13.70 -23.03 -10.44
C ASN C 37 14.97 -22.58 -9.73
N LEU C 38 15.64 -23.52 -9.07
CA LEU C 38 16.86 -23.20 -8.32
C LEU C 38 18.03 -22.89 -9.24
N ASP C 39 17.93 -23.32 -10.49
CA ASP C 39 18.98 -23.07 -11.47
C ASP C 39 19.02 -21.60 -11.88
N LYS C 40 17.84 -20.96 -11.87
CA LYS C 40 17.75 -19.53 -12.19
C LYS C 40 18.43 -18.69 -11.11
N ILE C 41 18.26 -19.10 -9.87
CA ILE C 41 18.87 -18.41 -8.74
C ILE C 41 20.38 -18.60 -8.75
N HIS C 42 20.81 -19.83 -9.04
CA HIS C 42 22.24 -20.13 -9.12
C HIS C 42 22.88 -19.40 -10.29
N ARG C 43 22.07 -19.09 -11.30
CA ARG C 43 22.53 -18.35 -12.47
C ARG C 43 22.79 -16.89 -12.12
N VAL C 44 21.95 -16.33 -11.26
CA VAL C 44 22.10 -14.94 -10.82
C VAL C 44 23.30 -14.78 -9.89
N LEU C 45 23.43 -15.70 -8.94
CA LEU C 45 24.51 -15.66 -7.96
C LEU C 45 25.88 -15.76 -8.61
N ASP C 46 25.98 -16.53 -9.70
CA ASP C 46 27.23 -16.67 -10.43
C ASP C 46 27.63 -15.36 -11.09
N ALA C 47 26.64 -14.59 -11.53
CA ALA C 47 26.90 -13.31 -12.19
C ALA C 47 27.30 -12.24 -11.18
N ALA C 48 27.04 -12.51 -9.90
CA ALA C 48 27.36 -11.56 -8.84
C ALA C 48 28.60 -11.99 -8.07
N ALA C 49 29.17 -13.13 -8.44
CA ALA C 49 30.33 -13.67 -7.76
C ALA C 49 31.58 -13.64 -8.65
N GLU C 50 31.46 -12.97 -9.79
CA GLU C 50 32.58 -12.88 -10.73
C GLU C 50 33.74 -12.06 -10.16
N GLY C 51 34.89 -12.68 -10.03
CA GLY C 51 36.08 -12.00 -9.55
C GLY C 51 36.19 -11.97 -8.05
N LEU C 52 35.20 -12.52 -7.37
CA LEU C 52 35.20 -12.54 -5.90
C LEU C 52 35.98 -13.71 -5.34
N HIS C 53 36.55 -13.52 -4.16
CA HIS C 53 37.35 -14.55 -3.51
C HIS C 53 36.71 -15.01 -2.20
N ASN C 54 36.91 -16.29 -1.88
CA ASN C 54 36.39 -16.89 -0.66
C ASN C 54 34.87 -16.75 -0.55
N VAL C 55 34.18 -16.90 -1.68
CA VAL C 55 32.72 -16.84 -1.70
C VAL C 55 32.12 -18.20 -2.04
N SER C 56 31.07 -18.57 -1.32
CA SER C 56 30.41 -19.85 -1.52
C SER C 56 28.96 -19.67 -1.97
N ILE C 57 28.68 -19.98 -3.23
CA ILE C 57 27.33 -19.89 -3.76
C ILE C 57 26.40 -20.87 -3.06
N SER C 58 26.92 -22.06 -2.76
CA SER C 58 26.14 -23.10 -2.10
C SER C 58 25.74 -22.69 -0.68
N GLN C 59 26.62 -21.96 -0.01
CA GLN C 59 26.33 -21.50 1.35
C GLN C 59 25.18 -20.50 1.37
N VAL C 60 25.11 -19.66 0.34
CA VAL C 60 24.04 -18.68 0.22
C VAL C 60 22.71 -19.38 -0.04
N GLU C 61 22.73 -20.35 -0.95
CA GLU C 61 21.54 -21.11 -1.30
C GLU C 61 21.05 -21.95 -0.12
N LEU C 62 21.98 -22.36 0.74
CA LEU C 62 21.63 -23.17 1.91
C LEU C 62 20.75 -22.41 2.89
N ARG C 63 21.07 -21.13 3.09
CA ARG C 63 20.29 -20.29 4.01
C ARG C 63 19.10 -19.65 3.32
N SER C 64 19.06 -19.72 2.00
CA SER C 64 18.00 -19.08 1.23
C SER C 64 16.85 -20.03 0.91
N HIS C 65 17.20 -21.24 0.48
CA HIS C 65 16.19 -22.24 0.09
C HIS C 65 15.31 -22.65 1.27
N ILE C 66 15.89 -22.65 2.46
CA ILE C 66 15.17 -23.10 3.65
C ILE C 66 14.06 -22.11 4.05
N GLN C 67 14.15 -20.88 3.56
CA GLN C 67 13.18 -19.85 3.89
C GLN C 67 12.06 -19.77 2.84
N PHE C 68 12.24 -20.47 1.72
CA PHE C 68 11.27 -20.42 0.64
C PHE C 68 9.96 -21.12 1.02
N TYR C 69 8.86 -20.58 0.51
CA TYR C 69 7.53 -21.13 0.77
C TYR C 69 6.68 -21.09 -0.49
N ASP C 70 5.58 -21.83 -0.48
CA ASP C 70 4.69 -21.90 -1.64
C ASP C 70 3.94 -20.58 -1.84
N GLY C 71 3.95 -20.08 -3.07
CA GLY C 71 3.27 -18.85 -3.41
C GLY C 71 4.09 -17.61 -3.11
N ILE C 72 5.40 -17.78 -3.00
CA ILE C 72 6.31 -16.68 -2.70
C ILE C 72 6.50 -15.78 -3.92
N LYS C 73 6.55 -14.47 -3.69
CA LYS C 73 6.80 -13.52 -4.76
C LYS C 73 8.28 -13.53 -5.14
N THR C 74 8.57 -13.36 -6.43
CA THR C 74 9.95 -13.36 -6.91
C THR C 74 10.76 -12.21 -6.33
N SER C 75 10.07 -11.12 -5.98
CA SER C 75 10.74 -9.96 -5.39
C SER C 75 11.26 -10.30 -3.99
N ASP C 76 10.48 -11.07 -3.24
CA ASP C 76 10.89 -11.50 -1.91
C ASP C 76 12.01 -12.54 -1.99
N ILE C 77 12.03 -13.31 -3.07
CA ILE C 77 13.08 -14.28 -3.31
C ILE C 77 14.43 -13.58 -3.46
N HIS C 78 14.43 -12.48 -4.21
CA HIS C 78 15.65 -11.72 -4.46
C HIS C 78 16.16 -11.06 -3.18
N GLU C 79 15.24 -10.53 -2.39
CA GLU C 79 15.61 -9.87 -1.14
C GLU C 79 16.06 -10.88 -0.08
N THR C 80 15.66 -12.13 -0.25
CA THR C 80 16.03 -13.19 0.68
C THR C 80 17.50 -13.55 0.52
N ILE C 81 17.95 -13.72 -0.71
CA ILE C 81 19.34 -14.10 -0.97
C ILE C 81 20.30 -12.94 -0.74
N ILE C 82 19.77 -11.72 -0.76
CA ILE C 82 20.58 -10.54 -0.48
C ILE C 82 20.91 -10.46 1.01
N LYS C 83 19.89 -10.56 1.85
CA LYS C 83 20.08 -10.51 3.29
C LYS C 83 20.87 -11.72 3.78
N ALA C 84 20.66 -12.86 3.12
CA ALA C 84 21.39 -14.07 3.45
C ALA C 84 22.87 -13.91 3.16
N ALA C 85 23.19 -13.18 2.11
CA ALA C 85 24.58 -12.90 1.75
C ALA C 85 25.13 -11.75 2.58
N ALA C 86 24.22 -10.91 3.09
CA ALA C 86 24.61 -9.76 3.91
C ALA C 86 24.98 -10.23 5.32
N ASP C 87 24.46 -11.38 5.73
CA ASP C 87 24.75 -11.93 7.03
C ASP C 87 26.08 -12.68 7.02
N LEU C 88 26.53 -13.04 5.82
CA LEU C 88 27.79 -13.77 5.67
C LEU C 88 28.98 -12.83 5.50
N ILE C 89 28.72 -11.53 5.60
CA ILE C 89 29.78 -10.54 5.53
C ILE C 89 30.59 -10.56 6.82
N SER C 90 31.82 -11.08 6.73
CA SER C 90 32.67 -11.21 7.92
C SER C 90 34.14 -10.96 7.58
N ARG C 91 34.98 -11.02 8.61
CA ARG C 91 36.41 -10.81 8.44
C ARG C 91 37.04 -11.92 7.61
N ASP C 92 36.57 -13.15 7.82
CA ASP C 92 37.09 -14.30 7.11
C ASP C 92 36.81 -14.21 5.61
N ALA C 93 35.61 -13.76 5.27
CA ALA C 93 35.23 -13.58 3.87
C ALA C 93 34.65 -12.19 3.64
N PRO C 94 35.54 -11.20 3.41
CA PRO C 94 35.15 -9.80 3.23
C PRO C 94 34.49 -9.53 1.87
N ASP C 95 34.65 -10.44 0.92
CA ASP C 95 34.14 -10.23 -0.43
C ASP C 95 32.64 -10.44 -0.54
N TYR C 96 32.00 -10.78 0.58
CA TYR C 96 30.55 -10.91 0.61
C TYR C 96 29.87 -9.55 0.55
N GLN C 97 30.63 -8.51 0.88
CA GLN C 97 30.10 -7.15 0.84
C GLN C 97 29.95 -6.71 -0.61
N TYR C 98 30.65 -7.38 -1.52
CA TYR C 98 30.55 -7.10 -2.94
C TYR C 98 29.56 -8.06 -3.60
N LEU C 99 29.39 -9.23 -2.99
CA LEU C 99 28.42 -10.20 -3.48
C LEU C 99 27.00 -9.71 -3.26
N ALA C 100 26.71 -9.33 -2.03
CA ALA C 100 25.38 -8.83 -1.67
C ALA C 100 25.10 -7.48 -2.32
N ALA C 101 26.16 -6.74 -2.64
CA ALA C 101 26.03 -5.44 -3.28
C ALA C 101 25.51 -5.59 -4.70
N ARG C 102 26.18 -6.42 -5.48
CA ARG C 102 25.79 -6.65 -6.88
C ARG C 102 24.40 -7.25 -6.96
N LEU C 103 24.05 -8.07 -5.96
CA LEU C 103 22.71 -8.63 -5.88
C LEU C 103 21.69 -7.53 -5.62
N ALA C 104 22.09 -6.54 -4.84
CA ALA C 104 21.23 -5.40 -4.54
C ALA C 104 21.14 -4.48 -5.76
N ILE C 105 22.24 -4.35 -6.49
CA ILE C 105 22.27 -3.56 -7.71
C ILE C 105 21.32 -4.15 -8.75
N PHE C 106 21.34 -5.47 -8.88
CA PHE C 106 20.49 -6.17 -9.83
C PHE C 106 19.02 -5.84 -9.63
N HIS C 107 18.58 -5.88 -8.37
CA HIS C 107 17.18 -5.63 -8.04
C HIS C 107 16.80 -4.18 -8.30
N LEU C 108 17.72 -3.26 -8.04
CA LEU C 108 17.48 -1.84 -8.26
C LEU C 108 17.38 -1.52 -9.75
N ARG C 109 18.06 -2.32 -10.57
CA ARG C 109 17.96 -2.19 -12.02
C ARG C 109 16.56 -2.55 -12.49
N LYS C 110 16.02 -3.63 -11.91
CA LYS C 110 14.70 -4.12 -12.25
C LYS C 110 13.61 -3.15 -11.81
N LYS C 111 13.81 -2.53 -10.65
CA LYS C 111 12.82 -1.61 -10.08
C LYS C 111 12.71 -0.32 -10.89
N ALA C 112 13.80 0.05 -11.57
CA ALA C 112 13.86 1.33 -12.26
C ALA C 112 13.72 1.19 -13.77
N TYR C 113 14.16 0.07 -14.32
CA TYR C 113 14.20 -0.10 -15.77
C TYR C 113 13.35 -1.26 -16.25
N GLY C 114 13.11 -2.24 -15.37
CA GLY C 114 12.36 -3.41 -15.73
C GLY C 114 13.24 -4.49 -16.33
N GLN C 115 14.51 -4.16 -16.49
CA GLN C 115 15.50 -5.09 -17.02
C GLN C 115 16.88 -4.78 -16.44
N PHE C 116 17.87 -5.58 -16.83
CA PHE C 116 19.23 -5.38 -16.32
C PHE C 116 19.90 -4.17 -16.97
N GLU C 117 20.03 -4.21 -18.29
CA GLU C 117 20.69 -3.14 -19.02
C GLU C 117 19.87 -1.85 -19.03
N PRO C 118 20.47 -0.75 -18.55
CA PRO C 118 19.82 0.56 -18.54
C PRO C 118 19.51 1.07 -19.95
N PRO C 119 18.47 1.90 -20.09
CA PRO C 119 18.11 2.48 -21.39
C PRO C 119 19.10 3.55 -21.83
N ALA C 120 18.88 4.13 -23.01
CA ALA C 120 19.73 5.20 -23.51
C ALA C 120 19.67 6.42 -22.60
N LEU C 121 20.77 7.16 -22.52
CA LEU C 121 20.85 8.33 -21.66
C LEU C 121 19.82 9.39 -22.04
N TYR C 122 19.69 9.64 -23.34
CA TYR C 122 18.73 10.63 -23.83
C TYR C 122 17.30 10.19 -23.56
N ASP C 123 17.01 8.90 -23.81
CA ASP C 123 15.68 8.37 -23.57
C ASP C 123 15.34 8.40 -22.09
N HIS C 124 16.36 8.30 -21.25
CA HIS C 124 16.19 8.32 -19.81
C HIS C 124 15.82 9.72 -19.32
N VAL C 125 16.61 10.71 -19.73
CA VAL C 125 16.42 12.10 -19.30
C VAL C 125 15.05 12.65 -19.71
N VAL C 126 14.70 12.48 -20.98
CA VAL C 126 13.43 12.98 -21.51
C VAL C 126 12.23 12.46 -20.71
N LYS C 127 12.24 11.16 -20.42
CA LYS C 127 11.16 10.54 -19.67
C LYS C 127 11.08 11.09 -18.24
N MET C 128 12.24 11.30 -17.63
CA MET C 128 12.31 11.78 -16.25
C MET C 128 11.88 13.24 -16.13
N VAL C 129 12.24 14.05 -17.12
CA VAL C 129 11.85 15.46 -17.13
C VAL C 129 10.33 15.58 -17.24
N GLU C 130 9.73 14.73 -18.07
CA GLU C 130 8.28 14.70 -18.22
C GLU C 130 7.61 14.33 -16.90
N MET C 131 8.25 13.46 -16.13
CA MET C 131 7.75 13.07 -14.82
C MET C 131 7.97 14.18 -13.80
N GLY C 132 8.94 15.04 -14.09
CA GLY C 132 9.26 16.15 -13.22
C GLY C 132 10.25 15.79 -12.12
N LYS C 133 11.17 14.88 -12.44
CA LYS C 133 12.19 14.45 -11.48
C LYS C 133 13.54 15.06 -11.80
N TYR C 134 13.77 15.33 -13.09
CA TYR C 134 15.00 16.01 -13.51
C TYR C 134 14.68 17.44 -13.93
N ASP C 135 15.68 18.31 -13.87
CA ASP C 135 15.50 19.70 -14.27
C ASP C 135 15.45 19.81 -15.79
N ASN C 136 14.60 20.71 -16.28
CA ASN C 136 14.40 20.87 -17.72
C ASN C 136 15.58 21.53 -18.41
N HIS C 137 16.47 22.14 -17.64
CA HIS C 137 17.60 22.87 -18.20
C HIS C 137 18.64 21.92 -18.80
N LEU C 138 18.49 20.63 -18.53
CA LEU C 138 19.37 19.63 -19.12
C LEU C 138 19.11 19.48 -20.62
N LEU C 139 17.85 19.59 -21.01
CA LEU C 139 17.46 19.51 -22.41
C LEU C 139 17.70 20.84 -23.11
N GLU C 140 17.94 21.88 -22.32
CA GLU C 140 18.18 23.21 -22.86
C GLU C 140 19.66 23.47 -23.11
N ASP C 141 20.51 22.91 -22.25
CA ASP C 141 21.95 23.12 -22.34
C ASP C 141 22.64 22.03 -23.14
N TYR C 142 21.94 20.92 -23.35
CA TYR C 142 22.50 19.80 -24.10
C TYR C 142 21.56 19.32 -25.20
N THR C 143 22.10 19.12 -26.39
CA THR C 143 21.33 18.61 -27.52
C THR C 143 21.27 17.08 -27.49
N GLU C 144 20.43 16.51 -28.34
CA GLU C 144 20.26 15.06 -28.39
C GLU C 144 21.57 14.36 -28.77
N GLU C 145 22.32 14.98 -29.66
CA GLU C 145 23.60 14.43 -30.11
C GLU C 145 24.63 14.40 -28.99
N GLU C 146 24.62 15.44 -28.16
CA GLU C 146 25.56 15.56 -27.06
C GLU C 146 25.29 14.53 -25.96
N PHE C 147 24.03 14.19 -25.77
CA PHE C 147 23.65 13.17 -24.80
C PHE C 147 24.17 11.80 -25.24
N LYS C 148 24.17 11.57 -26.54
CA LYS C 148 24.66 10.32 -27.10
C LYS C 148 26.16 10.15 -26.86
N GLN C 149 26.88 11.27 -26.91
CA GLN C 149 28.32 11.25 -26.69
C GLN C 149 28.66 10.98 -25.23
N MET C 150 27.85 11.54 -24.33
CA MET C 150 28.05 11.34 -22.90
C MET C 150 27.69 9.91 -22.48
N ASP C 151 26.78 9.30 -23.23
CA ASP C 151 26.34 7.94 -22.95
C ASP C 151 27.48 6.95 -23.18
N THR C 152 28.38 7.30 -24.10
CA THR C 152 29.53 6.46 -24.39
C THR C 152 30.55 6.51 -23.25
N PHE C 153 30.50 7.57 -22.47
CA PHE C 153 31.39 7.74 -21.34
C PHE C 153 30.96 6.88 -20.15
N ILE C 154 29.66 6.58 -20.10
CA ILE C 154 29.08 5.85 -18.97
C ILE C 154 29.49 4.39 -18.94
N ASP C 155 30.00 3.95 -17.79
CA ASP C 155 30.34 2.55 -17.57
C ASP C 155 29.46 1.96 -16.47
N HIS C 156 28.35 1.35 -16.86
CA HIS C 156 27.37 0.84 -15.90
C HIS C 156 27.89 -0.34 -15.08
N ASP C 157 29.01 -0.92 -15.52
CA ASP C 157 29.61 -2.05 -14.81
C ASP C 157 30.33 -1.60 -13.54
N ARG C 158 30.47 -0.29 -13.38
CA ARG C 158 31.13 0.26 -12.20
C ARG C 158 30.23 0.17 -10.96
N ASP C 159 28.96 -0.16 -11.18
CA ASP C 159 28.01 -0.34 -10.08
C ASP C 159 28.33 -1.60 -9.28
N MET C 160 29.17 -2.46 -9.86
CA MET C 160 29.55 -3.71 -9.21
C MET C 160 30.74 -3.49 -8.28
N THR C 161 31.20 -2.24 -8.22
CA THR C 161 32.37 -1.89 -7.41
C THR C 161 31.95 -1.35 -6.04
N PHE C 162 30.65 -1.14 -5.85
CA PHE C 162 30.14 -0.67 -4.57
C PHE C 162 30.13 -1.78 -3.53
N SER C 163 30.27 -1.40 -2.26
CA SER C 163 30.12 -2.34 -1.16
C SER C 163 28.65 -2.42 -0.79
N TYR C 164 28.29 -3.38 0.05
CA TYR C 164 26.89 -3.57 0.43
C TYR C 164 26.34 -2.37 1.19
N ALA C 165 27.16 -1.82 2.08
CA ALA C 165 26.76 -0.64 2.85
C ALA C 165 26.62 0.57 1.94
N ALA C 166 27.38 0.60 0.85
CA ALA C 166 27.36 1.70 -0.09
C ALA C 166 26.07 1.73 -0.90
N VAL C 167 25.64 0.56 -1.35
CA VAL C 167 24.42 0.45 -2.15
C VAL C 167 23.19 0.85 -1.32
N LYS C 168 23.19 0.45 -0.06
CA LYS C 168 22.09 0.76 0.85
C LYS C 168 21.96 2.27 1.07
N GLN C 169 23.09 2.96 1.06
CA GLN C 169 23.09 4.41 1.20
C GLN C 169 22.57 5.09 -0.06
N LEU C 170 22.91 4.50 -1.21
CA LEU C 170 22.42 5.01 -2.49
C LEU C 170 20.91 4.84 -2.58
N GLU C 171 20.44 3.67 -2.19
CA GLU C 171 19.02 3.33 -2.28
C GLU C 171 18.16 4.19 -1.37
N GLY C 172 18.74 4.67 -0.27
CA GLY C 172 17.97 5.39 0.73
C GLY C 172 18.13 6.90 0.73
N LYS C 173 19.25 7.39 0.21
CA LYS C 173 19.54 8.82 0.30
C LYS C 173 19.82 9.48 -1.05
N TYR C 174 20.60 8.82 -1.91
CA TYR C 174 21.11 9.47 -3.11
C TYR C 174 20.25 9.28 -4.36
N LEU C 175 19.92 8.03 -4.68
CA LEU C 175 19.19 7.72 -5.91
C LEU C 175 17.83 8.41 -5.96
N VAL C 176 17.55 9.05 -7.09
CA VAL C 176 16.25 9.70 -7.30
C VAL C 176 15.13 8.68 -7.24
N GLN C 177 14.18 8.91 -6.34
CA GLN C 177 13.12 7.95 -6.11
C GLN C 177 11.82 8.64 -5.68
N ASN C 178 10.76 7.85 -5.54
CA ASN C 178 9.48 8.35 -5.05
C ASN C 178 9.38 8.10 -3.55
N ARG C 179 9.35 9.17 -2.77
CA ARG C 179 9.34 9.06 -1.31
C ARG C 179 8.01 8.52 -0.77
N VAL C 180 7.02 8.41 -1.63
CA VAL C 180 5.72 7.90 -1.23
C VAL C 180 5.59 6.40 -1.54
N THR C 181 5.76 6.05 -2.80
CA THR C 181 5.59 4.67 -3.24
C THR C 181 6.85 3.83 -3.04
N GLY C 182 8.01 4.49 -3.07
CA GLY C 182 9.27 3.80 -2.88
C GLY C 182 9.89 3.30 -4.18
N GLU C 183 9.35 3.78 -5.30
CA GLU C 183 9.86 3.38 -6.61
C GLU C 183 11.22 4.01 -6.90
N ILE C 184 12.14 3.20 -7.40
CA ILE C 184 13.45 3.71 -7.81
C ILE C 184 13.38 4.18 -9.26
N TYR C 185 14.00 5.33 -9.54
CA TYR C 185 13.89 5.94 -10.86
C TYR C 185 15.21 6.02 -11.64
N GLU C 186 16.31 5.65 -10.99
CA GLU C 186 17.61 5.70 -11.65
C GLU C 186 18.64 4.77 -11.02
N SER C 187 19.77 4.61 -11.69
CA SER C 187 20.88 3.83 -11.18
C SER C 187 22.00 4.75 -10.69
N ALA C 188 23.09 4.16 -10.24
CA ALA C 188 24.19 4.94 -9.66
C ALA C 188 24.99 5.70 -10.71
N GLN C 189 25.08 5.14 -11.91
CA GLN C 189 25.90 5.75 -12.96
C GLN C 189 25.23 6.95 -13.61
N PHE C 190 23.90 6.92 -13.70
CA PHE C 190 23.14 8.05 -14.23
C PHE C 190 23.22 9.22 -13.25
N LEU C 191 23.41 8.90 -11.98
CA LEU C 191 23.59 9.91 -10.94
C LEU C 191 24.86 10.71 -11.19
N TYR C 192 25.97 10.00 -11.35
CA TYR C 192 27.28 10.62 -11.53
C TYR C 192 27.38 11.44 -12.81
N ILE C 193 26.89 10.87 -13.91
CA ILE C 193 27.06 11.49 -15.23
C ILE C 193 26.23 12.76 -15.40
N LEU C 194 25.16 12.88 -14.62
CA LEU C 194 24.27 14.03 -14.73
C LEU C 194 24.66 15.14 -13.77
N VAL C 195 25.32 14.78 -12.67
CA VAL C 195 25.87 15.77 -11.75
C VAL C 195 26.95 16.57 -12.46
N ALA C 196 27.80 15.87 -13.20
CA ALA C 196 28.85 16.51 -13.98
C ALA C 196 28.29 17.36 -15.11
N ALA C 197 27.18 16.92 -15.67
CA ALA C 197 26.55 17.62 -16.79
C ALA C 197 25.96 18.96 -16.36
N CYS C 198 25.42 19.02 -15.15
CA CYS C 198 24.79 20.23 -14.65
C CYS C 198 25.81 21.27 -14.21
N LEU C 199 26.84 20.82 -13.50
CA LEU C 199 27.86 21.72 -12.97
C LEU C 199 28.67 22.38 -14.09
N PHE C 200 28.84 21.65 -15.19
CA PHE C 200 29.62 22.16 -16.31
C PHE C 200 28.71 22.55 -17.48
N SER C 201 27.44 22.79 -17.18
CA SER C 201 26.47 23.13 -18.21
C SER C 201 26.71 24.52 -18.80
N ASN C 202 27.36 25.38 -18.02
CA ASN C 202 27.60 26.75 -18.46
C ASN C 202 28.96 26.93 -19.12
N TYR C 203 29.77 25.87 -19.09
CA TYR C 203 31.06 25.88 -19.75
C TYR C 203 30.90 25.90 -21.27
N PRO C 204 31.85 26.52 -21.99
CA PRO C 204 31.80 26.54 -23.46
C PRO C 204 31.92 25.14 -24.05
N ARG C 205 31.25 24.90 -25.16
CA ARG C 205 31.20 23.58 -25.79
C ARG C 205 32.60 23.07 -26.14
N GLU C 206 33.54 24.00 -26.33
CA GLU C 206 34.92 23.66 -26.66
C GLU C 206 35.56 22.74 -25.61
N THR C 207 35.15 22.92 -24.36
CA THR C 207 35.72 22.14 -23.26
C THR C 207 34.65 21.52 -22.36
N ARG C 208 33.38 21.80 -22.67
CA ARG C 208 32.28 21.33 -21.84
C ARG C 208 32.23 19.82 -21.73
N LEU C 209 32.10 19.16 -22.88
CA LEU C 209 32.02 17.70 -22.93
C LEU C 209 33.33 17.07 -22.45
N GLN C 210 34.42 17.83 -22.54
CA GLN C 210 35.71 17.37 -22.07
C GLN C 210 35.75 17.28 -20.55
N TYR C 211 35.19 18.29 -19.90
CA TYR C 211 35.14 18.32 -18.43
C TYR C 211 34.15 17.31 -17.86
N VAL C 212 33.06 17.07 -18.59
CA VAL C 212 32.03 16.15 -18.13
C VAL C 212 32.56 14.74 -17.94
N LYS C 213 33.29 14.24 -18.93
CA LYS C 213 33.85 12.89 -18.86
C LYS C 213 34.89 12.77 -17.76
N ARG C 214 35.80 13.74 -17.70
CA ARG C 214 36.89 13.73 -16.73
C ARG C 214 36.39 13.79 -15.29
N PHE C 215 35.35 14.59 -15.06
CA PHE C 215 34.78 14.70 -13.72
C PHE C 215 33.96 13.47 -13.37
N TYR C 216 33.34 12.87 -14.38
CA TYR C 216 32.58 11.64 -14.19
C TYR C 216 33.52 10.50 -13.80
N ASP C 217 34.64 10.40 -14.51
CA ASP C 217 35.63 9.37 -14.23
C ASP C 217 36.25 9.55 -12.85
N ALA C 218 36.20 10.77 -12.34
CA ALA C 218 36.75 11.08 -11.03
C ALA C 218 35.85 10.59 -9.91
N VAL C 219 34.54 10.81 -10.06
CA VAL C 219 33.58 10.44 -9.02
C VAL C 219 33.13 8.99 -9.14
N SER C 220 33.21 8.42 -10.34
CA SER C 220 32.79 7.04 -10.56
C SER C 220 33.85 6.06 -10.10
N THR C 221 35.11 6.47 -10.18
CA THR C 221 36.23 5.64 -9.73
C THR C 221 36.54 5.94 -8.27
N PHE C 222 35.62 6.62 -7.61
CA PHE C 222 35.71 6.92 -6.18
C PHE C 222 36.95 7.72 -5.81
N LYS C 223 37.34 8.66 -6.68
CA LYS C 223 38.46 9.54 -6.39
C LYS C 223 37.98 10.82 -5.72
N ILE C 224 36.82 11.29 -6.14
CA ILE C 224 36.21 12.49 -5.55
C ILE C 224 34.88 12.15 -4.88
N SER C 225 34.79 12.41 -3.58
CA SER C 225 33.56 12.16 -2.82
C SER C 225 32.75 13.44 -2.70
N LEU C 226 31.46 13.34 -2.99
CA LEU C 226 30.58 14.51 -2.94
C LEU C 226 29.58 14.41 -1.79
N PRO C 227 29.23 15.56 -1.19
CA PRO C 227 28.27 15.62 -0.07
C PRO C 227 26.88 15.12 -0.45
N THR C 228 26.09 14.77 0.57
CA THR C 228 24.74 14.26 0.38
C THR C 228 23.81 15.18 -0.43
N PRO C 229 23.77 16.50 -0.10
CA PRO C 229 22.83 17.32 -0.88
C PRO C 229 23.24 17.48 -2.34
N ILE C 230 24.50 17.22 -2.66
CA ILE C 230 24.99 17.29 -4.03
C ILE C 230 24.65 16.01 -4.78
N MET C 231 24.85 14.87 -4.14
CA MET C 231 24.60 13.57 -4.76
C MET C 231 23.14 13.35 -5.11
N SER C 232 22.24 13.88 -4.29
CA SER C 232 20.81 13.66 -4.45
C SER C 232 20.09 14.88 -4.99
N GLY C 233 20.85 15.91 -5.37
CA GLY C 233 20.24 17.16 -5.78
C GLY C 233 20.62 17.66 -7.16
N VAL C 234 21.91 17.70 -7.46
CA VAL C 234 22.39 18.33 -8.69
C VAL C 234 21.98 17.55 -9.93
N ARG C 235 20.70 17.68 -10.28
CA ARG C 235 20.07 17.13 -11.48
C ARG C 235 18.57 17.30 -11.34
N THR C 236 18.14 17.47 -10.09
CA THR C 236 16.73 17.67 -9.77
C THR C 236 16.38 19.16 -9.80
N PRO C 237 15.09 19.49 -9.99
CA PRO C 237 14.64 20.89 -10.06
C PRO C 237 14.97 21.73 -8.82
N THR C 238 15.30 21.09 -7.70
CA THR C 238 15.61 21.81 -6.47
C THR C 238 16.93 22.56 -6.58
N ARG C 239 17.09 23.58 -5.74
CA ARG C 239 18.32 24.38 -5.74
C ARG C 239 18.89 24.52 -4.33
N GLN C 240 18.40 23.69 -3.42
CA GLN C 240 18.89 23.70 -2.04
C GLN C 240 20.08 22.79 -1.87
N PHE C 241 21.29 23.36 -1.92
CA PHE C 241 22.51 22.57 -1.82
C PHE C 241 23.41 23.04 -0.67
N SER C 242 23.00 24.12 -0.01
CA SER C 242 23.76 24.64 1.13
C SER C 242 23.57 23.75 2.35
N SER C 243 24.69 23.30 2.92
CA SER C 243 24.63 22.41 4.08
C SER C 243 25.50 22.91 5.23
N CYS C 244 26.14 24.07 5.03
CA CYS C 244 27.00 24.64 6.05
C CYS C 244 26.75 26.15 6.19
N VAL C 245 26.22 26.55 7.34
CA VAL C 245 25.85 27.95 7.57
C VAL C 245 26.47 28.50 8.85
N LEU C 246 27.11 29.66 8.75
CA LEU C 246 27.70 30.32 9.91
C LEU C 246 27.08 31.71 10.09
N ILE C 247 26.40 31.92 11.21
CA ILE C 247 25.73 33.18 11.48
C ILE C 247 26.26 33.86 12.75
N GLU C 248 26.61 35.13 12.63
CA GLU C 248 27.07 35.92 13.76
C GLU C 248 25.95 36.82 14.27
N CYS C 249 25.72 36.79 15.58
CA CYS C 249 24.64 37.57 16.18
C CYS C 249 25.17 38.82 16.86
N GLY C 250 24.56 39.96 16.57
CA GLY C 250 24.95 41.22 17.19
C GLY C 250 24.26 41.43 18.51
N ASP C 251 24.70 42.45 19.25
CA ASP C 251 24.14 42.73 20.57
C ASP C 251 22.95 43.69 20.45
N SER C 252 21.91 43.23 19.77
CA SER C 252 20.70 44.04 19.60
C SER C 252 19.50 43.16 19.28
N LEU C 253 18.31 43.64 19.63
CA LEU C 253 17.07 42.93 19.33
C LEU C 253 16.89 42.74 17.83
N ASP C 254 17.31 43.75 17.07
CA ASP C 254 17.21 43.69 15.62
C ASP C 254 18.10 42.60 15.05
N SER C 255 19.22 42.34 15.71
CA SER C 255 20.16 41.31 15.24
C SER C 255 19.72 39.93 15.70
N ILE C 256 19.20 39.84 16.92
CA ILE C 256 18.71 38.58 17.46
C ILE C 256 17.50 38.11 16.64
N ASN C 257 16.62 39.04 16.32
CA ASN C 257 15.47 38.73 15.45
C ASN C 257 15.94 38.32 14.06
N ALA C 258 16.98 38.98 13.57
CA ALA C 258 17.53 38.68 12.25
C ALA C 258 18.21 37.32 12.24
N THR C 259 19.01 37.05 13.27
CA THR C 259 19.70 35.77 13.40
C THR C 259 18.70 34.63 13.53
N SER C 260 17.68 34.83 14.38
CA SER C 260 16.64 33.83 14.57
C SER C 260 15.88 33.54 13.28
N SER C 261 15.55 34.61 12.55
CA SER C 261 14.85 34.48 11.29
C SER C 261 15.73 33.81 10.24
N ALA C 262 17.03 34.09 10.31
CA ALA C 262 18.00 33.52 9.37
C ALA C 262 18.16 32.03 9.59
N ILE C 263 18.12 31.61 10.86
CA ILE C 263 18.26 30.20 11.21
C ILE C 263 17.10 29.37 10.69
N VAL C 264 15.88 29.86 10.93
CA VAL C 264 14.68 29.13 10.54
C VAL C 264 14.63 28.80 9.06
N LYS C 265 14.99 29.76 8.21
CA LYS C 265 14.97 29.56 6.77
C LYS C 265 16.00 28.53 6.30
N TYR C 266 17.10 28.40 7.02
CA TYR C 266 18.17 27.50 6.61
C TYR C 266 18.05 26.10 7.20
N VAL C 267 17.49 25.99 8.40
CA VAL C 267 17.26 24.68 8.99
C VAL C 267 16.12 23.97 8.26
N SER C 268 15.33 24.74 7.51
CA SER C 268 14.27 24.18 6.68
C SER C 268 14.87 23.54 5.44
N GLN C 269 16.11 23.92 5.13
CA GLN C 269 16.82 23.35 3.99
C GLN C 269 17.85 22.33 4.44
N ARG C 270 17.71 21.87 5.69
CA ARG C 270 18.58 20.85 6.28
C ARG C 270 20.05 21.28 6.25
N ALA C 271 20.39 22.29 7.02
CA ALA C 271 21.75 22.80 7.07
C ALA C 271 22.25 22.96 8.50
N GLY C 272 23.54 22.70 8.70
CA GLY C 272 24.17 22.88 10.00
C GLY C 272 24.43 24.35 10.27
N ILE C 273 24.07 24.79 11.47
CA ILE C 273 24.18 26.21 11.81
C ILE C 273 25.28 26.47 12.83
N GLY C 274 26.06 27.52 12.60
CA GLY C 274 27.08 27.95 13.52
C GLY C 274 26.76 29.31 14.09
N ILE C 275 26.35 29.36 15.36
CA ILE C 275 25.91 30.59 15.99
C ILE C 275 27.01 31.21 16.85
N ASN C 276 27.25 32.51 16.65
CA ASN C 276 28.20 33.24 17.48
C ASN C 276 27.48 34.27 18.34
N ALA C 277 27.11 33.86 19.55
CA ALA C 277 26.36 34.72 20.46
C ALA C 277 27.24 35.23 21.59
N GLY C 278 28.50 35.52 21.27
CA GLY C 278 29.43 36.04 22.25
C GLY C 278 29.30 37.53 22.45
N ARG C 279 28.69 38.20 21.47
CA ARG C 279 28.53 39.65 21.51
C ARG C 279 27.41 40.08 22.45
N ILE C 280 26.50 39.16 22.75
CA ILE C 280 25.37 39.46 23.62
C ILE C 280 25.86 39.80 25.02
N ARG C 281 25.48 41.00 25.48
CA ARG C 281 25.93 41.49 26.79
C ARG C 281 25.43 40.60 27.92
N ALA C 282 26.17 40.58 29.02
CA ALA C 282 25.86 39.69 30.14
C ALA C 282 24.69 40.20 30.97
N LEU C 283 24.22 39.34 31.87
CA LEU C 283 23.12 39.66 32.76
C LEU C 283 23.44 40.84 33.67
N GLY C 284 22.53 41.79 33.76
CA GLY C 284 22.70 42.94 34.63
C GLY C 284 23.22 44.17 33.90
N SER C 285 23.68 43.96 32.68
CA SER C 285 24.21 45.06 31.87
C SER C 285 23.13 46.10 31.58
N PRO C 286 23.47 47.38 31.74
CA PRO C 286 22.52 48.48 31.53
C PRO C 286 22.13 48.65 30.06
N ILE C 287 20.88 49.04 29.82
CA ILE C 287 20.39 49.27 28.46
C ILE C 287 19.91 50.71 28.31
N ARG C 288 20.40 51.39 27.29
CA ARG C 288 20.06 52.79 27.00
C ARG C 288 20.31 53.68 28.21
N GLY C 289 21.45 53.50 28.86
CA GLY C 289 21.82 54.31 30.00
C GLY C 289 21.26 53.80 31.31
N GLY C 290 20.31 52.87 31.22
CA GLY C 290 19.69 52.29 32.40
C GLY C 290 18.18 52.30 32.35
N GLU C 291 17.62 52.50 31.17
CA GLU C 291 16.17 52.49 30.99
C GLU C 291 15.62 51.08 31.26
N ALA C 292 16.46 50.09 31.01
CA ALA C 292 16.12 48.71 31.31
C ALA C 292 17.40 47.91 31.54
N PHE C 293 17.31 46.77 32.22
CA PHE C 293 18.51 45.97 32.44
C PHE C 293 18.37 44.61 31.76
N HIS C 294 19.49 44.04 31.34
CA HIS C 294 19.49 42.78 30.62
C HIS C 294 18.99 41.63 31.48
N THR C 295 18.45 40.60 30.85
CA THR C 295 17.87 39.47 31.57
C THR C 295 18.72 38.21 31.43
N GLY C 296 19.84 38.32 30.72
CA GLY C 296 20.74 37.21 30.55
C GLY C 296 20.81 36.70 29.13
N CYS C 297 21.86 35.93 28.83
CA CYS C 297 22.05 35.36 27.50
C CYS C 297 21.24 34.09 27.33
N ILE C 298 21.04 33.37 28.43
CA ILE C 298 20.34 32.08 28.41
C ILE C 298 18.90 32.15 27.84
N PRO C 299 18.12 33.18 28.20
CA PRO C 299 16.80 33.24 27.56
C PRO C 299 16.86 33.40 26.05
N PHE C 300 17.92 34.03 25.56
CA PHE C 300 18.08 34.22 24.11
C PHE C 300 18.67 32.98 23.45
N TYR C 301 19.44 32.20 24.22
CA TYR C 301 19.98 30.95 23.70
C TYR C 301 18.85 29.96 23.42
N LYS C 302 17.84 29.98 24.30
CA LYS C 302 16.67 29.14 24.12
C LYS C 302 15.93 29.50 22.84
N HIS C 303 15.88 30.80 22.54
CA HIS C 303 15.19 31.29 21.36
C HIS C 303 15.91 30.83 20.10
N PHE C 304 17.23 30.71 20.18
CA PHE C 304 18.02 30.20 19.06
C PHE C 304 17.80 28.70 18.87
N GLN C 305 17.66 28.00 19.99
CA GLN C 305 17.46 26.54 19.97
C GLN C 305 16.15 26.17 19.29
N THR C 306 15.08 26.85 19.68
CA THR C 306 13.76 26.58 19.11
C THR C 306 13.70 26.99 17.64
N ALA C 307 14.54 27.94 17.26
CA ALA C 307 14.66 28.34 15.87
C ALA C 307 15.30 27.23 15.04
N VAL C 308 16.29 26.56 15.62
CA VAL C 308 16.95 25.44 14.98
C VAL C 308 16.01 24.24 14.87
N LYS C 309 15.30 23.96 15.96
CA LYS C 309 14.40 22.82 16.02
C LYS C 309 13.00 23.17 15.51
N SER C 310 12.87 24.30 14.84
CA SER C 310 11.58 24.76 14.33
C SER C 310 11.07 23.87 13.20
N CYS C 311 12.00 23.29 12.46
CA CYS C 311 11.65 22.41 11.34
C CYS C 311 12.12 20.99 11.60
N SER C 312 11.93 20.54 12.84
CA SER C 312 12.34 19.20 13.25
C SER C 312 11.12 18.34 13.53
N GLN C 313 11.10 17.14 12.95
CA GLN C 313 9.98 16.22 13.03
C GLN C 313 9.44 16.01 14.45
N GLY C 314 10.31 16.09 15.44
CA GLY C 314 9.88 15.94 16.83
C GLY C 314 10.25 17.13 17.69
N GLY C 315 11.18 17.94 17.20
CA GLY C 315 11.69 19.07 17.94
C GLY C 315 12.96 18.64 18.65
N VAL C 316 13.34 17.40 18.39
CA VAL C 316 14.56 16.80 18.94
C VAL C 316 15.49 16.45 17.81
N ARG C 317 14.91 15.90 16.74
CA ARG C 317 15.66 15.48 15.57
C ARG C 317 15.85 16.66 14.62
N GLY C 318 15.59 16.45 13.33
CA GLY C 318 15.73 17.52 12.35
C GLY C 318 17.15 18.03 12.20
N GLY C 319 17.35 19.30 12.56
CA GLY C 319 18.64 19.94 12.43
C GLY C 319 19.29 20.25 13.76
N ALA C 320 20.60 20.52 13.73
CA ALA C 320 21.35 20.84 14.93
C ALA C 320 22.28 22.04 14.70
N ALA C 321 22.78 22.61 15.79
CA ALA C 321 23.64 23.79 15.70
C ALA C 321 24.64 23.85 16.84
N THR C 322 25.69 24.65 16.67
CA THR C 322 26.68 24.86 17.71
C THR C 322 26.87 26.34 18.02
N LEU C 323 26.67 26.71 19.28
CA LEU C 323 26.78 28.10 19.71
C LEU C 323 28.15 28.38 20.32
N PHE C 324 28.77 29.49 19.94
CA PHE C 324 30.11 29.83 20.41
C PHE C 324 30.10 31.05 21.32
N TYR C 325 30.98 31.03 22.32
CA TYR C 325 31.10 32.15 23.26
C TYR C 325 32.50 32.18 23.88
N PRO C 326 33.02 33.38 24.16
CA PRO C 326 34.36 33.52 24.75
C PRO C 326 34.41 33.04 26.20
N MET C 327 35.56 32.50 26.61
CA MET C 327 35.73 31.99 27.96
C MET C 327 35.70 33.12 29.00
N TRP C 328 36.19 34.29 28.61
CA TRP C 328 36.27 35.42 29.53
C TRP C 328 34.92 36.12 29.70
N HIS C 329 33.88 35.55 29.12
CA HIS C 329 32.54 36.11 29.24
C HIS C 329 32.09 36.02 30.70
N LEU C 330 31.23 36.96 31.10
CA LEU C 330 30.81 37.05 32.49
C LEU C 330 29.93 35.87 32.91
N GLU C 331 29.15 35.35 31.97
CA GLU C 331 28.23 34.26 32.26
C GLU C 331 28.80 32.90 31.88
N VAL C 332 30.12 32.80 31.78
CA VAL C 332 30.77 31.58 31.34
C VAL C 332 30.53 30.42 32.32
N GLU C 333 30.28 30.76 33.58
CA GLU C 333 30.02 29.75 34.60
C GLU C 333 28.61 29.18 34.46
N SER C 334 27.78 29.88 33.71
CA SER C 334 26.39 29.47 33.50
C SER C 334 26.19 28.86 32.12
N LEU C 335 27.06 29.22 31.18
CA LEU C 335 26.95 28.74 29.81
C LEU C 335 27.65 27.40 29.63
N LEU C 336 28.61 27.11 30.49
CA LEU C 336 29.37 25.87 30.42
C LEU C 336 28.54 24.67 30.84
N VAL C 337 27.55 24.90 31.69
CA VAL C 337 26.74 23.83 32.25
C VAL C 337 25.33 23.81 31.66
N LEU C 338 25.21 24.05 30.36
CA LEU C 338 23.91 24.13 29.73
C LEU C 338 23.41 22.80 29.14
N LYS C 339 24.28 21.80 29.11
CA LYS C 339 23.93 20.53 28.46
C LYS C 339 23.76 19.37 29.43
N ASN C 340 24.21 19.55 30.67
CA ASN C 340 24.10 18.49 31.67
C ASN C 340 22.65 18.18 32.02
N ASN C 341 22.37 16.92 32.35
CA ASN C 341 21.03 16.48 32.69
C ASN C 341 20.52 17.12 33.98
N ARG C 342 21.46 17.54 34.82
CA ARG C 342 21.14 18.17 36.10
C ARG C 342 20.55 19.56 35.91
N GLY C 343 20.12 20.16 37.01
CA GLY C 343 19.61 21.52 36.97
C GLY C 343 18.18 21.63 36.49
N VAL C 344 17.56 22.78 36.74
CA VAL C 344 16.19 23.04 36.30
C VAL C 344 16.16 23.51 34.85
N GLU C 345 14.96 23.60 34.28
CA GLU C 345 14.80 24.00 32.89
C GLU C 345 15.14 25.47 32.66
N GLY C 346 15.11 26.26 33.73
CA GLY C 346 15.34 27.69 33.62
C GLY C 346 16.74 28.07 33.18
N ASN C 347 17.72 27.23 33.51
CA ASN C 347 19.11 27.52 33.17
C ASN C 347 19.77 26.38 32.40
N ARG C 348 19.03 25.74 31.52
CA ARG C 348 19.57 24.64 30.71
C ARG C 348 19.10 24.73 29.26
N VAL C 349 20.06 24.64 28.33
CA VAL C 349 19.75 24.59 26.91
C VAL C 349 20.49 23.40 26.29
N ARG C 350 19.85 22.24 26.34
CA ARG C 350 20.54 20.97 26.07
C ARG C 350 20.64 20.58 24.60
N HIS C 351 19.66 20.99 23.79
CA HIS C 351 19.59 20.52 22.41
C HIS C 351 20.46 21.33 21.44
N MET C 352 21.53 21.92 21.96
CA MET C 352 22.52 22.58 21.12
C MET C 352 23.92 22.28 21.63
N ASP C 353 24.90 22.31 20.73
CA ASP C 353 26.29 22.11 21.11
C ASP C 353 26.98 23.44 21.36
N TYR C 354 28.12 23.42 22.04
CA TYR C 354 28.81 24.66 22.38
C TYR C 354 30.30 24.59 22.11
N GLY C 355 30.87 25.73 21.76
CA GLY C 355 32.30 25.84 21.50
C GLY C 355 32.92 27.00 22.24
N VAL C 356 33.68 26.70 23.28
CA VAL C 356 34.33 27.73 24.09
C VAL C 356 35.50 28.36 23.34
N GLN C 357 35.51 29.68 23.27
CA GLN C 357 36.56 30.40 22.58
C GLN C 357 37.70 30.77 23.54
N ILE C 358 38.89 30.29 23.24
CA ILE C 358 40.06 30.49 24.10
C ILE C 358 41.20 31.11 23.33
N ASN C 359 41.99 31.94 24.00
CA ASN C 359 43.19 32.52 23.40
C ASN C 359 44.42 32.28 24.26
N LYS C 360 45.55 32.86 23.87
CA LYS C 360 46.84 32.61 24.51
C LYS C 360 46.84 33.02 25.98
N LEU C 361 46.27 34.19 26.27
CA LEU C 361 46.28 34.74 27.62
C LEU C 361 45.54 33.85 28.62
N MET C 362 44.50 33.18 28.15
CA MET C 362 43.72 32.29 29.01
C MET C 362 44.53 31.07 29.44
N TYR C 363 45.31 30.53 28.50
CA TYR C 363 46.18 29.40 28.79
C TYR C 363 47.31 29.82 29.72
N THR C 364 47.74 31.07 29.59
CA THR C 364 48.82 31.63 30.39
C THR C 364 48.43 31.68 31.87
N ARG C 365 47.21 32.13 32.14
CA ARG C 365 46.71 32.21 33.51
C ARG C 365 46.58 30.83 34.14
N LEU C 366 46.37 29.82 33.30
CA LEU C 366 46.22 28.45 33.76
C LEU C 366 47.57 27.86 34.17
N LEU C 367 48.58 28.06 33.34
CA LEU C 367 49.92 27.53 33.60
C LEU C 367 50.54 28.19 34.84
N LYS C 368 50.32 29.50 34.99
CA LYS C 368 50.85 30.22 36.14
C LYS C 368 49.99 30.01 37.38
N GLY C 369 48.84 29.37 37.19
CA GLY C 369 47.94 29.08 38.29
C GLY C 369 47.30 30.34 38.85
N GLU C 370 47.25 31.39 38.04
CA GLU C 370 46.67 32.66 38.46
C GLU C 370 45.16 32.65 38.27
N ASP C 371 44.57 33.84 38.25
CA ASP C 371 43.12 33.97 38.10
C ASP C 371 42.73 34.49 36.73
N ILE C 372 41.48 34.27 36.35
CA ILE C 372 40.94 34.81 35.11
C ILE C 372 39.77 35.73 35.42
N THR C 373 39.89 36.99 35.02
CA THR C 373 38.85 37.97 35.28
C THR C 373 37.77 37.91 34.21
N LEU C 374 36.52 37.79 34.64
CA LEU C 374 35.39 37.69 33.71
C LEU C 374 34.80 39.06 33.43
N PHE C 375 34.71 39.41 32.15
CA PHE C 375 34.14 40.68 31.73
C PHE C 375 32.92 40.49 30.85
N SER C 376 32.08 41.53 30.79
CA SER C 376 30.98 41.56 29.84
C SER C 376 31.38 42.38 28.62
N PRO C 377 31.18 41.83 27.42
CA PRO C 377 31.63 42.44 26.17
C PRO C 377 30.99 43.81 25.88
N SER C 378 30.15 44.29 26.79
CA SER C 378 29.56 45.62 26.66
C SER C 378 30.25 46.61 27.60
N ASP C 379 31.01 46.08 28.55
CA ASP C 379 31.67 46.92 29.54
C ASP C 379 33.16 47.07 29.24
N VAL C 380 33.63 46.35 28.22
CA VAL C 380 35.05 46.37 27.88
C VAL C 380 35.28 46.75 26.41
N PRO C 381 35.43 48.05 26.14
CA PRO C 381 35.58 48.59 24.79
C PRO C 381 36.78 48.02 24.04
N GLY C 382 36.53 47.42 22.88
CA GLY C 382 37.59 46.93 22.03
C GLY C 382 38.23 45.63 22.49
N LEU C 383 37.75 45.08 23.60
CA LEU C 383 38.30 43.83 24.12
C LEU C 383 37.83 42.65 23.26
N TYR C 384 36.63 42.75 22.72
CA TYR C 384 36.07 41.70 21.89
C TYR C 384 36.75 41.66 20.52
N ASP C 385 36.89 42.82 19.90
CA ASP C 385 37.53 42.92 18.59
C ASP C 385 38.98 42.45 18.64
N ALA C 386 39.70 42.89 19.66
CA ALA C 386 41.11 42.53 19.82
C ALA C 386 41.27 41.05 20.18
N PHE C 387 40.22 40.46 20.74
CA PHE C 387 40.24 39.07 21.14
C PHE C 387 40.43 38.15 19.93
N PHE C 388 40.03 38.64 18.76
CA PHE C 388 40.17 37.88 17.52
C PHE C 388 41.27 38.44 16.63
N ALA C 389 41.41 39.76 16.61
CA ALA C 389 42.32 40.41 15.68
C ALA C 389 43.73 40.60 16.24
N ASP C 390 43.83 41.40 17.30
CA ASP C 390 45.14 41.77 17.83
C ASP C 390 45.36 41.19 19.24
N GLN C 391 46.11 40.10 19.31
CA GLN C 391 46.39 39.45 20.59
C GLN C 391 47.26 40.33 21.49
N GLU C 392 48.14 41.11 20.88
CA GLU C 392 48.99 42.03 21.63
C GLU C 392 48.16 43.12 22.29
N GLU C 393 47.20 43.64 21.55
CA GLU C 393 46.30 44.68 22.05
C GLU C 393 45.37 44.13 23.12
N PHE C 394 45.03 42.85 22.99
CA PHE C 394 44.14 42.19 23.94
C PHE C 394 44.76 42.15 25.33
N GLU C 395 46.00 41.70 25.42
CA GLU C 395 46.71 41.61 26.69
C GLU C 395 46.84 42.97 27.36
N ARG C 396 46.96 44.01 26.55
CA ARG C 396 47.04 45.38 27.05
C ARG C 396 45.70 45.78 27.65
N LEU C 397 44.63 45.57 26.90
CA LEU C 397 43.29 45.94 27.34
C LEU C 397 42.79 45.08 28.50
N TYR C 398 43.15 43.79 28.47
CA TYR C 398 42.71 42.86 29.50
C TYR C 398 43.25 43.26 30.87
N THR C 399 44.55 43.52 30.93
CA THR C 399 45.19 43.93 32.18
C THR C 399 44.75 45.34 32.58
N LYS C 400 44.48 46.18 31.60
CA LYS C 400 44.00 47.53 31.84
C LYS C 400 42.62 47.50 32.49
N TYR C 401 41.74 46.66 31.96
CA TYR C 401 40.39 46.54 32.47
C TYR C 401 40.35 45.76 33.77
N GLU C 402 41.40 44.98 34.03
CA GLU C 402 41.51 44.25 35.30
C GLU C 402 41.79 45.20 36.45
N LYS C 403 42.60 46.22 36.18
CA LYS C 403 42.99 47.19 37.21
C LYS C 403 41.94 48.28 37.38
N ASP C 404 40.94 48.29 36.51
CA ASP C 404 39.86 49.25 36.60
C ASP C 404 38.80 48.77 37.60
N ASP C 405 38.43 49.64 38.53
CA ASP C 405 37.46 49.29 39.56
C ASP C 405 36.06 49.78 39.20
N SER C 406 35.98 50.58 38.14
CA SER C 406 34.69 51.11 37.69
C SER C 406 33.99 50.12 36.76
N ILE C 407 34.76 49.22 36.18
CA ILE C 407 34.23 48.21 35.27
C ILE C 407 33.79 46.96 36.03
N ARG C 408 32.54 46.55 35.83
CA ARG C 408 32.01 45.37 36.49
C ARG C 408 32.75 44.11 36.05
N LYS C 409 33.18 43.32 37.02
CA LYS C 409 33.98 42.12 36.75
C LYS C 409 33.74 41.04 37.79
N GLN C 410 34.33 39.87 37.56
CA GLN C 410 34.29 38.78 38.53
C GLN C 410 35.56 37.95 38.45
N ARG C 411 36.15 37.65 39.61
CA ARG C 411 37.39 36.89 39.67
C ARG C 411 37.14 35.41 39.92
N VAL C 412 37.69 34.57 39.05
CA VAL C 412 37.63 33.12 39.21
C VAL C 412 38.97 32.49 38.84
N LYS C 413 39.38 31.50 39.62
CA LYS C 413 40.67 30.84 39.39
C LYS C 413 40.68 30.10 38.06
N ALA C 414 41.78 30.26 37.32
CA ALA C 414 41.92 29.66 35.99
C ALA C 414 41.84 28.15 36.06
N VAL C 415 42.38 27.57 37.13
CA VAL C 415 42.39 26.13 37.31
C VAL C 415 40.97 25.58 37.43
N GLU C 416 40.12 26.30 38.15
CA GLU C 416 38.74 25.87 38.37
C GLU C 416 37.89 26.06 37.11
N LEU C 417 38.12 27.16 36.40
CA LEU C 417 37.34 27.46 35.20
C LEU C 417 37.60 26.44 34.10
N PHE C 418 38.88 26.13 33.87
CA PHE C 418 39.25 25.12 32.88
C PHE C 418 38.75 23.75 33.30
N SER C 419 38.74 23.50 34.61
CA SER C 419 38.26 22.22 35.13
C SER C 419 36.76 22.05 34.90
N LEU C 420 36.02 23.13 35.08
CA LEU C 420 34.58 23.12 34.89
C LEU C 420 34.22 22.86 33.43
N MET C 421 34.98 23.48 32.52
CA MET C 421 34.75 23.30 31.10
C MET C 421 34.97 21.87 30.65
N MET C 422 36.09 21.29 31.05
CA MET C 422 36.42 19.91 30.69
C MET C 422 35.50 18.90 31.38
N GLN C 423 34.97 19.30 32.53
CA GLN C 423 34.05 18.44 33.28
C GLN C 423 32.77 18.21 32.49
N GLU C 424 32.20 19.29 31.97
CA GLU C 424 30.99 19.20 31.17
C GLU C 424 31.29 18.59 29.80
N ARG C 425 32.51 18.80 29.31
CA ARG C 425 32.93 18.23 28.05
C ARG C 425 33.10 16.71 28.17
N ALA C 426 33.52 16.26 29.34
CA ALA C 426 33.73 14.84 29.59
C ALA C 426 32.40 14.09 29.62
N SER C 427 31.40 14.71 30.25
CA SER C 427 30.10 14.08 30.41
C SER C 427 29.27 14.12 29.14
N THR C 428 29.16 15.30 28.54
CA THR C 428 28.33 15.48 27.35
C THR C 428 29.02 15.06 26.07
N GLY C 429 30.28 15.49 25.91
CA GLY C 429 31.03 15.19 24.70
C GLY C 429 30.70 16.17 23.59
N ARG C 430 29.98 17.23 23.94
CA ARG C 430 29.55 18.22 22.97
C ARG C 430 30.05 19.62 23.29
N ILE C 431 30.84 19.75 24.36
CA ILE C 431 31.46 21.03 24.69
C ILE C 431 32.78 21.18 23.96
N TYR C 432 32.82 22.08 22.99
CA TYR C 432 33.97 22.19 22.09
C TYR C 432 34.89 23.34 22.45
N ILE C 433 36.07 23.35 21.85
CA ILE C 433 37.06 24.40 22.09
C ILE C 433 37.53 25.02 20.78
N GLN C 434 37.51 26.35 20.71
CA GLN C 434 38.00 27.05 19.52
C GLN C 434 39.08 28.07 19.89
N ASN C 435 40.32 27.77 19.53
CA ASN C 435 41.43 28.70 19.72
C ASN C 435 41.41 29.79 18.67
N VAL C 436 40.82 30.93 19.00
CA VAL C 436 40.60 32.00 18.04
C VAL C 436 41.89 32.70 17.61
N ASP C 437 42.92 32.61 18.44
CA ASP C 437 44.19 33.26 18.12
C ASP C 437 44.87 32.53 16.96
N HIS C 438 44.74 31.22 16.92
CA HIS C 438 45.29 30.43 15.83
C HIS C 438 44.45 30.58 14.57
N CYS C 439 43.20 30.98 14.74
CA CYS C 439 42.27 31.15 13.62
C CYS C 439 42.46 32.49 12.92
N ASN C 440 43.42 33.28 13.36
CA ASN C 440 43.69 34.57 12.76
C ASN C 440 45.17 34.81 12.50
N THR C 441 46.02 34.17 13.28
CA THR C 441 47.46 34.22 13.05
C THR C 441 47.83 33.28 11.91
N HIS C 442 47.09 32.18 11.81
CA HIS C 442 47.26 31.22 10.72
C HIS C 442 45.99 31.16 9.88
N SER C 443 45.69 32.25 9.19
CA SER C 443 44.44 32.38 8.46
C SER C 443 44.66 32.94 7.06
N PRO C 444 43.79 32.53 6.11
CA PRO C 444 43.80 33.09 4.75
C PRO C 444 43.09 34.44 4.69
N PHE C 445 42.70 34.97 5.85
CA PHE C 445 41.99 36.25 5.92
C PHE C 445 42.74 37.25 6.79
N ASP C 446 42.63 38.53 6.43
CA ASP C 446 43.22 39.61 7.22
C ASP C 446 42.34 39.91 8.43
N PRO C 447 42.87 39.68 9.64
CA PRO C 447 42.14 39.90 10.89
C PRO C 447 41.70 41.35 11.09
N ALA C 448 42.38 42.27 10.40
CA ALA C 448 42.06 43.70 10.54
C ALA C 448 40.88 44.11 9.67
N ILE C 449 40.55 43.27 8.68
CA ILE C 449 39.47 43.58 7.75
C ILE C 449 38.30 42.61 7.88
N ALA C 450 38.62 41.31 7.89
CA ALA C 450 37.60 40.28 7.97
C ALA C 450 38.08 39.12 8.84
N PRO C 451 37.97 39.25 10.16
CA PRO C 451 38.45 38.24 11.10
C PRO C 451 37.50 37.05 11.23
N VAL C 452 38.02 35.92 11.70
CA VAL C 452 37.20 34.75 11.97
C VAL C 452 36.77 34.73 13.43
N ARG C 453 35.47 34.90 13.67
CA ARG C 453 34.95 35.03 15.02
C ARG C 453 34.25 33.77 15.52
N GLN C 454 34.11 32.78 14.65
CA GLN C 454 33.35 31.58 15.00
C GLN C 454 33.69 30.39 14.11
N SER C 455 32.85 29.36 14.18
CA SER C 455 33.00 28.18 13.35
C SER C 455 31.62 27.60 13.03
N ASN C 456 31.59 26.36 12.58
CA ASN C 456 30.32 25.73 12.21
C ASN C 456 29.91 24.61 13.15
N LEU C 457 29.04 23.73 12.68
CA LEU C 457 28.50 22.65 13.50
C LEU C 457 29.57 21.64 13.89
N CYS C 458 30.42 21.26 12.93
CA CYS C 458 31.42 20.23 13.16
C CYS C 458 32.80 20.83 13.41
N LEU C 459 32.85 22.16 13.46
CA LEU C 459 34.07 22.90 13.75
C LEU C 459 35.23 22.60 12.80
N GLU C 460 34.98 22.70 11.50
CA GLU C 460 36.03 22.57 10.51
C GLU C 460 36.06 23.80 9.61
N ILE C 461 35.04 24.63 9.73
CA ILE C 461 34.89 25.81 8.89
C ILE C 461 35.22 27.09 9.66
N ALA C 462 36.08 27.91 9.07
CA ALA C 462 36.48 29.18 9.68
C ALA C 462 36.39 30.32 8.67
N LEU C 463 35.25 31.00 8.64
CA LEU C 463 35.02 32.06 7.67
C LEU C 463 34.57 33.37 8.34
N PRO C 464 34.88 34.51 7.72
CA PRO C 464 34.48 35.82 8.24
C PRO C 464 32.96 36.00 8.27
N THR C 465 32.46 36.66 9.32
CA THR C 465 31.03 36.90 9.44
C THR C 465 30.73 38.32 9.92
N LYS C 466 29.55 38.82 9.58
CA LYS C 466 29.09 40.13 10.02
C LYS C 466 27.61 40.10 10.37
N PRO C 467 27.25 40.63 11.54
CA PRO C 467 25.88 40.60 12.07
C PRO C 467 24.87 41.31 11.16
N LEU C 468 23.61 40.87 11.23
CA LEU C 468 22.55 41.43 10.42
C LEU C 468 21.63 42.31 11.26
N ASN C 469 21.23 43.46 10.74
CA ASN C 469 20.26 44.31 11.42
C ASN C 469 18.85 43.97 10.98
N ASP C 470 18.77 43.05 10.02
CA ASP C 470 17.49 42.56 9.48
C ASP C 470 17.73 41.25 8.75
N VAL C 471 16.69 40.44 8.61
CA VAL C 471 16.81 39.15 7.96
C VAL C 471 17.26 39.30 6.50
N ASN C 472 16.86 40.41 5.88
CA ASN C 472 17.24 40.70 4.50
C ASN C 472 18.23 41.85 4.41
N ASP C 473 19.11 41.95 5.40
CA ASP C 473 20.11 43.01 5.45
C ASP C 473 21.20 42.77 4.42
N GLU C 474 21.48 43.79 3.61
CA GLU C 474 22.48 43.69 2.55
C GLU C 474 23.87 44.06 3.06
N ASN C 475 23.97 44.41 4.32
CA ASN C 475 25.25 44.81 4.91
C ASN C 475 25.87 43.70 5.76
N GLY C 476 25.06 42.71 6.11
CA GLY C 476 25.53 41.59 6.91
C GLY C 476 26.29 40.56 6.08
N GLU C 477 26.78 39.52 6.75
CA GLU C 477 27.51 38.46 6.06
C GLU C 477 27.30 37.11 6.74
N ILE C 478 26.58 36.23 6.08
CA ILE C 478 26.41 34.86 6.56
C ILE C 478 27.34 33.94 5.78
N ALA C 479 28.24 33.29 6.50
CA ALA C 479 29.27 32.47 5.86
C ALA C 479 28.72 31.15 5.34
N LEU C 480 28.91 30.91 4.05
CA LEU C 480 28.54 29.65 3.44
C LEU C 480 29.77 28.93 2.90
N CYS C 481 29.69 27.62 2.78
CA CYS C 481 30.82 26.83 2.29
C CYS C 481 30.38 25.55 1.62
N THR C 482 30.88 25.32 0.40
CA THR C 482 30.58 24.09 -0.32
C THR C 482 31.66 23.05 -0.02
N LEU C 483 31.22 21.84 0.31
CA LEU C 483 32.15 20.81 0.78
C LEU C 483 32.46 19.75 -0.26
N SER C 484 33.54 19.01 -0.01
CA SER C 484 33.96 17.88 -0.82
C SER C 484 35.10 17.16 -0.12
N ALA C 485 35.59 16.07 -0.71
CA ALA C 485 36.66 15.30 -0.10
C ALA C 485 37.42 14.46 -1.12
N PHE C 486 38.74 14.40 -0.96
CA PHE C 486 39.58 13.53 -1.77
C PHE C 486 39.69 12.14 -1.14
N ASN C 487 39.67 11.12 -1.98
CA ASN C 487 39.82 9.74 -1.52
C ASN C 487 41.27 9.30 -1.63
N LEU C 488 41.98 9.32 -0.52
CA LEU C 488 43.41 9.03 -0.49
C LEU C 488 43.71 7.56 -0.81
N GLY C 489 42.69 6.72 -0.71
CA GLY C 489 42.85 5.30 -0.99
C GLY C 489 42.56 4.93 -2.43
N ALA C 490 42.30 5.92 -3.26
CA ALA C 490 41.96 5.68 -4.66
C ALA C 490 42.99 6.28 -5.60
N ILE C 491 44.07 6.81 -5.04
CA ILE C 491 45.15 7.39 -5.84
C ILE C 491 46.43 6.57 -5.72
N ASN C 492 47.20 6.52 -6.80
CA ASN C 492 48.45 5.77 -6.82
C ASN C 492 49.64 6.65 -6.45
N ASN C 493 49.48 7.96 -6.64
CA ASN C 493 50.50 8.92 -6.28
C ASN C 493 49.90 10.28 -5.94
N LEU C 494 50.71 11.17 -5.40
CA LEU C 494 50.23 12.48 -4.96
C LEU C 494 50.08 13.46 -6.11
N ASP C 495 50.73 13.16 -7.24
CA ASP C 495 50.68 14.05 -8.40
C ASP C 495 49.37 13.89 -9.17
N GLU C 496 48.57 12.90 -8.77
CA GLU C 496 47.25 12.70 -9.37
C GLU C 496 46.27 13.75 -8.87
N LEU C 497 46.62 14.37 -7.74
CA LEU C 497 45.77 15.38 -7.12
C LEU C 497 45.65 16.64 -7.97
N GLU C 498 46.62 16.87 -8.84
CA GLU C 498 46.63 18.05 -9.69
C GLU C 498 45.40 18.08 -10.61
N GLU C 499 45.10 16.93 -11.22
CA GLU C 499 43.92 16.82 -12.07
C GLU C 499 42.64 16.83 -11.25
N LEU C 500 42.68 16.18 -10.09
CA LEU C 500 41.51 16.07 -9.23
C LEU C 500 41.13 17.41 -8.61
N ALA C 501 42.13 18.24 -8.32
CA ALA C 501 41.88 19.55 -7.72
C ALA C 501 41.20 20.49 -8.71
N ILE C 502 41.64 20.44 -9.96
CA ILE C 502 41.06 21.26 -11.01
C ILE C 502 39.59 20.92 -11.21
N LEU C 503 39.29 19.62 -11.22
CA LEU C 503 37.92 19.15 -11.40
C LEU C 503 37.04 19.49 -10.20
N ALA C 504 37.62 19.38 -9.00
CA ALA C 504 36.88 19.61 -7.77
C ALA C 504 36.52 21.09 -7.60
N VAL C 505 37.52 21.95 -7.71
CA VAL C 505 37.33 23.38 -7.50
C VAL C 505 36.38 24.00 -8.53
N ARG C 506 36.60 23.68 -9.81
CA ARG C 506 35.77 24.23 -10.88
C ARG C 506 34.32 23.80 -10.77
N ALA C 507 34.08 22.59 -10.27
CA ALA C 507 32.73 22.07 -10.12
C ALA C 507 31.99 22.78 -9.00
N LEU C 508 32.63 22.88 -7.85
CA LEU C 508 32.02 23.51 -6.67
C LEU C 508 31.81 25.00 -6.90
N ASP C 509 32.77 25.64 -7.58
CA ASP C 509 32.68 27.06 -7.88
C ASP C 509 31.53 27.35 -8.83
N ALA C 510 31.25 26.40 -9.72
CA ALA C 510 30.15 26.52 -10.66
C ALA C 510 28.82 26.29 -9.95
N LEU C 511 28.87 25.51 -8.86
CA LEU C 511 27.68 25.23 -8.07
C LEU C 511 27.26 26.47 -7.30
N LEU C 512 28.22 27.32 -6.97
CA LEU C 512 27.96 28.56 -6.24
C LEU C 512 27.04 29.48 -7.03
N ASP C 513 27.16 29.46 -8.35
CA ASP C 513 26.30 30.26 -9.22
C ASP C 513 25.08 29.46 -9.64
N TYR C 514 25.00 28.22 -9.16
CA TYR C 514 23.91 27.32 -9.53
C TYR C 514 22.85 27.25 -8.43
N GLN C 515 23.31 27.11 -7.18
CA GLN C 515 22.41 26.99 -6.04
C GLN C 515 21.74 28.33 -5.74
N ASP C 516 20.66 28.28 -4.95
CA ASP C 516 19.93 29.48 -4.58
C ASP C 516 20.30 29.97 -3.19
N TYR C 517 19.96 31.22 -2.91
CA TYR C 517 20.25 31.83 -1.63
C TYR C 517 19.01 32.52 -1.05
N PRO C 518 18.42 31.92 -0.02
CA PRO C 518 17.19 32.43 0.61
C PRO C 518 17.43 33.69 1.43
N ILE C 519 18.70 33.98 1.71
CA ILE C 519 19.05 35.14 2.52
C ILE C 519 20.12 35.99 1.82
N PRO C 520 19.81 37.28 1.62
CA PRO C 520 20.69 38.24 0.93
C PRO C 520 22.11 38.30 1.53
N ALA C 521 22.21 38.30 2.85
CA ALA C 521 23.50 38.41 3.53
C ALA C 521 24.35 37.16 3.31
N ALA C 522 23.69 36.05 3.02
CA ALA C 522 24.40 34.80 2.74
C ALA C 522 24.96 34.83 1.32
N LYS C 523 24.23 35.46 0.41
CA LYS C 523 24.66 35.60 -0.98
C LYS C 523 25.88 36.49 -1.08
N ARG C 524 25.96 37.49 -0.21
CA ARG C 524 27.09 38.42 -0.20
C ARG C 524 28.40 37.73 0.10
N GLY C 525 28.38 36.81 1.06
CA GLY C 525 29.58 36.07 1.43
C GLY C 525 29.94 35.03 0.38
N ALA C 526 28.91 34.42 -0.21
CA ALA C 526 29.12 33.39 -1.22
C ALA C 526 29.64 33.97 -2.53
N MET C 527 29.08 35.10 -2.93
CA MET C 527 29.49 35.75 -4.18
C MET C 527 30.75 36.59 -4.00
N GLY C 528 30.99 37.05 -2.77
CA GLY C 528 32.13 37.91 -2.50
C GLY C 528 33.44 37.18 -2.37
N ARG C 529 33.45 36.11 -1.59
CA ARG C 529 34.68 35.37 -1.33
C ARG C 529 34.72 34.01 -2.02
N ARG C 530 33.54 33.46 -2.31
CA ARG C 530 33.41 32.16 -2.98
C ARG C 530 34.19 31.08 -2.23
N THR C 531 34.01 31.04 -0.91
CA THR C 531 34.74 30.12 -0.05
C THR C 531 34.38 28.66 -0.31
N LEU C 532 35.39 27.82 -0.43
CA LEU C 532 35.19 26.38 -0.57
C LEU C 532 35.86 25.65 0.58
N GLY C 533 35.51 24.37 0.75
CA GLY C 533 36.08 23.57 1.82
C GLY C 533 36.21 22.11 1.45
N ILE C 534 37.37 21.76 0.88
CA ILE C 534 37.62 20.39 0.46
C ILE C 534 38.53 19.67 1.45
N GLY C 535 38.08 18.50 1.93
CA GLY C 535 38.84 17.74 2.89
C GLY C 535 39.31 16.41 2.33
N VAL C 536 39.48 15.42 3.21
CA VAL C 536 39.94 14.10 2.80
C VAL C 536 39.20 12.99 3.54
N ILE C 537 39.14 11.82 2.90
CA ILE C 537 38.61 10.62 3.53
C ILE C 537 39.58 9.48 3.31
N ASN C 538 39.31 8.33 3.95
CA ASN C 538 40.17 7.15 3.86
C ASN C 538 41.61 7.44 4.27
N PHE C 539 41.78 8.23 5.32
CA PHE C 539 43.12 8.58 5.80
C PHE C 539 43.72 7.42 6.59
N ALA C 540 42.88 6.68 7.29
CA ALA C 540 43.33 5.52 8.05
C ALA C 540 43.84 4.43 7.12
N TYR C 541 43.11 4.22 6.01
CA TYR C 541 43.52 3.26 4.99
C TYR C 541 44.73 3.77 4.23
N TYR C 542 44.88 5.07 4.17
CA TYR C 542 46.02 5.69 3.49
C TYR C 542 47.32 5.40 4.25
N LEU C 543 47.22 5.38 5.57
CA LEU C 543 48.38 5.07 6.41
C LEU C 543 48.66 3.57 6.44
N ALA C 544 47.61 2.78 6.27
CA ALA C 544 47.72 1.33 6.28
C ALA C 544 48.51 0.82 5.08
N LYS C 545 48.30 1.45 3.92
CA LYS C 545 49.01 1.07 2.71
C LYS C 545 50.50 1.36 2.82
N HIS C 546 50.83 2.46 3.50
CA HIS C 546 52.22 2.88 3.65
C HIS C 546 52.82 2.37 4.97
N GLY C 547 52.03 1.60 5.70
CA GLY C 547 52.50 0.98 6.93
C GLY C 547 52.81 1.97 8.04
N LYS C 548 52.03 3.05 8.11
CA LYS C 548 52.23 4.05 9.15
C LYS C 548 51.14 3.96 10.22
N ARG C 549 51.31 4.67 11.31
CA ARG C 549 50.36 4.64 12.41
C ARG C 549 50.06 6.03 12.96
N TYR C 550 49.16 6.09 13.94
CA TYR C 550 48.73 7.35 14.51
C TYR C 550 49.55 7.77 15.73
N SER C 551 49.65 6.87 16.71
CA SER C 551 50.20 7.22 18.02
C SER C 551 51.73 7.33 18.05
N ASP C 552 52.42 6.50 17.28
CA ASP C 552 53.88 6.49 17.32
C ASP C 552 54.48 7.75 16.68
N GLY C 553 53.68 8.44 15.89
CA GLY C 553 54.14 9.64 15.21
C GLY C 553 55.00 9.32 14.01
N SER C 554 54.77 8.14 13.44
CA SER C 554 55.53 7.68 12.28
C SER C 554 54.93 8.20 10.98
N ALA C 555 53.74 8.78 11.08
CA ALA C 555 53.04 9.29 9.91
C ALA C 555 53.19 10.80 9.79
N ASN C 556 54.05 11.37 10.63
CA ASN C 556 54.27 12.81 10.65
C ASN C 556 54.81 13.34 9.33
N ASN C 557 55.87 12.72 8.81
CA ASN C 557 56.47 13.14 7.56
C ASN C 557 55.58 12.85 6.36
N LEU C 558 54.85 11.74 6.41
CA LEU C 558 53.94 11.36 5.34
C LEU C 558 52.76 12.32 5.26
N THR C 559 52.24 12.70 6.43
CA THR C 559 51.13 13.65 6.51
C THR C 559 51.53 15.01 5.93
N HIS C 560 52.72 15.46 6.30
CA HIS C 560 53.22 16.76 5.84
C HIS C 560 53.38 16.80 4.32
N LYS C 561 53.86 15.69 3.75
CA LYS C 561 54.04 15.60 2.31
C LYS C 561 52.70 15.54 1.59
N THR C 562 51.76 14.79 2.17
CA THR C 562 50.45 14.57 1.55
C THR C 562 49.63 15.84 1.48
N PHE C 563 49.40 16.48 2.61
CA PHE C 563 48.53 17.65 2.68
C PHE C 563 49.17 18.88 2.01
N GLU C 564 50.48 18.82 1.77
CA GLU C 564 51.15 19.86 1.02
C GLU C 564 50.75 19.82 -0.45
N ALA C 565 50.74 18.62 -1.02
CA ALA C 565 50.34 18.43 -2.40
C ALA C 565 48.88 18.80 -2.59
N ILE C 566 48.08 18.57 -1.57
CA ILE C 566 46.66 18.92 -1.59
C ILE C 566 46.49 20.44 -1.72
N GLN C 567 47.07 21.17 -0.77
CA GLN C 567 46.94 22.62 -0.73
C GLN C 567 47.54 23.29 -1.96
N TYR C 568 48.69 22.80 -2.41
CA TYR C 568 49.35 23.37 -3.58
C TYR C 568 48.51 23.22 -4.83
N TYR C 569 48.07 22.00 -5.12
CA TYR C 569 47.30 21.72 -6.32
C TYR C 569 45.92 22.38 -6.26
N LEU C 570 45.39 22.55 -5.06
CA LEU C 570 44.11 23.26 -4.90
C LEU C 570 44.28 24.73 -5.24
N LEU C 571 45.30 25.36 -4.67
CA LEU C 571 45.59 26.76 -4.94
C LEU C 571 45.93 26.97 -6.42
N LYS C 572 46.72 26.07 -6.98
CA LYS C 572 47.12 26.15 -8.37
C LYS C 572 45.91 26.02 -9.30
N ALA C 573 44.97 25.18 -8.90
CA ALA C 573 43.74 25.00 -9.67
C ALA C 573 42.90 26.26 -9.64
N SER C 574 42.79 26.86 -8.45
CA SER C 574 42.01 28.09 -8.28
C SER C 574 42.72 29.28 -8.92
N ASN C 575 44.05 29.27 -8.90
CA ASN C 575 44.83 30.35 -9.48
C ASN C 575 44.68 30.38 -11.00
N GLU C 576 44.74 29.21 -11.63
CA GLU C 576 44.55 29.10 -13.07
C GLU C 576 43.10 29.38 -13.45
N LEU C 577 42.20 29.10 -12.51
CA LEU C 577 40.78 29.36 -12.71
C LEU C 577 40.49 30.86 -12.64
N ALA C 578 41.28 31.55 -11.84
CA ALA C 578 41.16 33.01 -11.70
C ALA C 578 41.65 33.71 -12.96
N LYS C 579 42.52 33.03 -13.70
CA LYS C 579 43.01 33.57 -14.97
C LYS C 579 41.92 33.51 -16.03
N GLU C 580 41.04 32.53 -15.90
CA GLU C 580 40.01 32.28 -16.91
C GLU C 580 38.74 33.10 -16.70
N GLN C 581 38.24 33.10 -15.47
CA GLN C 581 36.95 33.73 -15.19
C GLN C 581 37.05 34.88 -14.19
N GLY C 582 38.26 35.18 -13.74
CA GLY C 582 38.47 36.27 -12.81
C GLY C 582 38.39 35.84 -11.36
N ALA C 583 39.21 36.47 -10.51
CA ALA C 583 39.23 36.15 -9.09
C ALA C 583 37.98 36.65 -8.38
N CYS C 584 37.79 36.19 -7.14
CA CYS C 584 36.64 36.62 -6.34
C CYS C 584 36.73 38.10 -6.00
N PRO C 585 35.58 38.79 -5.97
CA PRO C 585 35.50 40.24 -5.72
C PRO C 585 36.18 40.70 -4.43
N TRP C 586 36.02 39.93 -3.36
CA TRP C 586 36.57 40.32 -2.06
C TRP C 586 37.89 39.61 -1.76
N PHE C 587 38.70 39.43 -2.80
CA PHE C 587 39.99 38.77 -2.65
C PHE C 587 41.00 39.66 -1.94
N ASN C 588 40.76 40.97 -2.02
CA ASN C 588 41.68 41.95 -1.43
C ASN C 588 41.68 41.92 0.10
N GLU C 589 40.73 41.20 0.68
CA GLU C 589 40.65 41.07 2.13
C GLU C 589 41.36 39.81 2.60
N THR C 590 41.98 39.11 1.66
CA THR C 590 42.67 37.87 1.97
C THR C 590 44.17 38.09 2.11
N THR C 591 44.84 37.17 2.81
CA THR C 591 46.28 37.25 2.99
C THR C 591 47.01 36.90 1.71
N TYR C 592 46.34 36.14 0.84
CA TYR C 592 46.90 35.78 -0.45
C TYR C 592 47.11 37.01 -1.33
N ALA C 593 46.22 37.99 -1.17
CA ALA C 593 46.32 39.24 -1.94
C ALA C 593 47.58 40.01 -1.55
N LYS C 594 48.00 39.86 -0.31
CA LYS C 594 49.20 40.52 0.18
C LYS C 594 50.42 39.60 0.04
N GLY C 595 50.22 38.47 -0.62
CA GLY C 595 51.30 37.54 -0.90
C GLY C 595 51.72 36.71 0.30
N ILE C 596 50.77 36.43 1.19
CA ILE C 596 51.06 35.63 2.38
C ILE C 596 50.51 34.21 2.22
N LEU C 597 51.40 33.23 2.24
CA LEU C 597 51.01 31.83 2.09
C LEU C 597 50.92 31.14 3.45
N PRO C 598 50.13 30.05 3.54
CA PRO C 598 49.99 29.28 4.77
C PRO C 598 51.32 28.75 5.32
N ILE C 599 52.32 28.62 4.46
CA ILE C 599 53.62 28.12 4.87
C ILE C 599 54.48 29.21 5.50
N ASP C 600 53.88 30.38 5.71
CA ASP C 600 54.59 31.51 6.28
C ASP C 600 54.09 31.85 7.68
N THR C 601 52.85 31.48 7.97
CA THR C 601 52.21 31.86 9.23
C THR C 601 51.78 30.66 10.06
N TYR C 602 52.36 29.50 9.79
CA TYR C 602 52.03 28.29 10.53
C TYR C 602 52.69 28.30 11.91
N LYS C 603 52.18 27.45 12.80
CA LYS C 603 52.74 27.34 14.15
C LYS C 603 54.15 26.76 14.10
N LYS C 604 55.12 27.52 14.61
CA LYS C 604 56.52 27.15 14.49
C LYS C 604 56.90 25.94 15.34
N ASP C 605 55.99 25.51 16.21
CA ASP C 605 56.22 24.33 17.04
C ASP C 605 56.08 23.03 16.25
N LEU C 606 55.61 23.15 15.01
CA LEU C 606 55.43 22.00 14.14
C LEU C 606 56.77 21.48 13.62
N ASP C 607 57.80 22.31 13.72
CA ASP C 607 59.13 21.94 13.23
C ASP C 607 59.82 20.94 14.16
N THR C 608 59.24 20.75 15.35
CA THR C 608 59.83 19.85 16.34
C THR C 608 59.28 18.44 16.22
N ILE C 609 58.29 18.26 15.34
CA ILE C 609 57.68 16.95 15.15
C ILE C 609 57.64 16.57 13.66
N ALA C 610 58.25 17.40 12.82
CA ALA C 610 58.28 17.14 11.39
C ALA C 610 59.44 17.86 10.73
N ASN C 611 60.21 17.13 9.91
CA ASN C 611 61.35 17.69 9.23
C ASN C 611 61.30 17.49 7.71
N GLU C 612 60.13 17.09 7.21
CA GLU C 612 59.93 16.88 5.78
C GLU C 612 59.98 18.20 5.03
N PRO C 613 60.83 18.28 3.99
CA PRO C 613 60.98 19.50 3.19
C PRO C 613 59.83 19.68 2.20
N LEU C 614 59.69 20.89 1.66
CA LEU C 614 58.67 21.17 0.66
C LEU C 614 59.08 20.59 -0.69
N HIS C 615 58.16 19.87 -1.34
CA HIS C 615 58.47 19.18 -2.59
C HIS C 615 57.91 19.91 -3.80
N TYR C 616 57.22 21.03 -3.57
CA TYR C 616 56.60 21.78 -4.66
C TYR C 616 57.03 23.24 -4.65
N ASP C 617 56.95 23.87 -5.83
CA ASP C 617 57.38 25.26 -5.98
C ASP C 617 56.31 26.22 -5.50
N TRP C 618 56.36 26.55 -4.22
CA TRP C 618 55.40 27.48 -3.62
C TRP C 618 55.71 28.91 -4.02
N GLU C 619 56.99 29.20 -4.24
CA GLU C 619 57.42 30.55 -4.58
C GLU C 619 56.92 30.97 -5.95
N ALA C 620 56.81 30.01 -6.86
CA ALA C 620 56.26 30.29 -8.19
C ALA C 620 54.76 30.53 -8.10
N LEU C 621 54.13 29.85 -7.16
CA LEU C 621 52.69 30.01 -6.92
C LEU C 621 52.40 31.37 -6.30
N ARG C 622 53.31 31.83 -5.43
CA ARG C 622 53.14 33.11 -4.74
C ARG C 622 53.05 34.27 -5.72
N GLU C 623 53.92 34.29 -6.71
CA GLU C 623 53.92 35.34 -7.72
C GLU C 623 52.74 35.21 -8.65
N SER C 624 52.26 33.98 -8.86
CA SER C 624 51.12 33.73 -9.72
C SER C 624 49.82 34.17 -9.05
N ILE C 625 49.80 34.12 -7.71
CA ILE C 625 48.64 34.55 -6.94
C ILE C 625 48.62 36.08 -6.83
N LYS C 626 49.80 36.67 -6.63
CA LYS C 626 49.93 38.12 -6.54
C LYS C 626 49.41 38.82 -7.80
N THR C 627 49.51 38.14 -8.93
CA THR C 627 49.15 38.75 -10.22
C THR C 627 47.68 38.51 -10.59
N HIS C 628 47.27 37.26 -10.60
CA HIS C 628 45.94 36.90 -11.08
C HIS C 628 44.93 36.70 -9.96
N GLY C 629 45.42 36.34 -8.77
CA GLY C 629 44.56 36.15 -7.62
C GLY C 629 44.00 34.74 -7.54
N LEU C 630 43.09 34.52 -6.60
CA LEU C 630 42.46 33.23 -6.41
C LEU C 630 40.95 33.30 -6.64
N ARG C 631 40.40 32.25 -7.25
CA ARG C 631 38.97 32.18 -7.49
C ARG C 631 38.21 31.99 -6.17
N ASN C 632 38.87 31.36 -5.20
CA ASN C 632 38.27 31.10 -3.91
C ASN C 632 39.15 31.55 -2.75
N SER C 633 38.55 32.18 -1.75
CA SER C 633 39.29 32.66 -0.59
C SER C 633 39.83 31.50 0.24
N THR C 634 39.04 30.43 0.31
CA THR C 634 39.46 29.20 0.99
C THR C 634 39.21 28.00 0.09
N LEU C 635 39.95 26.92 0.32
CA LEU C 635 39.83 25.72 -0.51
C LEU C 635 39.87 24.44 0.31
N SER C 636 40.67 24.44 1.37
CA SER C 636 40.86 23.23 2.16
C SER C 636 40.19 23.31 3.54
N ALA C 637 39.49 22.24 3.91
CA ALA C 637 38.83 22.14 5.21
C ALA C 637 38.50 20.69 5.51
N LEU C 638 39.00 20.18 6.62
CA LEU C 638 38.82 18.78 6.98
C LEU C 638 37.57 18.53 7.82
N MET C 639 36.50 18.09 7.15
CA MET C 639 35.24 17.82 7.83
C MET C 639 35.08 16.33 8.09
N PRO C 640 34.24 15.97 9.07
CA PRO C 640 33.91 14.55 9.27
C PRO C 640 33.04 14.04 8.13
N SER C 641 33.22 12.77 7.76
CA SER C 641 32.42 12.16 6.71
C SER C 641 31.99 10.76 7.10
N GLU C 642 30.71 10.62 7.46
CA GLU C 642 30.17 9.34 7.89
C GLU C 642 29.23 8.79 6.83
N THR C 643 28.63 9.68 6.05
CA THR C 643 27.69 9.27 5.01
C THR C 643 28.39 9.08 3.66
N SER C 644 29.20 10.06 3.29
CA SER C 644 29.90 10.04 2.00
C SER C 644 31.03 9.02 1.97
N SER C 645 31.52 8.64 3.15
CA SER C 645 32.63 7.71 3.25
C SER C 645 32.19 6.27 2.98
N GLN C 646 30.97 5.95 3.40
CA GLN C 646 30.42 4.61 3.24
C GLN C 646 30.21 4.26 1.77
N ILE C 647 30.02 5.30 0.95
CA ILE C 647 29.83 5.12 -0.49
C ILE C 647 31.08 4.51 -1.12
N SER C 648 32.25 5.03 -0.75
CA SER C 648 33.51 4.55 -1.29
C SER C 648 34.11 3.44 -0.43
N ASN C 649 33.32 2.96 0.53
CA ASN C 649 33.76 1.97 1.51
C ASN C 649 35.04 2.45 2.19
N ALA C 650 35.04 3.73 2.59
CA ALA C 650 36.22 4.35 3.17
C ALA C 650 36.08 4.50 4.68
N THR C 651 37.18 4.83 5.34
CA THR C 651 37.16 5.11 6.77
C THR C 651 36.62 6.52 6.99
N ASN C 652 35.92 6.73 8.09
CA ASN C 652 35.26 8.00 8.37
C ASN C 652 36.23 9.17 8.50
N GLY C 653 36.46 9.86 7.39
CA GLY C 653 37.33 11.03 7.37
C GLY C 653 38.76 10.71 7.74
N ILE C 654 39.31 11.49 8.65
CA ILE C 654 40.67 11.27 9.14
C ILE C 654 40.65 10.44 10.42
N GLU C 655 39.45 10.18 10.92
CA GLU C 655 39.28 9.41 12.15
C GLU C 655 39.53 7.92 11.90
N PRO C 656 40.15 7.25 12.88
CA PRO C 656 40.38 5.80 12.80
C PRO C 656 39.11 4.99 13.09
N PRO C 657 38.98 3.82 12.45
CA PRO C 657 37.83 2.95 12.67
C PRO C 657 37.84 2.33 14.06
N ARG C 658 36.67 2.17 14.66
CA ARG C 658 36.56 1.55 15.98
C ARG C 658 36.70 0.04 15.89
N GLY C 659 36.55 -0.49 14.68
CA GLY C 659 36.68 -1.91 14.44
C GLY C 659 36.88 -2.21 12.97
N TYR C 660 37.30 -3.43 12.67
CA TYR C 660 37.53 -3.85 11.29
C TYR C 660 36.19 -3.99 10.56
N VAL C 661 35.15 -4.33 11.32
CA VAL C 661 33.80 -4.44 10.77
C VAL C 661 32.82 -3.65 11.61
N SER C 662 32.13 -2.70 10.97
CA SER C 662 31.17 -1.84 11.66
C SER C 662 29.76 -2.40 11.58
N ILE C 663 29.09 -2.48 12.74
CA ILE C 663 27.72 -2.98 12.79
C ILE C 663 26.74 -1.82 12.99
N LYS C 664 25.84 -1.64 12.02
CA LYS C 664 24.86 -0.57 12.06
C LYS C 664 23.48 -1.07 11.65
N ALA C 665 22.51 -0.99 12.57
CA ALA C 665 21.16 -1.44 12.30
C ALA C 665 20.47 -0.59 11.26
N SER C 666 19.49 -1.17 10.56
CA SER C 666 18.76 -0.46 9.52
C SER C 666 17.35 -1.02 9.34
N LYS C 667 16.65 -0.52 8.33
CA LYS C 667 15.28 -0.95 8.05
C LYS C 667 15.26 -2.32 7.39
N ASP C 668 16.33 -2.65 6.67
CA ASP C 668 16.42 -3.91 5.95
C ASP C 668 17.30 -4.92 6.69
N GLY C 669 17.48 -4.70 7.99
CA GLY C 669 18.29 -5.59 8.79
C GLY C 669 19.58 -4.95 9.26
N ILE C 670 20.52 -5.78 9.70
CA ILE C 670 21.81 -5.28 10.18
C ILE C 670 22.82 -5.17 9.04
N LEU C 671 23.31 -3.95 8.81
CA LEU C 671 24.28 -3.70 7.76
C LEU C 671 25.71 -3.81 8.30
N ARG C 672 26.53 -4.62 7.64
CA ARG C 672 27.91 -4.80 8.04
C ARG C 672 28.86 -4.22 7.00
N GLN C 673 29.87 -3.50 7.46
CA GLN C 673 30.83 -2.87 6.57
C GLN C 673 32.26 -3.20 6.99
N VAL C 674 33.02 -3.76 6.05
CA VAL C 674 34.39 -4.17 6.31
C VAL C 674 35.37 -3.10 5.81
N VAL C 675 36.43 -2.85 6.57
CA VAL C 675 37.46 -1.91 6.18
C VAL C 675 38.09 -2.31 4.84
N PRO C 676 38.45 -1.31 4.02
CA PRO C 676 38.99 -1.56 2.68
C PRO C 676 40.29 -2.36 2.70
N ASP C 677 40.35 -3.42 1.90
CA ASP C 677 41.52 -4.29 1.79
C ASP C 677 41.94 -4.84 3.14
N TYR C 678 41.00 -5.46 3.84
CA TYR C 678 41.26 -6.05 5.15
C TYR C 678 42.11 -7.31 5.02
N GLU C 679 42.00 -7.96 3.87
CA GLU C 679 42.68 -9.23 3.63
C GLU C 679 44.21 -9.08 3.66
N HIS C 680 44.70 -7.91 3.27
CA HIS C 680 46.14 -7.69 3.16
C HIS C 680 46.68 -6.72 4.21
N LEU C 681 45.77 -6.03 4.91
CA LEU C 681 46.19 -5.00 5.86
C LEU C 681 45.53 -5.16 7.23
N HIS C 682 45.26 -6.41 7.62
CA HIS C 682 44.57 -6.67 8.88
C HIS C 682 45.39 -6.29 10.11
N ASP C 683 46.72 -6.28 9.96
CA ASP C 683 47.60 -5.91 11.06
C ASP C 683 48.16 -4.51 10.91
N ALA C 684 48.04 -3.96 9.70
CA ALA C 684 48.56 -2.62 9.41
C ALA C 684 47.71 -1.54 10.07
N TYR C 685 46.42 -1.81 10.22
CA TYR C 685 45.50 -0.86 10.83
C TYR C 685 45.78 -0.66 12.31
N GLU C 686 45.43 0.51 12.82
CA GLU C 686 45.50 0.80 14.24
C GLU C 686 44.15 1.32 14.71
N LEU C 687 43.41 0.49 15.43
CA LEU C 687 42.06 0.85 15.88
C LEU C 687 42.09 2.02 16.86
N LEU C 688 40.92 2.57 17.13
CA LEU C 688 40.79 3.75 17.98
C LEU C 688 41.28 3.49 19.40
N TRP C 689 40.87 2.36 19.98
CA TRP C 689 41.22 2.05 21.35
C TRP C 689 42.52 1.27 21.44
N GLU C 690 43.23 1.16 20.32
CA GLU C 690 44.53 0.54 20.29
C GLU C 690 45.63 1.58 20.47
N MET C 691 45.22 2.82 20.74
CA MET C 691 46.14 3.93 20.92
C MET C 691 46.31 4.27 22.39
N PRO C 692 47.56 4.53 22.81
CA PRO C 692 47.87 4.91 24.19
C PRO C 692 47.16 6.19 24.63
N GLY C 693 47.31 7.25 23.84
CA GLY C 693 46.69 8.53 24.16
C GLY C 693 46.36 9.34 22.92
N ASN C 694 46.11 10.63 23.12
CA ASN C 694 45.75 11.53 22.03
C ASN C 694 46.96 12.28 21.49
N ASP C 695 48.11 12.06 22.13
CA ASP C 695 49.35 12.75 21.76
C ASP C 695 49.75 12.51 20.31
N GLY C 696 49.64 11.27 19.86
CA GLY C 696 49.99 10.92 18.50
C GLY C 696 49.03 11.49 17.47
N TYR C 697 47.74 11.50 17.82
CA TYR C 697 46.71 11.98 16.91
C TYR C 697 46.78 13.50 16.73
N LEU C 698 46.89 14.22 17.84
CA LEU C 698 46.90 15.68 17.81
C LEU C 698 48.10 16.23 17.05
N GLN C 699 49.22 15.51 17.09
CA GLN C 699 50.42 15.92 16.37
C GLN C 699 50.19 15.90 14.87
N LEU C 700 49.50 14.88 14.40
CA LEU C 700 49.18 14.75 12.98
C LEU C 700 48.23 15.86 12.53
N VAL C 701 47.22 16.14 13.35
CA VAL C 701 46.25 17.19 13.06
C VAL C 701 46.91 18.55 12.92
N GLY C 702 47.84 18.84 13.83
CA GLY C 702 48.58 20.08 13.80
C GLY C 702 49.36 20.26 12.51
N ILE C 703 49.91 19.16 12.00
CA ILE C 703 50.67 19.17 10.76
C ILE C 703 49.76 19.46 9.57
N MET C 704 48.55 18.89 9.61
CA MET C 704 47.57 19.14 8.57
C MET C 704 47.16 20.60 8.53
N GLN C 705 46.99 21.19 9.72
CA GLN C 705 46.56 22.58 9.86
C GLN C 705 47.54 23.56 9.21
N LYS C 706 48.78 23.12 9.08
CA LYS C 706 49.82 23.94 8.45
C LYS C 706 49.46 24.28 7.01
N PHE C 707 48.72 23.39 6.36
CA PHE C 707 48.35 23.58 4.96
C PHE C 707 46.85 23.84 4.78
N ILE C 708 46.06 23.32 5.70
CA ILE C 708 44.61 23.51 5.67
C ILE C 708 44.24 24.98 5.85
N ASP C 709 43.44 25.50 4.91
CA ASP C 709 43.01 26.89 4.95
C ASP C 709 42.20 27.20 6.21
N GLN C 710 41.20 26.37 6.48
CA GLN C 710 40.31 26.59 7.61
C GLN C 710 40.74 25.78 8.83
N SER C 711 39.82 25.01 9.40
CA SER C 711 40.12 24.24 10.60
C SER C 711 39.92 22.74 10.38
N ILE C 712 40.16 21.97 11.43
CA ILE C 712 40.07 20.52 11.37
C ILE C 712 39.19 19.97 12.51
N SER C 713 38.28 19.07 12.17
CA SER C 713 37.40 18.45 13.16
C SER C 713 38.12 17.33 13.91
N ALA C 714 39.09 17.71 14.74
CA ALA C 714 39.85 16.73 15.52
C ALA C 714 39.07 16.25 16.72
N ASN C 715 39.09 14.94 16.96
CA ASN C 715 38.39 14.36 18.10
C ASN C 715 39.34 13.89 19.19
N THR C 716 38.90 14.02 20.45
CA THR C 716 39.65 13.50 21.57
C THR C 716 39.01 12.21 22.08
N ASN C 717 39.84 11.21 22.37
CA ASN C 717 39.34 9.91 22.79
C ASN C 717 39.94 9.47 24.12
N TYR C 718 39.12 8.85 24.96
CA TYR C 718 39.58 8.38 26.26
C TYR C 718 38.94 7.04 26.64
N ASP C 719 39.77 6.16 27.17
CA ASP C 719 39.30 4.85 27.64
C ASP C 719 39.52 4.71 29.14
N PRO C 720 38.43 4.68 29.91
CA PRO C 720 38.47 4.58 31.38
C PRO C 720 39.22 3.33 31.86
N SER C 721 39.32 2.32 30.99
CA SER C 721 40.01 1.09 31.34
C SER C 721 41.53 1.28 31.39
N ARG C 722 42.02 2.27 30.65
CA ARG C 722 43.45 2.56 30.60
C ARG C 722 43.88 3.45 31.76
N PHE C 723 42.91 3.89 32.56
CA PHE C 723 43.19 4.75 33.70
C PHE C 723 42.80 4.09 35.02
N PRO C 724 43.57 4.33 36.08
CA PRO C 724 43.29 3.76 37.41
C PRO C 724 41.94 4.21 37.95
N SER C 725 41.32 3.36 38.77
CA SER C 725 40.00 3.61 39.36
C SER C 725 38.91 3.81 38.32
N GLY C 726 39.20 3.43 37.07
CA GLY C 726 38.23 3.50 36.00
C GLY C 726 37.68 4.88 35.68
N LYS C 727 38.47 5.91 35.99
CA LYS C 727 38.05 7.28 35.73
C LYS C 727 39.18 8.11 35.14
N VAL C 728 38.85 8.90 34.11
CA VAL C 728 39.84 9.76 33.46
C VAL C 728 40.17 10.98 34.32
N PRO C 729 41.44 11.13 34.69
CA PRO C 729 41.91 12.23 35.54
C PRO C 729 41.82 13.58 34.85
N MET C 730 41.58 14.63 35.64
CA MET C 730 41.49 15.98 35.12
C MET C 730 42.82 16.45 34.56
N GLN C 731 43.91 15.94 35.14
CA GLN C 731 45.26 16.31 34.72
C GLN C 731 45.55 15.88 33.29
N GLN C 732 44.98 14.75 32.89
CA GLN C 732 45.18 14.23 31.54
C GLN C 732 44.39 15.03 30.52
N LEU C 733 43.19 15.44 30.90
CA LEU C 733 42.32 16.24 30.03
C LEU C 733 42.96 17.58 29.70
N LEU C 734 43.51 18.23 30.72
CA LEU C 734 44.18 19.52 30.55
C LEU C 734 45.48 19.36 29.79
N LYS C 735 46.13 18.20 29.96
CA LYS C 735 47.38 17.91 29.27
C LYS C 735 47.17 17.85 27.77
N ASP C 736 46.18 17.08 27.34
CA ASP C 736 45.88 16.91 25.92
C ASP C 736 45.39 18.23 25.30
N LEU C 737 44.68 19.01 26.10
CA LEU C 737 44.19 20.31 25.65
C LEU C 737 45.35 21.25 25.34
N LEU C 738 46.31 21.31 26.27
CA LEU C 738 47.49 22.14 26.09
C LEU C 738 48.39 21.59 24.98
N THR C 739 48.34 20.28 24.80
CA THR C 739 49.14 19.62 23.77
C THR C 739 48.69 20.05 22.37
N ALA C 740 47.37 20.11 22.18
CA ALA C 740 46.80 20.49 20.90
C ALA C 740 47.13 21.95 20.55
N TYR C 741 46.95 22.84 21.51
CA TYR C 741 47.19 24.27 21.31
C TYR C 741 48.66 24.55 20.97
N LYS C 742 49.56 23.72 21.50
CA LYS C 742 50.98 23.89 21.28
C LYS C 742 51.34 23.70 19.81
N PHE C 743 50.67 22.76 19.15
CA PHE C 743 50.97 22.44 17.77
C PHE C 743 50.04 23.17 16.80
N GLY C 744 49.33 24.18 17.30
CA GLY C 744 48.52 25.04 16.46
C GLY C 744 47.16 24.48 16.07
N VAL C 745 46.65 23.53 16.83
CA VAL C 745 45.32 22.99 16.59
C VAL C 745 44.25 24.06 16.83
N LYS C 746 43.44 24.33 15.81
CA LYS C 746 42.47 25.41 15.88
C LYS C 746 41.24 25.04 16.72
N THR C 747 40.66 23.88 16.44
CA THR C 747 39.44 23.46 17.12
C THR C 747 39.46 22.02 17.59
N LEU C 748 38.59 21.70 18.54
CA LEU C 748 38.42 20.34 19.04
C LEU C 748 36.95 19.94 19.00
N TYR C 749 36.66 18.82 18.34
CA TYR C 749 35.29 18.38 18.14
C TYR C 749 34.83 17.46 19.28
N TYR C 750 34.32 16.29 18.92
CA TYR C 750 33.77 15.33 19.88
C TYR C 750 34.79 14.86 20.92
N GLN C 751 34.28 14.39 22.05
CA GLN C 751 35.10 13.65 23.00
C GLN C 751 34.47 12.29 23.26
N ASN C 752 34.91 11.29 22.52
CA ASN C 752 34.34 9.96 22.62
C ASN C 752 34.81 9.22 23.87
N THR C 753 33.87 8.91 24.76
CA THR C 753 34.18 8.17 25.97
C THR C 753 33.61 6.75 25.89
N ARG C 754 34.52 5.77 25.89
CA ARG C 754 34.14 4.38 25.78
C ARG C 754 33.39 3.90 27.02
N ASP C 755 32.38 3.07 26.82
CA ASP C 755 31.58 2.54 27.92
C ASP C 755 31.90 1.06 28.17
N ASN D 23 15.88 59.90 79.78
CA ASN D 23 15.20 59.64 78.52
C ASN D 23 16.16 59.49 77.34
N LEU D 24 15.97 58.44 76.56
CA LEU D 24 16.83 58.15 75.41
C LEU D 24 16.81 59.27 74.37
N LEU D 25 17.82 59.28 73.51
CA LEU D 25 17.96 60.32 72.49
C LEU D 25 17.65 59.75 71.10
N VAL D 26 17.23 60.63 70.19
CA VAL D 26 16.93 60.22 68.82
C VAL D 26 17.88 60.87 67.81
N THR D 27 17.92 60.31 66.61
CA THR D 27 18.81 60.84 65.57
C THR D 27 18.03 61.53 64.46
N LYS D 28 18.27 62.83 64.31
CA LYS D 28 17.62 63.64 63.29
C LYS D 28 18.13 63.29 61.90
N ARG D 29 17.54 63.92 60.88
CA ARG D 29 17.90 63.63 59.50
C ARG D 29 19.27 64.17 59.13
N ASP D 30 19.59 65.36 59.62
CA ASP D 30 20.87 66.00 59.31
C ASP D 30 22.04 65.32 60.00
N GLY D 31 21.73 64.50 61.01
CA GLY D 31 22.76 63.83 61.77
C GLY D 31 22.83 64.32 63.19
N SER D 32 22.06 65.37 63.48
CA SER D 32 22.01 65.94 64.83
C SER D 32 21.33 64.98 65.80
N THR D 33 21.29 65.37 67.07
CA THR D 33 20.69 64.52 68.09
C THR D 33 19.97 65.33 69.17
N GLU D 34 18.72 64.95 69.46
CA GLU D 34 17.93 65.62 70.48
C GLU D 34 17.17 64.59 71.31
N ARG D 35 16.86 64.94 72.56
CA ARG D 35 16.09 64.06 73.43
C ARG D 35 14.70 63.78 72.86
N ILE D 36 14.22 62.56 73.09
CA ILE D 36 12.95 62.11 72.51
C ILE D 36 11.77 62.94 73.01
N ASN D 37 10.84 63.23 72.10
CA ASN D 37 9.65 64.00 72.42
C ASN D 37 8.39 63.28 71.94
N LEU D 38 7.70 62.62 72.86
CA LEU D 38 6.51 61.84 72.52
C LEU D 38 5.34 62.74 72.12
N ASP D 39 5.42 64.02 72.49
CA ASP D 39 4.38 64.98 72.13
C ASP D 39 4.45 65.31 70.64
N LYS D 40 5.66 65.26 70.08
CA LYS D 40 5.85 65.53 68.66
C LYS D 40 5.25 64.42 67.81
N ILE D 41 5.41 63.17 68.27
CA ILE D 41 4.84 62.02 67.58
C ILE D 41 3.32 62.02 67.71
N HIS D 42 2.83 62.34 68.90
CA HIS D 42 1.39 62.36 69.16
C HIS D 42 0.69 63.47 68.37
N ARG D 43 1.44 64.53 68.05
CA ARG D 43 0.89 65.63 67.28
C ARG D 43 0.72 65.23 65.80
N VAL D 44 1.64 64.41 65.32
CA VAL D 44 1.58 63.94 63.94
C VAL D 44 0.44 62.92 63.77
N LEU D 45 0.32 62.02 64.73
CA LEU D 45 -0.71 60.99 64.71
C LEU D 45 -2.12 61.60 64.74
N ASP D 46 -2.25 62.73 65.43
CA ASP D 46 -3.53 63.43 65.51
C ASP D 46 -3.96 63.96 64.14
N ALA D 47 -2.99 64.35 63.34
CA ALA D 47 -3.26 64.92 62.02
C ALA D 47 -3.63 63.83 61.01
N ALA D 48 -3.36 62.58 61.36
CA ALA D 48 -3.63 61.47 60.46
C ALA D 48 -4.87 60.68 60.87
N ALA D 49 -5.51 61.10 61.96
CA ALA D 49 -6.69 60.41 62.47
C ALA D 49 -7.95 61.26 62.36
N GLU D 50 -7.85 62.37 61.64
CA GLU D 50 -8.98 63.28 61.48
C GLU D 50 -10.10 62.66 60.65
N GLY D 51 -11.28 62.55 61.26
CA GLY D 51 -12.44 62.03 60.57
C GLY D 51 -12.54 60.52 60.62
N LEU D 52 -11.54 59.88 61.22
CA LEU D 52 -11.51 58.42 61.31
C LEU D 52 -12.30 57.91 62.51
N HIS D 53 -12.86 56.71 62.38
CA HIS D 53 -13.64 56.11 63.45
C HIS D 53 -12.97 54.84 63.97
N ASN D 54 -13.17 54.56 65.25
CA ASN D 54 -12.64 53.37 65.90
C ASN D 54 -11.11 53.27 65.79
N VAL D 55 -10.44 54.41 65.89
CA VAL D 55 -8.99 54.44 65.88
C VAL D 55 -8.44 54.88 67.23
N SER D 56 -7.41 54.20 67.70
CA SER D 56 -6.82 54.50 69.00
C SER D 56 -5.37 54.96 68.87
N ILE D 57 -5.13 56.24 69.10
CA ILE D 57 -3.79 56.81 69.03
C ILE D 57 -2.89 56.17 70.08
N SER D 58 -3.44 55.93 71.26
CA SER D 58 -2.69 55.32 72.35
C SER D 58 -2.26 53.89 72.00
N GLN D 59 -3.12 53.18 71.28
CA GLN D 59 -2.81 51.82 70.85
C GLN D 59 -1.66 51.81 69.87
N VAL D 60 -1.61 52.83 69.00
CA VAL D 60 -0.53 52.97 68.04
C VAL D 60 0.77 53.30 68.77
N GLU D 61 0.69 54.21 69.74
CA GLU D 61 1.84 54.58 70.54
C GLU D 61 2.34 53.40 71.39
N LEU D 62 1.41 52.53 71.78
CA LEU D 62 1.75 51.37 72.60
C LEU D 62 2.63 50.40 71.80
N ARG D 63 2.32 50.25 70.51
CA ARG D 63 3.09 49.37 69.64
C ARG D 63 4.33 50.07 69.10
N SER D 64 4.39 51.38 69.27
CA SER D 64 5.48 52.17 68.73
C SER D 64 6.57 52.43 69.78
N HIS D 65 6.15 52.80 70.99
CA HIS D 65 7.08 53.14 72.05
C HIS D 65 7.92 51.93 72.50
N ILE D 66 7.31 50.74 72.44
CA ILE D 66 7.99 49.53 72.88
C ILE D 66 9.12 49.15 71.91
N GLN D 67 9.07 49.67 70.70
CA GLN D 67 10.08 49.36 69.69
C GLN D 67 11.19 50.40 69.67
N PHE D 68 11.00 51.50 70.38
CA PHE D 68 11.96 52.59 70.40
C PHE D 68 13.25 52.23 71.14
N TYR D 69 14.36 52.74 70.65
CA TYR D 69 15.67 52.48 71.22
C TYR D 69 16.52 53.73 71.17
N ASP D 70 17.59 53.76 71.95
CA ASP D 70 18.47 54.92 72.00
C ASP D 70 19.26 55.05 70.69
N GLY D 71 19.28 56.26 70.14
CA GLY D 71 20.00 56.51 68.90
C GLY D 71 19.21 56.14 67.67
N ILE D 72 17.88 56.07 67.83
CA ILE D 72 17.00 55.71 66.73
C ILE D 72 16.89 56.86 65.74
N LYS D 73 16.86 56.53 64.45
CA LYS D 73 16.69 57.54 63.42
C LYS D 73 15.25 58.00 63.36
N THR D 74 15.04 59.29 63.09
CA THR D 74 13.69 59.85 63.02
C THR D 74 12.90 59.24 61.87
N SER D 75 13.62 58.81 60.83
CA SER D 75 12.99 58.17 59.68
C SER D 75 12.43 56.80 60.07
N ASP D 76 13.17 56.07 60.90
CA ASP D 76 12.73 54.77 61.38
C ASP D 76 11.55 54.92 62.35
N ILE D 77 11.53 56.02 63.07
CA ILE D 77 10.43 56.33 63.97
C ILE D 77 9.14 56.48 63.15
N HIS D 78 9.25 57.17 62.02
CA HIS D 78 8.11 57.44 61.16
C HIS D 78 7.57 56.15 60.54
N GLU D 79 8.47 55.28 60.10
CA GLU D 79 8.07 54.01 59.50
C GLU D 79 7.55 53.04 60.55
N THR D 80 7.93 53.27 61.81
CA THR D 80 7.50 52.41 62.90
C THR D 80 6.01 52.60 63.19
N ILE D 81 5.56 53.85 63.25
CA ILE D 81 4.17 54.16 63.53
C ILE D 81 3.28 53.85 62.31
N ILE D 82 3.89 53.76 61.15
CA ILE D 82 3.17 53.39 59.93
C ILE D 82 2.81 51.92 59.96
N LYS D 83 3.82 51.07 60.19
CA LYS D 83 3.63 49.63 60.25
C LYS D 83 2.77 49.23 61.43
N ALA D 84 2.90 49.97 62.54
CA ALA D 84 2.11 49.72 63.74
C ALA D 84 0.63 49.97 63.48
N ALA D 85 0.34 50.98 62.66
CA ALA D 85 -1.03 51.30 62.29
C ALA D 85 -1.52 50.38 61.18
N ALA D 86 -0.57 49.81 60.43
CA ALA D 86 -0.89 48.91 59.34
C ALA D 86 -1.28 47.53 59.85
N ASP D 87 -0.82 47.19 61.05
CA ASP D 87 -1.12 45.90 61.66
C ASP D 87 -2.48 45.90 62.35
N LEU D 88 -2.99 47.10 62.63
CA LEU D 88 -4.27 47.23 63.32
C LEU D 88 -5.43 47.31 62.33
N ILE D 89 -5.12 47.14 61.05
CA ILE D 89 -6.15 47.13 60.00
C ILE D 89 -6.95 45.84 60.06
N SER D 90 -8.21 45.94 60.47
CA SER D 90 -9.05 44.75 60.61
C SER D 90 -10.50 45.04 60.20
N ARG D 91 -11.33 44.00 60.24
CA ARG D 91 -12.73 44.11 59.89
C ARG D 91 -13.48 44.98 60.90
N ASP D 92 -13.13 44.84 62.18
CA ASP D 92 -13.78 45.57 63.25
C ASP D 92 -13.53 47.08 63.12
N ALA D 93 -12.31 47.44 62.77
CA ALA D 93 -11.95 48.84 62.58
C ALA D 93 -11.26 49.03 61.24
N PRO D 94 -12.07 49.21 60.18
CA PRO D 94 -11.57 49.33 58.80
C PRO D 94 -10.86 50.65 58.53
N ASP D 95 -11.07 51.65 59.39
CA ASP D 95 -10.52 52.98 59.16
C ASP D 95 -9.03 53.08 59.49
N TYR D 96 -8.43 51.96 59.92
CA TYR D 96 -7.00 51.94 60.17
C TYR D 96 -6.21 51.93 58.86
N GLN D 97 -6.87 51.56 57.77
CA GLN D 97 -6.23 51.55 56.46
C GLN D 97 -6.02 52.97 55.94
N TYR D 98 -6.75 53.92 56.53
CA TYR D 98 -6.60 55.32 56.17
C TYR D 98 -5.63 56.02 57.13
N LEU D 99 -5.49 55.46 58.33
CA LEU D 99 -4.57 56.00 59.32
C LEU D 99 -3.12 55.77 58.90
N ALA D 100 -2.79 54.53 58.57
CA ALA D 100 -1.43 54.18 58.15
C ALA D 100 -1.11 54.76 56.78
N ALA D 101 -2.15 55.03 55.99
CA ALA D 101 -1.98 55.61 54.67
C ALA D 101 -1.50 57.05 54.76
N ARG D 102 -2.21 57.86 55.54
CA ARG D 102 -1.87 59.26 55.72
C ARG D 102 -0.50 59.42 56.36
N LEU D 103 -0.14 58.48 57.23
CA LEU D 103 1.19 58.45 57.83
C LEU D 103 2.24 58.15 56.78
N ALA D 104 1.88 57.30 55.82
CA ALA D 104 2.77 56.94 54.73
C ALA D 104 2.92 58.11 53.75
N ILE D 105 1.84 58.85 53.56
CA ILE D 105 1.86 60.03 52.71
C ILE D 105 2.82 61.08 53.27
N PHE D 106 2.78 61.25 54.60
CA PHE D 106 3.65 62.20 55.29
C PHE D 106 5.13 61.94 55.01
N HIS D 107 5.52 60.67 55.09
CA HIS D 107 6.91 60.28 54.88
C HIS D 107 7.34 60.50 53.43
N LEU D 108 6.41 60.27 52.50
CA LEU D 108 6.69 60.45 51.09
C LEU D 108 6.87 61.93 50.77
N ARG D 109 6.24 62.80 51.55
CA ARG D 109 6.41 64.24 51.40
C ARG D 109 7.83 64.65 51.77
N LYS D 110 8.35 64.07 52.85
CA LYS D 110 9.68 64.39 53.34
C LYS D 110 10.78 63.90 52.41
N LYS D 111 10.58 62.72 51.83
CA LYS D 111 11.60 62.11 50.96
C LYS D 111 11.76 62.88 49.65
N ALA D 112 10.70 63.55 49.23
CA ALA D 112 10.69 64.21 47.92
C ALA D 112 10.86 65.72 48.01
N TYR D 113 10.38 66.32 49.08
CA TYR D 113 10.34 67.78 49.17
C TYR D 113 11.15 68.32 50.35
N GLY D 114 11.33 67.50 51.38
CA GLY D 114 12.05 67.93 52.58
C GLY D 114 11.13 68.63 53.55
N GLN D 115 9.86 68.77 53.16
CA GLN D 115 8.85 69.40 53.99
C GLN D 115 7.48 68.79 53.70
N PHE D 116 6.46 69.23 54.42
CA PHE D 116 5.12 68.69 54.23
C PHE D 116 4.48 69.23 52.94
N GLU D 117 4.27 70.53 52.90
CA GLU D 117 3.64 71.14 51.73
C GLU D 117 4.57 71.15 50.52
N PRO D 118 4.09 70.57 49.40
CA PRO D 118 4.85 70.52 48.15
C PRO D 118 5.14 71.91 47.59
N PRO D 119 6.24 72.05 46.84
CA PRO D 119 6.59 73.34 46.22
C PRO D 119 5.62 73.72 45.10
N ALA D 120 5.84 74.88 44.49
CA ALA D 120 5.00 75.33 43.39
C ALA D 120 5.06 74.35 42.21
N LEU D 121 3.97 74.26 41.46
CA LEU D 121 3.88 73.33 40.35
C LEU D 121 4.93 73.62 39.29
N TYR D 122 5.11 74.90 38.97
CA TYR D 122 6.11 75.30 37.99
C TYR D 122 7.52 75.03 38.51
N ASP D 123 7.74 75.34 39.78
CA ASP D 123 9.04 75.12 40.41
C ASP D 123 9.37 73.64 40.49
N HIS D 124 8.33 72.81 40.58
CA HIS D 124 8.51 71.36 40.65
C HIS D 124 8.96 70.80 39.30
N VAL D 125 8.24 71.18 38.24
CA VAL D 125 8.52 70.70 36.90
C VAL D 125 9.93 71.06 36.43
N VAL D 126 10.31 72.32 36.59
CA VAL D 126 11.62 72.82 36.17
C VAL D 126 12.76 72.00 36.75
N LYS D 127 12.68 71.71 38.05
CA LYS D 127 13.71 70.93 38.72
C LYS D 127 13.77 69.50 38.18
N MET D 128 12.61 68.92 37.91
CA MET D 128 12.51 67.54 37.44
C MET D 128 13.03 67.39 36.00
N VAL D 129 12.76 68.39 35.17
CA VAL D 129 13.22 68.37 33.78
C VAL D 129 14.75 68.40 33.72
N GLU D 130 15.35 69.20 34.59
CA GLU D 130 16.80 69.29 34.69
C GLU D 130 17.41 67.95 35.09
N MET D 131 16.70 67.22 35.96
CA MET D 131 17.14 65.90 36.40
C MET D 131 16.95 64.86 35.31
N GLY D 132 16.03 65.15 34.38
CA GLY D 132 15.75 64.23 33.29
C GLY D 132 14.71 63.20 33.65
N LYS D 133 13.75 63.60 34.48
CA LYS D 133 12.67 62.70 34.89
C LYS D 133 11.36 63.04 34.18
N TYR D 134 11.20 64.31 33.83
CA TYR D 134 10.03 64.74 33.08
C TYR D 134 10.39 65.08 31.63
N ASP D 135 9.41 65.01 30.75
CA ASP D 135 9.61 65.35 29.34
C ASP D 135 9.70 66.86 29.16
N ASN D 136 10.56 67.30 28.24
CA ASN D 136 10.78 68.71 28.01
C ASN D 136 9.60 69.40 27.32
N HIS D 137 8.70 68.61 26.74
CA HIS D 137 7.57 69.14 25.99
C HIS D 137 6.53 69.81 26.87
N LEU D 138 6.66 69.63 28.18
CA LEU D 138 5.75 70.26 29.14
C LEU D 138 5.99 71.77 29.21
N LEU D 139 7.24 72.18 29.12
CA LEU D 139 7.60 73.59 29.17
C LEU D 139 7.41 74.25 27.81
N GLU D 140 7.21 73.43 26.78
CA GLU D 140 7.01 73.92 25.42
C GLU D 140 5.53 74.16 25.13
N ASP D 141 4.67 73.33 25.70
CA ASP D 141 3.24 73.41 25.47
C ASP D 141 2.52 74.25 26.52
N TYR D 142 3.21 74.50 27.64
CA TYR D 142 2.63 75.28 28.73
C TYR D 142 3.57 76.38 29.20
N THR D 143 3.02 77.59 29.34
CA THR D 143 3.79 78.72 29.86
C THR D 143 3.79 78.71 31.38
N GLU D 144 4.63 79.56 31.98
CA GLU D 144 4.75 79.64 33.42
C GLU D 144 3.44 80.08 34.07
N GLU D 145 2.72 80.97 33.40
CA GLU D 145 1.45 81.48 33.91
C GLU D 145 0.40 80.39 33.97
N GLU D 146 0.40 79.50 32.98
CA GLU D 146 -0.56 78.40 32.93
C GLU D 146 -0.30 77.38 34.03
N PHE D 147 0.96 77.22 34.40
CA PHE D 147 1.33 76.32 35.50
C PHE D 147 0.79 76.84 36.82
N LYS D 148 0.79 78.17 36.96
CA LYS D 148 0.25 78.81 38.18
C LYS D 148 -1.25 78.57 38.29
N GLN D 149 -1.93 78.56 37.15
CA GLN D 149 -3.37 78.33 37.12
C GLN D 149 -3.70 76.87 37.42
N MET D 150 -2.87 75.97 36.91
CA MET D 150 -3.06 74.54 37.14
C MET D 150 -2.75 74.17 38.58
N ASP D 151 -1.87 74.94 39.21
CA ASP D 151 -1.50 74.71 40.60
C ASP D 151 -2.70 74.97 41.51
N THR D 152 -3.57 75.89 41.09
CA THR D 152 -4.76 76.22 41.85
C THR D 152 -5.78 75.09 41.79
N PHE D 153 -5.69 74.25 40.76
CA PHE D 153 -6.59 73.12 40.60
C PHE D 153 -6.20 72.00 41.56
N ILE D 154 -4.91 71.94 41.89
CA ILE D 154 -4.38 70.87 42.73
C ILE D 154 -4.83 71.00 44.19
N ASP D 155 -5.41 69.92 44.70
CA ASP D 155 -5.79 69.85 46.11
C ASP D 155 -4.98 68.73 46.78
N HIS D 156 -3.86 69.10 47.40
CA HIS D 156 -2.94 68.13 47.97
C HIS D 156 -3.53 67.37 49.17
N ASP D 157 -4.66 67.84 49.67
CA ASP D 157 -5.33 67.18 50.79
C ASP D 157 -6.03 65.90 50.35
N ARG D 158 -6.11 65.69 49.04
CA ARG D 158 -6.74 64.49 48.49
C ARG D 158 -5.84 63.27 48.65
N ASP D 159 -4.59 63.50 49.03
CA ASP D 159 -3.64 62.41 49.27
C ASP D 159 -4.03 61.64 50.53
N MET D 160 -4.91 62.22 51.34
CA MET D 160 -5.37 61.59 52.57
C MET D 160 -6.56 60.69 52.30
N THR D 161 -6.97 60.62 51.02
CA THR D 161 -8.11 59.81 50.63
C THR D 161 -7.68 58.44 50.13
N PHE D 162 -6.37 58.25 50.00
CA PHE D 162 -5.82 56.96 49.59
C PHE D 162 -5.86 55.96 50.74
N SER D 163 -6.01 54.68 50.41
CA SER D 163 -5.91 53.63 51.42
C SER D 163 -4.45 53.23 51.58
N TYR D 164 -4.15 52.45 52.61
CA TYR D 164 -2.77 52.06 52.88
C TYR D 164 -2.21 51.19 51.76
N ALA D 165 -3.04 50.29 51.23
CA ALA D 165 -2.64 49.44 50.13
C ALA D 165 -2.41 50.25 48.86
N ALA D 166 -3.11 51.38 48.76
CA ALA D 166 -3.00 52.25 47.59
C ALA D 166 -1.67 52.99 47.57
N VAL D 167 -1.24 53.46 48.74
CA VAL D 167 0.00 54.22 48.86
C VAL D 167 1.21 53.36 48.47
N LYS D 168 1.21 52.11 48.91
CA LYS D 168 2.30 51.19 48.58
C LYS D 168 2.40 50.94 47.08
N GLN D 169 1.25 50.97 46.40
CA GLN D 169 1.22 50.82 44.96
C GLN D 169 1.79 52.06 44.28
N LEU D 170 1.47 53.23 44.84
CA LEU D 170 1.99 54.50 44.33
C LEU D 170 3.51 54.59 44.52
N GLU D 171 3.95 54.26 45.73
CA GLU D 171 5.36 54.38 46.10
C GLU D 171 6.25 53.41 45.31
N GLY D 172 5.66 52.29 44.89
CA GLY D 172 6.43 51.24 44.25
C GLY D 172 6.28 51.14 42.74
N LYS D 173 5.18 51.62 42.20
CA LYS D 173 4.89 51.44 40.78
C LYS D 173 4.64 52.75 40.01
N TYR D 174 3.86 53.65 40.61
CA TYR D 174 3.38 54.81 39.87
C TYR D 174 4.28 56.04 40.01
N LEU D 175 4.58 56.42 41.25
CA LEU D 175 5.34 57.64 41.51
C LEU D 175 6.75 57.57 40.91
N VAL D 176 7.14 58.62 40.20
CA VAL D 176 8.46 58.71 39.60
C VAL D 176 9.54 58.70 40.68
N GLN D 177 10.47 57.75 40.57
CA GLN D 177 11.49 57.57 41.60
C GLN D 177 12.81 57.10 41.00
N ASN D 178 13.83 57.02 41.85
CA ASN D 178 15.12 56.50 41.43
C ASN D 178 15.22 55.01 41.76
N ARG D 179 15.33 54.18 40.72
CA ARG D 179 15.32 52.74 40.89
C ARG D 179 16.59 52.22 41.56
N VAL D 180 17.58 53.09 41.71
CA VAL D 180 18.84 52.70 42.33
C VAL D 180 18.88 53.09 43.82
N THR D 181 18.71 54.38 44.09
CA THR D 181 18.79 54.88 45.45
C THR D 181 17.48 54.72 46.21
N GLY D 182 16.37 54.72 45.48
CA GLY D 182 15.05 54.56 46.10
C GLY D 182 14.43 55.89 46.50
N GLU D 183 15.00 56.98 46.01
CA GLU D 183 14.49 58.31 46.34
C GLU D 183 13.18 58.60 45.61
N ILE D 184 12.22 59.14 46.34
CA ILE D 184 10.95 59.57 45.76
C ILE D 184 11.08 61.00 45.26
N TYR D 185 10.52 61.28 44.09
CA TYR D 185 10.70 62.59 43.46
C TYR D 185 9.40 63.38 43.29
N GLU D 186 8.26 62.77 43.61
CA GLU D 186 6.98 63.44 43.45
C GLU D 186 5.88 62.88 44.35
N SER D 187 4.75 63.58 44.39
CA SER D 187 3.59 63.12 45.14
C SER D 187 2.50 62.62 44.20
N ALA D 188 1.37 62.20 44.76
CA ALA D 188 0.29 61.61 43.98
C ALA D 188 -0.48 62.65 43.16
N GLN D 189 -0.59 63.87 43.68
CA GLN D 189 -1.36 64.91 43.02
C GLN D 189 -0.62 65.51 41.83
N PHE D 190 0.70 65.56 41.92
CA PHE D 190 1.51 66.04 40.80
C PHE D 190 1.47 65.04 39.65
N LEU D 191 1.22 63.77 39.99
CA LEU D 191 1.08 62.72 39.00
C LEU D 191 -0.16 62.96 38.15
N TYR D 192 -1.30 63.12 38.82
CA TYR D 192 -2.59 63.28 38.15
C TYR D 192 -2.67 64.55 37.30
N ILE D 193 -2.18 65.66 37.85
CA ILE D 193 -2.30 66.95 37.19
C ILE D 193 -1.43 67.04 35.94
N LEU D 194 -0.37 66.25 35.88
CA LEU D 194 0.54 66.28 34.76
C LEU D 194 0.17 65.26 33.68
N VAL D 195 -0.51 64.20 34.09
CA VAL D 195 -1.04 63.23 33.12
C VAL D 195 -2.09 63.91 32.24
N ALA D 196 -2.96 64.69 32.86
CA ALA D 196 -3.97 65.44 32.14
C ALA D 196 -3.33 66.52 31.28
N ALA D 197 -2.23 67.08 31.77
CA ALA D 197 -1.53 68.15 31.07
C ALA D 197 -0.86 67.64 29.80
N CYS D 198 -0.37 66.41 29.83
CA CYS D 198 0.32 65.82 28.69
C CYS D 198 -0.67 65.37 27.62
N LEU D 199 -1.75 64.72 28.04
CA LEU D 199 -2.75 64.19 27.12
C LEU D 199 -3.50 65.29 26.39
N PHE D 200 -3.68 66.43 27.07
CA PHE D 200 -4.40 67.55 26.49
C PHE D 200 -3.46 68.68 26.11
N SER D 201 -2.18 68.36 25.93
CA SER D 201 -1.16 69.36 25.63
C SER D 201 -1.31 69.94 24.23
N ASN D 202 -1.93 69.17 23.33
CA ASN D 202 -2.09 69.61 21.95
C ASN D 202 -3.43 70.27 21.70
N TYR D 203 -4.29 70.28 22.72
CA TYR D 203 -5.59 70.94 22.63
C TYR D 203 -5.42 72.45 22.56
N PRO D 204 -6.33 73.13 21.85
CA PRO D 204 -6.28 74.60 21.75
C PRO D 204 -6.45 75.27 23.11
N ARG D 205 -5.80 76.42 23.28
CA ARG D 205 -5.82 77.14 24.55
C ARG D 205 -7.23 77.52 25.00
N GLU D 206 -8.14 77.61 24.04
CA GLU D 206 -9.53 77.95 24.31
C GLU D 206 -10.19 76.99 25.30
N THR D 207 -9.81 75.72 25.23
CA THR D 207 -10.41 74.70 26.08
C THR D 207 -9.39 73.81 26.76
N ARG D 208 -8.10 74.07 26.52
CA ARG D 208 -7.03 73.22 27.02
C ARG D 208 -7.02 73.12 28.55
N LEU D 209 -6.87 74.27 29.21
CA LEU D 209 -6.81 74.30 30.67
C LEU D 209 -8.11 73.85 31.32
N GLN D 210 -9.22 73.96 30.58
CA GLN D 210 -10.52 73.53 31.06
C GLN D 210 -10.61 72.01 31.15
N TYR D 211 -10.08 71.33 30.15
CA TYR D 211 -10.07 69.87 30.12
C TYR D 211 -9.09 69.29 31.14
N VAL D 212 -7.98 70.00 31.36
CA VAL D 212 -6.96 69.56 32.31
C VAL D 212 -7.53 69.45 33.72
N LYS D 213 -8.27 70.47 34.14
CA LYS D 213 -8.87 70.51 35.46
C LYS D 213 -9.90 69.40 35.65
N ARG D 214 -10.79 69.24 34.67
CA ARG D 214 -11.87 68.28 34.77
C ARG D 214 -11.37 66.84 34.81
N PHE D 215 -10.34 66.54 34.02
CA PHE D 215 -9.78 65.19 34.00
C PHE D 215 -8.97 64.93 35.27
N TYR D 216 -8.34 65.98 35.79
CA TYR D 216 -7.60 65.88 37.04
C TYR D 216 -8.53 65.53 38.19
N ASP D 217 -9.64 66.24 38.27
CA ASP D 217 -10.63 66.02 39.32
C ASP D 217 -11.30 64.65 39.17
N ALA D 218 -11.28 64.11 37.96
CA ALA D 218 -11.89 62.82 37.69
C ALA D 218 -11.03 61.67 38.21
N VAL D 219 -9.73 61.75 37.98
CA VAL D 219 -8.81 60.68 38.35
C VAL D 219 -8.36 60.81 39.81
N SER D 220 -8.40 62.03 40.35
CA SER D 220 -7.99 62.25 41.72
C SER D 220 -9.10 61.87 42.70
N THR D 221 -10.34 62.00 42.26
CA THR D 221 -11.49 61.58 43.08
C THR D 221 -11.87 60.14 42.79
N PHE D 222 -10.95 59.43 42.12
CA PHE D 222 -11.09 58.00 41.85
C PHE D 222 -12.34 57.65 41.04
N LYS D 223 -12.69 58.48 40.08
CA LYS D 223 -13.81 58.19 39.19
C LYS D 223 -13.33 57.45 37.94
N ILE D 224 -12.15 57.83 37.46
CA ILE D 224 -11.55 57.17 36.30
C ILE D 224 -10.22 56.52 36.68
N SER D 225 -10.14 55.20 36.51
CA SER D 225 -8.93 54.46 36.83
C SER D 225 -8.09 54.21 35.59
N LEU D 226 -6.80 54.49 35.68
CA LEU D 226 -5.89 54.33 34.55
C LEU D 226 -4.90 53.19 34.78
N PRO D 227 -4.51 52.49 33.70
CA PRO D 227 -3.57 51.37 33.76
C PRO D 227 -2.19 51.76 34.28
N THR D 228 -1.42 50.76 34.72
CA THR D 228 -0.09 50.97 35.27
C THR D 228 0.89 51.73 34.36
N PRO D 229 1.01 51.33 33.07
CA PRO D 229 2.00 52.04 32.26
C PRO D 229 1.62 53.50 31.97
N ILE D 230 0.35 53.84 32.13
CA ILE D 230 -0.11 55.21 31.91
C ILE D 230 0.16 56.09 33.13
N MET D 231 -0.14 55.57 34.31
CA MET D 231 0.04 56.32 35.56
C MET D 231 1.52 56.65 35.83
N SER D 232 2.39 55.74 35.41
CA SER D 232 3.83 55.89 35.69
C SER D 232 4.62 56.31 34.46
N GLY D 233 3.91 56.65 33.39
CA GLY D 233 4.55 56.95 32.12
C GLY D 233 4.27 58.32 31.54
N VAL D 234 2.99 58.68 31.46
CA VAL D 234 2.60 59.90 30.75
C VAL D 234 3.06 61.16 31.47
N ARG D 235 4.36 61.44 31.36
CA ARG D 235 5.01 62.65 31.86
C ARG D 235 6.53 62.47 31.73
N THR D 236 6.93 61.20 31.64
CA THR D 236 8.34 60.85 31.50
C THR D 236 8.74 60.83 30.02
N PRO D 237 10.05 60.96 29.73
CA PRO D 237 10.53 60.97 28.33
C PRO D 237 10.16 59.71 27.53
N THR D 238 9.81 58.63 28.22
CA THR D 238 9.41 57.40 27.52
C THR D 238 8.04 57.57 26.89
N ARG D 239 7.76 56.78 25.85
CA ARG D 239 6.47 56.85 25.17
C ARG D 239 5.88 55.45 25.00
N GLN D 240 6.39 54.50 25.78
CA GLN D 240 5.94 53.13 25.73
C GLN D 240 4.72 52.94 26.64
N PHE D 241 3.53 52.97 26.04
CA PHE D 241 2.29 52.84 26.81
C PHE D 241 1.46 51.65 26.34
N SER D 242 1.93 50.98 25.29
CA SER D 242 1.25 49.81 24.76
C SER D 242 1.42 48.61 25.69
N SER D 243 0.30 48.06 26.14
CA SER D 243 0.32 46.92 27.05
C SER D 243 -0.57 45.79 26.54
N CYS D 244 -1.17 46.00 25.37
CA CYS D 244 -2.06 45.01 24.77
C CYS D 244 -1.75 44.82 23.30
N VAL D 245 -1.24 43.65 22.93
CA VAL D 245 -0.83 43.39 21.56
C VAL D 245 -1.45 42.11 21.01
N LEU D 246 -2.06 42.21 19.83
CA LEU D 246 -2.65 41.05 19.18
C LEU D 246 -2.00 40.81 17.82
N ILE D 247 -1.34 39.67 17.66
CA ILE D 247 -0.66 39.34 16.43
C ILE D 247 -1.21 38.06 15.80
N GLU D 248 -1.55 38.13 14.52
CA GLU D 248 -2.05 36.97 13.80
C GLU D 248 -0.94 36.37 12.94
N CYS D 249 -0.74 35.06 13.07
CA CYS D 249 0.34 34.38 12.35
C CYS D 249 -0.17 33.61 11.14
N GLY D 250 0.47 33.81 9.99
CA GLY D 250 0.12 33.12 8.77
C GLY D 250 0.81 31.78 8.66
N ASP D 251 0.40 30.99 7.68
CA ASP D 251 0.97 29.66 7.48
C ASP D 251 2.17 29.70 6.54
N SER D 252 3.22 30.41 6.96
CA SER D 252 4.43 30.53 6.18
C SER D 252 5.63 30.87 7.06
N LEU D 253 6.82 30.46 6.62
CA LEU D 253 8.05 30.75 7.36
C LEU D 253 8.29 32.25 7.47
N ASP D 254 7.91 32.98 6.42
CA ASP D 254 8.07 34.43 6.39
C ASP D 254 7.19 35.10 7.44
N SER D 255 6.04 34.48 7.72
CA SER D 255 5.10 35.02 8.70
C SER D 255 5.50 34.64 10.12
N ILE D 256 5.98 33.40 10.28
CA ILE D 256 6.43 32.92 11.58
C ILE D 256 7.65 33.70 12.06
N ASN D 257 8.58 33.95 11.15
CA ASN D 257 9.75 34.77 11.46
C ASN D 257 9.32 36.20 11.80
N ALA D 258 8.30 36.69 11.10
CA ALA D 258 7.78 38.03 11.33
C ALA D 258 7.08 38.11 12.69
N THR D 259 6.28 37.09 12.99
CA THR D 259 5.57 37.01 14.26
C THR D 259 6.55 36.94 15.42
N SER D 260 7.58 36.10 15.27
CA SER D 260 8.60 35.93 16.29
C SER D 260 9.34 37.24 16.57
N SER D 261 9.70 37.95 15.49
CA SER D 261 10.38 39.22 15.61
C SER D 261 9.46 40.27 16.23
N ALA D 262 8.18 40.19 15.89
CA ALA D 262 7.19 41.13 16.39
C ALA D 262 6.95 40.95 17.89
N ILE D 263 6.93 39.70 18.34
CA ILE D 263 6.72 39.40 19.75
C ILE D 263 7.86 39.92 20.61
N VAL D 264 9.08 39.63 20.19
CA VAL D 264 10.28 40.05 20.92
C VAL D 264 10.32 41.56 21.11
N LYS D 265 9.95 42.29 20.06
CA LYS D 265 9.95 43.74 20.11
C LYS D 265 8.96 44.31 21.12
N TYR D 266 7.86 43.60 21.35
CA TYR D 266 6.82 44.10 22.24
C TYR D 266 6.95 43.59 23.68
N VAL D 267 7.46 42.38 23.84
CA VAL D 267 7.68 41.85 25.19
C VAL D 267 8.85 42.58 25.85
N SER D 268 9.66 43.23 25.02
CA SER D 268 10.75 44.06 25.51
C SER D 268 10.20 45.36 26.07
N GLN D 269 8.98 45.70 25.67
CA GLN D 269 8.31 46.88 26.19
C GLN D 269 7.24 46.48 27.20
N ARG D 270 7.34 45.25 27.69
CA ARG D 270 6.43 44.72 28.71
C ARG D 270 4.98 44.81 28.28
N ALA D 271 4.61 44.04 27.27
CA ALA D 271 3.25 44.05 26.76
C ALA D 271 2.69 42.64 26.61
N GLY D 272 1.38 42.50 26.82
CA GLY D 272 0.71 41.22 26.66
C GLY D 272 0.51 40.90 25.19
N ILE D 273 0.82 39.66 24.81
CA ILE D 273 0.77 39.26 23.41
C ILE D 273 -0.38 38.28 23.14
N GLY D 274 -1.09 38.50 22.04
CA GLY D 274 -2.13 37.60 21.61
C GLY D 274 -1.78 36.93 20.30
N ILE D 275 -1.45 35.64 20.36
CA ILE D 275 -1.00 34.92 19.18
C ILE D 275 -2.11 34.08 18.56
N ASN D 276 -2.29 34.23 17.25
CA ASN D 276 -3.25 33.42 16.50
C ASN D 276 -2.53 32.49 15.54
N ALA D 277 -2.21 31.29 16.01
CA ALA D 277 -1.47 30.33 15.21
C ALA D 277 -2.37 29.19 14.74
N GLY D 278 -3.62 29.52 14.43
CA GLY D 278 -4.57 28.53 13.95
C GLY D 278 -4.43 28.28 12.46
N ARG D 279 -3.82 29.22 11.76
CA ARG D 279 -3.65 29.11 10.31
C ARG D 279 -2.52 28.17 9.93
N ILE D 280 -1.63 27.90 10.87
CA ILE D 280 -0.50 27.00 10.64
C ILE D 280 -0.99 25.60 10.32
N ARG D 281 -0.59 25.08 9.17
CA ARG D 281 -1.05 23.77 8.72
C ARG D 281 -0.60 22.66 9.66
N ALA D 282 -1.37 21.57 9.69
CA ALA D 282 -1.15 20.49 10.64
C ALA D 282 0.01 19.59 10.22
N LEU D 283 0.41 18.71 11.14
CA LEU D 283 1.49 17.77 10.90
C LEU D 283 1.19 16.83 9.75
N GLY D 284 2.15 16.68 8.84
CA GLY D 284 2.00 15.76 7.72
C GLY D 284 1.55 16.44 6.44
N SER D 285 1.10 17.69 6.56
CA SER D 285 0.65 18.45 5.40
C SER D 285 1.80 18.68 4.43
N PRO D 286 1.54 18.45 3.13
CA PRO D 286 2.56 18.60 2.09
C PRO D 286 2.97 20.06 1.88
N ILE D 287 4.24 20.27 1.53
CA ILE D 287 4.76 21.60 1.27
C ILE D 287 5.24 21.72 -0.16
N ARG D 288 4.79 22.76 -0.86
CA ARG D 288 5.14 22.99 -2.26
C ARG D 288 4.82 21.78 -3.12
N GLY D 289 3.63 21.20 -2.91
CA GLY D 289 3.19 20.06 -3.69
C GLY D 289 3.66 18.73 -3.14
N GLY D 290 4.61 18.78 -2.21
CA GLY D 290 5.14 17.56 -1.60
C GLY D 290 6.65 17.48 -1.61
N GLU D 291 7.30 18.61 -1.85
CA GLU D 291 8.77 18.67 -1.82
C GLU D 291 9.28 18.45 -0.40
N ALA D 292 8.44 18.80 0.57
CA ALA D 292 8.75 18.58 1.98
C ALA D 292 7.45 18.43 2.78
N PHE D 293 7.56 17.87 3.98
CA PHE D 293 6.37 17.66 4.80
C PHE D 293 6.50 18.40 6.13
N HIS D 294 5.36 18.86 6.65
CA HIS D 294 5.33 19.64 7.89
C HIS D 294 5.77 18.81 9.08
N THR D 295 6.29 19.47 10.11
CA THR D 295 6.80 18.79 11.29
C THR D 295 5.91 19.01 12.52
N GLY D 296 4.82 19.74 12.35
CA GLY D 296 3.88 19.97 13.43
C GLY D 296 3.84 21.42 13.89
N CYS D 297 2.79 21.76 14.63
CA CYS D 297 2.62 23.11 15.16
C CYS D 297 3.42 23.31 16.44
N ILE D 298 3.60 22.23 17.20
CA ILE D 298 4.29 22.28 18.48
C ILE D 298 5.73 22.84 18.42
N PRO D 299 6.53 22.43 17.41
CA PRO D 299 7.86 23.04 17.34
C PRO D 299 7.83 24.54 17.10
N PHE D 300 6.78 25.04 16.44
CA PHE D 300 6.66 26.46 16.16
C PHE D 300 6.06 27.20 17.35
N TYR D 301 5.26 26.50 18.15
CA TYR D 301 4.70 27.07 19.36
C TYR D 301 5.81 27.34 20.36
N LYS D 302 6.78 26.43 20.41
CA LYS D 302 7.93 26.57 21.29
C LYS D 302 8.76 27.79 20.90
N HIS D 303 8.85 28.05 19.60
CA HIS D 303 9.59 29.19 19.10
C HIS D 303 8.87 30.48 19.48
N PHE D 304 7.54 30.41 19.53
CA PHE D 304 6.73 31.54 19.95
C PHE D 304 6.88 31.79 21.45
N GLN D 305 6.98 30.70 22.21
CA GLN D 305 7.09 30.80 23.66
C GLN D 305 8.39 31.46 24.09
N THR D 306 9.50 31.01 23.50
CA THR D 306 10.81 31.56 23.81
C THR D 306 10.95 33.00 23.33
N ALA D 307 10.14 33.36 22.33
CA ALA D 307 10.11 34.74 21.85
C ALA D 307 9.49 35.63 22.92
N VAL D 308 8.47 35.12 23.60
CA VAL D 308 7.82 35.84 24.69
C VAL D 308 8.73 35.93 25.90
N LYS D 309 9.36 34.80 26.24
CA LYS D 309 10.21 34.72 27.43
C LYS D 309 11.66 35.13 27.14
N SER D 310 11.88 35.76 26.00
CA SER D 310 13.23 36.19 25.61
C SER D 310 13.70 37.37 26.46
N CYS D 311 12.76 38.18 26.91
CA CYS D 311 13.07 39.35 27.72
C CYS D 311 12.46 39.23 29.12
N SER D 312 12.57 38.04 29.70
CA SER D 312 12.01 37.78 31.02
C SER D 312 13.10 37.54 32.05
N GLN D 313 13.01 38.24 33.18
CA GLN D 313 13.97 38.17 34.27
C GLN D 313 14.30 36.76 34.80
N GLY D 314 14.27 35.75 33.94
CA GLY D 314 14.57 34.40 34.34
C GLY D 314 14.01 33.39 33.37
N GLY D 315 13.06 33.86 32.54
CA GLY D 315 12.37 33.01 31.61
C GLY D 315 11.02 32.58 32.18
N VAL D 316 10.67 33.17 33.33
CA VAL D 316 9.41 32.86 33.99
C VAL D 316 8.50 34.09 34.04
N ARG D 317 9.07 35.23 34.43
CA ARG D 317 8.30 36.46 34.54
C ARG D 317 8.31 37.21 33.21
N GLY D 318 8.63 38.50 33.24
CA GLY D 318 8.66 39.32 32.05
C GLY D 318 7.29 39.44 31.40
N GLY D 319 7.16 38.90 30.19
CA GLY D 319 5.91 38.96 29.46
C GLY D 319 5.23 37.61 29.33
N ALA D 320 3.95 37.65 29.00
CA ALA D 320 3.18 36.42 28.81
C ALA D 320 2.31 36.54 27.57
N ALA D 321 1.79 35.42 27.09
CA ALA D 321 0.98 35.42 25.88
C ALA D 321 -0.07 34.32 25.86
N THR D 322 -1.08 34.49 25.02
CA THR D 322 -2.13 33.50 24.85
C THR D 322 -2.28 33.11 23.38
N LEU D 323 -2.13 31.82 23.10
CA LEU D 323 -2.22 31.33 21.72
C LEU D 323 -3.61 30.78 21.44
N PHE D 324 -4.17 31.15 20.29
CA PHE D 324 -5.52 30.73 19.92
C PHE D 324 -5.52 29.79 18.72
N TYR D 325 -6.43 28.83 18.74
CA TYR D 325 -6.57 27.88 17.64
C TYR D 325 -7.98 27.29 17.61
N PRO D 326 -8.52 27.03 16.41
CA PRO D 326 -9.86 26.47 16.25
C PRO D 326 -9.95 25.03 16.76
N MET D 327 -11.12 24.65 17.27
CA MET D 327 -11.32 23.31 17.80
C MET D 327 -11.27 22.25 16.70
N TRP D 328 -11.68 22.64 15.49
CA TRP D 328 -11.73 21.70 14.37
C TRP D 328 -10.34 21.47 13.75
N HIS D 329 -9.31 22.01 14.39
CA HIS D 329 -7.94 21.81 13.94
C HIS D 329 -7.56 20.34 14.08
N LEU D 330 -6.67 19.87 13.21
CA LEU D 330 -6.32 18.46 13.16
C LEU D 330 -5.51 18.02 14.38
N GLU D 331 -4.68 18.93 14.89
CA GLU D 331 -3.82 18.63 16.02
C GLU D 331 -4.42 19.11 17.35
N VAL D 332 -5.74 19.29 17.36
CA VAL D 332 -6.43 19.84 18.52
C VAL D 332 -6.33 18.93 19.74
N GLU D 333 -6.14 17.63 19.52
CA GLU D 333 -6.03 16.68 20.62
C GLU D 333 -4.68 16.76 21.31
N SER D 334 -3.73 17.42 20.66
CA SER D 334 -2.38 17.57 21.19
C SER D 334 -2.14 18.96 21.76
N LEU D 335 -2.94 19.93 21.32
CA LEU D 335 -2.76 21.32 21.74
C LEU D 335 -3.47 21.61 23.07
N LEU D 336 -4.50 20.83 23.39
CA LEU D 336 -5.24 21.02 24.63
C LEU D 336 -4.45 20.54 25.83
N VAL D 337 -3.54 19.59 25.61
CA VAL D 337 -2.76 19.02 26.70
C VAL D 337 -1.32 19.52 26.70
N LEU D 338 -1.15 20.80 26.42
CA LEU D 338 0.18 21.40 26.35
C LEU D 338 0.61 22.02 27.67
N LYS D 339 -0.31 22.10 28.62
CA LYS D 339 -0.04 22.80 29.88
C LYS D 339 0.04 21.89 31.10
N ASN D 340 -0.42 20.65 30.96
CA ASN D 340 -0.39 19.72 32.09
C ASN D 340 1.05 19.39 32.47
N ASN D 341 1.29 19.18 33.77
CA ASN D 341 2.64 18.93 34.27
C ASN D 341 3.23 17.61 33.77
N ARG D 342 2.37 16.65 33.47
CA ARG D 342 2.83 15.36 32.98
C ARG D 342 3.27 15.44 31.51
N GLY D 343 3.73 14.32 30.98
CA GLY D 343 4.18 14.25 29.59
C GLY D 343 5.60 14.75 29.42
N VAL D 344 6.21 14.40 28.29
CA VAL D 344 7.58 14.80 28.00
C VAL D 344 7.66 16.20 27.43
N GLU D 345 8.88 16.73 27.32
CA GLU D 345 9.10 18.08 26.84
C GLU D 345 8.76 18.22 25.36
N GLY D 346 8.78 17.09 24.66
CA GLY D 346 8.52 17.07 23.23
C GLY D 346 7.11 17.46 22.86
N ASN D 347 6.17 17.21 23.77
CA ASN D 347 4.77 17.51 23.51
C ASN D 347 4.15 18.42 24.57
N ARG D 348 4.94 19.35 25.09
CA ARG D 348 4.46 20.29 26.10
C ARG D 348 4.97 21.71 25.88
N VAL D 349 4.04 22.67 25.89
CA VAL D 349 4.39 24.08 25.86
C VAL D 349 3.61 24.77 26.98
N ARG D 350 4.18 24.76 28.18
CA ARG D 350 3.44 25.09 29.39
C ARG D 350 3.38 26.59 29.70
N HIS D 351 4.40 27.33 29.31
CA HIS D 351 4.53 28.73 29.73
C HIS D 351 3.76 29.70 28.84
N MET D 352 2.68 29.22 28.24
CA MET D 352 1.75 30.08 27.52
C MET D 352 0.31 29.67 27.80
N ASP D 353 -0.61 30.61 27.66
CA ASP D 353 -2.04 30.31 27.84
C ASP D 353 -2.66 30.01 26.48
N TYR D 354 -3.82 29.38 26.49
CA TYR D 354 -4.49 28.99 25.25
C TYR D 354 -5.98 29.29 25.26
N GLY D 355 -6.52 29.58 24.08
CA GLY D 355 -7.94 29.86 23.94
C GLY D 355 -8.54 29.07 22.79
N VAL D 356 -9.31 28.05 23.12
CA VAL D 356 -9.96 27.20 22.12
C VAL D 356 -11.12 27.94 21.45
N GLN D 357 -11.11 27.98 20.13
CA GLN D 357 -12.16 28.66 19.37
C GLN D 357 -13.29 27.69 19.01
N ILE D 358 -14.49 28.03 19.47
CA ILE D 358 -15.66 27.17 19.27
C ILE D 358 -16.79 27.95 18.61
N ASN D 359 -17.58 27.27 17.78
CA ASN D 359 -18.76 27.88 17.19
C ASN D 359 -20.02 27.04 17.41
N LYS D 360 -21.12 27.45 16.80
CA LYS D 360 -22.41 26.80 17.03
C LYS D 360 -22.43 25.33 16.61
N LEU D 361 -21.83 25.04 15.46
CA LEU D 361 -21.85 23.67 14.92
C LEU D 361 -21.14 22.69 15.84
N MET D 362 -20.11 23.15 16.54
CA MET D 362 -19.39 22.30 17.48
C MET D 362 -20.25 21.93 18.68
N TYR D 363 -21.01 22.90 19.18
CA TYR D 363 -21.92 22.66 20.30
C TYR D 363 -23.07 21.76 19.88
N THR D 364 -23.46 21.87 18.61
CA THR D 364 -24.55 21.07 18.06
C THR D 364 -24.19 19.59 18.07
N ARG D 365 -22.95 19.29 17.70
CA ARG D 365 -22.46 17.91 17.70
C ARG D 365 -22.39 17.37 19.12
N LEU D 366 -22.20 18.27 20.08
CA LEU D 366 -22.14 17.90 21.50
C LEU D 366 -23.54 17.58 22.02
N LEU D 367 -24.49 18.44 21.71
CA LEU D 367 -25.87 18.26 22.16
C LEU D 367 -26.51 17.04 21.52
N LYS D 368 -26.23 16.83 20.24
CA LYS D 368 -26.76 15.68 19.51
C LYS D 368 -25.96 14.42 19.79
N GLY D 369 -24.84 14.59 20.48
CA GLY D 369 -23.97 13.47 20.81
C GLY D 369 -23.30 12.87 19.59
N GLU D 370 -23.17 13.69 18.54
CA GLU D 370 -22.56 13.24 17.30
C GLU D 370 -21.03 13.34 17.34
N ASP D 371 -20.41 13.31 16.17
CA ASP D 371 -18.96 13.37 16.07
C ASP D 371 -18.48 14.72 15.55
N ILE D 372 -17.22 15.02 15.80
CA ILE D 372 -16.59 16.23 15.26
C ILE D 372 -15.41 15.86 14.37
N THR D 373 -15.49 16.25 13.10
CA THR D 373 -14.42 15.93 12.14
C THR D 373 -13.32 16.99 12.19
N LEU D 374 -12.08 16.53 12.35
CA LEU D 374 -10.93 17.43 12.47
C LEU D 374 -10.27 17.67 11.11
N PHE D 375 -10.12 18.94 10.74
CA PHE D 375 -9.48 19.30 9.48
C PHE D 375 -8.24 20.16 9.69
N SER D 376 -7.36 20.16 8.69
CA SER D 376 -6.23 21.08 8.65
C SER D 376 -6.54 22.25 7.72
N PRO D 377 -6.30 23.48 8.20
CA PRO D 377 -6.67 24.71 7.48
C PRO D 377 -5.97 24.89 6.13
N SER D 378 -5.18 23.91 5.70
CA SER D 378 -4.53 23.97 4.40
C SER D 378 -5.23 23.05 3.39
N ASP D 379 -6.05 22.13 3.90
CA ASP D 379 -6.73 21.16 3.05
C ASP D 379 -8.21 21.50 2.86
N VAL D 380 -8.68 22.52 3.56
CA VAL D 380 -10.09 22.90 3.52
C VAL D 380 -10.27 24.36 3.09
N PRO D 381 -10.39 24.59 1.78
CA PRO D 381 -10.49 25.94 1.20
C PRO D 381 -11.67 26.75 1.72
N GLY D 382 -11.38 27.91 2.30
CA GLY D 382 -12.42 28.82 2.74
C GLY D 382 -13.12 28.41 4.03
N LEU D 383 -12.68 27.30 4.61
CA LEU D 383 -13.29 26.78 5.83
C LEU D 383 -12.88 27.62 7.04
N TYR D 384 -11.66 28.16 7.00
CA TYR D 384 -11.14 28.96 8.10
C TYR D 384 -11.81 30.33 8.16
N ASP D 385 -11.89 30.99 7.00
CA ASP D 385 -12.50 32.32 6.92
C ASP D 385 -13.98 32.30 7.32
N ALA D 386 -14.69 31.29 6.82
CA ALA D 386 -16.12 31.17 7.10
C ALA D 386 -16.38 30.80 8.56
N PHE D 387 -15.38 30.21 9.21
CA PHE D 387 -15.50 29.79 10.60
C PHE D 387 -15.72 30.99 11.53
N PHE D 388 -15.30 32.17 11.09
CA PHE D 388 -15.45 33.38 11.91
C PHE D 388 -16.55 34.30 11.36
N ALA D 389 -16.66 34.38 10.04
CA ALA D 389 -17.55 35.34 9.40
C ALA D 389 -18.94 34.77 9.16
N ASP D 390 -19.03 33.74 8.33
CA ASP D 390 -20.31 33.19 7.91
C ASP D 390 -20.55 31.79 8.48
N GLN D 391 -21.36 31.71 9.53
CA GLN D 391 -21.67 30.43 10.17
C GLN D 391 -22.47 29.53 9.25
N GLU D 392 -23.31 30.14 8.41
CA GLU D 392 -24.11 29.39 7.45
C GLU D 392 -23.20 28.74 6.40
N GLU D 393 -22.20 29.49 5.94
CA GLU D 393 -21.26 28.98 4.96
C GLU D 393 -20.35 27.92 5.57
N PHE D 394 -20.05 28.08 6.86
CA PHE D 394 -19.20 27.12 7.56
C PHE D 394 -19.84 25.74 7.61
N GLU D 395 -21.09 25.68 8.05
CA GLU D 395 -21.81 24.42 8.17
C GLU D 395 -21.94 23.73 6.81
N ARG D 396 -22.06 24.53 5.76
CA ARG D 396 -22.11 23.99 4.41
C ARG D 396 -20.77 23.38 4.02
N LEU D 397 -19.69 24.14 4.27
CA LEU D 397 -18.36 23.69 3.92
C LEU D 397 -17.89 22.55 4.82
N TYR D 398 -18.27 22.60 6.09
CA TYR D 398 -17.88 21.59 7.06
C TYR D 398 -18.45 20.22 6.67
N THR D 399 -19.75 20.19 6.38
CA THR D 399 -20.42 18.96 5.99
C THR D 399 -19.98 18.50 4.60
N LYS D 400 -19.65 19.45 3.74
CA LYS D 400 -19.19 19.14 2.39
C LYS D 400 -17.86 18.37 2.43
N TYR D 401 -16.94 18.85 3.26
CA TYR D 401 -15.62 18.25 3.37
C TYR D 401 -15.65 16.96 4.19
N GLU D 402 -16.71 16.77 4.96
CA GLU D 402 -16.88 15.55 5.74
C GLU D 402 -17.17 14.35 4.86
N LYS D 403 -17.97 14.56 3.82
CA LYS D 403 -18.34 13.48 2.90
C LYS D 403 -17.29 13.27 1.82
N ASP D 404 -16.30 14.17 1.78
CA ASP D 404 -15.21 14.07 0.82
C ASP D 404 -14.14 13.12 1.37
N ASP D 405 -13.73 12.17 0.55
CA ASP D 405 -12.74 11.17 0.97
C ASP D 405 -11.34 11.53 0.52
N SER D 406 -11.22 12.59 -0.28
CA SER D 406 -9.92 13.05 -0.76
C SER D 406 -9.27 13.96 0.26
N ILE D 407 -10.08 14.54 1.15
CA ILE D 407 -9.58 15.42 2.19
C ILE D 407 -9.21 14.64 3.44
N ARG D 408 -7.98 14.80 3.90
CA ARG D 408 -7.51 14.13 5.10
C ARG D 408 -8.26 14.64 6.32
N LYS D 409 -8.73 13.72 7.16
CA LYS D 409 -9.54 14.07 8.30
C LYS D 409 -9.39 13.09 9.46
N GLN D 410 -10.02 13.41 10.59
CA GLN D 410 -10.02 12.53 11.75
C GLN D 410 -11.35 12.63 12.49
N ARG D 411 -11.93 11.48 12.83
CA ARG D 411 -13.22 11.45 13.51
C ARG D 411 -13.04 11.33 15.02
N VAL D 412 -13.65 12.26 15.76
CA VAL D 412 -13.65 12.17 17.22
C VAL D 412 -15.00 12.61 17.77
N LYS D 413 -15.52 11.86 18.74
CA LYS D 413 -16.82 12.17 19.34
C LYS D 413 -16.76 13.48 20.11
N ALA D 414 -17.80 14.30 19.92
CA ALA D 414 -17.86 15.63 20.52
C ALA D 414 -17.81 15.58 22.05
N VAL D 415 -18.45 14.55 22.62
CA VAL D 415 -18.49 14.41 24.08
C VAL D 415 -17.09 14.19 24.65
N GLU D 416 -16.28 13.42 23.94
CA GLU D 416 -14.93 13.12 24.40
C GLU D 416 -13.99 14.32 24.21
N LEU D 417 -14.18 15.03 23.10
CA LEU D 417 -13.32 16.18 22.79
C LEU D 417 -13.55 17.33 23.77
N PHE D 418 -14.81 17.65 24.02
CA PHE D 418 -15.17 18.71 24.97
C PHE D 418 -14.76 18.34 26.39
N SER D 419 -14.81 17.05 26.70
CA SER D 419 -14.42 16.57 28.02
C SER D 419 -12.92 16.78 28.25
N LEU D 420 -12.13 16.53 27.21
CA LEU D 420 -10.68 16.72 27.29
C LEU D 420 -10.32 18.19 27.50
N MET D 421 -11.03 19.07 26.80
CA MET D 421 -10.80 20.50 26.91
C MET D 421 -11.09 21.02 28.32
N MET D 422 -12.25 20.67 28.85
CA MET D 422 -12.66 21.12 30.18
C MET D 422 -11.81 20.47 31.26
N GLN D 423 -11.28 19.28 30.97
CA GLN D 423 -10.43 18.56 31.90
C GLN D 423 -9.15 19.34 32.17
N GLU D 424 -8.50 19.79 31.10
CA GLU D 424 -7.27 20.57 31.22
C GLU D 424 -7.57 21.96 31.76
N ARG D 425 -8.76 22.46 31.48
CA ARG D 425 -9.19 23.76 32.00
C ARG D 425 -9.44 23.65 33.50
N ALA D 426 -9.91 22.49 33.94
CA ALA D 426 -10.18 22.27 35.36
C ALA D 426 -8.88 22.15 36.15
N SER D 427 -7.92 21.44 35.58
CA SER D 427 -6.65 21.20 36.26
C SER D 427 -5.72 22.41 36.23
N THR D 428 -5.51 22.96 35.04
CA THR D 428 -4.59 24.08 34.87
C THR D 428 -5.26 25.42 35.22
N GLY D 429 -6.48 25.60 34.72
CA GLY D 429 -7.21 26.83 34.96
C GLY D 429 -6.79 27.93 34.02
N ARG D 430 -6.00 27.57 33.01
CA ARG D 430 -5.47 28.56 32.07
C ARG D 430 -5.88 28.26 30.64
N ILE D 431 -6.66 27.20 30.46
CA ILE D 431 -7.20 26.85 29.14
C ILE D 431 -8.51 27.59 28.90
N TYR D 432 -8.49 28.53 27.96
CA TYR D 432 -9.61 29.43 27.78
C TYR D 432 -10.51 29.04 26.60
N ILE D 433 -11.70 29.64 26.54
CA ILE D 433 -12.67 29.36 25.50
C ILE D 433 -13.15 30.65 24.83
N GLN D 434 -13.13 30.69 23.49
CA GLN D 434 -13.63 31.83 22.75
C GLN D 434 -14.69 31.43 21.74
N ASN D 435 -15.94 31.81 22.00
CA ASN D 435 -17.02 31.57 21.06
C ASN D 435 -16.95 32.56 19.90
N VAL D 436 -16.35 32.13 18.80
CA VAL D 436 -16.06 33.00 17.66
C VAL D 436 -17.30 33.45 16.90
N ASP D 437 -18.37 32.66 16.98
CA ASP D 437 -19.61 32.99 16.27
C ASP D 437 -20.28 34.21 16.90
N HIS D 438 -20.20 34.30 18.23
CA HIS D 438 -20.76 35.43 18.95
C HIS D 438 -19.88 36.67 18.78
N CYS D 439 -18.61 36.44 18.43
CA CYS D 439 -17.65 37.53 18.28
C CYS D 439 -17.79 38.23 16.93
N ASN D 440 -18.73 37.80 16.12
CA ASN D 440 -18.95 38.41 14.81
C ASN D 440 -20.43 38.66 14.51
N THR D 441 -21.30 37.88 15.14
CA THR D 441 -22.73 38.10 15.03
C THR D 441 -23.14 39.26 15.94
N HIS D 442 -22.44 39.39 17.06
CA HIS D 442 -22.64 40.50 17.98
C HIS D 442 -21.35 41.31 18.07
N SER D 443 -20.99 41.96 16.96
CA SER D 443 -19.70 42.65 16.87
C SER D 443 -19.85 44.04 16.26
N PRO D 444 -18.97 44.97 16.66
CA PRO D 444 -18.92 46.31 16.05
C PRO D 444 -18.16 46.31 14.73
N PHE D 445 -17.78 45.13 14.25
CA PHE D 445 -17.03 45.01 13.00
C PHE D 445 -17.77 44.13 11.99
N ASP D 446 -17.62 44.47 10.72
CA ASP D 446 -18.20 43.68 9.63
C ASP D 446 -17.32 42.46 9.36
N PRO D 447 -17.88 41.26 9.58
CA PRO D 447 -17.16 39.98 9.40
C PRO D 447 -16.69 39.76 7.96
N ALA D 448 -17.30 40.45 7.01
CA ALA D 448 -16.95 40.26 5.60
C ALA D 448 -15.71 41.07 5.21
N ILE D 449 -15.37 42.06 6.01
CA ILE D 449 -14.23 42.93 5.69
C ILE D 449 -13.10 42.79 6.72
N ALA D 450 -13.45 42.87 8.00
CA ALA D 450 -12.46 42.77 9.06
C ALA D 450 -13.02 42.03 10.27
N PRO D 451 -13.01 40.69 10.21
CA PRO D 451 -13.57 39.84 11.27
C PRO D 451 -12.64 39.70 12.47
N VAL D 452 -13.20 39.31 13.61
CA VAL D 452 -12.42 39.04 14.81
C VAL D 452 -12.06 37.57 14.87
N ARG D 453 -10.78 37.26 14.70
CA ARG D 453 -10.34 35.88 14.65
C ARG D 453 -9.61 35.44 15.92
N GLN D 454 -9.43 36.37 16.85
CA GLN D 454 -8.65 36.09 18.05
C GLN D 454 -8.96 37.02 19.21
N SER D 455 -8.12 36.98 20.23
CA SER D 455 -8.24 37.85 21.40
C SER D 455 -6.86 38.16 21.98
N ASN D 456 -6.83 38.64 23.21
CA ASN D 456 -5.56 39.00 23.85
C ASN D 456 -5.21 38.05 24.99
N LEU D 457 -4.34 38.53 25.89
CA LEU D 457 -3.85 37.72 27.00
C LEU D 457 -4.95 37.36 28.00
N CYS D 458 -5.76 38.35 28.37
CA CYS D 458 -6.78 38.15 29.39
C CYS D 458 -8.17 37.94 28.78
N LEU D 459 -8.21 37.90 27.46
CA LEU D 459 -9.45 37.65 26.70
C LEU D 459 -10.56 38.65 27.00
N GLU D 460 -10.24 39.93 26.88
CA GLU D 460 -11.25 40.98 27.00
C GLU D 460 -11.23 41.85 25.75
N ILE D 461 -10.21 41.64 24.92
CA ILE D 461 -10.03 42.42 23.70
C ILE D 461 -10.38 41.59 22.47
N ALA D 462 -11.22 42.15 21.60
CA ALA D 462 -11.61 41.48 20.37
C ALA D 462 -11.49 42.43 19.19
N LEU D 463 -10.35 42.41 18.52
CA LEU D 463 -10.09 43.34 17.42
C LEU D 463 -9.61 42.59 16.16
N PRO D 464 -9.92 43.15 14.98
CA PRO D 464 -9.50 42.55 13.71
C PRO D 464 -7.98 42.53 13.55
N THR D 465 -7.47 41.46 12.94
CA THR D 465 -6.02 41.32 12.74
C THR D 465 -5.71 40.84 11.32
N LYS D 466 -4.51 41.13 10.86
CA LYS D 466 -4.06 40.69 9.54
C LYS D 466 -2.59 40.25 9.61
N PRO D 467 -2.28 39.05 9.11
CA PRO D 467 -0.94 38.46 9.18
C PRO D 467 0.14 39.29 8.49
N LEU D 468 1.37 39.15 8.96
CA LEU D 468 2.51 39.88 8.41
C LEU D 468 3.40 38.96 7.60
N ASN D 469 3.84 39.42 6.43
CA ASN D 469 4.80 38.67 5.62
C ASN D 469 6.23 39.06 5.98
N ASP D 470 6.36 40.07 6.83
CA ASP D 470 7.64 40.54 7.31
C ASP D 470 7.43 41.39 8.56
N VAL D 471 8.47 41.52 9.38
CA VAL D 471 8.36 42.29 10.61
C VAL D 471 8.01 43.76 10.32
N ASN D 472 8.42 44.24 9.16
CA ASN D 472 8.13 45.62 8.76
C ASN D 472 7.11 45.69 7.62
N ASP D 473 6.18 44.73 7.60
CA ASP D 473 5.14 44.71 6.59
C ASP D 473 4.09 45.79 6.84
N GLU D 474 3.82 46.61 5.83
CA GLU D 474 2.84 47.68 5.96
C GLU D 474 1.45 47.23 5.57
N ASN D 475 1.32 45.96 5.19
CA ASN D 475 0.03 45.41 4.78
C ASN D 475 -0.62 44.58 5.88
N GLY D 476 0.17 44.23 6.90
CA GLY D 476 -0.35 43.48 8.03
C GLY D 476 -1.07 44.38 9.01
N GLU D 477 -1.63 43.79 10.06
CA GLU D 477 -2.34 44.56 11.08
C GLU D 477 -2.22 43.93 12.46
N ILE D 478 -1.46 44.59 13.33
CA ILE D 478 -1.35 44.17 14.72
C ILE D 478 -2.26 45.03 15.59
N ALA D 479 -3.22 44.38 16.25
CA ALA D 479 -4.24 45.09 17.01
C ALA D 479 -3.71 45.62 18.34
N LEU D 480 -3.85 46.92 18.54
CA LEU D 480 -3.48 47.56 19.80
C LEU D 480 -4.72 48.16 20.46
N CYS D 481 -4.67 48.31 21.78
CA CYS D 481 -5.80 48.86 22.51
C CYS D 481 -5.39 49.52 23.82
N THR D 482 -5.83 50.75 24.02
CA THR D 482 -5.56 51.47 25.28
C THR D 482 -6.70 51.23 26.26
N LEU D 483 -6.34 50.90 27.50
CA LEU D 483 -7.34 50.51 28.48
C LEU D 483 -7.66 51.61 29.49
N SER D 484 -8.78 51.43 30.19
CA SER D 484 -9.22 52.32 31.26
C SER D 484 -10.41 51.69 31.96
N ALA D 485 -10.91 52.33 33.01
CA ALA D 485 -12.03 51.76 33.76
C ALA D 485 -12.81 52.82 34.54
N PHE D 486 -14.13 52.67 34.55
CA PHE D 486 -14.99 53.51 35.38
C PHE D 486 -15.13 52.91 36.77
N ASN D 487 -15.14 53.77 37.79
CA ASN D 487 -15.32 53.31 39.16
C ASN D 487 -16.78 53.43 39.59
N LEU D 488 -17.48 52.30 39.58
CA LEU D 488 -18.91 52.27 39.88
C LEU D 488 -19.20 52.62 41.34
N GLY D 489 -18.18 52.54 42.18
CA GLY D 489 -18.32 52.85 43.58
C GLY D 489 -18.02 54.29 43.90
N ALA D 490 -17.75 55.08 42.85
CA ALA D 490 -17.40 56.48 43.03
C ALA D 490 -18.43 57.41 42.39
N ILE D 491 -19.51 56.82 41.87
CA ILE D 491 -20.58 57.61 41.28
C ILE D 491 -21.87 57.47 42.08
N ASN D 492 -22.64 58.55 42.15
CA ASN D 492 -23.91 58.53 42.87
C ASN D 492 -25.09 58.24 41.94
N ASN D 493 -24.91 58.51 40.65
CA ASN D 493 -25.93 58.19 39.65
C ASN D 493 -25.30 57.94 38.29
N LEU D 494 -26.10 57.44 37.35
CA LEU D 494 -25.61 57.06 36.04
C LEU D 494 -25.44 58.26 35.10
N ASP D 495 -26.04 59.39 35.45
CA ASP D 495 -25.99 60.57 34.61
C ASP D 495 -24.65 61.31 34.69
N GLU D 496 -23.81 60.91 35.64
CA GLU D 496 -22.47 61.46 35.74
C GLU D 496 -21.56 60.87 34.67
N LEU D 497 -21.97 59.74 34.12
CA LEU D 497 -21.16 59.03 33.13
C LEU D 497 -21.00 59.83 31.84
N GLU D 498 -21.94 60.72 31.57
CA GLU D 498 -21.87 61.55 30.37
C GLU D 498 -20.64 62.45 30.40
N GLU D 499 -20.39 63.05 31.56
CA GLU D 499 -19.21 63.90 31.75
C GLU D 499 -17.94 63.06 31.80
N LEU D 500 -18.03 61.91 32.46
CA LEU D 500 -16.87 61.03 32.62
C LEU D 500 -16.45 60.39 31.29
N ALA D 501 -17.42 60.13 30.43
CA ALA D 501 -17.13 59.53 29.12
C ALA D 501 -16.40 60.50 28.21
N ILE D 502 -16.80 61.77 28.27
CA ILE D 502 -16.15 62.81 27.46
C ILE D 502 -14.68 62.96 27.83
N LEU D 503 -14.40 62.93 29.14
CA LEU D 503 -13.03 63.04 29.63
C LEU D 503 -12.21 61.79 29.33
N ALA D 504 -12.84 60.63 29.45
CA ALA D 504 -12.14 59.37 29.27
C ALA D 504 -11.77 59.12 27.80
N VAL D 505 -12.75 59.24 26.92
CA VAL D 505 -12.54 58.96 25.50
C VAL D 505 -11.54 59.93 24.87
N ARG D 506 -11.71 61.21 25.14
CA ARG D 506 -10.83 62.24 24.58
C ARG D 506 -9.38 62.07 25.05
N ALA D 507 -9.21 61.58 26.27
CA ALA D 507 -7.88 61.39 26.83
C ALA D 507 -7.15 60.21 26.17
N LEU D 508 -7.83 59.08 26.07
CA LEU D 508 -7.25 57.88 25.48
C LEU D 508 -7.00 58.06 23.99
N ASP D 509 -7.92 58.73 23.32
CA ASP D 509 -7.80 58.99 21.89
C ASP D 509 -6.61 59.90 21.60
N ALA D 510 -6.34 60.81 22.53
CA ALA D 510 -5.19 61.71 22.40
C ALA D 510 -3.90 60.96 22.69
N LEU D 511 -3.99 59.91 23.49
CA LEU D 511 -2.83 59.09 23.84
C LEU D 511 -2.39 58.25 22.65
N LEU D 512 -3.34 57.88 21.80
CA LEU D 512 -3.05 57.06 20.61
C LEU D 512 -2.09 57.79 19.68
N ASP D 513 -2.20 59.11 19.62
CA ASP D 513 -1.32 59.93 18.81
C ASP D 513 -0.10 60.38 19.63
N TYR D 514 -0.06 59.97 20.89
CA TYR D 514 1.00 60.36 21.80
C TYR D 514 2.03 59.25 21.96
N GLN D 515 1.56 58.02 22.09
CA GLN D 515 2.45 56.87 22.28
C GLN D 515 3.23 56.54 21.01
N ASP D 516 4.28 55.74 21.16
CA ASP D 516 5.09 55.33 20.02
C ASP D 516 4.73 53.93 19.54
N TYR D 517 5.14 53.61 18.32
CA TYR D 517 4.85 52.31 17.73
C TYR D 517 6.10 51.67 17.13
N PRO D 518 6.61 50.62 17.78
CA PRO D 518 7.83 49.93 17.34
C PRO D 518 7.62 49.09 16.08
N ILE D 519 6.37 48.84 15.73
CA ILE D 519 6.05 48.03 14.56
C ILE D 519 5.05 48.73 13.64
N PRO D 520 5.42 48.90 12.36
CA PRO D 520 4.60 49.56 11.34
C PRO D 520 3.20 48.98 11.23
N ALA D 521 3.08 47.66 11.30
CA ALA D 521 1.79 46.98 11.16
C ALA D 521 0.88 47.24 12.36
N ALA D 522 1.49 47.57 13.49
CA ALA D 522 0.73 47.88 14.70
C ALA D 522 0.18 49.29 14.65
N LYS D 523 0.95 50.20 14.06
CA LYS D 523 0.54 51.59 13.92
C LYS D 523 -0.65 51.73 12.99
N ARG D 524 -0.73 50.85 11.99
CA ARG D 524 -1.83 50.86 11.03
C ARG D 524 -3.18 50.63 11.70
N GLY D 525 -3.21 49.70 12.65
CA GLY D 525 -4.43 49.38 13.35
C GLY D 525 -4.83 50.46 14.35
N ALA D 526 -3.85 51.07 14.99
CA ALA D 526 -4.10 52.11 15.98
C ALA D 526 -4.58 53.39 15.32
N MET D 527 -3.96 53.76 14.20
CA MET D 527 -4.34 54.97 13.49
C MET D 527 -5.57 54.75 12.63
N GLY D 528 -5.77 53.51 12.20
CA GLY D 528 -6.86 53.17 11.31
C GLY D 528 -8.20 53.03 12.01
N ARG D 529 -8.22 52.30 13.12
CA ARG D 529 -9.47 51.99 13.81
C ARG D 529 -9.63 52.79 15.10
N ARG D 530 -8.50 53.17 15.69
CA ARG D 530 -8.46 53.92 16.94
C ARG D 530 -9.27 53.24 18.03
N THR D 531 -9.11 51.92 18.15
CA THR D 531 -9.88 51.12 19.09
C THR D 531 -9.50 51.42 20.54
N LEU D 532 -10.53 51.59 21.38
CA LEU D 532 -10.33 51.79 22.81
C LEU D 532 -11.01 50.66 23.60
N GLY D 533 -10.66 50.54 24.87
CA GLY D 533 -11.24 49.52 25.72
C GLY D 533 -11.40 49.98 27.15
N ILE D 534 -12.53 50.59 27.46
CA ILE D 534 -12.80 51.08 28.80
C ILE D 534 -13.75 50.13 29.54
N GLY D 535 -13.35 49.71 30.73
CA GLY D 535 -14.15 48.79 31.52
C GLY D 535 -14.69 49.40 32.80
N VAL D 536 -14.90 48.55 33.80
CA VAL D 536 -15.41 49.00 35.09
C VAL D 536 -14.75 48.27 36.25
N ILE D 537 -14.70 48.92 37.39
CA ILE D 537 -14.22 48.31 38.63
C ILE D 537 -15.22 48.56 39.75
N ASN D 538 -14.98 47.93 40.90
CA ASN D 538 -15.86 48.06 42.07
C ASN D 538 -17.31 47.68 41.77
N PHE D 539 -17.49 46.61 41.01
CA PHE D 539 -18.81 46.15 40.64
C PHE D 539 -19.48 45.42 41.81
N ALA D 540 -18.66 44.73 42.61
CA ALA D 540 -19.15 44.02 43.78
C ALA D 540 -19.68 45.00 44.82
N TYR D 541 -18.94 46.09 45.03
CA TYR D 541 -19.36 47.13 45.96
C TYR D 541 -20.55 47.92 45.41
N TYR D 542 -20.66 47.97 44.09
CA TYR D 542 -21.76 48.66 43.44
C TYR D 542 -23.08 47.95 43.68
N LEU D 543 -23.04 46.62 43.72
CA LEU D 543 -24.23 45.82 43.99
C LEU D 543 -24.57 45.84 45.48
N ALA D 544 -23.56 46.00 46.31
CA ALA D 544 -23.75 46.02 47.76
C ALA D 544 -24.52 47.27 48.19
N LYS D 545 -24.24 48.38 47.53
CA LYS D 545 -24.92 49.64 47.82
C LYS D 545 -26.39 49.57 47.43
N HIS D 546 -26.68 48.83 46.36
CA HIS D 546 -28.05 48.70 45.88
C HIS D 546 -28.74 47.47 46.45
N GLY D 547 -28.03 46.77 47.33
CA GLY D 547 -28.57 45.60 48.01
C GLY D 547 -28.86 44.45 47.09
N LYS D 548 -28.04 44.28 46.06
CA LYS D 548 -28.21 43.18 45.11
C LYS D 548 -27.13 42.12 45.32
N ARG D 549 -27.29 40.99 44.64
CA ARG D 549 -26.32 39.89 44.75
C ARG D 549 -26.02 39.29 43.37
N TYR D 550 -25.12 38.30 43.35
CA TYR D 550 -24.71 37.69 42.09
C TYR D 550 -25.56 36.48 41.71
N SER D 551 -25.66 35.51 42.61
CA SER D 551 -26.22 34.20 42.28
C SER D 551 -27.74 34.19 42.16
N ASP D 552 -28.42 34.99 42.97
CA ASP D 552 -29.88 34.98 42.97
C ASP D 552 -30.46 35.57 41.70
N GLY D 553 -29.66 36.32 40.96
CA GLY D 553 -30.09 36.95 39.73
C GLY D 553 -30.94 38.18 39.99
N SER D 554 -30.73 38.80 41.14
CA SER D 554 -31.48 39.99 41.53
C SER D 554 -30.85 41.25 40.98
N ALA D 555 -29.63 41.12 40.45
CA ALA D 555 -28.90 42.26 39.92
C ALA D 555 -28.96 42.30 38.39
N ASN D 556 -29.78 41.42 37.82
CA ASN D 556 -29.90 41.32 36.37
C ASN D 556 -30.42 42.60 35.74
N ASN D 557 -31.53 43.12 36.27
CA ASN D 557 -32.11 44.35 35.76
C ASN D 557 -31.26 45.57 36.06
N LEU D 558 -30.59 45.55 37.21
CA LEU D 558 -29.71 46.64 37.61
C LEU D 558 -28.50 46.71 36.68
N THR D 559 -27.97 45.53 36.35
CA THR D 559 -26.84 45.43 35.44
C THR D 559 -27.20 45.97 34.06
N HIS D 560 -28.39 45.61 33.60
CA HIS D 560 -28.87 46.04 32.28
C HIS D 560 -29.02 47.56 32.23
N LYS D 561 -29.50 48.16 33.32
CA LYS D 561 -29.66 49.60 33.38
C LYS D 561 -28.31 50.31 33.43
N THR D 562 -27.38 49.75 34.19
CA THR D 562 -26.07 50.36 34.39
C THR D 562 -25.24 50.38 33.11
N PHE D 563 -25.03 49.19 32.52
CA PHE D 563 -24.18 49.07 31.36
C PHE D 563 -24.79 49.70 30.11
N GLU D 564 -26.09 49.98 30.17
CA GLU D 564 -26.73 50.73 29.10
C GLU D 564 -26.24 52.18 29.14
N ALA D 565 -26.20 52.74 30.35
CA ALA D 565 -25.73 54.10 30.55
C ALA D 565 -24.25 54.23 30.18
N ILE D 566 -23.49 53.16 30.45
CA ILE D 566 -22.08 53.12 30.12
C ILE D 566 -21.87 53.21 28.61
N GLN D 567 -22.45 52.27 27.89
CA GLN D 567 -22.28 52.18 26.44
C GLN D 567 -22.83 53.40 25.71
N TYR D 568 -23.98 53.89 26.14
CA TYR D 568 -24.62 55.04 25.49
C TYR D 568 -23.76 56.28 25.57
N TYR D 569 -23.35 56.65 26.78
CA TYR D 569 -22.56 57.86 26.99
C TYR D 569 -21.15 57.75 26.39
N LEU D 570 -20.63 56.52 26.33
CA LEU D 570 -19.34 56.28 25.70
C LEU D 570 -19.42 56.53 24.19
N LEU D 571 -20.43 55.93 23.56
CA LEU D 571 -20.67 56.12 22.13
C LEU D 571 -20.94 57.59 21.84
N LYS D 572 -21.76 58.21 22.69
CA LYS D 572 -22.11 59.62 22.54
C LYS D 572 -20.89 60.51 22.67
N ALA D 573 -19.98 60.14 23.56
CA ALA D 573 -18.75 60.89 23.76
C ALA D 573 -17.86 60.81 22.53
N SER D 574 -17.73 59.61 21.97
CA SER D 574 -16.93 59.40 20.78
C SER D 574 -17.59 60.01 19.55
N ASN D 575 -18.92 59.99 19.53
CA ASN D 575 -19.69 60.56 18.44
C ASN D 575 -19.52 62.07 18.40
N GLU D 576 -19.57 62.71 19.56
CA GLU D 576 -19.35 64.14 19.67
C GLU D 576 -17.89 64.49 19.37
N LEU D 577 -17.01 63.53 19.65
CA LEU D 577 -15.59 63.70 19.37
C LEU D 577 -15.33 63.59 17.87
N ALA D 578 -16.16 62.80 17.19
CA ALA D 578 -16.06 62.62 15.75
C ALA D 578 -16.51 63.87 15.00
N LYS D 579 -17.37 64.66 15.64
CA LYS D 579 -17.82 65.92 15.06
C LYS D 579 -16.71 66.96 15.08
N GLU D 580 -15.83 66.86 16.07
CA GLU D 580 -14.80 67.87 16.28
C GLU D 580 -13.53 67.59 15.49
N GLN D 581 -13.05 66.35 15.53
CA GLN D 581 -11.76 66.02 14.94
C GLN D 581 -11.86 65.00 13.81
N GLY D 582 -13.08 64.57 13.51
CA GLY D 582 -13.30 63.63 12.42
C GLY D 582 -13.20 62.19 12.89
N ALA D 583 -14.01 61.32 12.29
CA ALA D 583 -14.01 59.91 12.64
C ALA D 583 -12.74 59.21 12.13
N CYS D 584 -12.51 58.00 12.63
CA CYS D 584 -11.35 57.21 12.21
C CYS D 584 -11.48 56.79 10.75
N PRO D 585 -10.34 56.75 10.03
CA PRO D 585 -10.28 56.42 8.60
C PRO D 585 -10.96 55.11 8.24
N TRP D 586 -10.80 54.09 9.08
CA TRP D 586 -11.36 52.77 8.78
C TRP D 586 -12.70 52.55 9.47
N PHE D 587 -13.50 53.60 9.56
CA PHE D 587 -14.82 53.51 10.18
C PHE D 587 -15.78 52.75 9.27
N ASN D 588 -15.49 52.74 7.98
CA ASN D 588 -16.34 52.09 7.00
C ASN D 588 -16.35 50.57 7.12
N GLU D 589 -15.42 50.04 7.90
CA GLU D 589 -15.35 48.59 8.12
C GLU D 589 -16.10 48.19 9.39
N THR D 590 -16.74 49.16 10.02
CA THR D 590 -17.49 48.91 11.25
C THR D 590 -18.99 48.79 10.95
N THR D 591 -19.71 48.12 11.84
CA THR D 591 -21.15 47.96 11.68
C THR D 591 -21.91 49.25 11.99
N TYR D 592 -21.28 50.12 12.76
CA TYR D 592 -21.88 51.41 13.12
C TYR D 592 -22.12 52.28 11.88
N ALA D 593 -21.25 52.13 10.89
CA ALA D 593 -21.37 52.89 9.65
C ALA D 593 -22.67 52.55 8.92
N LYS D 594 -23.13 51.31 9.10
CA LYS D 594 -24.37 50.86 8.50
C LYS D 594 -25.55 51.09 9.44
N GLY D 595 -25.29 51.79 10.55
CA GLY D 595 -26.33 52.11 11.51
C GLY D 595 -26.74 50.94 12.37
N ILE D 596 -25.78 50.05 12.66
CA ILE D 596 -26.06 48.88 13.47
C ILE D 596 -25.56 49.05 14.90
N LEU D 597 -26.47 49.04 15.84
CA LEU D 597 -26.14 49.19 17.26
C LEU D 597 -26.09 47.83 17.95
N PRO D 598 -25.34 47.72 19.06
CA PRO D 598 -25.26 46.47 19.83
C PRO D 598 -26.62 45.94 20.28
N ILE D 599 -27.60 46.83 20.39
CA ILE D 599 -28.94 46.46 20.82
C ILE D 599 -29.76 45.87 19.68
N ASP D 600 -29.12 45.65 18.54
CA ASP D 600 -29.80 45.09 17.37
C ASP D 600 -29.31 43.68 17.08
N THR D 601 -28.08 43.37 17.50
CA THR D 601 -27.46 42.10 17.17
C THR D 601 -27.09 41.30 18.42
N TYR D 602 -27.70 41.63 19.54
CA TYR D 602 -27.42 40.93 20.80
C TYR D 602 -28.10 39.56 20.82
N LYS D 603 -27.62 38.69 21.72
CA LYS D 603 -28.21 37.38 21.88
C LYS D 603 -29.62 37.49 22.45
N LYS D 604 -30.61 37.00 21.70
CA LYS D 604 -32.01 37.16 22.06
C LYS D 604 -32.41 36.35 23.29
N ASP D 605 -31.53 35.46 23.73
CA ASP D 605 -31.80 34.64 24.91
C ASP D 605 -31.67 35.46 26.20
N LEU D 606 -31.16 36.68 26.08
CA LEU D 606 -30.99 37.56 27.23
C LEU D 606 -32.32 38.15 27.68
N ASP D 607 -33.32 38.09 26.81
CA ASP D 607 -34.64 38.64 27.10
C ASP D 607 -35.40 37.77 28.10
N THR D 608 -34.89 36.56 28.33
CA THR D 608 -35.53 35.63 29.24
C THR D 608 -35.00 35.75 30.66
N ILE D 609 -33.97 36.59 30.84
CA ILE D 609 -33.37 36.80 32.15
C ILE D 609 -33.28 38.29 32.48
N ALA D 610 -33.83 39.12 31.61
CA ALA D 610 -33.81 40.57 31.81
C ALA D 610 -34.93 41.25 31.03
N ASN D 611 -35.67 42.13 31.71
CA ASN D 611 -36.77 42.85 31.09
C ASN D 611 -36.64 44.37 31.26
N GLU D 612 -35.45 44.82 31.65
CA GLU D 612 -35.18 46.24 31.85
C GLU D 612 -35.24 47.01 30.52
N PRO D 613 -36.06 48.07 30.47
CA PRO D 613 -36.21 48.88 29.25
C PRO D 613 -35.05 49.84 29.03
N LEU D 614 -34.93 50.34 27.81
CA LEU D 614 -33.90 51.32 27.48
C LEU D 614 -34.30 52.71 28.00
N HIS D 615 -33.37 53.38 28.67
CA HIS D 615 -33.66 54.66 29.29
C HIS D 615 -33.10 55.83 28.49
N TYR D 616 -32.42 55.53 27.39
CA TYR D 616 -31.78 56.55 26.58
C TYR D 616 -32.18 56.47 25.11
N ASP D 617 -32.06 57.59 24.41
CA ASP D 617 -32.46 57.68 23.01
C ASP D 617 -31.40 57.08 22.09
N TRP D 618 -31.48 55.79 21.85
CA TRP D 618 -30.54 55.10 20.97
C TRP D 618 -30.80 55.41 19.50
N GLU D 619 -32.06 55.63 19.17
CA GLU D 619 -32.45 55.89 17.78
C GLU D 619 -31.92 57.23 17.29
N ALA D 620 -31.85 58.21 18.19
CA ALA D 620 -31.27 59.51 17.85
C ALA D 620 -29.76 59.39 17.71
N LEU D 621 -29.18 58.49 18.50
CA LEU D 621 -27.76 58.22 18.44
C LEU D 621 -27.41 57.49 17.15
N ARG D 622 -28.32 56.60 16.73
CA ARG D 622 -28.13 55.82 15.51
C ARG D 622 -27.96 56.72 14.29
N GLU D 623 -28.84 57.72 14.18
CA GLU D 623 -28.77 58.67 13.08
C GLU D 623 -27.58 59.61 13.26
N SER D 624 -27.18 59.82 14.51
CA SER D 624 -26.04 60.66 14.81
C SER D 624 -24.74 59.95 14.41
N ILE D 625 -24.76 58.63 14.44
CA ILE D 625 -23.61 57.83 14.02
C ILE D 625 -23.56 57.75 12.50
N LYS D 626 -24.72 57.60 11.88
CA LYS D 626 -24.83 57.54 10.42
C LYS D 626 -24.29 58.82 9.77
N THR D 627 -24.40 59.93 10.49
CA THR D 627 -24.02 61.23 9.95
C THR D 627 -22.56 61.58 10.19
N HIS D 628 -22.15 61.57 11.46
CA HIS D 628 -20.82 62.02 11.84
C HIS D 628 -19.84 60.87 12.09
N GLY D 629 -20.37 59.70 12.47
CA GLY D 629 -19.53 58.54 12.69
C GLY D 629 -18.97 58.47 14.10
N LEU D 630 -18.09 57.51 14.33
CA LEU D 630 -17.45 57.36 15.64
C LEU D 630 -15.94 57.53 15.54
N ARG D 631 -15.36 58.17 16.56
CA ARG D 631 -13.91 58.38 16.62
C ARG D 631 -13.19 57.05 16.87
N ASN D 632 -13.87 56.13 17.54
CA ASN D 632 -13.28 54.85 17.89
C ASN D 632 -14.15 53.68 17.44
N SER D 633 -13.52 52.65 16.89
CA SER D 633 -14.24 51.47 16.43
C SER D 633 -14.83 50.70 17.61
N THR D 634 -14.09 50.67 18.72
CA THR D 634 -14.57 50.07 19.95
C THR D 634 -14.34 51.03 21.11
N LEU D 635 -15.11 50.86 22.19
CA LEU D 635 -15.01 51.76 23.34
C LEU D 635 -15.08 50.99 24.65
N SER D 636 -15.90 49.94 24.68
CA SER D 636 -16.13 49.19 25.92
C SER D 636 -15.45 47.83 25.91
N ALA D 637 -14.76 47.51 27.00
CA ALA D 637 -14.11 46.22 27.18
C ALA D 637 -13.79 46.00 28.66
N LEU D 638 -14.31 44.91 29.22
CA LEU D 638 -14.17 44.66 30.65
C LEU D 638 -12.93 43.82 30.97
N MET D 639 -11.85 44.48 31.38
CA MET D 639 -10.60 43.81 31.71
C MET D 639 -10.47 43.60 33.22
N PRO D 640 -9.64 42.63 33.63
CA PRO D 640 -9.33 42.49 35.06
C PRO D 640 -8.45 43.63 35.55
N SER D 641 -8.65 44.04 36.80
CA SER D 641 -7.84 45.12 37.37
C SER D 641 -7.44 44.80 38.80
N GLU D 642 -6.17 44.46 39.00
CA GLU D 642 -5.66 44.12 40.32
C GLU D 642 -4.76 45.22 40.86
N THR D 643 -4.10 45.95 39.95
CA THR D 643 -3.19 47.01 40.34
C THR D 643 -3.90 48.36 40.41
N SER D 644 -4.67 48.67 39.37
CA SER D 644 -5.36 49.96 39.28
C SER D 644 -6.54 50.05 40.24
N SER D 645 -7.05 48.91 40.67
CA SER D 645 -8.20 48.87 41.57
C SER D 645 -7.81 49.18 43.02
N GLN D 646 -6.62 48.74 43.42
CA GLN D 646 -6.15 48.95 44.78
C GLN D 646 -5.91 50.43 45.08
N ILE D 647 -5.68 51.22 44.02
CA ILE D 647 -5.50 52.65 44.15
C ILE D 647 -6.77 53.30 44.69
N SER D 648 -7.91 52.92 44.11
CA SER D 648 -9.20 53.47 44.53
C SER D 648 -9.84 52.60 45.62
N ASN D 649 -9.08 51.65 46.13
CA ASN D 649 -9.57 50.66 47.09
C ASN D 649 -10.83 49.97 46.59
N ALA D 650 -10.79 49.55 45.33
CA ALA D 650 -11.94 48.94 44.68
C ALA D 650 -11.78 47.42 44.58
N THR D 651 -12.87 46.73 44.27
CA THR D 651 -12.81 45.30 44.04
C THR D 651 -12.26 45.03 42.64
N ASN D 652 -11.56 43.92 42.50
CA ASN D 652 -10.89 43.59 41.24
C ASN D 652 -11.87 43.41 40.08
N GLY D 653 -12.08 44.47 39.32
CA GLY D 653 -12.96 44.44 38.17
C GLY D 653 -14.40 44.14 38.53
N ILE D 654 -15.01 43.18 37.84
CA ILE D 654 -16.38 42.79 38.10
C ILE D 654 -16.43 41.59 39.04
N GLU D 655 -15.26 41.06 39.39
CA GLU D 655 -15.18 39.88 40.24
C GLU D 655 -15.50 40.21 41.69
N PRO D 656 -16.19 39.29 42.38
CA PRO D 656 -16.48 39.42 43.82
C PRO D 656 -15.27 39.11 44.67
N PRO D 657 -15.13 39.77 45.84
CA PRO D 657 -13.99 39.54 46.73
C PRO D 657 -14.04 38.17 47.39
N ARG D 658 -12.87 37.56 47.57
CA ARG D 658 -12.78 36.27 48.24
C ARG D 658 -12.92 36.42 49.75
N GLY D 659 -12.76 37.66 50.22
CA GLY D 659 -12.87 37.97 51.63
C GLY D 659 -13.08 39.44 51.86
N TYR D 660 -13.49 39.80 53.06
CA TYR D 660 -13.70 41.20 53.42
C TYR D 660 -12.38 41.96 53.52
N VAL D 661 -11.33 41.23 53.89
CA VAL D 661 -9.99 41.82 53.98
C VAL D 661 -8.97 40.96 53.23
N SER D 662 -8.29 41.56 52.27
CA SER D 662 -7.30 40.85 51.47
C SER D 662 -5.90 41.00 52.06
N ILE D 663 -5.22 39.88 52.27
CA ILE D 663 -3.88 39.88 52.83
C ILE D 663 -2.84 39.59 51.75
N LYS D 664 -1.93 40.54 51.55
CA LYS D 664 -0.86 40.39 50.55
C LYS D 664 0.47 40.85 51.11
N ALA D 665 1.42 39.91 51.20
CA ALA D 665 2.73 40.20 51.76
C ALA D 665 3.50 41.18 50.87
N SER D 666 4.45 41.89 51.48
CA SER D 666 5.25 42.87 50.75
C SER D 666 6.62 43.07 51.38
N LYS D 667 7.36 44.03 50.85
CA LYS D 667 8.70 44.34 51.33
C LYS D 667 8.64 45.12 52.64
N ASP D 668 7.55 45.85 52.84
CA ASP D 668 7.39 46.67 54.03
C ASP D 668 6.46 46.01 55.04
N GLY D 669 6.31 44.69 54.94
CA GLY D 669 5.47 43.96 55.86
C GLY D 669 4.20 43.43 55.21
N ILE D 670 3.22 43.07 56.04
CA ILE D 670 1.95 42.54 55.54
C ILE D 670 0.96 43.66 55.23
N LEU D 671 0.56 43.76 53.98
CA LEU D 671 -0.39 44.78 53.56
C LEU D 671 -1.83 44.25 53.63
N ARG D 672 -2.68 44.97 54.32
CA ARG D 672 -4.09 44.58 54.44
C ARG D 672 -5.00 45.59 53.77
N GLN D 673 -5.96 45.08 53.01
CA GLN D 673 -6.90 45.93 52.29
C GLN D 673 -8.34 45.53 52.58
N VAL D 674 -9.13 46.47 53.09
CA VAL D 674 -10.52 46.21 53.44
C VAL D 674 -11.45 46.68 52.33
N VAL D 675 -12.49 45.90 52.06
CA VAL D 675 -13.51 46.27 51.09
C VAL D 675 -14.13 47.61 51.46
N PRO D 676 -14.46 48.43 50.44
CA PRO D 676 -14.99 49.78 50.68
C PRO D 676 -16.31 49.79 51.45
N ASP D 677 -16.37 50.61 52.51
CA ASP D 677 -17.57 50.75 53.34
C ASP D 677 -18.03 49.41 53.90
N TYR D 678 -17.12 48.70 54.56
CA TYR D 678 -17.44 47.42 55.17
C TYR D 678 -18.30 47.58 56.41
N GLU D 679 -18.16 48.74 57.06
CA GLU D 679 -18.88 49.01 58.30
C GLU D 679 -20.39 49.03 58.12
N HIS D 680 -20.85 49.42 56.93
CA HIS D 680 -22.27 49.57 56.67
C HIS D 680 -22.80 48.50 55.71
N LEU D 681 -21.90 47.76 55.07
CA LEU D 681 -22.29 46.76 54.08
C LEU D 681 -21.65 45.40 54.35
N HIS D 682 -21.42 45.09 55.61
CA HIS D 682 -20.78 43.83 56.00
C HIS D 682 -21.64 42.62 55.65
N ASP D 683 -22.96 42.82 55.60
CA ASP D 683 -23.89 41.74 55.27
C ASP D 683 -24.36 41.85 53.82
N ALA D 684 -24.15 43.02 53.21
CA ALA D 684 -24.59 43.26 51.84
C ALA D 684 -23.71 42.52 50.83
N TYR D 685 -22.43 42.34 51.17
CA TYR D 685 -21.50 41.67 50.29
C TYR D 685 -21.81 40.17 50.11
N GLU D 686 -21.41 39.64 48.96
CA GLU D 686 -21.51 38.21 48.70
C GLU D 686 -20.15 37.68 48.24
N LEU D 687 -19.48 36.95 49.12
CA LEU D 687 -18.13 36.45 48.82
C LEU D 687 -18.14 35.46 47.67
N LEU D 688 -16.95 35.15 47.17
CA LEU D 688 -16.80 34.26 46.02
C LEU D 688 -17.28 32.84 46.30
N TRP D 689 -16.88 32.31 47.45
CA TRP D 689 -17.20 30.93 47.79
C TRP D 689 -18.51 30.82 48.55
N GLU D 690 -19.23 31.94 48.65
CA GLU D 690 -20.54 31.95 49.28
C GLU D 690 -21.66 31.80 48.26
N MET D 691 -21.27 31.51 47.02
CA MET D 691 -22.23 31.36 45.93
C MET D 691 -22.50 29.90 45.60
N PRO D 692 -23.77 29.56 45.36
CA PRO D 692 -24.18 28.21 44.98
C PRO D 692 -23.50 27.71 43.71
N GLY D 693 -23.62 28.48 42.63
CA GLY D 693 -23.00 28.10 41.37
C GLY D 693 -22.60 29.30 40.51
N ASN D 694 -22.30 29.03 39.24
CA ASN D 694 -21.87 30.07 38.32
C ASN D 694 -23.01 30.60 37.46
N ASP D 695 -24.18 29.98 37.58
CA ASP D 695 -25.34 30.35 36.76
C ASP D 695 -25.72 31.81 36.97
N GLY D 696 -25.70 32.26 38.21
CA GLY D 696 -26.04 33.63 38.53
C GLY D 696 -25.00 34.60 38.01
N TYR D 697 -23.73 34.20 38.09
CA TYR D 697 -22.63 35.04 37.64
C TYR D 697 -22.62 35.18 36.12
N LEU D 698 -22.75 34.05 35.43
CA LEU D 698 -22.71 34.03 33.97
C LEU D 698 -23.87 34.81 33.36
N GLN D 699 -25.01 34.83 34.06
CA GLN D 699 -26.17 35.59 33.60
C GLN D 699 -25.89 37.09 33.62
N LEU D 700 -25.19 37.54 34.66
CA LEU D 700 -24.83 38.95 34.79
C LEU D 700 -23.86 39.36 33.69
N VAL D 701 -22.86 38.50 33.44
CA VAL D 701 -21.87 38.74 32.40
C VAL D 701 -22.52 38.84 31.02
N GLY D 702 -23.45 37.94 30.75
CA GLY D 702 -24.16 37.92 29.48
C GLY D 702 -24.93 39.18 29.19
N ILE D 703 -25.52 39.76 30.23
CA ILE D 703 -26.28 41.00 30.09
C ILE D 703 -25.36 42.16 29.76
N MET D 704 -24.16 42.15 30.34
CA MET D 704 -23.15 43.15 30.04
C MET D 704 -22.73 43.07 28.58
N GLN D 705 -22.59 41.84 28.09
CA GLN D 705 -22.13 41.58 26.72
C GLN D 705 -23.08 42.18 25.67
N LYS D 706 -24.32 42.42 26.08
CA LYS D 706 -25.32 43.00 25.21
C LYS D 706 -24.90 44.40 24.74
N PHE D 707 -24.14 45.09 25.58
CA PHE D 707 -23.72 46.45 25.27
C PHE D 707 -22.21 46.55 25.03
N ILE D 708 -21.45 45.64 25.63
CA ILE D 708 -20.00 45.64 25.48
C ILE D 708 -19.57 45.38 24.04
N ASP D 709 -18.78 46.29 23.49
CA ASP D 709 -18.29 46.18 22.11
C ASP D 709 -17.40 44.95 21.93
N GLN D 710 -16.43 44.79 22.81
CA GLN D 710 -15.48 43.69 22.70
C GLN D 710 -15.92 42.51 23.56
N SER D 711 -15.02 42.01 24.39
CA SER D 711 -15.33 40.85 25.22
C SER D 711 -15.15 41.14 26.71
N ILE D 712 -15.45 40.15 27.54
CA ILE D 712 -15.37 40.28 28.99
C ILE D 712 -14.55 39.14 29.59
N SER D 713 -13.64 39.49 30.50
CA SER D 713 -12.82 38.49 31.17
C SER D 713 -13.59 37.79 32.28
N ALA D 714 -14.59 37.00 31.90
CA ALA D 714 -15.42 36.31 32.86
C ALA D 714 -14.73 35.06 33.41
N ASN D 715 -14.82 34.87 34.72
CA ASN D 715 -14.20 33.71 35.35
C ASN D 715 -15.24 32.69 35.80
N THR D 716 -14.87 31.41 35.72
CA THR D 716 -15.72 30.35 36.23
C THR D 716 -15.19 29.89 37.59
N ASN D 717 -16.08 29.68 38.54
CA ASN D 717 -15.67 29.31 39.89
C ASN D 717 -16.32 28.02 40.36
N TYR D 718 -15.54 27.20 41.06
CA TYR D 718 -16.03 25.92 41.56
C TYR D 718 -15.44 25.58 42.92
N ASP D 719 -16.29 25.10 43.82
CA ASP D 719 -15.84 24.67 45.14
C ASP D 719 -16.08 23.18 45.30
N PRO D 720 -14.99 22.40 45.35
CA PRO D 720 -15.04 20.93 45.47
C PRO D 720 -15.80 20.46 46.71
N SER D 721 -15.89 21.31 47.72
CA SER D 721 -16.61 20.97 48.95
C SER D 721 -18.12 20.95 48.74
N ARG D 722 -18.58 21.70 47.73
CA ARG D 722 -20.01 21.77 47.44
C ARG D 722 -20.46 20.62 46.55
N PHE D 723 -19.51 19.80 46.12
CA PHE D 723 -19.80 18.66 45.26
C PHE D 723 -19.41 17.35 45.93
N PRO D 724 -20.20 16.28 45.67
CA PRO D 724 -19.94 14.96 46.26
C PRO D 724 -18.57 14.40 45.87
N SER D 725 -18.00 13.58 46.75
CA SER D 725 -16.69 12.97 46.54
C SER D 725 -15.57 14.00 46.37
N GLY D 726 -15.86 15.25 46.73
CA GLY D 726 -14.88 16.32 46.69
C GLY D 726 -14.32 16.63 45.33
N LYS D 727 -15.07 16.30 44.28
CA LYS D 727 -14.64 16.57 42.91
C LYS D 727 -15.77 17.12 42.05
N VAL D 728 -15.46 18.14 41.26
CA VAL D 728 -16.44 18.75 40.37
C VAL D 728 -16.69 17.84 39.17
N PRO D 729 -17.96 17.42 38.99
CA PRO D 729 -18.35 16.52 37.91
C PRO D 729 -18.23 17.16 36.53
N MET D 730 -17.94 16.35 35.52
CA MET D 730 -17.79 16.84 34.15
C MET D 730 -19.10 17.40 33.61
N GLN D 731 -20.21 16.83 34.07
CA GLN D 731 -21.53 17.27 33.63
C GLN D 731 -21.80 18.71 34.05
N GLN D 732 -21.23 19.11 35.19
CA GLN D 732 -21.41 20.46 35.70
C GLN D 732 -20.58 21.46 34.91
N LEU D 733 -19.37 21.04 34.52
CA LEU D 733 -18.48 21.88 33.74
C LEU D 733 -19.08 22.19 32.38
N LEU D 734 -19.62 21.17 31.73
CA LEU D 734 -20.24 21.32 30.42
C LEU D 734 -21.56 22.09 30.51
N LYS D 735 -22.24 21.95 31.66
CA LYS D 735 -23.51 22.64 31.90
C LYS D 735 -23.31 24.16 31.90
N ASP D 736 -22.34 24.62 32.69
CA ASP D 736 -22.05 26.05 32.78
C ASP D 736 -21.49 26.57 31.46
N LEU D 737 -20.76 25.72 30.76
CA LEU D 737 -20.19 26.08 29.47
C LEU D 737 -21.29 26.37 28.45
N LEU D 738 -22.28 25.48 28.38
CA LEU D 738 -23.41 25.66 27.48
C LEU D 738 -24.30 26.81 27.96
N THR D 739 -24.33 27.03 29.26
CA THR D 739 -25.10 28.11 29.85
C THR D 739 -24.53 29.45 29.41
N ALA D 740 -23.21 29.56 29.41
CA ALA D 740 -22.53 30.77 29.00
C ALA D 740 -22.79 31.09 27.53
N TYR D 741 -22.64 30.08 26.67
CA TYR D 741 -22.85 30.26 25.24
C TYR D 741 -24.30 30.63 24.92
N LYS D 742 -25.22 30.17 25.76
CA LYS D 742 -26.64 30.42 25.56
C LYS D 742 -26.95 31.92 25.68
N PHE D 743 -26.27 32.59 26.61
CA PHE D 743 -26.53 33.99 26.89
C PHE D 743 -25.59 34.92 26.14
N GLY D 744 -24.87 34.36 25.16
CA GLY D 744 -24.03 35.17 24.27
C GLY D 744 -22.69 35.57 24.85
N VAL D 745 -22.20 34.81 25.82
CA VAL D 745 -20.88 35.06 26.40
C VAL D 745 -19.80 34.77 25.37
N LYS D 746 -18.95 35.75 25.10
CA LYS D 746 -17.93 35.63 24.06
C LYS D 746 -16.72 34.81 24.50
N THR D 747 -16.18 35.11 25.68
CA THR D 747 -14.97 34.46 26.16
C THR D 747 -15.06 34.00 27.61
N LEU D 748 -14.20 33.05 27.97
CA LEU D 748 -14.09 32.59 29.34
C LEU D 748 -12.63 32.63 29.81
N TYR D 749 -12.38 33.31 30.92
CA TYR D 749 -11.03 33.50 31.42
C TYR D 749 -10.62 32.38 32.39
N TYR D 750 -10.17 32.77 33.58
CA TYR D 750 -9.69 31.84 34.59
C TYR D 750 -10.76 30.86 35.06
N GLN D 751 -10.33 29.73 35.60
CA GLN D 751 -11.23 28.85 36.35
C GLN D 751 -10.67 28.65 37.76
N ASN D 752 -11.16 29.46 38.70
CA ASN D 752 -10.67 29.44 40.06
C ASN D 752 -11.16 28.24 40.85
N THR D 753 -10.24 27.40 41.30
CA THR D 753 -10.56 26.23 42.10
C THR D 753 -10.08 26.40 43.54
N ARG D 754 -11.03 26.40 44.48
CA ARG D 754 -10.71 26.59 45.89
C ARG D 754 -9.90 25.42 46.44
N ASP D 755 -8.93 25.73 47.31
CA ASP D 755 -8.09 24.71 47.91
C ASP D 755 -8.46 24.49 49.38
PG DTP E . -1.20 3.62 20.16
O1G DTP E . -0.99 2.71 21.33
O2G DTP E . -1.34 5.08 20.55
O3G DTP E . -2.41 3.22 19.30
PB DTP E . 1.55 2.97 19.39
O1B DTP E . 2.50 3.77 18.59
O2B DTP E . 1.89 3.05 20.87
O3B DTP E . 0.06 3.54 19.18
PA DTP E . 1.65 0.09 19.78
O1A DTP E . 1.00 -1.00 19.01
O2A DTP E . 0.89 0.31 21.08
O3A DTP E . 1.58 1.45 18.95
O5' DTP E . 3.17 -0.19 20.12
C5' DTP E . 3.93 -1.31 19.63
C4' DTP E . 5.07 -1.61 20.57
O4' DTP E . 5.94 -0.46 20.65
C3' DTP E . 4.66 -1.96 22.00
O3' DTP E . 5.46 -3.03 22.50
C2' DTP E . 4.94 -0.67 22.77
C1' DTP E . 6.14 -0.12 22.02
N9 DTP E . 6.31 1.33 22.12
C8 DTP E . 5.33 2.28 22.11
N7 DTP E . 5.77 3.50 22.23
C5 DTP E . 7.15 3.35 22.31
C6 DTP E . 8.19 4.28 22.45
N6 DTP E . 8.01 5.60 22.55
N1 DTP E . 9.46 3.79 22.50
C2 DTP E . 9.64 2.47 22.43
N3 DTP E . 8.73 1.51 22.29
C4 DTP E . 7.49 2.02 22.24
MG MG F . 0.70 2.01 22.29
PG ATP G . 1.62 4.34 24.44
O1G ATP G . 2.52 5.29 23.73
O2G ATP G . 0.58 3.71 23.51
O3G ATP G . 0.89 4.98 25.62
PB ATP G . 2.45 1.56 24.77
O1B ATP G . 2.39 1.30 23.31
O2B ATP G . 3.70 0.94 25.38
O3B ATP G . 2.46 3.14 25.05
PA ATP G . -0.19 0.34 24.94
O1A ATP G . -0.52 0.97 23.64
O2A ATP G . -1.30 0.64 25.95
O3A ATP G . 1.17 0.94 25.51
O5' ATP G . -0.01 -1.25 24.86
C5' ATP G . 1.04 -1.88 24.11
C4' ATP G . 0.61 -3.26 23.68
O4' ATP G . 0.21 -4.03 24.84
C3' ATP G . -0.57 -3.31 22.70
O3' ATP G . -0.41 -4.38 21.76
C2' ATP G . -1.77 -3.54 23.62
O2' ATP G . -2.82 -4.23 22.97
C1' ATP G . -1.15 -4.41 24.72
N9 ATP G . -1.78 -4.26 26.02
C8 ATP G . -2.38 -3.13 26.53
N7 ATP G . -2.88 -3.28 27.72
C5 ATP G . -2.59 -4.59 28.05
C6 ATP G . -2.86 -5.38 29.18
N6 ATP G . -3.51 -4.92 30.26
N1 ATP G . -2.44 -6.65 29.18
C2 ATP G . -1.78 -7.12 28.11
N3 ATP G . -1.48 -6.48 26.97
C4 ATP G . -1.92 -5.21 27.01
PG DTP H . -24.11 -48.28 -24.98
O1G DTP H . -23.80 -47.79 -23.60
O2G DTP H . -22.95 -49.06 -25.60
O3G DTP H . -25.37 -49.14 -25.04
PB DTP H . -24.79 -45.54 -25.61
O1B DTP H . -25.79 -45.54 -24.51
O2B DTP H . -25.37 -44.89 -26.87
O3B DTP H . -24.36 -47.03 -25.93
PA DTP H . -22.98 -44.32 -23.71
O1A DTP H . -24.05 -44.53 -22.72
O2A DTP H . -22.59 -42.85 -23.75
O3A DTP H . -23.49 -44.73 -25.15
O5' DTP H . -21.67 -45.17 -23.40
C5' DTP H . -20.61 -45.38 -24.35
C4' DTP H . -19.28 -45.36 -23.66
O4' DTP H . -18.24 -45.14 -24.64
C3' DTP H . -19.10 -44.24 -22.65
O3' DTP H . -18.10 -44.59 -21.70
C2' DTP H . -18.64 -43.08 -23.52
C1' DTP H . -17.87 -43.76 -24.65
N9 DTP H . -18.17 -43.24 -25.98
C8 DTP H . -19.40 -42.98 -26.52
N7 DTP H . -19.37 -42.54 -27.76
C5 DTP H . -18.01 -42.50 -28.06
C6 DTP H . -17.31 -42.13 -29.21
N6 DTP H . -17.90 -41.70 -30.33
N1 DTP H . -15.96 -42.21 -29.18
C2 DTP H . -15.37 -42.64 -28.06
N3 DTP H . -15.93 -43.02 -26.91
C4 DTP H . -17.26 -42.94 -26.97
MG MG I . -25.09 -46.38 -22.69
PG DTP J . -14.37 -66.13 -61.62
O1G DTP J . -14.35 -65.44 -62.94
O2G DTP J . -14.63 -67.64 -61.73
O3G DTP J . -15.39 -65.54 -60.65
PB DTP J . -11.47 -65.80 -61.47
O1B DTP J . -10.56 -66.80 -60.88
O2B DTP J . -11.50 -65.93 -63.00
O3B DTP J . -12.95 -65.99 -60.91
PA DTP J . -11.24 -62.91 -61.80
O1A DTP J . -11.65 -61.92 -60.78
O2A DTP J . -12.38 -63.09 -62.80
O3A DTP J . -10.97 -64.32 -61.11
O5' DTP J . -9.92 -62.50 -62.61
C5' DTP J . -8.91 -61.62 -62.09
C4' DTP J . -7.83 -61.41 -63.13
O4' DTP J . -7.18 -62.67 -63.40
C3' DTP J . -8.31 -60.87 -64.48
O3' DTP J . -7.40 -59.88 -64.96
C2' DTP J . -8.31 -62.10 -65.37
C1' DTP J . -7.15 -62.90 -64.81
N9 DTP J . -7.24 -64.34 -65.03
C8 DTP J . -8.35 -65.13 -64.91
N7 DTP J . -8.15 -66.40 -65.19
C5 DTP J . -6.81 -66.44 -65.52
C6 DTP J . -5.96 -67.49 -65.93
N6 DTP J . -6.37 -68.75 -66.07
N1 DTP J . -4.67 -67.20 -66.18
C2 DTP J . -4.25 -65.94 -66.05
N3 DTP J . -4.96 -64.86 -65.68
C4 DTP J . -6.23 -65.18 -65.42
MG MG K . -12.80 -64.69 -64.12
PG ATP L . -12.45 -66.73 -66.76
O1G ATP L . -11.55 -67.90 -66.52
O2G ATP L . -13.16 -66.25 -65.48
O3G ATP L . -13.52 -67.01 -67.81
PB ATP L . -11.50 -63.97 -66.81
O1B ATP L . -11.27 -63.92 -65.35
O2B ATP L . -10.34 -63.32 -67.56
O3B ATP L . -11.62 -65.50 -67.29
PA ATP L . -14.01 -62.62 -66.28
O1A ATP L . -14.21 -63.50 -65.11
O2A ATP L . -15.29 -62.59 -67.11
O3A ATP L . -12.84 -63.20 -67.19
O5' ATP L . -13.63 -61.11 -65.89
C5' ATP L . -12.30 -60.73 -65.47
C4' ATP L . -12.32 -59.31 -64.96
O4' ATP L . -12.91 -58.44 -65.94
C3' ATP L . -13.10 -59.08 -63.66
O3' ATP L . -12.47 -58.09 -62.85
C2' ATP L . -14.47 -58.64 -64.17
O2' ATP L . -15.13 -57.79 -63.24
C1' ATP L . -14.10 -57.86 -65.43
N9 ATP L . -15.12 -57.91 -66.47
C8 ATP L . -15.99 -58.93 -66.73
N7 ATP L . -16.82 -58.69 -67.72
C5 ATP L . -16.46 -57.42 -68.15
C6 ATP L . -16.96 -56.60 -69.17
N6 ATP L . -17.98 -56.94 -69.97
N1 ATP L . -16.38 -55.38 -69.34
C2 ATP L . -15.37 -55.04 -68.54
N3 ATP L . -14.82 -55.73 -67.53
C4 ATP L . -15.41 -56.93 -67.40
PG DTP M . -20.16 -13.25 -10.87
O1G DTP M . -20.36 -13.63 -12.29
O2G DTP M . -18.74 -12.78 -10.56
O3G DTP M . -21.16 -12.18 -10.39
PB DTP M . -21.10 -15.93 -10.26
O1B DTP M . -22.31 -15.72 -11.11
O2B DTP M . -21.47 -16.62 -8.96
O3B DTP M . -20.42 -14.53 -9.94
PA DTP M . -19.92 -17.19 -12.60
O1A DTP M . -21.13 -16.70 -13.30
O2A DTP M . -19.83 -18.71 -12.71
O3A DTP M . -20.05 -16.83 -11.05
O5' DTP M . -18.57 -16.57 -13.15
C5' DTP M . -17.32 -16.58 -12.42
C4' DTP M . -16.18 -16.71 -13.38
O4' DTP M . -14.98 -17.04 -12.65
C3' DTP M . -16.32 -17.82 -14.41
O3' DTP M . -15.50 -17.55 -15.53
C2' DTP M . -15.81 -19.03 -13.63
C1' DTP M . -14.76 -18.44 -12.70
N9 DTP M . -14.80 -18.95 -11.33
C8 DTP M . -15.91 -19.13 -10.54
N7 DTP M . -15.65 -19.56 -9.34
C5 DTP M . -14.26 -19.69 -9.34
C6 DTP M . -13.36 -20.11 -8.34
N6 DTP M . -13.72 -20.48 -7.11
N1 DTP M . -12.04 -20.11 -8.65
C2 DTP M . -11.67 -19.73 -9.87
N3 DTP M . -12.43 -19.32 -10.89
C4 DTP M . -13.73 -19.32 -10.56
MG MG N . -21.96 -14.80 -13.00
PG DTP O . 10.76 -10.30 -14.71
O1G DTP O . 11.99 -11.06 -15.06
O2G DTP O . 9.64 -10.48 -15.74
O3G DTP O . 11.02 -8.80 -14.54
PB DTP O . 10.59 -11.98 -12.33
O1B DTP O . 9.39 -12.62 -11.75
O2B DTP O . 11.41 -13.02 -13.11
O3B DTP O . 10.17 -10.81 -13.33
PA DTP O . 13.06 -11.03 -11.12
O1A DTP O . 13.25 -9.63 -10.64
O2A DTP O . 13.62 -11.13 -12.55
O3A DTP O . 11.51 -11.38 -11.18
O5' DTP O . 13.80 -12.12 -10.23
C5' DTP O . 14.31 -11.87 -8.91
C4' DTP O . 14.96 -13.13 -8.38
O4' DTP O . 14.01 -14.21 -8.40
C3' DTP O . 16.18 -13.61 -9.15
O3' DTP O . 17.17 -14.12 -8.26
C2' DTP O . 15.62 -14.71 -10.03
C1' DTP O . 14.54 -15.30 -9.14
N9 DTP O . 13.45 -15.95 -9.86
C8 DTP O . 12.65 -15.39 -10.82
N7 DTP O . 11.75 -16.21 -11.32
C5 DTP O . 11.99 -17.39 -10.63
C6 DTP O . 11.37 -18.67 -10.69
N6 DTP O . 10.37 -18.97 -11.53
N1 DTP O . 11.84 -19.63 -9.87
C2 DTP O . 12.85 -19.34 -9.05
N3 DTP O . 13.51 -18.18 -8.90
C4 DTP O . 13.03 -17.24 -9.72
MG MG P . 13.18 -12.49 -14.09
PG ATP Q . 12.94 -15.36 -15.80
O1G ATP Q . 11.70 -16.14 -15.48
O2G ATP Q . 12.74 -13.85 -15.62
O3G ATP Q . 13.47 -15.62 -17.21
PB ATP Q . 15.14 -14.88 -13.94
O1B ATP Q . 14.39 -13.93 -13.09
O2B ATP Q . 15.97 -15.82 -13.08
O3B ATP Q . 14.11 -15.76 -14.81
PA ATP Q . 16.22 -12.56 -15.31
O1A ATP Q . 14.91 -11.90 -15.10
O2A ATP Q . 16.62 -12.45 -16.77
O3A ATP Q . 16.10 -14.10 -14.94
O5' ATP Q . 17.39 -11.94 -14.42
C5' ATP Q . 17.46 -12.13 -12.99
C4' ATP Q . 18.27 -11.01 -12.37
O4' ATP Q . 19.60 -10.99 -12.94
C3' ATP Q . 17.70 -9.61 -12.54
O3' ATP Q . 17.91 -8.82 -11.37
C2' ATP Q . 18.50 -9.06 -13.73
O2' ATP Q . 18.61 -7.65 -13.69
C1' ATP Q . 19.85 -9.72 -13.52
N9 ATP Q . 20.62 -9.92 -14.75
C8 ATP Q . 20.12 -10.18 -16.00
N7 ATP Q . 21.03 -10.31 -16.93
C5 ATP Q . 22.22 -10.12 -16.24
C6 ATP Q . 23.57 -10.14 -16.65
N6 ATP Q . 23.96 -10.36 -17.92
N1 ATP Q . 24.51 -9.92 -15.72
C2 ATP Q . 24.14 -9.71 -14.46
N3 ATP Q . 22.89 -9.67 -13.95
C4 ATP Q . 21.98 -9.88 -14.90
PG DTP R . 21.91 50.20 23.71
O1G DTP R . 22.63 49.65 22.52
O2G DTP R . 22.27 49.46 25.01
O3G DTP R . 22.16 51.69 23.91
PB DTP R . 19.47 49.64 22.25
O1B DTP R . 20.23 49.88 21.01
O2B DTP R . 18.19 50.48 22.26
O3B DTP R . 20.34 50.03 23.52
PA DTP R . 19.69 46.80 21.67
O1A DTP R . 20.57 47.20 20.54
O2A DTP R . 18.55 45.94 21.16
O3A DTP R . 19.06 48.10 22.35
O5' DTP R . 20.46 45.99 22.81
C5' DTP R . 19.91 45.76 24.12
C4' DTP R . 20.29 44.38 24.58
O4' DTP R . 19.49 44.02 25.72
C3' DTP R . 20.04 43.27 23.56
O3' DTP R . 20.86 42.15 23.85
C2' DTP R . 18.57 42.95 23.81
C1' DTP R . 18.42 43.18 25.31
N9 DTP R . 17.17 43.84 25.68
C8 DTP R . 16.61 44.95 25.12
N7 DTP R . 15.48 45.33 25.69
C5 DTP R . 15.28 44.39 26.69
C6 DTP R . 14.27 44.23 27.66
N6 DTP R . 13.22 45.04 27.78
N1 DTP R . 14.38 43.19 28.51
C2 DTP R . 15.44 42.37 28.40
N3 DTP R . 16.45 42.42 27.54
C4 DTP R . 16.32 43.46 26.71
MG MG S . 21.99 48.71 20.76
PG DTP T . 13.64 67.57 59.64
O1G DTP T . 12.34 67.97 60.24
O2G DTP T . 14.71 68.65 59.76
O3G DTP T . 13.52 67.17 58.17
PB DTP T . 13.60 65.28 61.46
O1B DTP T . 14.68 64.62 62.23
O2B DTP T . 12.69 66.07 62.41
O3B DTP T . 14.22 66.29 60.39
PA DTP T . 11.14 64.07 60.47
O1A DTP T . 10.89 63.45 59.15
O2A DTP T . 10.57 65.48 60.49
O3A DTP T . 12.71 64.19 60.71
O5' DTP T . 10.51 63.26 61.69
C5' DTP T . 9.96 61.93 61.57
C4' DTP T . 9.09 61.63 62.77
O4' DTP T . 9.88 61.68 63.97
C3' DTP T . 7.92 62.61 62.98
O3' DTP T . 6.74 61.90 63.32
C2' DTP T . 8.40 63.47 64.14
C1' DTP T . 9.24 62.50 64.93
N9 DTP T . 10.26 63.11 65.78
C8 DTP T . 11.11 64.13 65.42
N7 DTP T . 11.92 64.49 66.39
C5 DTP T . 11.58 63.66 67.45
C6 DTP T . 12.06 63.56 68.77
N6 DTP T . 13.02 64.32 69.27
N1 DTP T . 11.50 62.62 69.56
C2 DTP T . 10.52 61.86 69.07
N3 DTP T . 9.99 61.87 67.85
C4 DTP T . 10.55 62.81 67.08
MG MG U . 11.04 67.16 61.66
PG ATP V . 11.17 69.10 64.34
O1G ATP V . 12.27 68.63 65.24
O2G ATP V . 11.44 68.81 62.86
O3G ATP V . 10.86 70.59 64.50
PB ATP V . 8.89 67.34 63.88
O1B ATP V . 9.72 66.37 63.13
O2B ATP V . 7.98 66.60 64.86
O3B ATP V . 9.82 68.34 64.70
PA ATP V . 8.04 68.36 61.28
O1A ATP V . 9.45 68.25 60.84
O2A ATP V . 7.51 69.76 60.96
O3A ATP V . 7.98 68.16 62.87
O5' ATP V . 7.06 67.29 60.62
C5' ATP V . 7.02 65.91 61.02
C4' ATP V . 6.14 65.12 60.08
O4' ATP V . 4.83 65.71 60.04
C3' ATP V . 6.62 65.04 58.63
O3' ATP V . 6.34 63.78 58.06
C2' ATP V . 5.84 66.17 57.96
O2' ATP V . 5.63 65.91 56.57
C1' ATP V . 4.51 66.11 58.72
N9 ATP V . 3.82 67.39 58.79
C8 ATP V . 4.39 68.63 58.93
N7 ATP V . 3.52 69.62 58.97
C5 ATP V . 2.29 68.98 58.84
C6 ATP V . 0.98 69.46 58.80
N6 ATP V . 0.66 70.75 58.90
N1 ATP V . -0.02 68.57 58.67
C2 ATP V . 0.29 67.27 58.58
N3 ATP V . 1.50 66.69 58.60
C4 ATP V . 2.46 67.61 58.73
PG DTP W . 3.57 26.26 0.41
O1G DTP W . 2.97 27.28 1.34
O2G DTP W . 3.41 24.83 0.93
O3G DTP W . 3.01 26.33 -1.00
PB DTP W . 6.05 27.77 0.61
O1B DTP W . 5.33 29.01 0.26
O2B DTP W . 7.35 27.66 -0.19
O3B DTP W . 5.13 26.50 0.29
PA DTP W . 5.76 28.54 3.39
O1A DTP W . 4.87 29.62 2.88
O2A DTP W . 6.89 29.16 4.21
O3A DTP W . 6.40 27.76 2.16
O5' DTP W . 5.01 27.49 4.31
C5' DTP W . 5.50 26.16 4.59
C4' DTP W . 4.89 25.67 5.87
O4' DTP W . 5.54 24.46 6.28
C3' DTP W . 5.03 26.60 7.06
O3' DTP W . 4.04 26.32 8.04
C2' DTP W . 6.42 26.24 7.57
C1' DTP W . 6.54 24.75 7.26
N9 DTP W . 7.83 24.34 6.74
C8 DTP W . 8.53 24.90 5.71
N7 DTP W . 9.66 24.30 5.42
C5 DTP W . 9.71 23.26 6.34
C6 DTP W . 10.66 22.24 6.58
N6 DTP W . 11.77 22.10 5.86
N1 DTP W . 10.40 21.37 7.56
C2 DTP W . 9.28 21.51 8.28
N3 DTP W . 8.32 22.42 8.15
C4 DTP W . 8.59 23.27 7.16
MG MG X . 3.50 29.31 1.30
#